data_8U8O
#
_entry.id   8U8O
#
_cell.length_a   1.00
_cell.length_b   1.00
_cell.length_c   1.00
_cell.angle_alpha   90.00
_cell.angle_beta   90.00
_cell.angle_gamma   90.00
#
_symmetry.space_group_name_H-M   'P 1'
#
loop_
_entity.id
_entity.type
_entity.pdbx_description
1 polymer "Inosine-5'-monophosphate dehydrogenase 1"
2 non-polymer "ADENOSINE-5'-TRIPHOSPHATE"
3 non-polymer 'INOSINIC ACID'
4 non-polymer NICOTINAMIDE-ADENINE-DINUCLEOTIDE
#
_entity_poly.entity_id   1
_entity_poly.type   'polypeptide(L)'
_entity_poly.pdbx_seq_one_letter_code
;GSMADYLISGGTGYVPEDGLTAQQLFASADGLTYNDFLILPGFIDFIADEVDLTSALTRKITLKTPLISSPMDTVTEADM
AIAMALMGGIGFIHHNCTPEFQANEVRKVKKFEQGFITDPVVLSPSHTVGDVLEAKMRHGFSGIPITETGTMGSKLVGIV
TSRDIDFLAEKDHTTLLSEVMTPRIELVVAPAGVTLKEANEILQRSKKGKLPIVNDCDELVAIIARTDLKKNRDYPLASK
DSQKQLLCGAAVGTREDDKYRLDLLTQAGVDVIVLDSSQGNSVYQIAMVHYIKQKYPHLQVIGGNVVTAAQAKNLIDAGV
DGLRVGMGCGSICITQEVMACGRPQGTAVYKVAEYARRFGVPIIADGGIQTVGHVVKALALGASTVMMGSLLAATTEAPG
EYFFSDGVRLKKYRGMGSLDAMEKSSSSQKRYFSEGDKVKIAQGVSGSIQDKGSIQKFVPYLIAGIQHGCQDIGARSLDV
LRSMMYSGELKFEKRTMSAQIEGGVHGLHSYTFLPFTKSGCTEDSGGGRGGGGDAPQCPLLGTASLHN
;
_entity_poly.pdbx_strand_id   A,B,C,D,E,F,G,H
#
loop_
_chem_comp.id
_chem_comp.type
_chem_comp.name
_chem_comp.formula
ATP non-polymer ADENOSINE-5'-TRIPHOSPHATE 'C10 H16 N5 O13 P3'
IMP non-polymer 'INOSINIC ACID' 'C10 H13 N4 O8 P'
NAD non-polymer NICOTINAMIDE-ADENINE-DINUCLEOTIDE 'C21 H27 N7 O14 P2'
#
# COMPACT_ATOMS: atom_id res chain seq x y z
N TYR A 14 60.04 -23.84 -19.16
CA TYR A 14 59.87 -23.45 -17.77
C TYR A 14 58.69 -22.51 -17.61
N VAL A 15 57.93 -22.70 -16.53
CA VAL A 15 56.82 -21.82 -16.19
C VAL A 15 56.96 -21.46 -14.72
N PRO A 16 56.90 -20.18 -14.34
CA PRO A 16 56.96 -19.83 -12.92
C PRO A 16 55.66 -20.18 -12.20
N GLU A 17 55.77 -20.37 -10.89
CA GLU A 17 54.60 -20.72 -10.10
C GLU A 17 53.69 -19.52 -9.90
N ASP A 18 52.40 -19.81 -9.80
CA ASP A 18 51.36 -18.83 -9.53
C ASP A 18 50.66 -19.22 -8.22
N GLY A 19 50.17 -18.22 -7.51
CA GLY A 19 49.38 -18.49 -6.31
C GLY A 19 50.19 -18.79 -5.06
N LEU A 20 49.44 -19.17 -4.02
CA LEU A 20 49.98 -19.43 -2.70
C LEU A 20 49.70 -20.88 -2.29
N THR A 21 50.62 -21.46 -1.53
CA THR A 21 50.31 -22.69 -0.80
C THR A 21 49.40 -22.38 0.38
N ALA A 22 48.86 -23.43 1.00
CA ALA A 22 48.03 -23.24 2.18
C ALA A 22 48.84 -22.63 3.32
N GLN A 23 50.07 -23.10 3.50
CA GLN A 23 50.96 -22.56 4.51
C GLN A 23 51.19 -21.07 4.31
N GLN A 24 51.41 -20.64 3.06
CA GLN A 24 51.57 -19.22 2.78
C GLN A 24 50.26 -18.47 2.96
N LEU A 25 49.14 -19.08 2.57
CA LEU A 25 47.84 -18.46 2.70
C LEU A 25 47.54 -18.09 4.15
N PHE A 26 47.88 -18.96 5.09
CA PHE A 26 47.51 -18.71 6.47
C PHE A 26 48.63 -18.07 7.30
N ALA A 27 49.74 -17.70 6.67
CA ALA A 27 50.87 -17.15 7.42
C ALA A 27 50.60 -15.71 7.88
N SER A 28 49.77 -14.97 7.15
CA SER A 28 49.52 -13.58 7.50
C SER A 28 48.68 -13.42 8.77
N ALA A 29 47.89 -14.43 9.13
CA ALA A 29 47.02 -14.39 10.31
C ALA A 29 45.96 -13.30 10.16
N ASP A 30 45.17 -13.41 9.10
CA ASP A 30 44.12 -12.43 8.83
C ASP A 30 42.79 -12.78 9.49
N GLY A 31 42.55 -14.06 9.78
CA GLY A 31 41.25 -14.51 10.18
C GLY A 31 40.34 -14.80 9.01
N LEU A 32 40.78 -15.73 8.17
CA LEU A 32 40.11 -16.05 6.92
C LEU A 32 38.95 -17.03 7.13
N THR A 33 37.90 -16.85 6.35
CA THR A 33 36.81 -17.82 6.23
C THR A 33 36.79 -18.36 4.79
N TYR A 34 35.79 -19.22 4.52
CA TYR A 34 35.70 -19.87 3.22
C TYR A 34 35.55 -18.87 2.07
N ASN A 35 34.85 -17.75 2.32
CA ASN A 35 34.59 -16.77 1.29
C ASN A 35 35.76 -15.83 1.03
N ASP A 36 36.88 -16.00 1.75
CA ASP A 36 38.02 -15.11 1.61
C ASP A 36 39.06 -15.60 0.61
N PHE A 37 38.87 -16.77 -0.01
CA PHE A 37 39.87 -17.31 -0.92
C PHE A 37 39.20 -18.23 -1.94
N LEU A 38 40.00 -18.69 -2.90
CA LEU A 38 39.61 -19.68 -3.89
C LEU A 38 40.75 -20.65 -4.11
N ILE A 39 40.43 -21.75 -4.81
CA ILE A 39 41.43 -22.70 -5.29
C ILE A 39 41.66 -22.44 -6.77
N LEU A 40 42.89 -22.60 -7.21
CA LEU A 40 43.24 -22.37 -8.61
C LEU A 40 43.12 -23.67 -9.41
N PRO A 41 42.61 -23.59 -10.64
CA PRO A 41 42.43 -24.81 -11.44
C PRO A 41 43.75 -25.47 -11.82
N GLY A 42 43.69 -26.78 -12.03
CA GLY A 42 44.85 -27.56 -12.41
C GLY A 42 44.77 -28.17 -13.79
N PHE A 43 45.12 -29.44 -13.92
CA PHE A 43 45.13 -30.14 -15.19
C PHE A 43 44.12 -31.28 -15.15
N ILE A 44 43.31 -31.38 -16.21
CA ILE A 44 42.21 -32.34 -16.28
C ILE A 44 42.61 -33.47 -17.22
N ASP A 45 42.61 -34.71 -16.70
CA ASP A 45 42.83 -35.89 -17.53
C ASP A 45 41.93 -37.06 -17.10
N PHE A 46 40.74 -36.76 -16.59
CA PHE A 46 39.79 -37.79 -16.16
C PHE A 46 38.42 -37.14 -16.14
N ILE A 47 37.39 -37.97 -15.95
CA ILE A 47 36.03 -37.45 -15.91
C ILE A 47 35.57 -37.36 -14.47
N ALA A 48 34.56 -36.51 -14.23
CA ALA A 48 34.13 -36.20 -12.87
C ALA A 48 33.58 -37.43 -12.15
N ASP A 49 32.95 -38.37 -12.87
CA ASP A 49 32.42 -39.57 -12.25
C ASP A 49 33.51 -40.52 -11.78
N GLU A 50 34.75 -40.32 -12.22
CA GLU A 50 35.85 -41.15 -11.72
C GLU A 50 36.34 -40.73 -10.33
N VAL A 51 35.86 -39.59 -9.82
CA VAL A 51 36.44 -39.02 -8.61
C VAL A 51 35.97 -39.80 -7.39
N ASP A 52 36.93 -40.25 -6.58
CA ASP A 52 36.66 -41.08 -5.41
C ASP A 52 36.48 -40.21 -4.17
N LEU A 53 35.46 -40.51 -3.36
CA LEU A 53 35.08 -39.68 -2.23
C LEU A 53 35.18 -40.40 -0.89
N THR A 54 35.91 -41.50 -0.80
CA THR A 54 35.99 -42.25 0.45
C THR A 54 36.66 -41.43 1.55
N SER A 55 36.05 -41.46 2.74
CA SER A 55 36.42 -40.54 3.82
C SER A 55 36.50 -41.27 5.16
N ALA A 56 37.61 -41.07 5.86
CA ALA A 56 37.71 -41.53 7.24
C ALA A 56 36.85 -40.67 8.16
N LEU A 57 36.02 -41.33 8.97
CA LEU A 57 35.23 -40.68 10.00
C LEU A 57 35.91 -40.72 11.36
N THR A 58 36.43 -41.88 11.74
CA THR A 58 37.21 -42.06 12.95
C THR A 58 38.45 -42.86 12.59
N ARG A 59 39.19 -43.26 13.62
CA ARG A 59 40.32 -44.17 13.42
C ARG A 59 39.90 -45.44 12.71
N LYS A 60 38.67 -45.90 12.93
CA LYS A 60 38.20 -47.21 12.48
C LYS A 60 37.15 -47.15 11.39
N ILE A 61 36.25 -46.18 11.40
CA ILE A 61 35.11 -46.16 10.50
C ILE A 61 35.46 -45.35 9.25
N THR A 62 35.20 -45.94 8.08
CA THR A 62 35.37 -45.27 6.79
C THR A 62 34.04 -45.22 6.06
N LEU A 63 33.76 -44.08 5.43
CA LEU A 63 32.57 -43.90 4.62
C LEU A 63 32.96 -43.69 3.16
N LYS A 64 31.99 -43.83 2.28
CA LYS A 64 32.16 -43.55 0.86
C LYS A 64 31.77 -42.15 0.46
N THR A 65 31.26 -41.36 1.40
CA THR A 65 30.79 -40.01 1.20
C THR A 65 31.23 -39.23 2.43
N PRO A 66 31.59 -37.95 2.29
CA PRO A 66 32.03 -37.19 3.47
C PRO A 66 30.93 -36.43 4.19
N LEU A 67 29.67 -36.57 3.81
CA LEU A 67 28.60 -35.74 4.37
C LEU A 67 28.02 -36.38 5.63
N ILE A 68 27.76 -35.55 6.63
CA ILE A 68 27.22 -35.97 7.92
C ILE A 68 26.10 -35.03 8.31
N SER A 69 25.08 -35.58 8.97
CA SER A 69 23.96 -34.78 9.45
C SER A 69 24.18 -34.41 10.92
N SER A 70 23.92 -33.15 11.25
CA SER A 70 24.23 -32.64 12.58
C SER A 70 23.28 -33.22 13.63
N PRO A 71 23.80 -33.56 14.83
CA PRO A 71 22.90 -34.03 15.91
C PRO A 71 22.09 -32.91 16.55
N MET A 72 21.14 -32.38 15.81
CA MET A 72 20.23 -31.34 16.28
C MET A 72 18.79 -31.88 16.21
N ASP A 73 17.93 -31.37 17.09
CA ASP A 73 16.58 -31.91 17.17
C ASP A 73 15.68 -31.42 16.05
N THR A 74 16.15 -30.53 15.19
CA THR A 74 15.46 -30.18 13.96
C THR A 74 16.17 -30.71 12.72
N VAL A 75 17.13 -31.63 12.88
CA VAL A 75 17.84 -32.16 11.72
C VAL A 75 17.77 -33.70 11.68
N THR A 76 18.30 -34.38 12.71
CA THR A 76 18.54 -35.82 12.63
C THR A 76 17.72 -36.61 13.65
N GLU A 77 16.80 -37.41 13.12
CA GLU A 77 16.19 -38.56 13.79
C GLU A 77 16.47 -39.80 12.95
N ALA A 78 15.77 -40.90 13.26
CA ALA A 78 16.02 -42.17 12.58
C ALA A 78 15.82 -42.07 11.07
N ASP A 79 14.83 -41.30 10.61
CA ASP A 79 14.58 -41.23 9.17
C ASP A 79 15.76 -40.57 8.45
N MET A 80 16.19 -39.42 8.95
CA MET A 80 17.35 -38.74 8.38
C MET A 80 18.57 -39.63 8.47
N ALA A 81 18.75 -40.33 9.59
CA ALA A 81 19.91 -41.20 9.75
C ALA A 81 19.92 -42.32 8.72
N ILE A 82 18.78 -42.99 8.52
CA ILE A 82 18.70 -44.08 7.55
C ILE A 82 18.97 -43.55 6.14
N ALA A 83 18.37 -42.41 5.80
CA ALA A 83 18.58 -41.84 4.47
C ALA A 83 20.06 -41.48 4.24
N MET A 84 20.70 -40.86 5.23
CA MET A 84 22.11 -40.52 5.12
C MET A 84 22.97 -41.76 4.94
N ALA A 85 22.72 -42.78 5.77
CA ALA A 85 23.50 -44.00 5.68
C ALA A 85 23.33 -44.68 4.32
N LEU A 86 22.10 -44.69 3.79
CA LEU A 86 21.86 -45.27 2.47
C LEU A 86 22.58 -44.47 1.39
N MET A 87 22.51 -43.14 1.46
CA MET A 87 23.19 -42.29 0.50
C MET A 87 24.71 -42.38 0.60
N GLY A 88 25.23 -42.88 1.71
CA GLY A 88 26.65 -43.06 1.85
C GLY A 88 27.32 -42.28 2.96
N GLY A 89 26.57 -41.47 3.69
CA GLY A 89 27.06 -40.73 4.84
C GLY A 89 26.68 -41.37 6.15
N ILE A 90 26.25 -40.55 7.09
CA ILE A 90 25.83 -41.01 8.42
C ILE A 90 25.12 -39.87 9.13
N GLY A 91 24.26 -40.24 10.09
CA GLY A 91 23.62 -39.28 10.97
C GLY A 91 23.98 -39.57 12.43
N PHE A 92 24.00 -38.52 13.23
CA PHE A 92 24.09 -38.64 14.69
C PHE A 92 22.75 -38.27 15.28
N ILE A 93 22.21 -39.14 16.14
CA ILE A 93 20.94 -38.84 16.80
C ILE A 93 21.19 -37.83 17.92
N HIS A 94 20.39 -36.77 17.94
CA HIS A 94 20.46 -35.78 18.99
C HIS A 94 20.06 -36.39 20.34
N HIS A 95 20.28 -35.62 21.40
CA HIS A 95 19.94 -36.05 22.75
C HIS A 95 19.12 -35.01 23.50
N ASN A 96 18.44 -34.13 22.78
CA ASN A 96 17.41 -33.26 23.37
C ASN A 96 16.10 -34.03 23.53
N CYS A 97 16.17 -35.10 24.31
CA CYS A 97 15.07 -36.06 24.40
C CYS A 97 15.37 -37.01 25.57
N THR A 98 14.51 -38.00 25.75
CA THR A 98 14.70 -39.01 26.77
C THR A 98 15.71 -40.06 26.31
N PRO A 99 16.48 -40.65 27.24
CA PRO A 99 17.36 -41.75 26.84
C PRO A 99 16.65 -42.92 26.18
N GLU A 100 15.46 -43.29 26.68
CA GLU A 100 14.70 -44.37 26.05
C GLU A 100 14.30 -43.99 24.63
N PHE A 101 13.87 -42.74 24.43
CA PHE A 101 13.47 -42.28 23.10
C PHE A 101 14.65 -42.35 22.14
N GLN A 102 15.82 -41.87 22.59
CA GLN A 102 17.01 -41.91 21.74
C GLN A 102 17.41 -43.33 21.40
N ALA A 103 17.37 -44.22 22.40
CA ALA A 103 17.72 -45.61 22.15
C ALA A 103 16.76 -46.24 21.15
N ASN A 104 15.47 -45.90 21.25
CA ASN A 104 14.50 -46.43 20.29
C ASN A 104 14.79 -45.93 18.88
N GLU A 105 15.17 -44.66 18.75
CA GLU A 105 15.54 -44.12 17.44
C GLU A 105 16.73 -44.88 16.86
N VAL A 106 17.74 -45.13 17.69
CA VAL A 106 18.93 -45.86 17.25
C VAL A 106 18.55 -47.28 16.84
N ARG A 107 17.65 -47.91 17.61
CA ARG A 107 17.18 -49.25 17.27
C ARG A 107 16.46 -49.26 15.92
N LYS A 108 15.63 -48.26 15.67
CA LYS A 108 14.96 -48.18 14.38
C LYS A 108 15.95 -48.07 13.24
N VAL A 109 17.00 -47.25 13.40
CA VAL A 109 18.01 -47.17 12.35
C VAL A 109 18.72 -48.51 12.18
N LYS A 110 19.07 -49.16 13.30
CA LYS A 110 19.91 -50.35 13.24
C LYS A 110 19.18 -51.57 12.70
N LYS A 111 17.86 -51.66 12.88
CA LYS A 111 17.10 -52.81 12.41
C LYS A 111 16.42 -52.56 11.07
N PHE A 112 16.67 -51.42 10.43
CA PHE A 112 16.11 -51.14 9.12
C PHE A 112 16.59 -52.17 8.10
N GLU A 113 15.71 -52.49 7.16
CA GLU A 113 16.04 -53.35 6.03
C GLU A 113 15.35 -52.79 4.80
N GLN A 114 15.96 -52.99 3.63
CA GLN A 114 15.40 -52.44 2.41
C GLN A 114 14.33 -53.37 1.86
N GLY A 115 13.13 -52.82 1.63
CA GLY A 115 12.01 -53.59 1.17
C GLY A 115 11.20 -54.28 2.24
N PHE A 116 11.59 -54.16 3.51
CA PHE A 116 10.88 -54.80 4.59
C PHE A 116 10.18 -53.76 5.45
N ILE A 117 9.15 -54.20 6.16
CA ILE A 117 8.44 -53.34 7.11
C ILE A 117 9.17 -53.37 8.44
N THR A 118 9.30 -52.20 9.06
CA THR A 118 9.96 -52.06 10.35
C THR A 118 8.89 -51.85 11.42
N ASP A 119 8.84 -52.75 12.39
CA ASP A 119 7.81 -52.75 13.42
C ASP A 119 6.42 -52.89 12.78
N PRO A 120 6.08 -54.07 12.27
CA PRO A 120 4.72 -54.27 11.74
C PRO A 120 3.67 -54.17 12.83
N VAL A 121 2.47 -53.76 12.44
CA VAL A 121 1.31 -53.79 13.33
C VAL A 121 0.67 -55.17 13.24
N VAL A 122 0.35 -55.74 14.39
CA VAL A 122 -0.22 -57.08 14.48
C VAL A 122 -1.41 -57.06 15.42
N LEU A 123 -2.28 -58.06 15.28
CA LEU A 123 -3.46 -58.23 16.12
C LEU A 123 -3.71 -59.71 16.35
N SER A 124 -4.58 -60.01 17.32
CA SER A 124 -4.95 -61.38 17.64
C SER A 124 -6.33 -61.69 17.08
N PRO A 125 -6.66 -62.97 16.89
CA PRO A 125 -7.98 -63.31 16.34
C PRO A 125 -9.13 -62.87 17.22
N SER A 126 -8.89 -62.62 18.50
CA SER A 126 -9.93 -62.18 19.42
C SER A 126 -10.21 -60.68 19.33
N HIS A 127 -9.48 -59.96 18.49
CA HIS A 127 -9.78 -58.55 18.26
C HIS A 127 -11.01 -58.43 17.35
N THR A 128 -11.52 -57.21 17.25
CA THR A 128 -12.72 -56.92 16.48
C THR A 128 -12.38 -56.16 15.20
N VAL A 129 -13.31 -56.20 14.25
CA VAL A 129 -13.16 -55.42 13.02
C VAL A 129 -13.08 -53.94 13.35
N GLY A 130 -13.64 -53.53 14.49
CA GLY A 130 -13.46 -52.17 14.94
C GLY A 130 -12.00 -51.84 15.20
N ASP A 131 -11.25 -52.82 15.74
CA ASP A 131 -9.82 -52.61 15.93
C ASP A 131 -9.10 -52.38 14.61
N VAL A 132 -9.45 -53.15 13.58
CA VAL A 132 -8.85 -52.96 12.27
C VAL A 132 -9.21 -51.59 11.71
N LEU A 133 -10.47 -51.20 11.85
CA LEU A 133 -10.89 -49.88 11.36
C LEU A 133 -10.13 -48.77 12.08
N GLU A 134 -9.95 -48.91 13.39
CA GLU A 134 -9.23 -47.89 14.14
C GLU A 134 -7.77 -47.84 13.73
N ALA A 135 -7.15 -49.00 13.52
CA ALA A 135 -5.77 -49.04 13.05
C ALA A 135 -5.65 -48.34 11.70
N LYS A 136 -6.59 -48.63 10.79
CA LYS A 136 -6.63 -47.92 9.52
C LYS A 136 -6.73 -46.41 9.74
N MET A 137 -7.65 -45.97 10.59
CA MET A 137 -7.88 -44.55 10.77
C MET A 137 -6.65 -43.85 11.34
N ARG A 138 -5.95 -44.50 12.28
CA ARG A 138 -4.88 -43.85 13.02
C ARG A 138 -3.48 -44.16 12.49
N HIS A 139 -3.34 -45.00 11.46
CA HIS A 139 -2.04 -45.26 10.87
C HIS A 139 -2.01 -45.13 9.35
N GLY A 140 -3.13 -45.30 8.67
CA GLY A 140 -3.21 -45.14 7.23
C GLY A 140 -3.22 -46.41 6.42
N PHE A 141 -3.18 -47.58 7.05
CA PHE A 141 -3.15 -48.84 6.32
C PHE A 141 -3.98 -49.87 7.06
N SER A 142 -4.35 -50.94 6.34
CA SER A 142 -5.19 -51.99 6.90
C SER A 142 -4.70 -53.41 6.62
N GLY A 143 -3.53 -53.58 6.00
CA GLY A 143 -3.03 -54.93 5.75
C GLY A 143 -2.32 -55.50 6.94
N ILE A 144 -3.08 -55.89 7.96
CA ILE A 144 -2.57 -56.24 9.27
C ILE A 144 -2.62 -57.76 9.42
N PRO A 145 -1.49 -58.45 9.59
CA PRO A 145 -1.53 -59.89 9.86
C PRO A 145 -2.05 -60.19 11.26
N ILE A 146 -2.52 -61.42 11.43
CA ILE A 146 -3.11 -61.90 12.67
C ILE A 146 -2.23 -63.01 13.23
N THR A 147 -1.96 -62.96 14.54
CA THR A 147 -1.13 -63.96 15.20
C THR A 147 -1.83 -64.45 16.46
N GLU A 148 -1.45 -65.65 16.89
CA GLU A 148 -2.12 -66.27 18.03
C GLU A 148 -2.11 -65.36 19.26
N THR A 149 -0.95 -64.84 19.62
CA THR A 149 -0.81 -63.98 20.80
C THR A 149 -1.03 -62.51 20.50
N GLY A 150 -1.32 -62.15 19.26
CA GLY A 150 -1.53 -60.76 18.91
C GLY A 150 -0.27 -59.96 18.68
N THR A 151 0.89 -60.60 18.62
CA THR A 151 2.16 -59.90 18.47
C THR A 151 3.14 -60.83 17.79
N MET A 152 4.30 -60.28 17.43
CA MET A 152 5.30 -61.05 16.68
C MET A 152 5.89 -62.15 17.56
N GLY A 153 6.43 -63.17 16.90
CA GLY A 153 7.06 -64.27 17.61
C GLY A 153 6.14 -65.37 18.06
N SER A 154 4.97 -65.51 17.44
CA SER A 154 4.05 -66.57 17.78
C SER A 154 3.37 -67.07 16.50
N LYS A 155 2.65 -68.18 16.62
CA LYS A 155 2.09 -68.85 15.46
C LYS A 155 1.22 -67.90 14.65
N LEU A 156 1.42 -67.89 13.33
CA LEU A 156 0.63 -67.07 12.43
C LEU A 156 -0.68 -67.78 12.11
N VAL A 157 -1.79 -67.04 12.15
CA VAL A 157 -3.11 -67.62 11.94
C VAL A 157 -3.83 -67.05 10.73
N GLY A 158 -3.54 -65.81 10.33
CA GLY A 158 -4.25 -65.24 9.20
C GLY A 158 -3.87 -63.79 8.98
N ILE A 159 -4.60 -63.16 8.05
CA ILE A 159 -4.39 -61.76 7.71
C ILE A 159 -5.74 -61.14 7.33
N VAL A 160 -5.86 -59.83 7.60
CA VAL A 160 -7.07 -59.08 7.34
C VAL A 160 -6.70 -57.81 6.60
N THR A 161 -7.46 -57.49 5.55
CA THR A 161 -7.19 -56.29 4.75
C THR A 161 -8.50 -55.60 4.38
N SER A 162 -8.37 -54.56 3.56
CA SER A 162 -9.50 -53.74 3.17
C SER A 162 -10.56 -54.55 2.46
N ARG A 163 -10.16 -55.46 1.57
CA ARG A 163 -11.14 -56.25 0.84
C ARG A 163 -11.76 -57.35 1.69
N ASP A 164 -11.23 -57.59 2.89
CA ASP A 164 -11.90 -58.42 3.88
C ASP A 164 -12.85 -57.63 4.76
N ILE A 165 -12.61 -56.33 4.93
CA ILE A 165 -13.37 -55.52 5.87
C ILE A 165 -14.42 -54.66 5.17
N ASP A 166 -14.35 -54.53 3.84
CA ASP A 166 -15.00 -53.43 3.14
C ASP A 166 -16.51 -53.58 2.98
N PHE A 167 -17.04 -54.79 2.85
CA PHE A 167 -18.46 -54.98 2.57
C PHE A 167 -19.28 -55.33 3.81
N LEU A 168 -18.68 -55.28 4.99
CA LEU A 168 -19.43 -55.56 6.21
C LEU A 168 -20.33 -54.39 6.58
N ALA A 169 -21.41 -54.70 7.30
CA ALA A 169 -22.33 -53.68 7.77
C ALA A 169 -21.69 -52.83 8.84
N GLU A 170 -22.08 -51.55 8.88
CA GLU A 170 -21.50 -50.61 9.83
C GLU A 170 -21.80 -50.98 11.28
N LYS A 171 -22.99 -51.53 11.55
CA LYS A 171 -23.32 -51.94 12.91
C LYS A 171 -22.50 -53.13 13.37
N ASP A 172 -21.87 -53.85 12.44
CA ASP A 172 -21.12 -55.05 12.77
C ASP A 172 -19.81 -54.69 13.45
N HIS A 173 -19.55 -55.31 14.60
CA HIS A 173 -18.29 -55.18 15.32
C HIS A 173 -17.77 -56.55 15.73
N THR A 174 -18.13 -57.59 14.97
CA THR A 174 -17.80 -58.94 15.34
C THR A 174 -16.28 -59.14 15.38
N THR A 175 -15.86 -60.20 16.06
CA THR A 175 -14.45 -60.52 16.17
C THR A 175 -13.90 -61.01 14.84
N LEU A 176 -12.57 -61.05 14.75
CA LEU A 176 -11.90 -61.60 13.59
C LEU A 176 -12.02 -63.12 13.63
N LEU A 177 -11.29 -63.81 12.75
CA LEU A 177 -11.36 -65.26 12.67
C LEU A 177 -12.77 -65.70 12.31
N VAL A 180 -13.92 -63.30 8.63
CA VAL A 180 -13.24 -62.08 8.24
C VAL A 180 -11.77 -62.37 7.95
N MET A 181 -11.12 -63.05 8.90
CA MET A 181 -9.72 -63.40 8.75
C MET A 181 -9.57 -64.63 7.87
N THR A 182 -8.73 -64.53 6.85
CA THR A 182 -8.42 -65.69 6.03
C THR A 182 -7.51 -66.63 6.79
N PRO A 183 -7.76 -67.95 6.77
CA PRO A 183 -6.98 -68.86 7.59
C PRO A 183 -5.54 -68.99 7.12
N ARG A 184 -4.71 -69.54 8.01
CA ARG A 184 -3.30 -69.74 7.68
C ARG A 184 -3.14 -70.70 6.51
N ILE A 185 -3.98 -71.73 6.45
CA ILE A 185 -3.89 -72.72 5.37
C ILE A 185 -3.99 -72.04 4.01
N GLU A 186 -4.66 -70.89 3.95
CA GLU A 186 -4.86 -70.17 2.70
C GLU A 186 -3.79 -69.12 2.43
N LEU A 187 -2.84 -68.91 3.35
CA LEU A 187 -1.86 -67.85 3.19
C LEU A 187 -0.70 -68.29 2.30
N VAL A 188 -0.11 -67.32 1.63
CA VAL A 188 1.11 -67.51 0.84
C VAL A 188 2.24 -66.81 1.59
N VAL A 189 3.14 -67.61 2.18
CA VAL A 189 4.20 -67.09 3.04
C VAL A 189 5.54 -67.64 2.59
N ALA A 190 6.61 -67.06 3.10
CA ALA A 190 7.97 -67.46 2.77
C ALA A 190 8.79 -67.70 4.03
N PRO A 191 9.79 -68.57 3.97
CA PRO A 191 10.61 -68.85 5.16
C PRO A 191 11.50 -67.69 5.51
N ALA A 192 12.04 -67.73 6.74
CA ALA A 192 12.75 -66.58 7.30
C ALA A 192 13.94 -66.15 6.45
N GLY A 193 14.49 -67.04 5.63
CA GLY A 193 15.64 -66.69 4.82
C GLY A 193 15.29 -66.05 3.48
N VAL A 194 14.35 -65.11 3.48
CA VAL A 194 13.92 -64.48 2.24
C VAL A 194 15.00 -63.55 1.71
N THR A 195 15.17 -63.54 0.39
CA THR A 195 15.95 -62.53 -0.31
C THR A 195 15.00 -61.79 -1.25
N LEU A 196 15.33 -60.53 -1.55
CA LEU A 196 14.40 -59.70 -2.31
C LEU A 196 14.05 -60.30 -3.66
N LYS A 197 14.96 -61.05 -4.30
CA LYS A 197 14.61 -61.68 -5.57
C LYS A 197 13.54 -62.74 -5.38
N GLU A 198 13.68 -63.57 -4.35
CA GLU A 198 12.64 -64.57 -4.06
C GLU A 198 11.34 -63.90 -3.67
N ALA A 199 11.40 -62.79 -2.94
CA ALA A 199 10.19 -62.03 -2.63
C ALA A 199 9.53 -61.54 -3.91
N ASN A 200 10.32 -61.03 -4.85
CA ASN A 200 9.77 -60.57 -6.12
C ASN A 200 9.09 -61.70 -6.88
N GLU A 201 9.75 -62.87 -6.95
CA GLU A 201 9.14 -64.00 -7.64
C GLU A 201 7.83 -64.41 -6.97
N ILE A 202 7.84 -64.52 -5.64
CA ILE A 202 6.65 -64.97 -4.92
C ILE A 202 5.51 -63.99 -5.13
N LEU A 203 5.78 -62.69 -4.99
CA LEU A 203 4.71 -61.71 -5.12
C LEU A 203 4.21 -61.61 -6.55
N GLN A 204 5.11 -61.73 -7.53
CA GLN A 204 4.68 -61.71 -8.93
C GLN A 204 3.75 -62.87 -9.22
N ARG A 205 4.08 -64.06 -8.69
CA ARG A 205 3.21 -65.22 -8.91
C ARG A 205 1.87 -65.04 -8.19
N SER A 206 1.91 -64.56 -6.94
CA SER A 206 0.72 -64.62 -6.10
C SER A 206 -0.23 -63.45 -6.32
N LYS A 207 0.28 -62.28 -6.74
CA LYS A 207 -0.51 -61.09 -7.00
C LYS A 207 -1.05 -60.45 -5.72
N LYS A 208 -0.57 -60.87 -4.54
CA LYS A 208 -1.12 -60.38 -3.29
C LYS A 208 -0.38 -59.11 -2.84
N GLY A 209 -0.97 -58.42 -1.87
CA GLY A 209 -0.48 -57.14 -1.41
C GLY A 209 0.49 -57.22 -0.24
N LYS A 210 0.54 -58.36 0.43
CA LYS A 210 1.46 -58.59 1.53
C LYS A 210 2.17 -59.93 1.34
N LEU A 211 3.36 -60.04 1.92
CA LEU A 211 4.12 -61.29 1.92
C LEU A 211 4.66 -61.54 3.32
N PRO A 212 3.88 -62.19 4.18
CA PRO A 212 4.39 -62.54 5.51
C PRO A 212 5.58 -63.49 5.42
N ILE A 213 6.47 -63.37 6.40
CA ILE A 213 7.66 -64.22 6.51
C ILE A 213 7.62 -64.89 7.88
N VAL A 214 7.75 -66.22 7.89
CA VAL A 214 7.43 -67.02 9.08
C VAL A 214 8.61 -67.92 9.42
N ASN A 215 8.52 -68.53 10.60
CA ASN A 215 9.51 -69.47 11.08
C ASN A 215 9.10 -70.90 10.71
N ASP A 216 9.95 -71.86 11.09
CA ASP A 216 9.66 -73.27 10.78
C ASP A 216 8.31 -73.70 11.34
N CYS A 217 7.98 -73.26 12.56
CA CYS A 217 6.69 -73.56 13.18
C CYS A 217 5.70 -72.42 13.01
N ASP A 218 5.74 -71.70 11.89
CA ASP A 218 4.77 -70.69 11.52
C ASP A 218 4.77 -69.49 12.46
N GLU A 219 5.90 -69.16 13.08
CA GLU A 219 6.00 -67.94 13.86
C GLU A 219 6.31 -66.76 12.96
N LEU A 220 5.46 -65.74 13.01
CA LEU A 220 5.65 -64.55 12.17
C LEU A 220 6.84 -63.74 12.69
N VAL A 221 7.78 -63.44 11.79
CA VAL A 221 8.96 -62.66 12.15
C VAL A 221 9.17 -61.45 11.25
N ALA A 222 8.67 -61.44 10.03
CA ALA A 222 8.84 -60.29 9.14
C ALA A 222 7.74 -60.32 8.09
N ILE A 223 7.50 -59.17 7.47
CA ILE A 223 6.45 -59.03 6.47
C ILE A 223 6.86 -57.95 5.48
N ILE A 224 6.49 -58.17 4.22
CA ILE A 224 6.84 -57.27 3.11
C ILE A 224 5.54 -56.75 2.51
N ALA A 225 5.55 -55.46 2.14
CA ALA A 225 4.43 -54.86 1.42
C ALA A 225 4.77 -54.74 -0.05
N ARG A 226 3.81 -55.08 -0.90
CA ARG A 226 4.02 -55.00 -2.36
C ARG A 226 4.32 -53.57 -2.78
N THR A 227 3.58 -52.60 -2.21
CA THR A 227 3.81 -51.20 -2.56
C THR A 227 5.25 -50.80 -2.28
N ASP A 228 5.78 -51.19 -1.12
CA ASP A 228 7.17 -50.88 -0.79
C ASP A 228 8.12 -51.55 -1.76
N LEU A 229 7.87 -52.82 -2.09
CA LEU A 229 8.79 -53.57 -2.95
C LEU A 229 8.82 -52.99 -4.37
N LYS A 230 7.69 -52.44 -4.82
CA LYS A 230 7.65 -51.84 -6.15
C LYS A 230 8.61 -50.66 -6.27
N LYS A 231 8.86 -49.96 -5.16
CA LYS A 231 9.70 -48.76 -5.15
C LYS A 231 11.16 -49.08 -4.85
N ASN A 232 11.59 -50.32 -5.02
CA ASN A 232 12.93 -50.70 -4.61
C ASN A 232 13.98 -49.99 -5.46
N ARG A 233 15.14 -49.75 -4.86
CA ARG A 233 16.25 -49.09 -5.52
C ARG A 233 17.55 -49.72 -5.08
N ASP A 234 18.62 -49.37 -5.79
CA ASP A 234 19.96 -49.85 -5.45
C ASP A 234 20.74 -48.74 -4.75
N TYR A 235 21.49 -49.14 -3.73
CA TYR A 235 22.33 -48.24 -2.94
C TYR A 235 23.74 -48.82 -2.86
N PRO A 236 24.53 -48.65 -3.92
CA PRO A 236 25.88 -49.24 -3.92
C PRO A 236 26.85 -48.56 -2.96
N LEU A 237 26.47 -47.44 -2.35
CA LEU A 237 27.35 -46.68 -1.46
C LEU A 237 26.95 -46.76 0.01
N ALA A 238 26.08 -47.70 0.40
CA ALA A 238 25.50 -47.67 1.73
C ALA A 238 26.53 -47.94 2.82
N SER A 239 26.35 -47.27 3.96
CA SER A 239 27.25 -47.39 5.11
C SER A 239 26.75 -48.51 6.02
N LYS A 240 27.44 -49.65 5.99
CA LYS A 240 27.03 -50.83 6.73
C LYS A 240 28.13 -51.28 7.67
N ASP A 241 27.74 -51.94 8.76
CA ASP A 241 28.69 -52.62 9.63
C ASP A 241 28.84 -54.09 9.19
N SER A 242 29.49 -54.90 10.03
CA SER A 242 29.76 -56.28 9.66
C SER A 242 28.47 -57.07 9.45
N GLN A 243 27.45 -56.81 10.26
CA GLN A 243 26.17 -57.50 10.14
C GLN A 243 25.28 -56.94 9.04
N LYS A 244 25.84 -56.16 8.12
CA LYS A 244 25.10 -55.60 6.99
C LYS A 244 24.04 -54.60 7.43
N GLN A 245 24.08 -54.17 8.69
CA GLN A 245 23.14 -53.17 9.19
C GLN A 245 23.72 -51.78 9.00
N LEU A 246 22.83 -50.81 8.83
CA LEU A 246 23.25 -49.42 8.64
C LEU A 246 23.97 -48.90 9.87
N LEU A 247 24.94 -48.02 9.64
CA LEU A 247 25.67 -47.37 10.73
C LEU A 247 24.88 -46.19 11.28
N CYS A 248 24.94 -46.03 12.60
CA CYS A 248 24.28 -44.93 13.30
C CYS A 248 25.23 -44.29 14.30
N GLY A 249 25.03 -43.00 14.55
CA GLY A 249 25.74 -42.31 15.61
C GLY A 249 24.79 -41.61 16.57
N ALA A 250 25.27 -41.26 17.76
CA ALA A 250 24.45 -40.57 18.74
C ALA A 250 25.25 -39.47 19.42
N ALA A 251 24.53 -38.46 19.90
CA ALA A 251 25.13 -37.42 20.74
C ALA A 251 24.92 -37.75 22.22
N VAL A 252 25.91 -37.39 23.03
CA VAL A 252 25.85 -37.54 24.49
C VAL A 252 26.52 -36.32 25.12
N GLY A 253 26.08 -36.00 26.33
CA GLY A 253 26.66 -34.92 27.11
C GLY A 253 27.79 -35.38 28.01
N THR A 254 28.09 -34.56 29.02
CA THR A 254 29.20 -34.83 29.92
C THR A 254 28.79 -34.91 31.39
N ARG A 255 27.51 -35.00 31.69
CA ARG A 255 27.04 -35.06 33.07
C ARG A 255 26.96 -36.51 33.56
N GLU A 256 26.44 -36.67 34.78
CA GLU A 256 26.30 -38.01 35.36
C GLU A 256 25.13 -38.77 34.76
N ASP A 257 24.04 -38.08 34.42
CA ASP A 257 22.90 -38.75 33.83
C ASP A 257 23.23 -39.37 32.47
N ASP A 258 24.34 -38.97 31.85
CA ASP A 258 24.70 -39.49 30.54
C ASP A 258 25.29 -40.88 30.61
N LYS A 259 25.64 -41.36 31.81
CA LYS A 259 26.08 -42.76 31.95
C LYS A 259 24.97 -43.72 31.56
N TYR A 260 23.76 -43.49 32.07
CA TYR A 260 22.62 -44.32 31.73
C TYR A 260 22.27 -44.21 30.26
N ARG A 261 22.37 -43.00 29.71
CA ARG A 261 22.12 -42.81 28.28
C ARG A 261 23.11 -43.61 27.44
N LEU A 262 24.38 -43.60 27.84
CA LEU A 262 25.38 -44.42 27.16
C LEU A 262 25.04 -45.90 27.25
N ASP A 263 24.60 -46.35 28.43
CA ASP A 263 24.21 -47.76 28.58
C ASP A 263 23.09 -48.14 27.61
N LEU A 264 22.05 -47.31 27.56
CA LEU A 264 20.92 -47.63 26.69
C LEU A 264 21.33 -47.62 25.22
N LEU A 265 22.12 -46.61 24.81
CA LEU A 265 22.52 -46.53 23.40
C LEU A 265 23.43 -47.68 23.04
N THR A 266 24.28 -48.13 23.95
CA THR A 266 25.13 -49.28 23.68
C THR A 266 24.32 -50.55 23.57
N GLN A 267 23.26 -50.68 24.38
CA GLN A 267 22.35 -51.82 24.20
C GLN A 267 21.64 -51.75 22.85
N ALA A 268 21.38 -50.53 22.35
CA ALA A 268 20.72 -50.40 21.06
C ALA A 268 21.67 -50.67 19.89
N GLY A 269 22.96 -50.84 20.14
CA GLY A 269 23.90 -51.16 19.08
C GLY A 269 24.50 -49.98 18.35
N VAL A 270 24.64 -48.83 19.02
CA VAL A 270 25.18 -47.65 18.36
C VAL A 270 26.65 -47.87 18.00
N ASP A 271 27.10 -47.27 16.90
CA ASP A 271 28.42 -47.50 16.36
C ASP A 271 29.44 -46.43 16.74
N VAL A 272 29.01 -45.17 16.86
CA VAL A 272 29.94 -44.07 17.12
C VAL A 272 29.22 -43.04 17.97
N ILE A 273 29.94 -42.48 18.94
CA ILE A 273 29.42 -41.49 19.88
C ILE A 273 30.18 -40.19 19.66
N VAL A 274 29.45 -39.07 19.69
CA VAL A 274 30.05 -37.75 19.69
C VAL A 274 29.67 -37.05 21.00
N LEU A 275 30.69 -36.53 21.70
CA LEU A 275 30.48 -35.75 22.92
C LEU A 275 30.16 -34.32 22.52
N ASP A 276 28.96 -33.86 22.88
CA ASP A 276 28.35 -32.66 22.32
C ASP A 276 28.54 -31.49 23.28
N SER A 277 29.44 -30.56 22.94
CA SER A 277 29.61 -29.34 23.70
C SER A 277 30.24 -28.26 22.84
N SER A 278 30.11 -27.01 23.31
CA SER A 278 30.60 -25.87 22.55
C SER A 278 32.10 -25.66 22.73
N GLN A 279 32.69 -26.24 23.78
CA GLN A 279 34.08 -26.06 24.18
C GLN A 279 34.50 -27.37 24.84
N GLY A 280 35.15 -28.23 24.04
CA GLY A 280 35.43 -29.59 24.46
C GLY A 280 36.64 -29.76 25.35
N ASN A 281 37.44 -28.70 25.54
CA ASN A 281 38.67 -28.78 26.30
C ASN A 281 38.35 -28.51 27.78
N SER A 282 37.98 -29.58 28.49
CA SER A 282 37.55 -29.46 29.87
C SER A 282 37.75 -30.79 30.59
N VAL A 283 37.93 -30.68 31.91
CA VAL A 283 38.06 -31.86 32.77
C VAL A 283 36.83 -32.74 32.66
N TYR A 284 35.65 -32.15 32.49
CA TYR A 284 34.43 -32.93 32.35
C TYR A 284 34.49 -33.87 31.15
N GLN A 285 34.80 -33.31 29.97
CA GLN A 285 34.87 -34.13 28.77
C GLN A 285 36.02 -35.12 28.84
N ILE A 286 37.15 -34.73 29.41
CA ILE A 286 38.28 -35.65 29.51
C ILE A 286 37.91 -36.85 30.39
N ALA A 287 37.24 -36.59 31.51
CA ALA A 287 36.79 -37.70 32.37
C ALA A 287 35.77 -38.58 31.64
N MET A 288 34.84 -37.96 30.90
CA MET A 288 33.84 -38.75 30.19
C MET A 288 34.49 -39.65 29.12
N VAL A 289 35.50 -39.12 28.42
CA VAL A 289 36.21 -39.92 27.43
C VAL A 289 36.92 -41.09 28.10
N HIS A 290 37.59 -40.82 29.22
CA HIS A 290 38.26 -41.91 29.94
C HIS A 290 37.26 -42.98 30.38
N TYR A 291 36.10 -42.57 30.88
CA TYR A 291 35.10 -43.52 31.33
C TYR A 291 34.60 -44.37 30.17
N ILE A 292 34.30 -43.75 29.04
CA ILE A 292 33.81 -44.50 27.90
C ILE A 292 34.86 -45.50 27.43
N LYS A 293 36.13 -45.08 27.38
CA LYS A 293 37.16 -46.00 26.91
C LYS A 293 37.40 -47.12 27.91
N GLN A 294 37.18 -46.88 29.19
CA GLN A 294 37.33 -47.97 30.17
C GLN A 294 36.18 -48.97 30.04
N LYS A 295 34.94 -48.49 29.94
CA LYS A 295 33.79 -49.37 30.03
C LYS A 295 33.43 -50.04 28.71
N TYR A 296 33.54 -49.32 27.58
CA TYR A 296 33.18 -49.85 26.26
C TYR A 296 34.38 -49.67 25.34
N PRO A 297 35.44 -50.46 25.53
CA PRO A 297 36.64 -50.30 24.72
C PRO A 297 36.44 -50.51 23.22
N HIS A 298 35.26 -50.95 22.78
CA HIS A 298 34.97 -51.15 21.37
C HIS A 298 34.38 -49.93 20.69
N LEU A 299 33.93 -48.93 21.44
CA LEU A 299 33.15 -47.83 20.90
C LEU A 299 34.05 -46.71 20.40
N GLN A 300 33.64 -46.06 19.31
CA GLN A 300 34.37 -44.96 18.72
C GLN A 300 33.82 -43.64 19.26
N VAL A 301 34.70 -42.78 19.77
CA VAL A 301 34.32 -41.54 20.43
C VAL A 301 34.94 -40.37 19.66
N ILE A 302 34.12 -39.37 19.34
CA ILE A 302 34.57 -38.14 18.72
C ILE A 302 34.53 -37.04 19.77
N GLY A 303 35.63 -36.30 19.89
CA GLY A 303 35.78 -35.34 20.97
C GLY A 303 35.07 -34.02 20.69
N GLY A 304 34.66 -33.34 21.76
CA GLY A 304 33.87 -32.13 21.67
C GLY A 304 34.56 -31.04 20.89
N ASN A 305 33.81 -29.97 20.64
CA ASN A 305 34.24 -28.95 19.69
C ASN A 305 35.49 -28.21 20.17
N VAL A 306 36.48 -28.12 19.29
CA VAL A 306 37.69 -27.34 19.52
C VAL A 306 37.96 -26.53 18.27
N VAL A 307 38.76 -25.47 18.43
CA VAL A 307 39.25 -24.68 17.30
C VAL A 307 40.75 -24.49 17.34
N THR A 308 41.45 -25.16 18.25
CA THR A 308 42.85 -24.88 18.54
C THR A 308 43.61 -26.20 18.75
N ALA A 309 44.90 -26.16 18.41
CA ALA A 309 45.75 -27.35 18.56
C ALA A 309 45.98 -27.70 20.02
N ALA A 310 46.08 -26.70 20.90
CA ALA A 310 46.25 -26.97 22.33
C ALA A 310 45.00 -27.61 22.92
N GLN A 311 43.82 -27.18 22.49
CA GLN A 311 42.60 -27.92 22.81
C GLN A 311 42.69 -29.35 22.31
N ALA A 312 43.06 -29.53 21.03
CA ALA A 312 43.04 -30.86 20.43
C ALA A 312 44.00 -31.81 21.13
N LYS A 313 45.11 -31.30 21.65
CA LYS A 313 46.11 -32.16 22.27
C LYS A 313 45.55 -32.89 23.49
N ASN A 314 44.79 -32.19 24.34
CA ASN A 314 44.25 -32.81 25.54
C ASN A 314 43.30 -33.94 25.21
N LEU A 315 42.44 -33.74 24.22
CA LEU A 315 41.48 -34.77 23.87
C LEU A 315 42.13 -35.92 23.11
N ILE A 316 43.20 -35.67 22.35
CA ILE A 316 43.90 -36.77 21.70
C ILE A 316 44.69 -37.58 22.74
N ASP A 317 45.18 -36.93 23.79
CA ASP A 317 45.78 -37.65 24.90
C ASP A 317 44.73 -38.46 25.65
N ALA A 318 43.53 -37.90 25.82
CA ALA A 318 42.47 -38.62 26.51
C ALA A 318 42.07 -39.89 25.78
N GLY A 319 42.22 -39.92 24.46
CA GLY A 319 42.02 -41.14 23.69
C GLY A 319 40.86 -41.10 22.72
N VAL A 320 40.56 -39.95 22.13
CA VAL A 320 39.46 -39.88 21.17
C VAL A 320 39.89 -40.49 19.84
N ASP A 321 38.89 -40.78 19.01
CA ASP A 321 39.14 -41.27 17.66
C ASP A 321 38.81 -40.23 16.59
N GLY A 322 38.14 -39.14 16.95
CA GLY A 322 37.85 -38.09 16.01
C GLY A 322 37.63 -36.78 16.73
N LEU A 323 37.70 -35.69 15.96
CA LEU A 323 37.55 -34.35 16.50
C LEU A 323 36.53 -33.55 15.69
N ARG A 324 35.69 -32.82 16.41
CA ARG A 324 34.72 -31.91 15.82
C ARG A 324 35.26 -30.49 15.97
N VAL A 325 35.26 -29.74 14.88
CA VAL A 325 36.04 -28.51 14.77
C VAL A 325 35.11 -27.39 14.32
N GLY A 326 35.06 -26.33 15.11
CA GLY A 326 34.18 -25.21 14.84
C GLY A 326 33.62 -24.65 16.14
N MET A 327 33.47 -23.32 16.18
CA MET A 327 32.93 -22.63 17.35
C MET A 327 32.56 -21.23 16.88
N GLY A 328 31.26 -20.96 16.82
CA GLY A 328 30.76 -19.67 16.40
C GLY A 328 30.36 -19.56 14.95
N CYS A 329 30.74 -20.52 14.11
CA CYS A 329 30.56 -20.39 12.66
C CYS A 329 29.15 -20.77 12.19
N GLY A 330 28.40 -21.52 12.99
CA GLY A 330 27.13 -22.04 12.51
C GLY A 330 26.14 -20.95 12.19
N SER A 331 25.16 -21.30 11.34
CA SER A 331 24.18 -20.33 10.88
C SER A 331 23.28 -19.82 12.00
N ILE A 332 22.91 -20.68 12.95
CA ILE A 332 22.02 -20.31 14.03
C ILE A 332 22.78 -19.95 15.31
N CYS A 333 24.03 -19.51 15.18
CA CYS A 333 24.93 -19.29 16.31
C CYS A 333 25.11 -17.81 16.60
N ILE A 334 25.18 -17.46 17.90
CA ILE A 334 25.47 -16.11 18.36
C ILE A 334 26.53 -16.18 19.47
N THR A 335 27.21 -17.32 19.56
CA THR A 335 28.17 -17.55 20.62
C THR A 335 29.30 -16.52 20.58
N GLN A 336 29.75 -16.15 19.39
CA GLN A 336 30.81 -15.14 19.30
C GLN A 336 30.33 -13.79 19.83
N GLU A 337 29.11 -13.40 19.46
CA GLU A 337 28.57 -12.13 19.89
C GLU A 337 28.36 -12.08 21.41
N VAL A 338 28.11 -13.23 22.03
CA VAL A 338 27.73 -13.26 23.44
C VAL A 338 28.92 -13.58 24.35
N MET A 339 29.88 -14.38 23.89
CA MET A 339 31.00 -14.80 24.72
C MET A 339 32.35 -14.22 24.31
N ALA A 340 32.49 -13.72 23.09
CA ALA A 340 33.76 -13.20 22.57
C ALA A 340 34.79 -14.31 22.35
N CYS A 341 34.33 -15.52 22.03
CA CYS A 341 35.19 -16.68 21.89
C CYS A 341 34.90 -17.39 20.58
N GLY A 342 35.93 -17.91 19.93
CA GLY A 342 35.76 -18.65 18.70
C GLY A 342 36.97 -18.51 17.79
N ARG A 343 36.72 -18.73 16.50
CA ARG A 343 37.75 -18.68 15.48
C ARG A 343 37.08 -18.67 14.11
N PRO A 344 37.61 -17.95 13.13
CA PRO A 344 37.18 -18.15 11.74
C PRO A 344 37.44 -19.59 11.29
N GLN A 345 36.43 -20.15 10.61
CA GLN A 345 36.32 -21.59 10.45
C GLN A 345 37.37 -22.16 9.50
N GLY A 346 37.66 -21.47 8.40
CA GLY A 346 38.71 -21.94 7.49
C GLY A 346 40.06 -22.05 8.17
N THR A 347 40.44 -21.02 8.91
CA THR A 347 41.68 -21.05 9.68
C THR A 347 41.67 -22.20 10.69
N ALA A 348 40.57 -22.33 11.45
CA ALA A 348 40.51 -23.35 12.50
C ALA A 348 40.63 -24.76 11.91
N VAL A 349 39.91 -25.02 10.81
CA VAL A 349 40.00 -26.31 10.16
C VAL A 349 41.43 -26.59 9.72
N TYR A 350 42.06 -25.64 9.03
CA TYR A 350 43.41 -25.88 8.55
C TYR A 350 44.37 -26.17 9.72
N LYS A 351 44.36 -25.32 10.76
CA LYS A 351 45.30 -25.48 11.86
C LYS A 351 45.09 -26.82 12.58
N VAL A 352 43.84 -27.14 12.93
CA VAL A 352 43.59 -28.34 13.73
C VAL A 352 43.87 -29.59 12.91
N ALA A 353 43.46 -29.62 11.63
CA ALA A 353 43.73 -30.81 10.81
C ALA A 353 45.23 -31.00 10.63
N GLU A 354 45.97 -29.91 10.42
CA GLU A 354 47.41 -30.01 10.28
C GLU A 354 48.05 -30.60 11.54
N TYR A 355 47.58 -30.19 12.72
CA TYR A 355 48.12 -30.78 13.93
C TYR A 355 47.70 -32.24 14.09
N ALA A 356 46.41 -32.54 13.84
CA ALA A 356 45.87 -33.84 14.23
C ALA A 356 46.31 -34.97 13.32
N ARG A 357 46.60 -34.67 12.04
CA ARG A 357 47.03 -35.75 11.16
C ARG A 357 48.37 -36.36 11.58
N ARG A 358 49.10 -35.69 12.46
CA ARG A 358 50.35 -36.26 12.98
C ARG A 358 50.08 -37.52 13.79
N PHE A 359 48.91 -37.62 14.41
CA PHE A 359 48.54 -38.76 15.24
C PHE A 359 47.50 -39.66 14.59
N GLY A 360 47.18 -39.44 13.33
CA GLY A 360 46.19 -40.25 12.66
C GLY A 360 44.77 -40.00 13.10
N VAL A 361 44.43 -38.79 13.51
CA VAL A 361 43.09 -38.44 13.97
C VAL A 361 42.42 -37.60 12.89
N PRO A 362 41.32 -38.05 12.29
CA PRO A 362 40.59 -37.19 11.35
C PRO A 362 39.76 -36.15 12.07
N ILE A 363 39.36 -35.11 11.35
CA ILE A 363 38.52 -34.05 11.91
C ILE A 363 37.28 -33.88 11.05
N ILE A 364 36.19 -33.48 11.68
CA ILE A 364 34.98 -33.06 10.99
C ILE A 364 34.93 -31.54 11.02
N ALA A 365 34.73 -30.94 9.85
CA ALA A 365 34.44 -29.51 9.76
C ALA A 365 32.95 -29.31 9.98
N ASP A 366 32.60 -28.64 11.07
CA ASP A 366 31.21 -28.51 11.50
C ASP A 366 30.86 -27.04 11.67
N GLY A 367 29.90 -26.57 10.87
CA GLY A 367 29.35 -25.24 11.00
C GLY A 367 29.71 -24.30 9.86
N GLY A 368 28.75 -23.49 9.44
CA GLY A 368 28.97 -22.45 8.45
C GLY A 368 29.04 -22.91 7.01
N ILE A 369 28.69 -24.16 6.71
CA ILE A 369 28.67 -24.63 5.33
C ILE A 369 27.35 -24.18 4.70
N GLN A 370 27.41 -23.41 3.61
CA GLN A 370 26.21 -22.93 2.95
C GLN A 370 26.14 -23.30 1.47
N THR A 371 27.24 -23.74 0.88
CA THR A 371 27.29 -24.06 -0.54
C THR A 371 28.16 -25.30 -0.74
N VAL A 372 28.11 -25.84 -1.96
CA VAL A 372 28.97 -26.98 -2.32
C VAL A 372 30.43 -26.54 -2.35
N GLY A 373 30.68 -25.29 -2.76
CA GLY A 373 32.04 -24.76 -2.75
C GLY A 373 32.65 -24.69 -1.38
N HIS A 374 31.84 -24.41 -0.36
CA HIS A 374 32.32 -24.45 1.01
C HIS A 374 32.75 -25.87 1.40
N VAL A 375 32.00 -26.89 0.97
CA VAL A 375 32.36 -28.28 1.26
C VAL A 375 33.70 -28.62 0.61
N VAL A 376 33.87 -28.21 -0.65
CA VAL A 376 35.12 -28.49 -1.36
C VAL A 376 36.28 -27.77 -0.67
N LYS A 377 36.07 -26.54 -0.23
CA LYS A 377 37.10 -25.80 0.50
C LYS A 377 37.44 -26.46 1.85
N ALA A 378 36.43 -26.94 2.57
CA ALA A 378 36.69 -27.59 3.86
C ALA A 378 37.48 -28.88 3.67
N LEU A 379 37.16 -29.66 2.62
CA LEU A 379 37.91 -30.86 2.34
C LEU A 379 39.33 -30.56 1.88
N ALA A 380 39.54 -29.47 1.13
CA ALA A 380 40.88 -29.12 0.67
C ALA A 380 41.73 -28.51 1.79
N LEU A 381 41.11 -27.87 2.79
CA LEU A 381 41.88 -27.36 3.92
C LEU A 381 42.26 -28.44 4.92
N GLY A 382 41.90 -29.70 4.68
CA GLY A 382 42.40 -30.83 5.44
C GLY A 382 41.35 -31.64 6.17
N ALA A 383 40.09 -31.21 6.19
CA ALA A 383 39.05 -31.99 6.85
C ALA A 383 38.82 -33.33 6.14
N SER A 384 38.48 -34.34 6.94
CA SER A 384 38.13 -35.65 6.40
C SER A 384 36.63 -35.77 6.11
N THR A 385 35.80 -35.07 6.89
CA THR A 385 34.36 -35.09 6.72
C THR A 385 33.80 -33.69 6.99
N VAL A 386 32.57 -33.48 6.56
CA VAL A 386 31.87 -32.21 6.72
C VAL A 386 30.50 -32.48 7.32
N MET A 387 30.12 -31.67 8.30
CA MET A 387 28.82 -31.78 8.98
C MET A 387 27.97 -30.58 8.59
N MET A 388 26.69 -30.83 8.28
CA MET A 388 25.77 -29.78 7.88
C MET A 388 24.51 -29.81 8.73
N GLY A 389 24.14 -28.65 9.26
CA GLY A 389 22.84 -28.48 9.86
C GLY A 389 21.82 -27.83 8.95
N SER A 390 22.16 -26.64 8.45
CA SER A 390 21.18 -25.82 7.74
C SER A 390 20.92 -26.37 6.34
N LEU A 391 21.94 -26.91 5.67
CA LEU A 391 21.76 -27.43 4.32
C LEU A 391 20.80 -28.62 4.30
N LEU A 392 20.84 -29.46 5.33
CA LEU A 392 19.95 -30.61 5.41
C LEU A 392 18.62 -30.31 6.06
N ALA A 393 18.44 -29.13 6.64
CA ALA A 393 17.17 -28.80 7.25
C ALA A 393 16.11 -28.58 6.18
N ALA A 394 14.85 -28.73 6.58
CA ALA A 394 13.68 -28.55 5.72
C ALA A 394 13.58 -29.61 4.62
N THR A 395 14.23 -30.75 4.80
CA THR A 395 13.97 -31.89 3.94
C THR A 395 12.85 -32.74 4.55
N THR A 396 12.30 -33.64 3.74
CA THR A 396 11.18 -34.46 4.22
C THR A 396 11.62 -35.35 5.38
N GLU A 397 12.83 -35.89 5.32
CA GLU A 397 13.32 -36.74 6.39
C GLU A 397 13.64 -35.96 7.66
N ALA A 398 13.71 -34.64 7.60
CA ALA A 398 13.99 -33.86 8.79
C ALA A 398 12.81 -33.93 9.76
N PRO A 399 13.07 -33.95 11.07
CA PRO A 399 11.97 -33.96 12.03
C PRO A 399 11.14 -32.69 11.97
N GLY A 400 9.87 -32.83 12.35
CA GLY A 400 8.93 -31.74 12.32
C GLY A 400 7.99 -31.81 11.13
N GLU A 401 6.84 -31.16 11.29
CA GLU A 401 5.82 -31.10 10.25
C GLU A 401 5.93 -29.77 9.52
N TYR A 402 5.85 -29.82 8.20
CA TYR A 402 5.91 -28.60 7.39
C TYR A 402 4.84 -27.61 7.84
N PHE A 403 4.99 -26.36 7.44
CA PHE A 403 3.96 -25.36 7.69
C PHE A 403 4.11 -24.27 6.64
N PHE A 404 3.04 -23.48 6.49
CA PHE A 404 2.95 -22.49 5.42
C PHE A 404 2.97 -21.10 6.03
N SER A 405 3.77 -20.22 5.45
CA SER A 405 3.81 -18.82 5.87
C SER A 405 3.97 -17.98 4.61
N ASP A 406 2.89 -17.35 4.18
CA ASP A 406 2.86 -16.56 2.94
C ASP A 406 2.98 -17.46 1.71
N GLY A 407 2.49 -18.68 1.80
CA GLY A 407 2.40 -19.56 0.65
C GLY A 407 3.66 -20.34 0.32
N VAL A 408 4.64 -20.39 1.22
CA VAL A 408 5.89 -21.11 0.99
C VAL A 408 6.09 -22.10 2.14
N ARG A 409 6.33 -23.36 1.79
CA ARG A 409 6.49 -24.40 2.81
C ARG A 409 7.77 -24.17 3.58
N LEU A 410 7.70 -24.36 4.90
CA LEU A 410 8.82 -24.11 5.79
C LEU A 410 8.87 -25.19 6.86
N LYS A 411 10.04 -25.35 7.47
CA LYS A 411 10.25 -26.20 8.62
C LYS A 411 10.98 -25.41 9.69
N LYS A 412 10.75 -25.77 10.94
CA LYS A 412 11.49 -25.16 12.04
C LYS A 412 12.95 -25.61 12.03
N TYR A 413 13.84 -24.65 12.26
CA TYR A 413 15.27 -24.93 12.42
C TYR A 413 15.82 -24.05 13.52
N ARG A 414 16.29 -24.67 14.60
CA ARG A 414 16.71 -23.94 15.79
C ARG A 414 18.03 -24.49 16.30
N GLY A 415 18.79 -23.64 16.98
CA GLY A 415 20.01 -24.08 17.61
C GLY A 415 19.75 -24.73 18.95
N MET A 416 20.64 -25.64 19.32
CA MET A 416 20.49 -26.33 20.60
C MET A 416 20.75 -25.42 21.80
N GLY A 417 21.26 -24.21 21.57
CA GLY A 417 21.43 -23.23 22.62
C GLY A 417 20.32 -22.20 22.63
N SER A 418 19.26 -22.45 21.87
CA SER A 418 18.09 -21.57 21.90
C SER A 418 17.31 -21.77 23.19
N LEU A 419 16.52 -20.74 23.54
CA LEU A 419 15.68 -20.85 24.73
C LEU A 419 14.62 -21.92 24.58
N ASP A 420 14.05 -22.05 23.37
CA ASP A 420 13.05 -23.07 23.13
C ASP A 420 13.62 -24.46 23.36
N ALA A 421 14.86 -24.69 22.91
CA ALA A 421 15.47 -26.01 23.03
C ALA A 421 15.92 -26.30 24.45
N MET A 422 15.90 -25.31 25.34
CA MET A 422 16.30 -25.52 26.73
C MET A 422 15.14 -25.91 27.64
N GLU A 423 13.91 -25.89 27.14
CA GLU A 423 12.77 -26.28 27.97
C GLU A 423 12.63 -27.79 28.03
N VAL A 439 19.76 -17.86 35.80
CA VAL A 439 19.09 -17.49 34.56
C VAL A 439 19.88 -18.04 33.38
N LYS A 440 19.16 -18.66 32.45
CA LYS A 440 19.78 -19.31 31.31
C LYS A 440 20.08 -18.29 30.22
N ILE A 441 21.29 -18.36 29.66
CA ILE A 441 21.76 -17.44 28.62
C ILE A 441 21.58 -18.15 27.27
N ALA A 442 20.93 -17.48 26.33
CA ALA A 442 20.73 -18.05 25.01
C ALA A 442 22.00 -17.95 24.18
N GLN A 443 22.36 -19.05 23.52
CA GLN A 443 23.51 -19.10 22.64
C GLN A 443 23.14 -19.44 21.20
N GLY A 444 21.84 -19.47 20.88
CA GLY A 444 21.39 -19.75 19.53
C GLY A 444 20.07 -19.06 19.26
N VAL A 445 19.58 -19.23 18.03
CA VAL A 445 18.30 -18.68 17.62
C VAL A 445 17.52 -19.77 16.91
N SER A 446 16.22 -19.51 16.74
CA SER A 446 15.31 -20.42 16.06
C SER A 446 14.70 -19.70 14.86
N GLY A 447 14.70 -20.38 13.71
CA GLY A 447 14.12 -19.83 12.51
C GLY A 447 13.50 -20.90 11.64
N SER A 448 13.35 -20.62 10.35
CA SER A 448 12.72 -21.54 9.41
C SER A 448 13.51 -21.62 8.12
N ILE A 449 13.44 -22.77 7.46
CA ILE A 449 14.12 -23.01 6.20
C ILE A 449 13.10 -23.51 5.18
N GLN A 450 13.22 -23.02 3.95
CA GLN A 450 12.31 -23.42 2.89
C GLN A 450 12.49 -24.90 2.55
N ASP A 451 11.40 -25.53 2.12
CA ASP A 451 11.41 -26.95 1.80
C ASP A 451 12.38 -27.23 0.65
N LYS A 452 13.03 -28.39 0.71
CA LYS A 452 14.06 -28.75 -0.25
C LYS A 452 13.88 -30.13 -0.86
N GLY A 453 12.81 -30.84 -0.53
CA GLY A 453 12.59 -32.16 -1.13
C GLY A 453 13.16 -33.25 -0.26
N SER A 454 13.61 -34.34 -0.89
CA SER A 454 14.08 -35.52 -0.19
C SER A 454 15.61 -35.55 -0.15
N ILE A 455 16.14 -36.10 0.94
CA ILE A 455 17.58 -36.31 1.06
C ILE A 455 18.09 -37.16 -0.08
N GLN A 456 17.33 -38.19 -0.47
CA GLN A 456 17.76 -39.12 -1.49
C GLN A 456 17.81 -38.48 -2.87
N LYS A 457 17.30 -37.26 -3.02
CA LYS A 457 17.47 -36.48 -4.23
C LYS A 457 18.48 -35.35 -4.06
N PHE A 458 18.55 -34.77 -2.86
CA PHE A 458 19.44 -33.63 -2.61
C PHE A 458 20.91 -34.05 -2.50
N VAL A 459 21.18 -35.20 -1.86
CA VAL A 459 22.56 -35.60 -1.63
C VAL A 459 23.31 -35.91 -2.92
N PRO A 460 22.75 -36.66 -3.88
CA PRO A 460 23.48 -36.89 -5.14
C PRO A 460 23.83 -35.61 -5.88
N TYR A 461 23.02 -34.56 -5.74
CA TYR A 461 23.38 -33.26 -6.29
C TYR A 461 24.68 -32.74 -5.65
N LEU A 462 24.78 -32.81 -4.32
CA LEU A 462 25.99 -32.39 -3.63
C LEU A 462 27.18 -33.24 -4.06
N ILE A 463 26.97 -34.55 -4.19
CA ILE A 463 28.07 -35.42 -4.61
C ILE A 463 28.57 -35.03 -5.99
N ALA A 464 27.64 -34.76 -6.92
CA ALA A 464 28.05 -34.37 -8.26
C ALA A 464 28.80 -33.04 -8.24
N GLY A 465 28.33 -32.08 -7.45
CA GLY A 465 29.05 -30.82 -7.32
C GLY A 465 30.46 -30.99 -6.78
N ILE A 466 30.63 -31.83 -5.77
CA ILE A 466 31.95 -32.08 -5.21
C ILE A 466 32.85 -32.76 -6.24
N GLN A 467 32.32 -33.73 -6.98
CA GLN A 467 33.13 -34.41 -8.00
C GLN A 467 33.54 -33.44 -9.10
N HIS A 468 32.66 -32.51 -9.47
CA HIS A 468 33.01 -31.51 -10.47
C HIS A 468 34.09 -30.56 -9.95
N GLY A 469 33.99 -30.12 -8.70
CA GLY A 469 35.03 -29.28 -8.13
C GLY A 469 36.38 -29.99 -8.08
N CYS A 470 36.37 -31.25 -7.68
CA CYS A 470 37.61 -32.02 -7.66
C CYS A 470 38.20 -32.18 -9.05
N GLN A 471 37.34 -32.38 -10.06
CA GLN A 471 37.82 -32.51 -11.43
C GLN A 471 38.40 -31.19 -11.94
N ASP A 472 37.74 -30.07 -11.67
CA ASP A 472 38.26 -28.77 -12.06
C ASP A 472 39.62 -28.52 -11.43
N ILE A 473 39.77 -28.91 -10.16
CA ILE A 473 41.06 -28.74 -9.48
C ILE A 473 42.11 -29.66 -10.06
N GLY A 474 41.73 -30.87 -10.44
CA GLY A 474 42.67 -31.86 -10.90
C GLY A 474 42.97 -32.96 -9.92
N ALA A 475 42.08 -33.21 -8.97
CA ALA A 475 42.23 -34.29 -8.00
C ALA A 475 41.18 -35.36 -8.29
N ARG A 476 41.63 -36.59 -8.48
CA ARG A 476 40.70 -37.69 -8.73
C ARG A 476 40.27 -38.41 -7.47
N SER A 477 40.74 -37.99 -6.29
CA SER A 477 40.18 -38.42 -5.02
C SER A 477 40.49 -37.38 -3.96
N LEU A 478 39.71 -37.41 -2.88
CA LEU A 478 39.89 -36.45 -1.78
C LEU A 478 41.22 -36.68 -1.06
N ASP A 479 41.67 -37.92 -0.98
CA ASP A 479 43.01 -38.18 -0.44
C ASP A 479 44.09 -37.50 -1.26
N VAL A 480 44.00 -37.62 -2.59
CA VAL A 480 44.97 -36.96 -3.48
C VAL A 480 44.85 -35.44 -3.35
N LEU A 481 43.63 -34.94 -3.10
CA LEU A 481 43.45 -33.50 -2.89
C LEU A 481 44.18 -33.02 -1.64
N ARG A 482 44.02 -33.73 -0.52
CA ARG A 482 44.68 -33.31 0.71
C ARG A 482 46.19 -33.46 0.61
N SER A 483 46.66 -34.51 -0.07
CA SER A 483 48.11 -34.68 -0.22
C SER A 483 48.70 -33.62 -1.15
N MET A 484 47.96 -33.21 -2.18
CA MET A 484 48.39 -32.09 -3.01
C MET A 484 48.46 -30.81 -2.20
N MET A 485 47.51 -30.61 -1.29
CA MET A 485 47.57 -29.44 -0.42
C MET A 485 48.80 -29.49 0.51
N TYR A 486 49.11 -30.66 1.05
CA TYR A 486 50.22 -30.71 1.99
C TYR A 486 51.58 -30.68 1.30
N SER A 487 51.64 -31.03 0.01
CA SER A 487 52.92 -30.96 -0.70
C SER A 487 53.22 -29.57 -1.26
N GLY A 488 52.22 -28.68 -1.33
CA GLY A 488 52.39 -27.40 -1.98
C GLY A 488 51.93 -27.34 -3.43
N GLU A 489 51.59 -28.48 -4.03
CA GLU A 489 51.08 -28.49 -5.40
C GLU A 489 49.79 -27.69 -5.51
N LEU A 490 48.90 -27.82 -4.54
CA LEU A 490 47.64 -27.07 -4.57
C LEU A 490 47.88 -25.59 -4.29
N LYS A 491 47.19 -24.73 -5.03
CA LYS A 491 47.44 -23.29 -4.99
C LYS A 491 46.14 -22.53 -4.77
N PHE A 492 46.27 -21.41 -4.04
CA PHE A 492 45.13 -20.62 -3.59
C PHE A 492 45.36 -19.16 -3.92
N GLU A 493 44.28 -18.41 -4.00
CA GLU A 493 44.34 -16.95 -4.06
C GLU A 493 43.34 -16.37 -3.08
N LYS A 494 43.74 -15.27 -2.43
CA LYS A 494 42.86 -14.49 -1.59
C LYS A 494 41.88 -13.67 -2.44
N ARG A 495 40.82 -13.20 -1.80
CA ARG A 495 39.80 -12.40 -2.47
C ARG A 495 39.55 -11.12 -1.68
N THR A 496 39.55 -9.98 -2.39
CA THR A 496 39.03 -8.75 -1.83
C THR A 496 37.49 -8.77 -1.85
N MET A 497 36.90 -7.81 -1.16
CA MET A 497 35.44 -7.65 -1.21
C MET A 497 34.97 -7.40 -2.64
N SER A 498 35.72 -6.62 -3.42
CA SER A 498 35.37 -6.43 -4.81
C SER A 498 35.39 -7.74 -5.57
N ALA A 499 36.41 -8.57 -5.33
CA ALA A 499 36.49 -9.87 -6.00
C ALA A 499 35.33 -10.77 -5.59
N GLN A 500 34.93 -10.70 -4.31
CA GLN A 500 33.82 -11.52 -3.84
C GLN A 500 32.51 -11.08 -4.48
N ILE A 501 32.32 -9.76 -4.63
CA ILE A 501 31.15 -9.25 -5.35
C ILE A 501 31.18 -9.70 -6.80
N GLU A 502 32.36 -9.62 -7.43
CA GLU A 502 32.52 -10.05 -8.82
C GLU A 502 32.33 -11.54 -8.98
N GLY A 503 32.50 -12.33 -7.92
CA GLY A 503 32.31 -13.76 -7.96
C GLY A 503 30.87 -14.21 -7.89
N GLY A 504 29.96 -13.30 -7.58
CA GLY A 504 28.55 -13.62 -7.52
C GLY A 504 27.78 -13.11 -8.73
N VAL A 505 26.46 -13.12 -8.59
CA VAL A 505 25.57 -12.62 -9.64
C VAL A 505 25.51 -11.10 -9.53
N HIS A 506 25.85 -10.41 -10.61
CA HIS A 506 25.94 -8.96 -10.58
C HIS A 506 25.55 -8.40 -11.94
N GLY A 507 24.98 -7.20 -11.94
CA GLY A 507 24.72 -6.47 -13.16
C GLY A 507 23.48 -6.88 -13.92
N LEU A 508 22.50 -7.51 -13.27
CA LEU A 508 21.27 -7.93 -13.92
C LEU A 508 20.08 -7.17 -13.35
N HIS A 509 19.12 -6.84 -14.22
CA HIS A 509 17.86 -6.29 -13.74
C HIS A 509 17.13 -7.27 -12.84
N SER A 510 17.05 -8.53 -13.25
CA SER A 510 16.45 -9.58 -12.43
C SER A 510 16.96 -10.92 -12.92
N TYR A 511 16.84 -11.92 -12.06
CA TYR A 511 17.27 -13.27 -12.41
C TYR A 511 16.58 -14.26 -11.49
N THR A 512 16.62 -15.53 -11.88
CA THR A 512 16.03 -16.60 -11.09
C THR A 512 16.92 -17.84 -11.08
N TYR B 14 64.03 18.11 -10.61
CA TYR B 14 63.77 16.72 -10.26
C TYR B 14 62.40 16.59 -9.59
N VAL B 15 61.69 15.51 -9.92
CA VAL B 15 60.42 15.20 -9.29
C VAL B 15 60.44 13.73 -8.90
N PRO B 16 60.10 13.38 -7.66
CA PRO B 16 60.07 11.96 -7.27
C PRO B 16 58.87 11.25 -7.89
N GLU B 17 59.01 9.94 -8.05
CA GLU B 17 57.91 9.16 -8.64
C GLU B 17 56.76 8.98 -7.66
N ASP B 18 55.56 8.90 -8.22
CA ASP B 18 54.34 8.65 -7.48
C ASP B 18 53.71 7.35 -7.99
N GLY B 19 53.01 6.65 -7.11
CA GLY B 19 52.28 5.46 -7.54
C GLY B 19 53.12 4.19 -7.64
N LEU B 20 52.45 3.16 -8.16
CA LEU B 20 53.02 1.83 -8.29
C LEU B 20 53.05 1.41 -9.76
N THR B 21 54.06 0.62 -10.12
CA THR B 21 54.01 -0.11 -11.37
C THR B 21 53.04 -1.28 -11.27
N ALA B 22 52.72 -1.90 -12.40
CA ALA B 22 51.86 -3.08 -12.38
C ALA B 22 52.50 -4.22 -11.60
N GLN B 23 53.80 -4.41 -11.79
CA GLN B 23 54.54 -5.43 -11.06
C GLN B 23 54.45 -5.21 -9.56
N GLN B 24 54.59 -3.96 -9.11
CA GLN B 24 54.45 -3.67 -7.69
C GLN B 24 53.00 -3.82 -7.22
N LEU B 25 52.05 -3.43 -8.08
CA LEU B 25 50.63 -3.53 -7.75
C LEU B 25 50.24 -4.97 -7.43
N PHE B 26 50.75 -5.92 -8.21
CA PHE B 26 50.32 -7.30 -8.02
C PHE B 26 51.25 -8.13 -7.15
N ALA B 27 52.28 -7.51 -6.55
CA ALA B 27 53.24 -8.27 -5.76
C ALA B 27 52.67 -8.71 -4.42
N SER B 28 51.72 -7.96 -3.87
CA SER B 28 51.16 -8.28 -2.57
C SER B 28 50.29 -9.54 -2.59
N ALA B 29 49.73 -9.91 -3.73
CA ALA B 29 48.86 -11.07 -3.87
C ALA B 29 47.59 -10.90 -3.04
N ASP B 30 46.85 -9.83 -3.32
CA ASP B 30 45.63 -9.53 -2.59
C ASP B 30 44.39 -10.18 -3.22
N GLY B 31 44.43 -10.48 -4.51
CA GLY B 31 43.24 -10.88 -5.22
C GLY B 31 42.44 -9.69 -5.72
N LEU B 32 43.08 -8.87 -6.53
CA LEU B 32 42.51 -7.62 -7.01
C LEU B 32 41.59 -7.83 -8.21
N THR B 33 40.53 -7.03 -8.27
CA THR B 33 39.68 -6.91 -9.45
C THR B 33 39.79 -5.49 -9.99
N TYR B 34 39.01 -5.21 -11.05
CA TYR B 34 39.08 -3.91 -11.72
C TYR B 34 38.73 -2.76 -10.78
N ASN B 35 37.81 -2.98 -9.84
CA ASN B 35 37.35 -1.93 -8.95
C ASN B 35 38.32 -1.68 -7.78
N ASP B 36 39.42 -2.41 -7.71
CA ASP B 36 40.35 -2.27 -6.59
C ASP B 36 41.48 -1.29 -6.86
N PHE B 37 41.55 -0.68 -8.05
CA PHE B 37 42.66 0.21 -8.37
C PHE B 37 42.22 1.22 -9.42
N LEU B 38 43.12 2.16 -9.71
CA LEU B 38 42.95 3.15 -10.77
C LEU B 38 44.28 3.34 -11.48
N ILE B 39 44.23 4.02 -12.62
CA ILE B 39 45.41 4.48 -13.35
C ILE B 39 45.60 5.96 -13.05
N LEU B 40 46.84 6.38 -12.95
CA LEU B 40 47.16 7.78 -12.66
C LEU B 40 47.32 8.57 -13.96
N PRO B 41 46.83 9.81 -14.01
CA PRO B 41 46.93 10.59 -15.26
C PRO B 41 48.36 10.95 -15.62
N GLY B 42 48.59 11.14 -16.91
CA GLY B 42 49.90 11.49 -17.43
C GLY B 42 49.97 12.87 -18.05
N PHE B 43 50.59 12.98 -19.22
CA PHE B 43 50.76 14.24 -19.92
C PHE B 43 50.01 14.19 -21.24
N ILE B 44 49.26 15.26 -21.53
CA ILE B 44 48.40 15.33 -22.70
C ILE B 44 49.05 16.25 -23.73
N ASP B 45 49.30 15.72 -24.93
CA ASP B 45 49.78 16.53 -26.05
C ASP B 45 49.15 16.09 -27.38
N PHE B 46 47.91 15.61 -27.34
CA PHE B 46 47.21 15.17 -28.54
C PHE B 46 45.72 15.18 -28.21
N ILE B 47 44.89 15.00 -29.23
CA ILE B 47 43.44 14.98 -29.02
C ILE B 47 42.96 13.54 -29.01
N ALA B 48 41.79 13.33 -28.40
CA ALA B 48 41.29 11.98 -28.17
C ALA B 48 41.00 11.24 -29.48
N ASP B 49 40.59 11.97 -30.53
CA ASP B 49 40.31 11.32 -31.82
C ASP B 49 41.58 10.84 -32.51
N GLU B 50 42.76 11.26 -32.06
CA GLU B 50 44.00 10.74 -32.62
C GLU B 50 44.36 9.35 -32.09
N VAL B 51 43.65 8.86 -31.08
CA VAL B 51 44.07 7.65 -30.39
C VAL B 51 43.77 6.42 -31.24
N ASP B 52 44.79 5.60 -31.46
CA ASP B 52 44.69 4.42 -32.32
C ASP B 52 44.31 3.19 -31.49
N LEU B 53 43.36 2.40 -32.00
CA LEU B 53 42.80 1.28 -31.26
C LEU B 53 43.02 -0.07 -31.93
N THR B 54 43.97 -0.18 -32.85
CA THR B 54 44.19 -1.45 -33.55
C THR B 54 44.66 -2.55 -32.60
N SER B 55 44.05 -3.72 -32.74
CA SER B 55 44.19 -4.79 -31.75
C SER B 55 44.41 -6.14 -32.43
N ALA B 56 45.44 -6.86 -31.97
CA ALA B 56 45.62 -8.25 -32.40
C ALA B 56 44.58 -9.14 -31.74
N LEU B 57 43.90 -9.95 -32.55
CA LEU B 57 42.97 -10.96 -32.08
C LEU B 57 43.63 -12.33 -31.95
N THR B 58 44.37 -12.73 -32.98
CA THR B 58 45.16 -13.96 -32.97
C THR B 58 46.55 -13.62 -33.49
N ARG B 59 47.34 -14.67 -33.73
CA ARG B 59 48.64 -14.49 -34.36
C ARG B 59 48.51 -13.79 -35.70
N LYS B 60 47.41 -14.00 -36.40
CA LYS B 60 47.24 -13.56 -37.78
C LYS B 60 46.21 -12.46 -37.97
N ILE B 61 45.12 -12.45 -37.22
CA ILE B 61 44.02 -11.54 -37.45
C ILE B 61 44.20 -10.28 -36.60
N THR B 62 44.10 -9.11 -37.24
CA THR B 62 44.15 -7.82 -36.56
C THR B 62 42.85 -7.08 -36.80
N LEU B 63 42.33 -6.42 -35.76
CA LEU B 63 41.14 -5.59 -35.84
C LEU B 63 41.52 -4.14 -35.57
N LYS B 64 40.59 -3.25 -35.93
CA LYS B 64 40.74 -1.82 -35.64
C LYS B 64 40.06 -1.41 -34.35
N THR B 65 39.37 -2.33 -33.68
CA THR B 65 38.63 -2.10 -32.48
C THR B 65 38.87 -3.33 -31.60
N PRO B 66 38.95 -3.18 -30.27
CA PRO B 66 39.19 -4.35 -29.42
C PRO B 66 37.95 -5.05 -28.91
N LEU B 67 36.75 -4.66 -29.33
CA LEU B 67 35.53 -5.18 -28.74
C LEU B 67 35.07 -6.45 -29.48
N ILE B 68 34.63 -7.44 -28.71
CA ILE B 68 34.18 -8.73 -29.22
C ILE B 68 32.87 -9.09 -28.54
N SER B 69 31.99 -9.75 -29.28
CA SER B 69 30.71 -10.20 -28.74
C SER B 69 30.84 -11.67 -28.31
N SER B 70 30.30 -11.97 -27.14
CA SER B 70 30.47 -13.30 -26.55
C SER B 70 29.65 -14.35 -27.32
N PRO B 71 30.21 -15.56 -27.53
CA PRO B 71 29.41 -16.63 -28.16
C PRO B 71 28.38 -17.25 -27.24
N MET B 72 27.34 -16.49 -26.93
CA MET B 72 26.23 -16.94 -26.11
C MET B 72 24.94 -16.86 -26.94
N ASP B 73 23.98 -17.72 -26.62
CA ASP B 73 22.77 -17.79 -27.43
C ASP B 73 21.80 -16.65 -27.16
N THR B 74 22.09 -15.79 -26.20
CA THR B 74 21.35 -14.54 -26.02
C THR B 74 22.18 -13.32 -26.39
N VAL B 75 23.31 -13.50 -27.09
CA VAL B 75 24.14 -12.36 -27.47
C VAL B 75 24.40 -12.34 -28.97
N THR B 76 25.04 -13.38 -29.52
CA THR B 76 25.59 -13.32 -30.88
C THR B 76 24.93 -14.34 -31.82
N GLU B 77 24.23 -13.82 -32.81
CA GLU B 77 23.87 -14.49 -34.04
C GLU B 77 24.43 -13.67 -35.21
N ALA B 78 23.97 -13.99 -36.43
CA ALA B 78 24.49 -13.33 -37.62
C ALA B 78 24.30 -11.82 -37.58
N ASP B 79 23.18 -11.34 -37.05
CA ASP B 79 22.94 -9.89 -37.05
C ASP B 79 23.95 -9.18 -36.16
N MET B 80 24.12 -9.67 -34.94
CA MET B 80 25.12 -9.11 -34.03
C MET B 80 26.50 -9.22 -34.64
N ALA B 81 26.81 -10.35 -35.27
CA ALA B 81 28.13 -10.54 -35.87
C ALA B 81 28.39 -9.52 -36.97
N ILE B 82 27.42 -9.31 -37.87
CA ILE B 82 27.59 -8.35 -38.96
C ILE B 82 27.77 -6.95 -38.40
N ALA B 83 26.94 -6.58 -37.42
CA ALA B 83 27.05 -5.25 -36.83
C ALA B 83 28.41 -5.03 -36.17
N MET B 84 28.89 -6.02 -35.42
CA MET B 84 30.20 -5.93 -34.78
C MET B 84 31.30 -5.77 -35.82
N ALA B 85 31.27 -6.61 -36.85
CA ALA B 85 32.30 -6.55 -37.88
C ALA B 85 32.29 -5.19 -38.59
N LEU B 86 31.10 -4.65 -38.87
CA LEU B 86 31.01 -3.33 -39.50
C LEU B 86 31.56 -2.25 -38.58
N MET B 87 31.20 -2.30 -37.29
CA MET B 87 31.70 -1.34 -36.33
C MET B 87 33.20 -1.46 -36.09
N GLY B 88 33.80 -2.58 -36.45
CA GLY B 88 35.23 -2.74 -36.32
C GLY B 88 35.69 -3.85 -35.40
N GLY B 89 34.78 -4.56 -34.76
CA GLY B 89 35.09 -5.71 -33.93
C GLY B 89 34.82 -7.02 -34.63
N ILE B 90 34.21 -7.95 -33.90
CA ILE B 90 33.87 -9.27 -34.43
C ILE B 90 32.93 -9.97 -33.47
N GLY B 91 32.15 -10.91 -34.00
CA GLY B 91 31.32 -11.79 -33.19
C GLY B 91 31.72 -13.24 -33.38
N PHE B 92 31.50 -14.04 -32.34
CA PHE B 92 31.60 -15.49 -32.42
C PHE B 92 30.19 -16.07 -32.33
N ILE B 93 29.84 -16.92 -33.30
CA ILE B 93 28.52 -17.57 -33.27
C ILE B 93 28.53 -18.67 -32.23
N HIS B 94 27.52 -18.67 -31.36
CA HIS B 94 27.35 -19.70 -30.37
C HIS B 94 27.07 -21.05 -31.03
N HIS B 95 27.14 -22.12 -30.22
CA HIS B 95 26.87 -23.47 -30.70
C HIS B 95 25.84 -24.19 -29.85
N ASN B 96 24.98 -23.45 -29.15
CA ASN B 96 23.79 -24.02 -28.52
C ASN B 96 22.67 -24.17 -29.56
N CYS B 97 22.96 -24.97 -30.57
CA CYS B 97 22.09 -25.07 -31.73
C CYS B 97 22.56 -26.25 -32.59
N THR B 98 21.93 -26.42 -33.74
CA THR B 98 22.32 -27.46 -34.68
C THR B 98 23.54 -27.03 -35.50
N PRO B 99 24.40 -27.97 -35.89
CA PRO B 99 25.50 -27.60 -36.78
C PRO B 99 25.06 -26.95 -38.08
N GLU B 100 23.98 -27.43 -38.69
CA GLU B 100 23.48 -26.81 -39.91
C GLU B 100 23.03 -25.38 -39.65
N PHE B 101 22.34 -25.16 -38.52
CA PHE B 101 21.87 -23.82 -38.17
C PHE B 101 23.05 -22.87 -37.99
N GLN B 102 24.09 -23.33 -37.28
CA GLN B 102 25.26 -22.49 -37.06
C GLN B 102 25.97 -22.18 -38.37
N ALA B 103 26.10 -23.19 -39.24
CA ALA B 103 26.75 -22.97 -40.53
C ALA B 103 25.96 -21.96 -41.35
N ASN B 104 24.63 -22.04 -41.30
CA ASN B 104 23.81 -21.08 -42.03
C ASN B 104 24.00 -19.66 -41.50
N GLU B 105 24.10 -19.52 -40.18
CA GLU B 105 24.37 -18.21 -39.58
C GLU B 105 25.71 -17.66 -40.07
N VAL B 106 26.73 -18.50 -40.09
CA VAL B 106 28.05 -18.08 -40.56
C VAL B 106 28.00 -17.69 -42.03
N ARG B 107 27.24 -18.45 -42.83
CA ARG B 107 27.07 -18.13 -44.24
C ARG B 107 26.40 -16.77 -44.42
N LYS B 108 25.38 -16.48 -43.62
CA LYS B 108 24.71 -15.19 -43.70
C LYS B 108 25.68 -14.06 -43.40
N VAL B 109 26.52 -14.22 -42.37
CA VAL B 109 27.51 -13.19 -42.08
C VAL B 109 28.50 -13.05 -43.24
N LYS B 110 28.96 -14.18 -43.79
CA LYS B 110 30.03 -14.15 -44.78
C LYS B 110 29.59 -13.61 -46.13
N LYS B 111 28.32 -13.76 -46.49
CA LYS B 111 27.83 -13.31 -47.78
C LYS B 111 27.13 -11.96 -47.70
N PHE B 112 27.14 -11.31 -46.54
CA PHE B 112 26.55 -9.99 -46.39
C PHE B 112 27.26 -8.99 -47.30
N GLU B 113 26.48 -8.04 -47.84
CA GLU B 113 27.00 -6.93 -48.62
C GLU B 113 26.24 -5.68 -48.21
N GLN B 114 26.88 -4.53 -48.30
CA GLN B 114 26.25 -3.29 -47.89
C GLN B 114 25.40 -2.73 -49.03
N GLY B 115 24.12 -2.50 -48.76
CA GLY B 115 23.19 -2.02 -49.75
C GLY B 115 22.53 -3.09 -50.59
N PHE B 116 22.87 -4.36 -50.39
CA PHE B 116 22.29 -5.45 -51.15
C PHE B 116 21.38 -6.28 -50.27
N ILE B 117 20.45 -6.99 -50.91
CA ILE B 117 19.56 -7.91 -50.21
C ILE B 117 20.27 -9.25 -50.07
N THR B 118 20.13 -9.86 -48.90
CA THR B 118 20.73 -11.15 -48.61
C THR B 118 19.62 -12.20 -48.62
N ASP B 119 19.76 -13.19 -49.51
CA ASP B 119 18.72 -14.20 -49.71
C ASP B 119 17.42 -13.55 -50.15
N PRO B 120 17.34 -13.05 -51.38
CA PRO B 120 16.07 -12.51 -51.88
C PRO B 120 15.00 -13.59 -52.00
N VAL B 121 13.74 -13.17 -51.85
CA VAL B 121 12.60 -14.04 -52.13
C VAL B 121 12.28 -13.97 -53.61
N VAL B 122 12.07 -15.13 -54.23
CA VAL B 122 11.79 -15.23 -55.66
C VAL B 122 10.62 -16.15 -55.88
N LEU B 123 9.98 -16.01 -57.05
CA LEU B 123 8.86 -16.84 -57.45
C LEU B 123 8.92 -17.09 -58.95
N SER B 124 8.14 -18.05 -59.41
CA SER B 124 8.05 -18.38 -60.83
C SER B 124 6.78 -17.81 -61.44
N PRO B 125 6.74 -17.63 -62.76
CA PRO B 125 5.53 -17.07 -63.39
C PRO B 125 4.30 -17.93 -63.19
N SER B 126 4.46 -19.21 -62.88
CA SER B 126 3.33 -20.11 -62.66
C SER B 126 2.74 -20.00 -61.27
N HIS B 127 3.32 -19.15 -60.41
CA HIS B 127 2.72 -18.90 -59.11
C HIS B 127 1.50 -17.98 -59.26
N THR B 128 0.75 -17.85 -58.18
CA THR B 128 -0.48 -17.07 -58.15
C THR B 128 -0.29 -15.78 -57.36
N VAL B 129 -1.17 -14.82 -57.61
CA VAL B 129 -1.17 -13.59 -56.82
C VAL B 129 -1.42 -13.90 -55.36
N GLY B 130 -2.07 -15.02 -55.07
CA GLY B 130 -2.20 -15.46 -53.68
C GLY B 130 -0.83 -15.74 -53.06
N ASP B 131 0.09 -16.29 -53.84
CA ASP B 131 1.44 -16.50 -53.34
C ASP B 131 2.11 -15.19 -52.96
N VAL B 132 1.96 -14.16 -53.81
CA VAL B 132 2.52 -12.86 -53.51
C VAL B 132 1.88 -12.27 -52.26
N LEU B 133 0.56 -12.39 -52.13
CA LEU B 133 -0.12 -11.89 -50.95
C LEU B 133 0.37 -12.59 -49.69
N GLU B 134 0.56 -13.91 -49.76
CA GLU B 134 1.04 -14.66 -48.61
C GLU B 134 2.47 -14.26 -48.25
N ALA B 135 3.31 -14.08 -49.27
CA ALA B 135 4.67 -13.62 -49.01
C ALA B 135 4.66 -12.26 -48.32
N LYS B 136 3.82 -11.34 -48.80
CA LYS B 136 3.65 -10.06 -48.12
C LYS B 136 3.24 -10.27 -46.67
N MET B 137 2.23 -11.10 -46.44
CA MET B 137 1.69 -11.27 -45.09
C MET B 137 2.73 -11.84 -44.15
N ARG B 138 3.54 -12.79 -44.62
CA ARG B 138 4.44 -13.53 -43.75
C ARG B 138 5.88 -13.03 -43.76
N HIS B 139 6.21 -12.02 -44.56
CA HIS B 139 7.55 -11.44 -44.53
C HIS B 139 7.58 -9.93 -44.41
N GLY B 140 6.52 -9.23 -44.83
CA GLY B 140 6.44 -7.79 -44.70
C GLY B 140 6.71 -6.98 -45.95
N PHE B 141 6.96 -7.64 -47.09
CA PHE B 141 7.28 -6.92 -48.32
C PHE B 141 6.69 -7.67 -49.50
N SER B 142 6.56 -6.96 -50.63
CA SER B 142 5.97 -7.53 -51.83
C SER B 142 6.76 -7.27 -53.12
N GLY B 143 7.95 -6.67 -53.04
CA GLY B 143 8.73 -6.43 -54.24
C GLY B 143 9.53 -7.65 -54.63
N ILE B 144 8.86 -8.65 -55.18
CA ILE B 144 9.41 -9.98 -55.40
C ILE B 144 9.68 -10.15 -56.88
N PRO B 145 10.93 -10.35 -57.31
CA PRO B 145 11.19 -10.62 -58.73
C PRO B 145 10.72 -12.02 -59.12
N ILE B 146 10.54 -12.20 -60.42
CA ILE B 146 10.04 -13.45 -61.00
C ILE B 146 11.12 -14.03 -61.90
N THR B 147 11.35 -15.33 -61.79
CA THR B 147 12.37 -16.02 -62.56
C THR B 147 11.77 -17.27 -63.19
N GLU B 148 12.40 -17.74 -64.26
CA GLU B 148 11.87 -18.88 -65.00
C GLU B 148 11.66 -20.09 -64.11
N THR B 149 12.67 -20.45 -63.32
CA THR B 149 12.61 -21.63 -62.45
C THR B 149 12.08 -21.31 -61.06
N GLY B 150 11.75 -20.06 -60.78
CA GLY B 150 11.25 -19.67 -59.46
C GLY B 150 12.33 -19.45 -58.42
N THR B 151 13.59 -19.39 -58.82
CA THR B 151 14.69 -19.26 -57.86
C THR B 151 15.86 -18.62 -58.57
N MET B 152 16.87 -18.26 -57.79
CA MET B 152 18.01 -17.54 -58.34
C MET B 152 18.80 -18.44 -59.27
N GLY B 153 19.57 -17.82 -60.16
CA GLY B 153 20.40 -18.58 -61.08
C GLY B 153 19.73 -19.03 -62.35
N SER B 154 18.64 -18.37 -62.75
CA SER B 154 17.95 -18.71 -63.98
C SER B 154 17.41 -17.42 -64.62
N LYS B 155 16.95 -17.55 -65.86
CA LYS B 155 16.56 -16.39 -66.65
C LYS B 155 15.52 -15.55 -65.90
N LEU B 156 15.74 -14.24 -65.87
CA LEU B 156 14.80 -13.31 -65.26
C LEU B 156 13.68 -12.99 -66.24
N VAL B 157 12.44 -13.01 -65.74
CA VAL B 157 11.28 -12.79 -66.59
C VAL B 157 10.46 -11.56 -66.19
N GLY B 158 10.48 -11.15 -64.93
CA GLY B 158 9.69 -10.00 -64.54
C GLY B 158 9.75 -9.76 -63.05
N ILE B 159 8.91 -8.82 -62.59
CA ILE B 159 8.82 -8.46 -61.19
C ILE B 159 7.39 -8.06 -60.86
N VAL B 160 6.98 -8.31 -59.63
CA VAL B 160 5.64 -8.03 -59.15
C VAL B 160 5.74 -7.27 -57.83
N THR B 161 4.94 -6.21 -57.69
CA THR B 161 4.96 -5.40 -56.48
C THR B 161 3.54 -5.01 -56.09
N SER B 162 3.47 -4.17 -55.04
CA SER B 162 2.19 -3.76 -54.49
C SER B 162 1.34 -3.04 -55.53
N ARG B 163 1.93 -2.18 -56.34
CA ARG B 163 1.16 -1.45 -57.33
C ARG B 163 0.78 -2.30 -58.52
N ASP B 164 1.32 -3.51 -58.62
CA ASP B 164 0.83 -4.50 -59.57
C ASP B 164 -0.28 -5.36 -58.99
N ILE B 165 -0.32 -5.52 -57.67
CA ILE B 165 -1.25 -6.43 -57.03
C ILE B 165 -2.45 -5.71 -56.42
N ASP B 166 -2.39 -4.38 -56.30
CA ASP B 166 -3.26 -3.66 -55.37
C ASP B 166 -4.69 -3.48 -55.84
N PHE B 167 -4.95 -3.36 -57.14
CA PHE B 167 -6.29 -3.06 -57.64
C PHE B 167 -7.03 -4.30 -58.13
N LEU B 168 -6.48 -5.50 -57.95
CA LEU B 168 -7.17 -6.71 -58.37
C LEU B 168 -8.31 -7.05 -57.42
N ALA B 169 -9.30 -7.75 -57.95
CA ALA B 169 -10.43 -8.19 -57.15
C ALA B 169 -10.00 -9.28 -56.16
N GLU B 170 -10.65 -9.29 -55.00
CA GLU B 170 -10.30 -10.23 -53.95
C GLU B 170 -10.54 -11.69 -54.36
N LYS B 171 -11.59 -11.95 -55.15
CA LYS B 171 -11.84 -13.31 -55.60
C LYS B 171 -10.79 -13.79 -56.59
N ASP B 172 -10.01 -12.87 -57.16
CA ASP B 172 -9.03 -13.23 -58.17
C ASP B 172 -7.83 -13.92 -57.53
N HIS B 173 -7.46 -15.08 -58.07
CA HIS B 173 -6.26 -15.81 -57.66
C HIS B 173 -5.47 -16.25 -58.89
N THR B 174 -5.58 -15.49 -59.98
CA THR B 174 -4.97 -15.88 -61.24
C THR B 174 -3.46 -15.95 -61.11
N THR B 175 -2.84 -16.66 -62.04
CA THR B 175 -1.39 -16.79 -62.04
C THR B 175 -0.73 -15.48 -62.42
N LEU B 176 0.58 -15.40 -62.17
CA LEU B 176 1.37 -14.26 -62.58
C LEU B 176 1.58 -14.32 -64.10
N LEU B 177 2.45 -13.46 -64.61
CA LEU B 177 2.70 -13.39 -66.05
C LEU B 177 1.41 -13.03 -66.78
N VAL B 180 -0.16 -9.29 -64.73
CA VAL B 180 0.25 -8.89 -63.38
C VAL B 180 1.75 -8.63 -63.36
N MET B 181 2.51 -9.59 -63.87
CA MET B 181 3.97 -9.46 -63.91
C MET B 181 4.38 -8.60 -65.09
N THR B 182 5.20 -7.59 -64.82
CA THR B 182 5.76 -6.78 -65.91
C THR B 182 6.84 -7.58 -66.63
N PRO B 183 6.88 -7.56 -67.96
CA PRO B 183 7.82 -8.41 -68.68
C PRO B 183 9.26 -7.96 -68.50
N ARG B 184 10.18 -8.86 -68.85
CA ARG B 184 11.60 -8.56 -68.76
C ARG B 184 11.98 -7.40 -69.67
N ILE B 185 11.38 -7.34 -70.86
CA ILE B 185 11.70 -6.27 -71.80
C ILE B 185 11.47 -4.91 -71.18
N GLU B 186 10.57 -4.82 -70.20
CA GLU B 186 10.25 -3.56 -69.55
C GLU B 186 11.07 -3.28 -68.30
N LEU B 187 11.92 -4.22 -67.88
CA LEU B 187 12.67 -4.07 -66.64
C LEU B 187 13.90 -3.19 -66.83
N VAL B 188 14.29 -2.51 -65.76
CA VAL B 188 15.53 -1.74 -65.69
C VAL B 188 16.48 -2.49 -64.77
N VAL B 189 17.52 -3.11 -65.33
CA VAL B 189 18.42 -3.97 -64.60
C VAL B 189 19.86 -3.54 -64.86
N ALA B 190 20.77 -4.06 -64.04
CA ALA B 190 22.19 -3.75 -64.16
C ALA B 190 23.02 -5.03 -64.21
N PRO B 191 24.19 -4.98 -64.84
CA PRO B 191 25.02 -6.19 -64.93
C PRO B 191 25.65 -6.54 -63.60
N ALA B 192 26.17 -7.78 -63.51
CA ALA B 192 26.60 -8.33 -62.23
C ALA B 192 27.69 -7.49 -61.56
N GLY B 193 28.43 -6.69 -62.31
CA GLY B 193 29.49 -5.88 -61.73
C GLY B 193 29.03 -4.54 -61.20
N VAL B 194 27.91 -4.51 -60.48
CA VAL B 194 27.38 -3.26 -59.97
C VAL B 194 28.24 -2.73 -58.84
N THR B 195 28.42 -1.41 -58.81
CA THR B 195 28.97 -0.71 -57.67
C THR B 195 27.91 0.26 -57.15
N LEU B 196 27.96 0.56 -55.86
CA LEU B 196 26.89 1.35 -55.25
C LEU B 196 26.69 2.70 -55.93
N LYS B 197 27.75 3.32 -56.47
CA LYS B 197 27.56 4.58 -57.18
C LYS B 197 26.74 4.39 -58.44
N GLU B 198 27.03 3.35 -59.21
CA GLU B 198 26.24 3.06 -60.39
C GLU B 198 24.81 2.69 -60.02
N ALA B 199 24.63 1.97 -58.92
CA ALA B 199 23.28 1.69 -58.43
C ALA B 199 22.54 2.98 -58.10
N ASN B 200 23.22 3.93 -57.45
CA ASN B 200 22.61 5.20 -57.13
C ASN B 200 22.20 5.95 -58.39
N GLU B 201 23.09 6.01 -59.39
CA GLU B 201 22.75 6.69 -60.63
C GLU B 201 21.54 6.02 -61.30
N ILE B 202 21.56 4.70 -61.40
CA ILE B 202 20.49 3.98 -62.08
C ILE B 202 19.16 4.23 -61.37
N LEU B 203 19.15 4.09 -60.05
CA LEU B 203 17.90 4.25 -59.31
C LEU B 203 17.41 5.69 -59.35
N GLN B 204 18.33 6.66 -59.28
CA GLN B 204 17.92 8.05 -59.36
C GLN B 204 17.27 8.35 -60.71
N ARG B 205 17.82 7.80 -61.79
CA ARG B 205 17.23 8.00 -63.10
C ARG B 205 15.88 7.30 -63.21
N SER B 206 15.80 6.07 -62.73
CA SER B 206 14.64 5.23 -63.02
C SER B 206 13.46 5.48 -62.08
N LYS B 207 13.71 5.92 -60.85
CA LYS B 207 12.69 6.20 -59.84
C LYS B 207 12.01 4.94 -59.33
N LYS B 208 12.55 3.75 -59.63
CA LYS B 208 11.89 2.51 -59.24
C LYS B 208 12.33 2.07 -57.84
N GLY B 209 11.59 1.12 -57.29
CA GLY B 209 11.79 0.67 -55.93
C GLY B 209 12.73 -0.52 -55.78
N LYS B 210 13.03 -1.20 -56.89
CA LYS B 210 13.96 -2.32 -56.90
C LYS B 210 14.93 -2.15 -58.05
N LEU B 211 16.11 -2.74 -57.90
CA LEU B 211 17.13 -2.77 -58.95
C LEU B 211 17.68 -4.18 -59.07
N PRO B 212 17.05 -5.04 -59.88
CA PRO B 212 17.60 -6.38 -60.08
C PRO B 212 18.96 -6.32 -60.76
N ILE B 213 19.80 -7.31 -60.45
CA ILE B 213 21.14 -7.44 -61.03
C ILE B 213 21.23 -8.82 -61.67
N VAL B 214 21.64 -8.85 -62.94
CA VAL B 214 21.48 -10.05 -63.77
C VAL B 214 22.82 -10.42 -64.41
N ASN B 215 22.84 -11.60 -65.00
CA ASN B 215 24.01 -12.11 -65.71
C ASN B 215 23.92 -11.75 -67.20
N ASP B 216 24.94 -12.15 -67.95
CA ASP B 216 24.97 -11.86 -69.38
C ASP B 216 23.73 -12.41 -70.08
N CYS B 217 23.31 -13.61 -69.73
CA CYS B 217 22.10 -14.21 -70.29
C CYS B 217 20.89 -14.03 -69.39
N ASP B 218 20.79 -12.90 -68.69
CA ASP B 218 19.62 -12.51 -67.90
C ASP B 218 19.36 -13.43 -66.72
N GLU B 219 20.38 -14.05 -66.16
CA GLU B 219 20.21 -14.83 -64.93
C GLU B 219 20.27 -13.91 -63.72
N LEU B 220 19.22 -13.94 -62.90
CA LEU B 220 19.17 -13.09 -61.72
C LEU B 220 20.16 -13.60 -60.67
N VAL B 221 21.02 -12.71 -60.18
CA VAL B 221 22.00 -13.08 -59.17
C VAL B 221 21.96 -12.17 -57.94
N ALA B 222 21.48 -10.94 -58.05
CA ALA B 222 21.41 -10.04 -56.91
C ALA B 222 20.37 -8.97 -57.18
N ILE B 223 19.89 -8.34 -56.11
CA ILE B 223 18.85 -7.32 -56.21
C ILE B 223 19.03 -6.32 -55.08
N ILE B 224 18.73 -5.06 -55.38
CA ILE B 224 18.90 -3.95 -54.45
C ILE B 224 17.53 -3.32 -54.21
N ALA B 225 17.26 -2.94 -52.96
CA ALA B 225 16.06 -2.20 -52.62
C ALA B 225 16.39 -0.72 -52.44
N ARG B 226 15.53 0.13 -53.00
CA ARG B 226 15.74 1.57 -52.89
C ARG B 226 15.73 2.02 -51.42
N THR B 227 14.81 1.48 -50.64
CA THR B 227 14.72 1.84 -49.22
C THR B 227 16.05 1.55 -48.51
N ASP B 228 16.62 0.37 -48.77
CA ASP B 228 17.91 0.03 -48.16
C ASP B 228 19.00 1.00 -48.63
N LEU B 229 19.03 1.30 -49.92
CA LEU B 229 20.10 2.15 -50.46
C LEU B 229 20.01 3.56 -49.91
N LYS B 230 18.82 4.05 -49.61
CA LYS B 230 18.67 5.39 -49.05
C LYS B 230 19.35 5.50 -47.70
N LYS B 231 19.44 4.40 -46.96
CA LYS B 231 20.00 4.40 -45.61
C LYS B 231 21.48 4.07 -45.59
N ASN B 232 22.17 4.21 -46.72
CA ASN B 232 23.57 3.77 -46.80
C ASN B 232 24.44 4.62 -45.90
N ARG B 233 25.51 4.01 -45.40
CA ARG B 233 26.46 4.68 -44.52
C ARG B 233 27.87 4.20 -44.85
N ASP B 234 28.84 4.91 -44.29
CA ASP B 234 30.25 4.55 -44.46
C ASP B 234 30.78 3.86 -43.21
N TYR B 235 31.57 2.82 -43.42
CA TYR B 235 32.19 2.03 -42.36
C TYR B 235 33.68 1.93 -42.62
N PRO B 236 34.44 2.98 -42.30
CA PRO B 236 35.88 2.95 -42.58
C PRO B 236 36.67 2.00 -41.70
N LEU B 237 36.05 1.40 -40.68
CA LEU B 237 36.73 0.51 -39.75
C LEU B 237 36.34 -0.95 -39.89
N ALA B 238 35.69 -1.34 -40.99
CA ALA B 238 35.08 -2.66 -41.08
C ALA B 238 36.13 -3.77 -41.10
N SER B 239 35.80 -4.90 -40.48
CA SER B 239 36.69 -6.06 -40.40
C SER B 239 36.43 -6.98 -41.58
N LYS B 240 37.34 -6.99 -42.55
CA LYS B 240 37.18 -7.73 -43.78
C LYS B 240 38.35 -8.69 -43.98
N ASP B 241 38.09 -9.78 -44.70
CA ASP B 241 39.15 -10.67 -45.15
C ASP B 241 39.60 -10.25 -46.55
N SER B 242 40.40 -11.11 -47.19
CA SER B 242 40.97 -10.76 -48.50
C SER B 242 39.87 -10.55 -49.54
N GLN B 243 38.81 -11.33 -49.50
CA GLN B 243 37.71 -11.22 -50.43
C GLN B 243 36.74 -10.09 -50.08
N LYS B 244 37.13 -9.18 -49.20
CA LYS B 244 36.31 -8.04 -48.81
C LYS B 244 35.04 -8.45 -48.08
N GLN B 245 34.96 -9.70 -47.65
CA GLN B 245 33.82 -10.17 -46.86
C GLN B 245 34.10 -9.97 -45.37
N LEU B 246 33.02 -9.79 -44.62
CA LEU B 246 33.14 -9.57 -43.19
C LEU B 246 33.72 -10.80 -42.50
N LEU B 247 34.50 -10.57 -41.44
CA LEU B 247 35.06 -11.66 -40.65
C LEU B 247 34.03 -12.19 -39.67
N CYS B 248 34.03 -13.51 -39.48
CA CYS B 248 33.14 -14.18 -38.54
C CYS B 248 33.92 -15.19 -37.70
N GLY B 249 33.43 -15.42 -36.48
CA GLY B 249 33.97 -16.49 -35.65
C GLY B 249 32.88 -17.42 -35.15
N ALA B 250 33.25 -18.61 -34.69
CA ALA B 250 32.29 -19.57 -34.19
C ALA B 250 32.82 -20.25 -32.94
N ALA B 251 31.90 -20.71 -32.10
CA ALA B 251 32.25 -21.54 -30.95
C ALA B 251 32.10 -23.02 -31.30
N VAL B 252 32.97 -23.84 -30.72
CA VAL B 252 32.94 -25.30 -30.87
C VAL B 252 33.32 -25.92 -29.54
N GLY B 253 32.79 -27.12 -29.29
CA GLY B 253 33.11 -27.89 -28.10
C GLY B 253 34.29 -28.81 -28.31
N THR B 254 34.41 -29.80 -27.44
CA THR B 254 35.54 -30.73 -27.45
C THR B 254 35.13 -32.18 -27.60
N ARG B 255 33.89 -32.47 -27.98
CA ARG B 255 33.45 -33.85 -28.12
C ARG B 255 33.65 -34.35 -29.55
N GLU B 256 33.16 -35.57 -29.80
CA GLU B 256 33.30 -36.17 -31.12
C GLU B 256 32.33 -35.56 -32.13
N ASP B 257 31.12 -35.21 -31.69
CA ASP B 257 30.16 -34.61 -32.60
C ASP B 257 30.63 -33.27 -33.14
N ASP B 258 31.64 -32.66 -32.52
CA ASP B 258 32.13 -31.36 -32.96
C ASP B 258 33.01 -31.45 -34.19
N LYS B 259 33.43 -32.66 -34.58
CA LYS B 259 34.16 -32.83 -35.84
C LYS B 259 33.29 -32.43 -37.03
N TYR B 260 32.04 -32.93 -37.04
CA TYR B 260 31.11 -32.59 -38.12
C TYR B 260 30.78 -31.10 -38.10
N ARG B 261 30.62 -30.54 -36.90
CA ARG B 261 30.36 -29.11 -36.78
C ARG B 261 31.50 -28.29 -37.36
N LEU B 262 32.74 -28.70 -37.08
CA LEU B 262 33.90 -28.05 -37.66
C LEU B 262 33.88 -28.16 -39.19
N ASP B 263 33.53 -29.34 -39.71
CA ASP B 263 33.45 -29.50 -41.16
C ASP B 263 32.46 -28.53 -41.78
N LEU B 264 31.26 -28.45 -41.20
CA LEU B 264 30.25 -27.56 -41.76
C LEU B 264 30.66 -26.10 -41.68
N LEU B 265 31.21 -25.68 -40.53
CA LEU B 265 31.62 -24.29 -40.38
C LEU B 265 32.75 -23.94 -41.31
N THR B 266 33.66 -24.88 -41.56
CA THR B 266 34.75 -24.63 -42.50
C THR B 266 34.23 -24.52 -43.93
N GLN B 267 33.21 -25.32 -44.27
CA GLN B 267 32.56 -25.15 -45.57
C GLN B 267 31.88 -23.79 -45.67
N ALA B 268 31.38 -23.28 -44.54
CA ALA B 268 30.72 -21.97 -44.57
C ALA B 268 31.72 -20.82 -44.64
N GLY B 269 33.02 -21.08 -44.53
CA GLY B 269 34.02 -20.05 -44.66
C GLY B 269 34.36 -19.31 -43.37
N VAL B 270 34.24 -19.95 -42.21
CA VAL B 270 34.53 -19.29 -40.95
C VAL B 270 36.02 -18.95 -40.86
N ASP B 271 36.33 -17.85 -40.19
CA ASP B 271 37.69 -17.33 -40.13
C ASP B 271 38.45 -17.71 -38.86
N VAL B 272 37.76 -17.81 -37.73
CA VAL B 272 38.42 -18.07 -36.45
C VAL B 272 37.48 -18.90 -35.59
N ILE B 273 38.05 -19.87 -34.88
CA ILE B 273 37.32 -20.78 -34.01
C ILE B 273 37.79 -20.56 -32.58
N VAL B 274 36.84 -20.56 -31.65
CA VAL B 274 37.14 -20.55 -30.22
C VAL B 274 36.61 -21.85 -29.62
N LEU B 275 37.47 -22.55 -28.88
CA LEU B 275 37.09 -23.76 -28.15
C LEU B 275 36.47 -23.34 -26.82
N ASP B 276 35.20 -23.67 -26.64
CA ASP B 276 34.35 -23.09 -25.60
C ASP B 276 34.27 -24.04 -24.40
N SER B 277 34.96 -23.70 -23.30
CA SER B 277 34.85 -24.45 -22.06
C SER B 277 35.25 -23.57 -20.88
N SER B 278 34.85 -24.03 -19.69
CA SER B 278 35.09 -23.26 -18.48
C SER B 278 36.51 -23.46 -17.95
N GLN B 279 37.19 -24.52 -18.38
CA GLN B 279 38.50 -24.94 -17.90
C GLN B 279 39.19 -25.62 -19.08
N GLY B 280 40.02 -24.84 -19.79
CA GLY B 280 40.58 -25.28 -21.06
C GLY B 280 41.79 -26.19 -20.95
N ASN B 281 42.33 -26.37 -19.74
CA ASN B 281 43.56 -27.15 -19.54
C ASN B 281 43.15 -28.62 -19.34
N SER B 282 43.01 -29.34 -20.45
CA SER B 282 42.54 -30.71 -20.42
C SER B 282 43.01 -31.45 -21.66
N VAL B 283 43.14 -32.77 -21.50
CA VAL B 283 43.51 -33.66 -22.62
C VAL B 283 42.50 -33.54 -23.75
N TYR B 284 41.22 -33.33 -23.42
CA TYR B 284 40.20 -33.20 -24.47
C TYR B 284 40.49 -32.01 -25.36
N GLN B 285 40.68 -30.83 -24.77
CA GLN B 285 40.94 -29.64 -25.57
C GLN B 285 42.27 -29.74 -26.29
N ILE B 286 43.29 -30.32 -25.65
CA ILE B 286 44.58 -30.44 -26.32
C ILE B 286 44.47 -31.33 -27.56
N ALA B 287 43.75 -32.44 -27.45
CA ALA B 287 43.53 -33.31 -28.60
C ALA B 287 42.74 -32.59 -29.69
N MET B 288 41.72 -31.81 -29.30
CA MET B 288 40.92 -31.11 -30.28
C MET B 288 41.76 -30.06 -31.03
N VAL B 289 42.63 -29.35 -30.30
CA VAL B 289 43.52 -28.38 -30.95
C VAL B 289 44.45 -29.08 -31.93
N HIS B 290 45.02 -30.22 -31.52
CA HIS B 290 45.90 -30.96 -32.42
C HIS B 290 45.15 -31.40 -33.68
N TYR B 291 43.92 -31.88 -33.51
CA TYR B 291 43.14 -32.33 -34.66
C TYR B 291 42.85 -31.17 -35.61
N ILE B 292 42.45 -30.03 -35.08
CA ILE B 292 42.14 -28.89 -35.93
C ILE B 292 43.40 -28.45 -36.69
N LYS B 293 44.54 -28.40 -36.00
CA LYS B 293 45.75 -27.96 -36.68
C LYS B 293 46.21 -28.97 -37.72
N GLN B 294 45.92 -30.26 -37.52
CA GLN B 294 46.28 -31.25 -38.53
C GLN B 294 45.38 -31.13 -39.76
N LYS B 295 44.07 -31.00 -39.56
CA LYS B 295 43.13 -31.08 -40.67
C LYS B 295 42.95 -29.77 -41.41
N TYR B 296 42.91 -28.64 -40.70
CA TYR B 296 42.70 -27.32 -41.30
C TYR B 296 43.84 -26.41 -40.89
N PRO B 297 45.04 -26.62 -41.43
CA PRO B 297 46.20 -25.81 -41.01
C PRO B 297 46.06 -24.32 -41.28
N HIS B 298 45.01 -23.88 -41.97
CA HIS B 298 44.81 -22.46 -42.24
C HIS B 298 43.96 -21.75 -41.19
N LEU B 299 43.30 -22.50 -40.30
CA LEU B 299 42.31 -21.93 -39.40
C LEU B 299 42.96 -21.43 -38.12
N GLN B 300 42.42 -20.33 -37.58
CA GLN B 300 42.92 -19.73 -36.35
C GLN B 300 42.10 -20.25 -35.18
N VAL B 301 42.76 -20.75 -34.14
CA VAL B 301 42.12 -21.39 -33.00
C VAL B 301 42.48 -20.62 -31.74
N ILE B 302 41.47 -20.28 -30.94
CA ILE B 302 41.65 -19.64 -29.64
C ILE B 302 41.36 -20.67 -28.57
N GLY B 303 42.28 -20.80 -27.61
CA GLY B 303 42.20 -21.87 -26.63
C GLY B 303 41.23 -21.56 -25.50
N GLY B 304 40.67 -22.61 -24.91
CA GLY B 304 39.64 -22.50 -23.90
C GLY B 304 40.10 -21.71 -22.70
N ASN B 305 39.14 -21.45 -21.82
CA ASN B 305 39.35 -20.48 -20.73
C ASN B 305 40.41 -20.97 -19.74
N VAL B 306 41.37 -20.10 -19.45
CA VAL B 306 42.38 -20.34 -18.43
C VAL B 306 42.49 -19.08 -17.58
N VAL B 307 43.04 -19.24 -16.37
CA VAL B 307 43.36 -18.10 -15.52
C VAL B 307 44.79 -18.16 -15.01
N THR B 308 45.61 -19.08 -15.50
CA THR B 308 46.91 -19.39 -14.93
C THR B 308 47.93 -19.63 -16.04
N ALA B 309 49.19 -19.30 -15.74
CA ALA B 309 50.27 -19.48 -16.71
C ALA B 309 50.54 -20.95 -16.99
N ALA B 310 50.42 -21.81 -15.98
CA ALA B 310 50.62 -23.24 -16.20
C ALA B 310 49.53 -23.83 -17.09
N GLN B 311 48.29 -23.39 -16.92
CA GLN B 311 47.25 -23.70 -17.91
C GLN B 311 47.65 -23.22 -19.29
N ALA B 312 48.07 -21.95 -19.40
CA ALA B 312 48.34 -21.36 -20.71
C ALA B 312 49.48 -22.08 -21.43
N LYS B 313 50.44 -22.61 -20.68
CA LYS B 313 51.59 -23.26 -21.29
C LYS B 313 51.18 -24.48 -22.12
N ASN B 314 50.28 -25.30 -21.59
CA ASN B 314 49.87 -26.51 -22.30
C ASN B 314 49.18 -26.18 -23.61
N LEU B 315 48.32 -25.18 -23.61
CA LEU B 315 47.60 -24.83 -24.82
C LEU B 315 48.50 -24.10 -25.82
N ILE B 316 49.50 -23.35 -25.35
CA ILE B 316 50.43 -22.72 -26.29
C ILE B 316 51.36 -23.78 -26.89
N ASP B 317 51.68 -24.83 -26.14
CA ASP B 317 52.41 -25.96 -26.71
C ASP B 317 51.55 -26.70 -27.72
N ALA B 318 50.25 -26.84 -27.42
CA ALA B 318 49.36 -27.54 -28.34
C ALA B 318 49.25 -26.81 -29.68
N GLY B 319 49.43 -25.49 -29.69
CA GLY B 319 49.50 -24.74 -30.93
C GLY B 319 48.37 -23.75 -31.16
N VAL B 320 47.84 -23.15 -30.09
CA VAL B 320 46.77 -22.17 -30.28
C VAL B 320 47.34 -20.86 -30.79
N ASP B 321 46.43 -20.02 -31.30
CA ASP B 321 46.80 -18.68 -31.74
C ASP B 321 46.28 -17.59 -30.80
N GLY B 322 45.39 -17.93 -29.88
CA GLY B 322 44.88 -16.97 -28.92
C GLY B 322 44.38 -17.67 -27.68
N LEU B 323 44.23 -16.89 -26.61
CA LEU B 323 43.79 -17.41 -25.33
C LEU B 323 42.63 -16.58 -24.78
N ARG B 324 41.65 -17.28 -24.23
CA ARG B 324 40.51 -16.67 -23.57
C ARG B 324 40.73 -16.80 -22.06
N VAL B 325 40.58 -15.70 -21.34
CA VAL B 325 41.08 -15.59 -19.97
C VAL B 325 39.95 -15.11 -19.08
N GLY B 326 39.65 -15.88 -18.05
CA GLY B 326 38.55 -15.59 -17.14
C GLY B 326 37.88 -16.87 -16.70
N MET B 327 37.45 -16.88 -15.44
CA MET B 327 36.77 -18.04 -14.86
C MET B 327 36.10 -17.56 -13.58
N GLY B 328 34.77 -17.47 -13.60
CA GLY B 328 34.02 -17.04 -12.45
C GLY B 328 33.62 -15.58 -12.43
N CYS B 329 34.20 -14.75 -13.31
CA CYS B 329 34.01 -13.30 -13.24
C CYS B 329 32.73 -12.83 -13.91
N GLY B 330 32.15 -13.62 -14.80
CA GLY B 330 31.03 -13.14 -15.59
C GLY B 330 29.82 -12.80 -14.73
N SER B 331 28.97 -11.93 -15.29
CA SER B 331 27.81 -11.43 -14.56
C SER B 331 26.80 -12.54 -14.25
N ILE B 332 26.63 -13.50 -15.15
CA ILE B 332 25.65 -14.57 -14.98
C ILE B 332 26.30 -15.85 -14.44
N CYS B 333 27.43 -15.73 -13.75
CA CYS B 333 28.24 -16.87 -13.33
C CYS B 333 28.09 -17.14 -11.83
N ILE B 334 28.07 -18.43 -11.48
CA ILE B 334 28.06 -18.90 -10.09
C ILE B 334 29.09 -20.00 -9.92
N THR B 335 29.99 -20.11 -10.88
CA THR B 335 30.97 -21.20 -10.89
C THR B 335 31.86 -21.16 -9.65
N GLN B 336 32.23 -19.97 -9.19
CA GLN B 336 33.05 -19.88 -7.99
C GLN B 336 32.28 -20.38 -6.77
N GLU B 337 31.02 -19.99 -6.65
CA GLU B 337 30.20 -20.40 -5.51
C GLU B 337 29.98 -21.91 -5.50
N VAL B 338 29.96 -22.55 -6.67
CA VAL B 338 29.58 -23.95 -6.77
C VAL B 338 30.79 -24.88 -6.82
N MET B 339 31.91 -24.44 -7.39
CA MET B 339 33.09 -25.29 -7.57
C MET B 339 34.28 -24.89 -6.70
N ALA B 340 34.33 -23.66 -6.20
CA ALA B 340 35.46 -23.15 -5.42
C ALA B 340 36.71 -22.96 -6.29
N CYS B 341 36.53 -22.66 -7.58
CA CYS B 341 37.62 -22.54 -8.53
C CYS B 341 37.51 -21.23 -9.30
N GLY B 342 38.63 -20.61 -9.59
CA GLY B 342 38.64 -19.38 -10.36
C GLY B 342 39.81 -18.49 -9.97
N ARG B 343 39.63 -17.19 -10.25
CA ARG B 343 40.64 -16.18 -9.99
C ARG B 343 40.01 -14.81 -10.14
N PRO B 344 40.38 -13.82 -9.33
CA PRO B 344 40.03 -12.43 -9.64
C PRO B 344 40.59 -12.00 -10.99
N GLN B 345 39.74 -11.32 -11.76
CA GLN B 345 39.94 -11.18 -13.20
C GLN B 345 41.11 -10.25 -13.53
N GLY B 346 41.25 -9.14 -12.81
CA GLY B 346 42.39 -8.25 -13.05
C GLY B 346 43.73 -8.95 -12.86
N THR B 347 43.87 -9.68 -11.77
CA THR B 347 45.08 -10.47 -11.53
C THR B 347 45.29 -11.50 -12.63
N ALA B 348 44.24 -12.24 -12.99
CA ALA B 348 44.38 -13.30 -13.99
C ALA B 348 44.81 -12.73 -15.35
N VAL B 349 44.18 -11.63 -15.77
CA VAL B 349 44.55 -11.00 -17.02
C VAL B 349 46.02 -10.59 -16.99
N TYR B 350 46.43 -9.88 -15.93
CA TYR B 350 47.82 -9.42 -15.89
C TYR B 350 48.80 -10.60 -15.95
N LYS B 351 48.58 -11.63 -15.11
CA LYS B 351 49.52 -12.75 -15.06
C LYS B 351 49.59 -13.49 -16.40
N VAL B 352 48.44 -13.82 -16.97
CA VAL B 352 48.44 -14.63 -18.18
C VAL B 352 49.00 -13.83 -19.36
N ALA B 353 48.62 -12.55 -19.49
CA ALA B 353 49.15 -11.75 -20.59
C ALA B 353 50.67 -11.59 -20.47
N GLU B 354 51.15 -11.38 -19.24
CA GLU B 354 52.58 -11.26 -19.04
C GLU B 354 53.31 -12.53 -19.47
N TYR B 355 52.75 -13.70 -19.16
CA TYR B 355 53.39 -14.93 -19.61
C TYR B 355 53.28 -15.10 -21.12
N ALA B 356 52.09 -14.84 -21.69
CA ALA B 356 51.83 -15.25 -23.07
C ALA B 356 52.52 -14.34 -24.09
N ARG B 357 52.76 -13.07 -23.75
CA ARG B 357 53.43 -12.21 -24.72
C ARG B 357 54.85 -12.66 -25.01
N ARG B 358 55.41 -13.53 -24.20
CA ARG B 358 56.75 -14.08 -24.49
C ARG B 358 56.74 -14.89 -25.77
N PHE B 359 55.62 -15.50 -26.12
CA PHE B 359 55.50 -16.35 -27.30
C PHE B 359 54.67 -15.70 -28.40
N GLY B 360 54.33 -14.43 -28.27
CA GLY B 360 53.54 -13.75 -29.28
C GLY B 360 52.10 -14.18 -29.35
N VAL B 361 51.51 -14.56 -28.22
CA VAL B 361 50.12 -15.00 -28.18
C VAL B 361 49.29 -13.91 -27.50
N PRO B 362 48.33 -13.30 -28.18
CA PRO B 362 47.44 -12.33 -27.51
C PRO B 362 46.39 -13.04 -26.67
N ILE B 363 45.79 -12.30 -25.75
CA ILE B 363 44.76 -12.84 -24.89
C ILE B 363 43.53 -11.94 -24.95
N ILE B 364 42.36 -12.55 -24.84
CA ILE B 364 41.10 -11.85 -24.69
C ILE B 364 40.72 -11.85 -23.21
N ALA B 365 40.40 -10.67 -22.68
CA ALA B 365 39.82 -10.57 -21.35
C ALA B 365 38.31 -10.77 -21.46
N ASP B 366 37.82 -11.85 -20.87
CA ASP B 366 36.43 -12.26 -21.04
C ASP B 366 35.77 -12.40 -19.67
N GLY B 367 34.74 -11.58 -19.43
CA GLY B 367 33.92 -11.69 -18.24
C GLY B 367 34.08 -10.54 -17.26
N GLY B 368 32.97 -10.10 -16.69
CA GLY B 368 32.98 -9.10 -15.64
C GLY B 368 33.17 -7.67 -16.09
N ILE B 369 33.10 -7.38 -17.38
CA ILE B 369 33.19 -5.99 -17.86
C ILE B 369 31.81 -5.35 -17.71
N GLN B 370 31.73 -4.26 -16.96
CA GLN B 370 30.47 -3.57 -16.74
C GLN B 370 30.50 -2.09 -17.14
N THR B 371 31.68 -1.50 -17.33
CA THR B 371 31.81 -0.10 -17.67
C THR B 371 32.92 0.07 -18.68
N VAL B 372 33.02 1.28 -19.24
CA VAL B 372 34.09 1.62 -20.16
C VAL B 372 35.44 1.63 -19.43
N GLY B 373 35.43 2.05 -18.15
CA GLY B 373 36.64 2.04 -17.36
C GLY B 373 37.19 0.64 -17.13
N HIS B 374 36.32 -0.35 -17.02
CA HIS B 374 36.79 -1.74 -16.96
C HIS B 374 37.51 -2.14 -18.23
N VAL B 375 37.00 -1.71 -19.39
CA VAL B 375 37.64 -2.02 -20.67
C VAL B 375 39.03 -1.40 -20.72
N VAL B 376 39.14 -0.14 -20.30
CA VAL B 376 40.42 0.55 -20.31
C VAL B 376 41.40 -0.14 -19.36
N LYS B 377 40.91 -0.56 -18.19
CA LYS B 377 41.75 -1.30 -17.24
C LYS B 377 42.21 -2.65 -17.80
N ALA B 378 41.31 -3.38 -18.46
CA ALA B 378 41.69 -4.67 -19.04
C ALA B 378 42.74 -4.50 -20.14
N LEU B 379 42.60 -3.47 -20.97
CA LEU B 379 43.61 -3.21 -21.99
C LEU B 379 44.93 -2.76 -21.40
N ALA B 380 44.91 -2.01 -20.28
CA ALA B 380 46.15 -1.56 -19.67
C ALA B 380 46.84 -2.68 -18.88
N LEU B 381 46.08 -3.67 -18.38
CA LEU B 381 46.71 -4.80 -17.71
C LEU B 381 47.31 -5.82 -18.67
N GLY B 382 47.21 -5.59 -19.98
CA GLY B 382 47.93 -6.37 -20.97
C GLY B 382 47.07 -7.09 -21.98
N ALA B 383 45.75 -7.09 -21.82
CA ALA B 383 44.89 -7.75 -22.80
C ALA B 383 44.96 -7.07 -24.17
N SER B 384 44.84 -7.87 -25.23
CA SER B 384 44.78 -7.33 -26.58
C SER B 384 43.35 -7.03 -27.02
N THR B 385 42.38 -7.79 -26.51
CA THR B 385 40.98 -7.60 -26.83
C THR B 385 40.14 -7.85 -25.59
N VAL B 386 38.89 -7.39 -25.64
CA VAL B 386 37.92 -7.53 -24.56
C VAL B 386 36.64 -8.11 -25.13
N MET B 387 36.08 -9.09 -24.44
CA MET B 387 34.82 -9.74 -24.82
C MET B 387 33.74 -9.34 -23.82
N MET B 388 32.55 -9.03 -24.32
CA MET B 388 31.44 -8.60 -23.48
C MET B 388 30.20 -9.43 -23.77
N GLY B 389 29.57 -9.93 -22.72
CA GLY B 389 28.24 -10.51 -22.83
C GLY B 389 27.13 -9.58 -22.43
N SER B 390 27.21 -9.05 -21.20
CA SER B 390 26.09 -8.31 -20.63
C SER B 390 25.98 -6.90 -21.24
N LEU B 391 27.11 -6.27 -21.55
CA LEU B 391 27.08 -4.94 -22.12
C LEU B 391 26.41 -4.93 -23.48
N LEU B 392 26.58 -5.99 -24.27
CA LEU B 392 25.96 -6.08 -25.57
C LEU B 392 24.57 -6.72 -25.55
N ALA B 393 24.13 -7.26 -24.42
CA ALA B 393 22.82 -7.88 -24.37
C ALA B 393 21.72 -6.80 -24.40
N ALA B 394 20.55 -7.21 -24.89
CA ALA B 394 19.35 -6.36 -24.97
C ALA B 394 19.49 -5.25 -26.00
N THR B 395 20.40 -5.40 -26.96
CA THR B 395 20.40 -4.54 -28.12
C THR B 395 19.49 -5.14 -29.20
N THR B 396 19.15 -4.32 -30.19
CA THR B 396 18.24 -4.80 -31.23
C THR B 396 18.83 -5.98 -31.99
N GLU B 397 20.13 -5.95 -32.25
CA GLU B 397 20.79 -7.04 -32.97
C GLU B 397 20.91 -8.30 -32.13
N ALA B 398 20.69 -8.22 -30.82
CA ALA B 398 20.79 -9.40 -29.99
C ALA B 398 19.63 -10.36 -30.29
N PRO B 399 19.87 -11.68 -30.24
CA PRO B 399 18.78 -12.63 -30.48
C PRO B 399 17.70 -12.54 -29.42
N GLY B 400 16.49 -12.90 -29.82
CA GLY B 400 15.33 -12.85 -28.95
C GLY B 400 14.45 -11.65 -29.25
N GLU B 401 13.19 -11.78 -28.85
CA GLU B 401 12.20 -10.73 -29.03
C GLU B 401 12.03 -9.99 -27.71
N TYR B 402 11.98 -8.66 -27.78
CA TYR B 402 11.79 -7.84 -26.59
C TYR B 402 10.53 -8.26 -25.84
N PHE B 403 10.41 -7.84 -24.60
CA PHE B 403 9.19 -8.07 -23.84
C PHE B 403 9.11 -7.02 -22.75
N PHE B 404 7.91 -6.83 -22.22
CA PHE B 404 7.62 -5.75 -21.29
C PHE B 404 7.32 -6.34 -19.91
N SER B 405 7.92 -5.76 -18.88
CA SER B 405 7.66 -6.16 -17.51
C SER B 405 7.66 -4.90 -16.67
N ASP B 406 6.47 -4.44 -16.29
CA ASP B 406 6.30 -3.19 -15.54
C ASP B 406 6.62 -1.97 -16.40
N GLY B 407 6.41 -2.08 -17.71
CA GLY B 407 6.53 -0.93 -18.59
C GLY B 407 7.93 -0.63 -19.08
N VAL B 408 8.88 -1.54 -18.91
CA VAL B 408 10.25 -1.34 -19.35
C VAL B 408 10.64 -2.50 -20.26
N ARG B 409 11.15 -2.17 -21.45
CA ARG B 409 11.52 -3.20 -22.42
C ARG B 409 12.71 -4.00 -21.90
N LEU B 410 12.66 -5.31 -22.09
CA LEU B 410 13.69 -6.21 -21.61
C LEU B 410 13.95 -7.31 -22.63
N LYS B 411 15.13 -7.92 -22.52
CA LYS B 411 15.49 -9.09 -23.31
C LYS B 411 16.02 -10.16 -22.37
N LYS B 412 15.86 -11.41 -22.77
CA LYS B 412 16.43 -12.52 -21.99
C LYS B 412 17.95 -12.53 -22.11
N TYR B 413 18.62 -12.76 -20.99
CA TYR B 413 20.07 -12.94 -20.96
C TYR B 413 20.39 -14.04 -19.96
N ARG B 414 20.98 -15.13 -20.44
CA ARG B 414 21.22 -16.31 -19.62
C ARG B 414 22.62 -16.84 -19.88
N GLY B 415 23.16 -17.52 -18.88
CA GLY B 415 24.45 -18.17 -19.05
C GLY B 415 24.31 -19.51 -19.73
N MET B 416 25.36 -19.92 -20.43
CA MET B 416 25.35 -21.20 -21.12
C MET B 416 25.40 -22.38 -20.16
N GLY B 417 25.63 -22.14 -18.88
CA GLY B 417 25.57 -23.18 -17.86
C GLY B 417 24.27 -23.16 -17.09
N SER B 418 23.29 -22.40 -17.57
CA SER B 418 21.97 -22.41 -16.97
C SER B 418 21.22 -23.69 -17.31
N LEU B 419 20.23 -24.02 -16.49
CA LEU B 419 19.41 -25.21 -16.75
C LEU B 419 18.60 -25.04 -18.02
N ASP B 420 18.09 -23.83 -18.28
CA ASP B 420 17.34 -23.59 -19.51
C ASP B 420 18.20 -23.84 -20.73
N ALA B 421 19.46 -23.41 -20.69
CA ALA B 421 20.34 -23.56 -21.85
C ALA B 421 20.82 -24.99 -22.02
N MET B 422 20.58 -25.86 -21.06
CA MET B 422 20.99 -27.26 -21.17
C MET B 422 19.93 -28.16 -21.77
N GLU B 423 18.73 -27.66 -22.04
CA GLU B 423 17.68 -28.47 -22.64
C GLU B 423 17.87 -28.55 -24.15
N VAL B 439 22.61 -36.27 -12.84
CA VAL B 439 21.88 -35.02 -12.64
C VAL B 439 22.78 -33.85 -13.02
N LYS B 440 22.23 -32.92 -13.79
CA LYS B 440 23.00 -31.80 -14.30
C LYS B 440 23.09 -30.70 -13.25
N ILE B 441 24.30 -30.16 -13.07
CA ILE B 441 24.56 -29.11 -12.08
C ILE B 441 24.56 -27.77 -12.82
N ALA B 442 23.79 -26.82 -12.31
CA ALA B 442 23.74 -25.50 -12.93
C ALA B 442 24.98 -24.67 -12.56
N GLN B 443 25.58 -24.05 -13.57
CA GLN B 443 26.72 -23.17 -13.38
C GLN B 443 26.45 -21.74 -13.81
N GLY B 444 25.19 -21.40 -14.12
CA GLY B 444 24.83 -20.05 -14.51
C GLY B 444 23.41 -19.76 -14.11
N VAL B 445 22.98 -18.53 -14.39
CA VAL B 445 21.62 -18.10 -14.13
C VAL B 445 21.09 -17.39 -15.38
N SER B 446 19.78 -17.20 -15.41
CA SER B 446 19.09 -16.52 -16.50
C SER B 446 18.35 -15.31 -15.94
N GLY B 447 18.51 -14.17 -16.60
CA GLY B 447 17.84 -12.95 -16.20
C GLY B 447 17.47 -12.09 -17.39
N SER B 448 17.27 -10.80 -17.16
CA SER B 448 16.86 -9.88 -18.20
C SER B 448 17.66 -8.59 -18.11
N ILE B 449 17.86 -7.94 -19.26
CA ILE B 449 18.60 -6.69 -19.35
C ILE B 449 17.74 -5.66 -20.08
N GLN B 450 17.78 -4.42 -19.60
CA GLN B 450 17.00 -3.35 -20.21
C GLN B 450 17.51 -3.04 -21.61
N ASP B 451 16.59 -2.61 -22.48
CA ASP B 451 16.93 -2.29 -23.86
C ASP B 451 17.94 -1.17 -23.93
N LYS B 452 18.85 -1.25 -24.89
CA LYS B 452 19.91 -0.25 -25.05
C LYS B 452 20.04 0.29 -26.46
N GLY B 453 19.14 -0.05 -27.37
CA GLY B 453 19.20 0.52 -28.71
C GLY B 453 19.98 -0.36 -29.66
N SER B 454 20.65 0.27 -30.63
CA SER B 454 21.36 -0.44 -31.68
C SER B 454 22.85 -0.51 -31.37
N ILE B 455 23.48 -1.62 -31.79
CA ILE B 455 24.92 -1.76 -31.68
C ILE B 455 25.62 -0.63 -32.42
N GLN B 456 25.11 -0.26 -33.59
CA GLN B 456 25.75 0.76 -34.42
C GLN B 456 25.68 2.14 -33.80
N LYS B 457 24.92 2.31 -32.73
CA LYS B 457 24.94 3.53 -31.93
C LYS B 457 25.68 3.37 -30.61
N PHE B 458 25.61 2.17 -30.01
CA PHE B 458 26.23 1.92 -28.71
C PHE B 458 27.75 1.81 -28.81
N VAL B 459 28.25 1.14 -29.85
CA VAL B 459 29.69 0.89 -29.96
C VAL B 459 30.50 2.16 -30.10
N PRO B 460 30.13 3.12 -30.97
CA PRO B 460 30.91 4.37 -31.04
C PRO B 460 30.98 5.12 -29.73
N TYR B 461 29.97 5.00 -28.88
CA TYR B 461 30.05 5.56 -27.54
C TYR B 461 31.20 4.92 -26.74
N LEU B 462 31.29 3.59 -26.78
CA LEU B 462 32.38 2.89 -26.10
C LEU B 462 33.73 3.29 -26.67
N ILE B 463 33.81 3.40 -28.00
CA ILE B 463 35.07 3.80 -28.63
C ILE B 463 35.49 5.17 -28.15
N ALA B 464 34.55 6.12 -28.10
CA ALA B 464 34.88 7.46 -27.64
C ALA B 464 35.32 7.45 -26.18
N GLY B 465 34.65 6.68 -25.33
CA GLY B 465 35.08 6.56 -23.94
C GLY B 465 36.49 6.00 -23.80
N ILE B 466 36.82 4.98 -24.58
CA ILE B 466 38.15 4.39 -24.54
C ILE B 466 39.20 5.40 -25.01
N GLN B 467 38.90 6.14 -26.09
CA GLN B 467 39.84 7.14 -26.59
C GLN B 467 40.06 8.24 -25.56
N HIS B 468 39.00 8.64 -24.85
CA HIS B 468 39.14 9.65 -23.80
C HIS B 468 39.98 9.13 -22.64
N GLY B 469 39.78 7.89 -22.22
CA GLY B 469 40.60 7.31 -21.17
C GLY B 469 42.07 7.24 -21.57
N CYS B 470 42.33 6.82 -22.80
CA CYS B 470 43.70 6.78 -23.29
C CYS B 470 44.33 8.16 -23.33
N GLN B 471 43.55 9.18 -23.72
CA GLN B 471 44.08 10.54 -23.76
C GLN B 471 44.37 11.06 -22.36
N ASP B 472 43.46 10.81 -21.40
CA ASP B 472 43.71 11.21 -20.02
C ASP B 472 44.98 10.56 -19.47
N ILE B 473 45.19 9.29 -19.81
CA ILE B 473 46.40 8.58 -19.36
C ILE B 473 47.63 9.16 -20.04
N GLY B 474 47.52 9.52 -21.31
CA GLY B 474 48.66 9.96 -22.08
C GLY B 474 49.17 8.95 -23.07
N ALA B 475 48.34 8.02 -23.52
CA ALA B 475 48.70 7.03 -24.52
C ALA B 475 47.92 7.32 -25.79
N ARG B 476 48.62 7.49 -26.91
CA ARG B 476 47.96 7.75 -28.17
C ARG B 476 47.67 6.47 -28.96
N SER B 477 48.02 5.29 -28.43
CA SER B 477 47.56 4.02 -28.96
C SER B 477 47.61 2.97 -27.86
N LEU B 478 46.84 1.90 -28.05
CA LEU B 478 46.80 0.81 -27.08
C LEU B 478 48.13 0.07 -26.99
N ASP B 479 48.84 -0.03 -28.11
CA ASP B 479 50.19 -0.59 -28.07
C ASP B 479 51.11 0.23 -27.18
N VAL B 480 51.07 1.56 -27.32
CA VAL B 480 51.88 2.44 -26.48
C VAL B 480 51.44 2.33 -25.03
N LEU B 481 50.15 2.10 -24.80
CA LEU B 481 49.65 1.92 -23.44
C LEU B 481 50.25 0.67 -22.79
N ARG B 482 50.22 -0.46 -23.50
CA ARG B 482 50.76 -1.70 -22.94
C ARG B 482 52.27 -1.61 -22.77
N SER B 483 52.97 -0.96 -23.70
CA SER B 483 54.41 -0.83 -23.56
C SER B 483 54.78 0.10 -22.40
N MET B 484 53.97 1.14 -22.17
CA MET B 484 54.17 2.00 -21.00
C MET B 484 53.96 1.20 -19.72
N MET B 485 52.97 0.31 -19.71
CA MET B 485 52.78 -0.53 -18.53
C MET B 485 53.98 -1.47 -18.32
N TYR B 486 54.52 -2.04 -19.39
CA TYR B 486 55.60 -3.00 -19.19
C TYR B 486 56.93 -2.33 -18.88
N SER B 487 57.08 -1.05 -19.24
CA SER B 487 58.32 -0.35 -18.90
C SER B 487 58.33 0.23 -17.49
N GLY B 488 57.17 0.32 -16.83
CA GLY B 488 57.06 0.97 -15.55
C GLY B 488 56.64 2.43 -15.60
N GLU B 489 56.55 3.02 -16.80
CA GLU B 489 56.07 4.40 -16.92
C GLU B 489 54.64 4.55 -16.42
N LEU B 490 53.78 3.58 -16.73
CA LEU B 490 52.40 3.63 -16.28
C LEU B 490 52.31 3.36 -14.77
N LYS B 491 51.47 4.12 -14.08
CA LYS B 491 51.40 4.09 -12.63
C LYS B 491 49.97 3.90 -12.16
N PHE B 492 49.84 3.19 -11.03
CA PHE B 492 48.55 2.76 -10.51
C PHE B 492 48.47 3.11 -9.03
N GLU B 493 47.25 3.22 -8.52
CA GLU B 493 47.00 3.31 -7.10
C GLU B 493 45.89 2.33 -6.72
N LYS B 494 46.04 1.68 -5.58
CA LYS B 494 44.99 0.87 -4.97
C LYS B 494 43.89 1.76 -4.40
N ARG B 495 42.73 1.16 -4.19
CA ARG B 495 41.58 1.85 -3.63
C ARG B 495 41.06 1.10 -2.40
N THR B 496 40.84 1.84 -1.31
CA THR B 496 40.08 1.29 -0.20
C THR B 496 38.59 1.31 -0.55
N MET B 497 37.80 0.69 0.33
CA MET B 497 36.35 0.71 0.17
C MET B 497 35.81 2.12 0.27
N SER B 498 36.36 2.93 1.18
CA SER B 498 35.96 4.33 1.26
C SER B 498 36.29 5.06 -0.03
N ALA B 499 37.46 4.78 -0.61
CA ALA B 499 37.83 5.42 -1.87
C ALA B 499 36.89 5.00 -2.99
N GLN B 500 36.47 3.73 -3.00
CA GLN B 500 35.55 3.27 -4.03
C GLN B 500 34.19 3.93 -3.87
N ILE B 501 33.73 4.11 -2.64
CA ILE B 501 32.48 4.85 -2.40
C ILE B 501 32.63 6.29 -2.85
N GLU B 502 33.77 6.91 -2.54
CA GLU B 502 34.04 8.29 -2.93
C GLU B 502 34.17 8.45 -4.44
N GLY B 503 34.50 7.36 -5.16
CA GLY B 503 34.62 7.39 -6.59
C GLY B 503 33.31 7.33 -7.34
N GLY B 504 32.22 7.04 -6.64
CA GLY B 504 30.90 6.99 -7.25
C GLY B 504 30.07 8.21 -6.94
N VAL B 505 28.77 8.11 -7.23
CA VAL B 505 27.82 9.16 -6.94
C VAL B 505 27.44 9.06 -5.47
N HIS B 506 27.64 10.16 -4.73
CA HIS B 506 27.41 10.15 -3.29
C HIS B 506 26.93 11.53 -2.85
N GLY B 507 26.11 11.53 -1.80
CA GLY B 507 25.71 12.77 -1.15
C GLY B 507 24.61 13.55 -1.82
N LEU B 508 23.78 12.91 -2.64
CA LEU B 508 22.68 13.56 -3.34
C LEU B 508 21.35 13.01 -2.84
N HIS B 509 20.35 13.90 -2.73
CA HIS B 509 18.99 13.43 -2.46
C HIS B 509 18.48 12.53 -3.57
N SER B 510 18.68 12.92 -4.82
CA SER B 510 18.30 12.09 -5.95
C SER B 510 19.10 12.57 -7.16
N TYR B 511 19.18 11.70 -8.16
CA TYR B 511 19.89 12.03 -9.39
C TYR B 511 19.42 11.10 -10.49
N THR B 512 19.73 11.47 -11.73
CA THR B 512 19.37 10.67 -12.89
C THR B 512 20.52 10.64 -13.91
N TYR C 14 58.82 10.07 31.30
CA TYR C 14 58.85 9.68 29.90
C TYR C 14 57.53 9.06 29.48
N VAL C 15 57.07 9.37 28.28
CA VAL C 15 55.89 8.76 27.70
C VAL C 15 56.23 8.33 26.27
N PRO C 16 55.95 7.10 25.87
CA PRO C 16 56.22 6.70 24.48
C PRO C 16 55.20 7.33 23.53
N GLU C 17 55.61 7.45 22.27
CA GLU C 17 54.73 8.05 21.27
C GLU C 17 53.63 7.08 20.86
N ASP C 18 52.48 7.65 20.52
CA ASP C 18 51.33 6.93 20.02
C ASP C 18 51.00 7.43 18.62
N GLY C 19 50.46 6.55 17.78
CA GLY C 19 50.00 6.96 16.47
C GLY C 19 51.09 7.04 15.39
N LEU C 20 50.67 7.55 14.25
CA LEU C 20 51.52 7.66 13.07
C LEU C 20 51.66 9.13 12.65
N THR C 21 52.82 9.47 12.09
CA THR C 21 52.95 10.72 11.35
C THR C 21 52.24 10.60 10.01
N ALA C 22 52.09 11.72 9.32
CA ALA C 22 51.49 11.70 7.99
C ALA C 22 52.35 10.90 7.01
N GLN C 23 53.66 11.07 7.10
CA GLN C 23 54.59 10.32 6.27
C GLN C 23 54.44 8.82 6.48
N GLN C 24 54.30 8.38 7.74
CA GLN C 24 54.08 6.97 8.01
C GLN C 24 52.68 6.52 7.56
N LEU C 25 51.69 7.39 7.73
CA LEU C 25 50.32 7.08 7.33
C LEU C 25 50.25 6.75 5.84
N PHE C 26 50.95 7.50 5.01
CA PHE C 26 50.82 7.31 3.58
C PHE C 26 51.91 6.42 2.98
N ALA C 27 52.76 5.81 3.80
CA ALA C 27 53.86 5.00 3.28
C ALA C 27 53.37 3.66 2.74
N SER C 28 52.26 3.13 3.27
CA SER C 28 51.77 1.83 2.85
C SER C 28 51.20 1.84 1.44
N ALA C 29 50.76 3.00 0.95
CA ALA C 29 50.15 3.12 -0.38
C ALA C 29 48.86 2.31 -0.47
N ASP C 30 47.91 2.63 0.41
CA ASP C 30 46.64 1.91 0.45
C ASP C 30 45.58 2.54 -0.46
N GLY C 31 45.70 3.82 -0.76
CA GLY C 31 44.63 4.55 -1.41
C GLY C 31 43.61 5.06 -0.43
N LEU C 32 44.07 5.89 0.51
CA LEU C 32 43.24 6.38 1.60
C LEU C 32 42.41 7.60 1.20
N THR C 33 41.21 7.68 1.73
CA THR C 33 40.37 8.87 1.66
C THR C 33 40.17 9.43 3.07
N TYR C 34 39.38 10.50 3.17
CA TYR C 34 39.18 11.19 4.44
C TYR C 34 38.58 10.27 5.50
N ASN C 35 37.71 9.34 5.09
CA ASN C 35 37.03 8.46 6.03
C ASN C 35 37.89 7.29 6.49
N ASP C 36 39.13 7.19 6.02
CA ASP C 36 39.99 6.07 6.36
C ASP C 36 40.89 6.33 7.56
N PHE C 37 40.85 7.52 8.17
CA PHE C 37 41.75 7.85 9.26
C PHE C 37 41.11 8.92 10.15
N LEU C 38 41.79 9.20 11.26
CA LEU C 38 41.44 10.28 12.18
C LEU C 38 42.71 10.97 12.64
N ILE C 39 42.52 12.13 13.28
CA ILE C 39 43.58 12.84 13.98
C ILE C 39 43.45 12.57 15.47
N LEU C 40 44.57 12.45 16.15
CA LEU C 40 44.58 12.18 17.58
C LEU C 40 44.58 13.49 18.37
N PRO C 41 43.84 13.56 19.48
CA PRO C 41 43.79 14.81 20.25
C PRO C 41 45.12 15.17 20.90
N GLY C 42 45.32 16.46 21.12
CA GLY C 42 46.53 16.96 21.75
C GLY C 42 46.31 17.59 23.10
N PHE C 43 46.91 18.76 23.33
CA PHE C 43 46.82 19.48 24.59
C PHE C 43 46.11 20.81 24.37
N ILE C 44 45.17 21.12 25.25
CA ILE C 44 44.32 22.31 25.12
C ILE C 44 44.77 23.34 26.16
N ASP C 45 45.15 24.54 25.67
CA ASP C 45 45.47 25.66 26.56
C ASP C 45 44.96 26.98 25.97
N PHE C 46 43.86 26.95 25.24
CA PHE C 46 43.28 28.15 24.65
C PHE C 46 41.82 27.84 24.34
N ILE C 47 41.06 28.87 23.98
CA ILE C 47 39.66 28.68 23.65
C ILE C 47 39.48 28.66 22.13
N ALA C 48 38.38 28.06 21.68
CA ALA C 48 38.18 27.82 20.26
C ALA C 48 38.07 29.12 19.47
N ASP C 49 37.53 30.18 20.08
CA ASP C 49 37.43 31.47 19.37
C ASP C 49 38.77 32.14 19.17
N GLU C 50 39.84 31.67 19.84
CA GLU C 50 41.17 32.22 19.59
C GLU C 50 41.80 31.67 18.32
N VAL C 51 41.20 30.66 17.69
CA VAL C 51 41.87 29.94 16.61
C VAL C 51 41.83 30.78 15.34
N ASP C 52 43.01 30.98 14.75
CA ASP C 52 43.18 31.82 13.57
C ASP C 52 43.06 30.99 12.29
N LEU C 53 42.30 31.49 11.32
CA LEU C 53 41.99 30.74 10.11
C LEU C 53 42.51 31.39 8.83
N THR C 54 43.47 32.30 8.92
CA THR C 54 43.96 32.98 7.72
C THR C 54 44.63 32.00 6.75
N SER C 55 44.30 32.14 5.47
CA SER C 55 44.66 31.14 4.46
C SER C 55 45.17 31.80 3.19
N ALA C 56 46.32 31.34 2.71
CA ALA C 56 46.81 31.73 1.39
C ALA C 56 45.97 31.07 0.30
N LEU C 57 45.49 31.88 -0.64
CA LEU C 57 44.79 31.40 -1.82
C LEU C 57 45.72 31.25 -3.02
N THR C 58 46.55 32.25 -3.27
CA THR C 58 47.59 32.22 -4.28
C THR C 58 48.88 32.74 -3.67
N ARG C 59 49.87 32.95 -4.52
CA ARG C 59 51.12 33.56 -4.08
C ARG C 59 50.87 34.92 -3.44
N LYS C 60 49.84 35.63 -3.89
CA LYS C 60 49.60 37.03 -3.51
C LYS C 60 48.36 37.24 -2.65
N ILE C 61 47.29 36.48 -2.87
CA ILE C 61 46.02 36.75 -2.21
C ILE C 61 45.92 35.92 -0.93
N THR C 62 45.57 36.56 0.18
CA THR C 62 45.33 35.91 1.45
C THR C 62 43.90 36.18 1.91
N LEU C 63 43.25 35.15 2.44
CA LEU C 63 41.91 35.26 2.99
C LEU C 63 41.95 35.00 4.49
N LYS C 64 40.87 35.37 5.17
CA LYS C 64 40.70 35.10 6.59
C LYS C 64 39.92 33.83 6.86
N THR C 65 39.46 33.15 5.82
CA THR C 65 38.66 31.96 5.90
C THR C 65 39.15 31.07 4.75
N PRO C 66 39.17 29.75 4.93
CA PRO C 66 39.65 28.87 3.85
C PRO C 66 38.56 28.38 2.90
N LEU C 67 37.31 28.80 3.04
CA LEU C 67 36.22 28.24 2.26
C LEU C 67 36.07 28.97 0.91
N ILE C 68 35.84 28.18 -0.14
CA ILE C 68 35.68 28.68 -1.50
C ILE C 68 34.47 28.01 -2.13
N SER C 69 33.75 28.75 -2.96
CA SER C 69 32.60 28.22 -3.67
C SER C 69 33.02 27.77 -5.07
N SER C 70 32.55 26.60 -5.47
CA SER C 70 33.00 26.00 -6.73
C SER C 70 32.44 26.76 -7.94
N PRO C 71 33.25 26.95 -9.00
CA PRO C 71 32.71 27.58 -10.23
C PRO C 71 31.82 26.66 -11.04
N MET C 72 30.63 26.38 -10.52
CA MET C 72 29.63 25.57 -11.18
C MET C 72 28.37 26.41 -11.38
N ASP C 73 27.61 26.08 -12.44
CA ASP C 73 26.46 26.91 -12.77
C ASP C 73 25.26 26.67 -11.87
N THR C 74 25.34 25.71 -10.95
CA THR C 74 24.36 25.57 -9.89
C THR C 74 24.91 25.94 -8.52
N VAL C 75 26.06 26.62 -8.46
CA VAL C 75 26.63 27.00 -7.18
C VAL C 75 26.90 28.52 -7.12
N THR C 76 27.76 29.03 -8.00
CA THR C 76 28.31 30.39 -7.84
C THR C 76 27.91 31.32 -8.99
N GLU C 77 27.11 32.32 -8.64
CA GLU C 77 26.92 33.56 -9.39
C GLU C 77 27.30 34.73 -8.47
N ALA C 78 26.95 35.94 -8.90
CA ALA C 78 27.33 37.14 -8.15
C ALA C 78 26.82 37.12 -6.71
N ASP C 79 25.61 36.61 -6.47
CA ASP C 79 25.07 36.63 -5.12
C ASP C 79 25.90 35.74 -4.20
N MET C 80 26.15 34.51 -4.63
CA MET C 80 26.99 33.59 -3.86
C MET C 80 28.37 34.19 -3.67
N ALA C 81 28.93 34.80 -4.72
CA ALA C 81 30.26 35.38 -4.63
C ALA C 81 30.31 36.49 -3.59
N ILE C 82 29.34 37.41 -3.61
CA ILE C 82 29.32 38.51 -2.64
C ILE C 82 29.18 37.97 -1.22
N ALA C 83 28.28 37.00 -1.03
CA ALA C 83 28.09 36.44 0.30
C ALA C 83 29.36 35.75 0.81
N MET C 84 30.03 34.98 -0.05
CA MET C 84 31.28 34.32 0.33
C MET C 84 32.34 35.35 0.71
N ALA C 85 32.50 36.37 -0.13
CA ALA C 85 33.51 37.39 0.14
C ALA C 85 33.22 38.12 1.46
N LEU C 86 31.96 38.42 1.73
CA LEU C 86 31.60 39.07 2.99
C LEU C 86 31.88 38.16 4.19
N MET C 87 31.51 36.87 4.07
CA MET C 87 31.78 35.90 5.13
C MET C 87 33.27 35.66 5.32
N GLY C 88 34.11 35.99 4.35
CA GLY C 88 35.54 35.86 4.50
C GLY C 88 36.21 34.90 3.53
N GLY C 89 35.46 34.27 2.65
CA GLY C 89 36.00 33.41 1.60
C GLY C 89 36.04 34.09 0.26
N ILE C 90 35.62 33.36 -0.77
CA ILE C 90 35.59 33.89 -2.14
C ILE C 90 34.80 32.93 -3.02
N GLY C 91 34.24 33.45 -4.11
CA GLY C 91 33.60 32.64 -5.13
C GLY C 91 34.31 32.81 -6.47
N PHE C 92 34.25 31.76 -7.28
CA PHE C 92 34.66 31.83 -8.68
C PHE C 92 33.41 31.75 -9.55
N ILE C 93 33.26 32.71 -10.47
CA ILE C 93 32.11 32.69 -11.38
C ILE C 93 32.34 31.63 -12.45
N HIS C 94 31.34 30.78 -12.65
CA HIS C 94 31.38 29.77 -13.69
C HIS C 94 31.42 30.42 -15.08
N HIS C 95 31.67 29.59 -16.09
CA HIS C 95 31.71 30.06 -17.48
C HIS C 95 30.85 29.21 -18.40
N ASN C 96 29.85 28.53 -17.85
CA ASN C 96 28.79 27.90 -18.65
C ASN C 96 27.75 28.95 -19.05
N CYS C 97 28.21 29.95 -19.79
CA CYS C 97 27.41 31.13 -20.07
C CYS C 97 28.14 31.95 -21.13
N THR C 98 27.58 33.12 -21.45
CA THR C 98 28.19 34.04 -22.39
C THR C 98 29.30 34.84 -21.71
N PRO C 99 30.35 35.22 -22.46
CA PRO C 99 31.36 36.10 -21.86
C PRO C 99 30.81 37.42 -21.33
N GLU C 100 29.87 38.03 -22.05
CA GLU C 100 29.26 39.27 -21.56
C GLU C 100 28.51 39.02 -20.26
N PHE C 101 27.78 37.91 -20.18
CA PHE C 101 27.03 37.59 -18.97
C PHE C 101 27.97 37.40 -17.78
N GLN C 102 29.07 36.67 -18.00
CA GLN C 102 30.04 36.45 -16.93
C GLN C 102 30.68 37.76 -16.49
N ALA C 103 31.04 38.61 -17.45
CA ALA C 103 31.64 39.89 -17.11
C ALA C 103 30.68 40.74 -16.31
N ASN C 104 29.39 40.70 -16.66
CA ASN C 104 28.39 41.45 -15.91
C ASN C 104 28.27 40.93 -14.48
N GLU C 105 28.32 39.61 -14.31
CA GLU C 105 28.29 39.04 -12.96
C GLU C 105 29.48 39.52 -12.14
N VAL C 106 30.67 39.50 -12.75
CA VAL C 106 31.86 39.96 -12.06
C VAL C 106 31.75 41.45 -11.70
N ARG C 107 31.19 42.24 -12.61
CA ARG C 107 30.98 43.67 -12.35
C ARG C 107 30.03 43.87 -11.17
N LYS C 108 28.95 43.09 -11.10
CA LYS C 108 28.04 43.19 -9.99
C LYS C 108 28.74 42.89 -8.67
N VAL C 109 29.58 41.85 -8.64
CA VAL C 109 30.32 41.56 -7.41
C VAL C 109 31.27 42.71 -7.07
N LYS C 110 31.97 43.24 -8.08
CA LYS C 110 33.02 44.22 -7.83
C LYS C 110 32.50 45.58 -7.42
N LYS C 111 31.29 45.96 -7.85
CA LYS C 111 30.74 47.27 -7.52
C LYS C 111 29.76 47.21 -6.35
N PHE C 112 29.63 46.06 -5.70
CA PHE C 112 28.76 45.95 -4.53
C PHE C 112 29.25 46.86 -3.41
N GLU C 113 28.31 47.41 -2.66
CA GLU C 113 28.58 48.20 -1.47
C GLU C 113 27.56 47.82 -0.41
N GLN C 114 27.94 47.91 0.85
CA GLN C 114 27.05 47.52 1.93
C GLN C 114 26.12 48.68 2.28
N GLY C 115 24.82 48.42 2.24
CA GLY C 115 23.81 49.43 2.49
C GLY C 115 23.42 50.26 1.29
N PHE C 116 24.01 50.03 0.13
CA PHE C 116 23.70 50.79 -1.07
C PHE C 116 22.97 49.92 -2.07
N ILE C 117 22.23 50.56 -2.96
CA ILE C 117 21.55 49.86 -4.03
C ILE C 117 22.52 49.69 -5.20
N THR C 118 22.49 48.51 -5.80
CA THR C 118 23.35 48.19 -6.94
C THR C 118 22.50 48.21 -8.21
N ASP C 119 22.86 49.08 -9.15
CA ASP C 119 22.06 49.28 -10.35
C ASP C 119 20.66 49.75 -10.01
N PRO C 120 20.50 50.98 -9.54
CA PRO C 120 19.15 51.51 -9.29
C PRO C 120 18.33 51.62 -10.57
N VAL C 121 17.02 51.48 -10.44
CA VAL C 121 16.10 51.77 -11.53
C VAL C 121 15.79 53.26 -11.55
N VAL C 122 15.83 53.86 -12.73
CA VAL C 122 15.61 55.29 -12.89
C VAL C 122 14.66 55.52 -14.06
N LEU C 123 14.03 56.69 -14.07
CA LEU C 123 13.10 57.09 -15.11
C LEU C 123 13.24 58.59 -15.38
N SER C 124 12.81 58.99 -16.57
CA SER C 124 12.78 60.39 -16.96
C SER C 124 11.44 61.02 -16.63
N PRO C 125 11.38 62.34 -16.48
CA PRO C 125 10.10 62.99 -16.16
C PRO C 125 9.03 62.80 -17.22
N SER C 126 9.42 62.47 -18.45
CA SER C 126 8.47 62.28 -19.54
C SER C 126 7.84 60.89 -19.53
N HIS C 127 8.22 60.03 -18.59
CA HIS C 127 7.55 58.75 -18.44
C HIS C 127 6.17 58.95 -17.84
N THR C 128 5.38 57.89 -17.85
CA THR C 128 4.02 57.91 -17.36
C THR C 128 3.90 57.12 -16.06
N VAL C 129 2.85 57.41 -15.29
CA VAL C 129 2.58 56.64 -14.09
C VAL C 129 2.38 55.17 -14.43
N GLY C 130 1.97 54.87 -15.66
CA GLY C 130 1.93 53.49 -16.10
C GLY C 130 3.30 52.85 -16.08
N ASP C 131 4.34 53.60 -16.43
CA ASP C 131 5.70 53.09 -16.35
C ASP C 131 6.07 52.73 -14.92
N VAL C 132 5.72 53.59 -13.96
CA VAL C 132 6.00 53.29 -12.56
C VAL C 132 5.23 52.05 -12.11
N LEU C 133 3.97 51.95 -12.51
CA LEU C 133 3.17 50.78 -12.14
C LEU C 133 3.78 49.51 -12.73
N GLU C 134 4.25 49.56 -13.97
CA GLU C 134 4.87 48.39 -14.59
C GLU C 134 6.17 48.03 -13.89
N ALA C 135 6.97 49.03 -13.54
CA ALA C 135 8.20 48.77 -12.80
C ALA C 135 7.89 48.09 -11.47
N LYS C 136 6.89 48.60 -10.76
CA LYS C 136 6.43 47.94 -9.53
C LYS C 136 6.04 46.49 -9.81
N MET C 137 5.23 46.26 -10.84
CA MET C 137 4.74 44.91 -11.10
C MET C 137 5.86 43.95 -11.43
N ARG C 138 6.86 44.41 -12.19
CA ARG C 138 7.89 43.52 -12.72
C ARG C 138 9.18 43.51 -11.91
N HIS C 139 9.30 44.32 -10.86
CA HIS C 139 10.48 44.28 -10.01
C HIS C 139 10.18 44.18 -8.52
N GLY C 140 9.01 44.63 -8.07
CA GLY C 140 8.62 44.51 -6.68
C GLY C 140 8.73 45.77 -5.86
N PHE C 141 9.13 46.89 -6.45
CA PHE C 141 9.31 48.13 -5.70
C PHE C 141 8.90 49.31 -6.56
N SER C 142 8.64 50.44 -5.90
CA SER C 142 8.20 51.65 -6.60
C SER C 142 8.94 52.92 -6.19
N GLY C 143 9.96 52.84 -5.35
CA GLY C 143 10.70 54.03 -4.96
C GLY C 143 11.75 54.41 -5.99
N ILE C 144 11.31 54.95 -7.12
CA ILE C 144 12.14 55.14 -8.30
C ILE C 144 12.47 56.62 -8.42
N PRO C 145 13.74 57.03 -8.34
CA PRO C 145 14.07 58.44 -8.58
C PRO C 145 13.92 58.82 -10.05
N ILE C 146 13.80 60.12 -10.28
CA ILE C 146 13.59 60.69 -11.60
C ILE C 146 14.79 61.57 -11.94
N THR C 147 15.29 61.43 -13.17
CA THR C 147 16.44 62.19 -13.63
C THR C 147 16.13 62.80 -14.99
N GLU C 148 16.85 63.87 -15.33
CA GLU C 148 16.58 64.59 -16.56
C GLU C 148 16.62 63.67 -17.78
N THR C 149 17.68 62.89 -17.91
CA THR C 149 17.86 62.01 -19.06
C THR C 149 17.24 60.63 -18.85
N GLY C 150 16.66 60.37 -17.68
CA GLY C 150 16.08 59.08 -17.40
C GLY C 150 17.05 58.01 -16.96
N THR C 151 18.29 58.39 -16.62
CA THR C 151 19.31 57.42 -16.26
C THR C 151 20.34 58.12 -15.38
N MET C 152 21.23 57.32 -14.81
CA MET C 152 22.21 57.86 -13.87
C MET C 152 23.19 58.78 -14.60
N GLY C 153 23.81 59.67 -13.83
CA GLY C 153 24.80 60.58 -14.38
C GLY C 153 24.26 61.85 -14.98
N SER C 154 23.05 62.27 -14.59
CA SER C 154 22.47 63.51 -15.07
C SER C 154 21.68 64.17 -13.95
N LYS C 155 21.27 65.42 -14.19
CA LYS C 155 20.65 66.22 -13.14
C LYS C 155 19.44 65.51 -12.55
N LEU C 156 19.39 65.48 -11.21
CA LEU C 156 18.26 64.89 -10.49
C LEU C 156 17.10 65.88 -10.43
N VAL C 157 15.89 65.41 -10.71
CA VAL C 157 14.73 66.27 -10.76
C VAL C 157 13.66 65.91 -9.75
N GLY C 158 13.59 64.65 -9.29
CA GLY C 158 12.56 64.29 -8.35
C GLY C 158 12.55 62.79 -8.09
N ILE C 159 11.52 62.36 -7.35
CA ILE C 159 11.33 60.96 -7.00
C ILE C 159 9.84 60.66 -6.92
N VAL C 160 9.48 59.42 -7.23
CA VAL C 160 8.11 58.97 -7.24
C VAL C 160 8.02 57.66 -6.46
N THR C 161 7.01 57.54 -5.59
CA THR C 161 6.84 56.33 -4.78
C THR C 161 5.36 55.97 -4.70
N SER C 162 5.09 54.94 -3.89
CA SER C 162 3.75 54.40 -3.76
C SER C 162 2.78 55.46 -3.26
N ARG C 163 3.19 56.28 -2.29
CA ARG C 163 2.29 57.27 -1.75
C ARG C 163 2.12 58.47 -2.67
N ASP C 164 2.91 58.55 -3.74
CA ASP C 164 2.65 59.49 -4.82
C ASP C 164 1.75 58.91 -5.89
N ILE C 165 1.72 57.60 -6.04
CA ILE C 165 0.99 56.95 -7.14
C ILE C 165 -0.34 56.37 -6.68
N ASP C 166 -0.57 56.26 -5.37
CA ASP C 166 -1.58 55.35 -4.83
C ASP C 166 -3.01 55.84 -4.98
N PHE C 167 -3.27 57.15 -4.92
CA PHE C 167 -4.64 57.67 -4.94
C PHE C 167 -5.09 58.16 -6.30
N LEU C 168 -4.30 57.95 -7.35
CA LEU C 168 -4.70 58.36 -8.68
C LEU C 168 -5.75 57.41 -9.26
N ALA C 169 -6.57 57.95 -10.15
CA ALA C 169 -7.58 57.16 -10.82
C ALA C 169 -6.95 56.16 -11.77
N GLU C 170 -7.60 55.00 -11.92
CA GLU C 170 -7.07 53.93 -12.76
C GLU C 170 -6.99 54.33 -14.22
N LYS C 171 -7.95 55.12 -14.73
CA LYS C 171 -7.90 55.54 -16.11
C LYS C 171 -6.76 56.52 -16.37
N ASP C 172 -6.18 57.10 -15.31
CA ASP C 172 -5.14 58.10 -15.46
C ASP C 172 -3.83 57.44 -15.87
N HIS C 173 -3.20 57.96 -16.93
CA HIS C 173 -1.89 57.52 -17.39
C HIS C 173 -1.01 58.74 -17.65
N THR C 174 -1.26 59.83 -16.95
CA THR C 174 -0.57 61.08 -17.21
C THR C 174 0.94 60.93 -16.94
N THR C 175 1.71 61.84 -17.52
CA THR C 175 3.15 61.82 -17.34
C THR C 175 3.52 62.22 -15.92
N LEU C 176 4.78 61.95 -15.57
CA LEU C 176 5.31 62.37 -14.28
C LEU C 176 5.55 63.87 -14.31
N LEU C 177 6.22 64.39 -13.29
CA LEU C 177 6.47 65.82 -13.18
C LEU C 177 5.16 66.58 -13.10
N VAL C 180 2.78 64.60 -9.78
CA VAL C 180 3.08 63.25 -9.29
C VAL C 180 4.49 63.21 -8.70
N MET C 181 5.45 63.70 -9.49
CA MET C 181 6.84 63.73 -9.04
C MET C 181 7.07 64.92 -8.13
N THR C 182 7.66 64.65 -6.96
CA THR C 182 8.04 65.73 -6.07
C THR C 182 9.28 66.44 -6.62
N PRO C 183 9.33 67.76 -6.61
CA PRO C 183 10.45 68.47 -7.25
C PRO C 183 11.76 68.27 -6.49
N ARG C 184 12.85 68.60 -7.18
CA ARG C 184 14.17 68.49 -6.58
C ARG C 184 14.31 69.41 -5.38
N ILE C 185 13.73 70.61 -5.45
CA ILE C 185 13.83 71.57 -4.36
C ILE C 185 13.31 70.96 -3.06
N GLU C 186 12.40 69.99 -3.16
CA GLU C 186 11.80 69.37 -1.98
C GLU C 186 12.53 68.11 -1.53
N LEU C 187 13.55 67.67 -2.27
CA LEU C 187 14.23 66.42 -1.94
C LEU C 187 15.24 66.61 -0.82
N VAL C 188 15.46 65.54 -0.06
CA VAL C 188 16.51 65.48 0.95
C VAL C 188 17.58 64.52 0.43
N VAL C 189 18.73 65.07 0.05
CA VAL C 189 19.79 64.31 -0.60
C VAL C 189 21.10 64.56 0.14
N ALA C 190 22.10 63.74 -0.18
CA ALA C 190 23.42 63.83 0.43
C ALA C 190 24.51 63.85 -0.64
N PRO C 191 25.66 64.47 -0.35
CA PRO C 191 26.73 64.54 -1.35
C PRO C 191 27.39 63.19 -1.55
N ALA C 192 28.16 63.08 -2.64
CA ALA C 192 28.68 61.79 -3.07
C ALA C 192 29.56 61.12 -2.03
N GLY C 193 30.11 61.87 -1.08
CA GLY C 193 30.98 61.29 -0.07
C GLY C 193 30.24 60.78 1.15
N VAL C 194 29.11 60.08 0.94
CA VAL C 194 28.31 59.60 2.07
C VAL C 194 29.04 58.46 2.77
N THR C 195 28.93 58.44 4.10
CA THR C 195 29.29 57.29 4.92
C THR C 195 28.04 56.80 5.63
N LEU C 196 28.02 55.51 5.98
CA LEU C 196 26.79 54.93 6.52
C LEU C 196 26.32 55.63 7.79
N LYS C 197 27.23 56.17 8.61
CA LYS C 197 26.79 56.89 9.80
C LYS C 197 26.03 58.16 9.42
N GLU C 198 26.56 58.92 8.45
CA GLU C 198 25.86 60.11 7.99
C GLU C 198 24.54 59.75 7.33
N ALA C 199 24.49 58.63 6.60
CA ALA C 199 23.23 58.16 6.05
C ALA C 199 22.23 57.86 7.16
N ASN C 200 22.69 57.21 8.23
CA ASN C 200 21.82 56.91 9.35
C ASN C 200 21.27 58.19 9.97
N GLU C 201 22.13 59.18 10.21
CA GLU C 201 21.67 60.43 10.79
C GLU C 201 20.65 61.10 9.88
N ILE C 202 20.96 61.19 8.58
CA ILE C 202 20.08 61.87 7.64
C ILE C 202 18.72 61.19 7.60
N LEU C 203 18.71 59.86 7.49
CA LEU C 203 17.45 59.15 7.38
C LEU C 203 16.67 59.20 8.68
N GLN C 204 17.35 59.14 9.82
CA GLN C 204 16.64 59.23 11.10
C GLN C 204 15.98 60.60 11.24
N ARG C 205 16.65 61.66 10.81
CA ARG C 205 16.04 62.98 10.87
C ARG C 205 14.87 63.10 9.89
N SER C 206 15.05 62.60 8.66
CA SER C 206 14.10 62.90 7.59
C SER C 206 12.89 61.98 7.60
N LYS C 207 13.03 60.75 8.10
CA LYS C 207 11.96 59.77 8.16
C LYS C 207 11.55 59.23 6.79
N LYS C 208 12.33 59.51 5.75
CA LYS C 208 11.94 59.12 4.40
C LYS C 208 12.45 57.71 4.07
N GLY C 209 11.92 57.15 2.99
CA GLY C 209 12.21 55.78 2.62
C GLY C 209 13.37 55.61 1.66
N LYS C 210 13.82 56.71 1.04
CA LYS C 210 14.97 56.69 0.15
C LYS C 210 15.90 57.83 0.51
N LEU C 211 17.18 57.66 0.18
CA LEU C 211 18.19 58.70 0.35
C LEU C 211 19.03 58.79 -0.91
N PRO C 212 18.62 59.59 -1.88
CA PRO C 212 19.45 59.78 -3.08
C PRO C 212 20.78 60.44 -2.73
N ILE C 213 21.80 60.10 -3.51
CA ILE C 213 23.13 60.66 -3.36
C ILE C 213 23.52 61.28 -4.69
N VAL C 214 23.95 62.55 -4.66
CA VAL C 214 24.07 63.36 -5.86
C VAL C 214 25.46 63.97 -5.95
N ASN C 215 25.74 64.58 -7.10
CA ASN C 215 27.00 65.26 -7.35
C ASN C 215 26.86 66.75 -7.03
N ASP C 216 27.96 67.49 -7.23
CA ASP C 216 27.95 68.92 -6.95
C ASP C 216 26.87 69.63 -7.75
N CYS C 217 26.70 69.26 -9.03
CA CYS C 217 25.66 69.82 -9.88
C CYS C 217 24.42 68.94 -9.94
N ASP C 218 24.08 68.26 -8.85
CA ASP C 218 22.84 67.50 -8.71
C ASP C 218 22.76 66.30 -9.66
N GLU C 219 23.90 65.71 -10.04
CA GLU C 219 23.87 64.48 -10.82
C GLU C 219 23.72 63.29 -9.90
N LEU C 220 22.68 62.49 -10.12
CA LEU C 220 22.44 61.31 -9.30
C LEU C 220 23.50 60.26 -9.57
N VAL C 221 24.13 59.74 -8.52
CA VAL C 221 25.15 58.72 -8.66
C VAL C 221 24.92 57.51 -7.76
N ALA C 222 24.18 57.64 -6.66
CA ALA C 222 23.90 56.50 -5.80
C ALA C 222 22.65 56.81 -4.97
N ILE C 223 22.04 55.75 -4.45
CA ILE C 223 20.80 55.87 -3.68
C ILE C 223 20.76 54.76 -2.65
N ILE C 224 20.20 55.07 -1.49
CA ILE C 224 20.11 54.15 -0.36
C ILE C 224 18.64 53.94 -0.03
N ALA C 225 18.28 52.70 0.30
CA ALA C 225 16.94 52.39 0.76
C ALA C 225 16.94 52.22 2.27
N ARG C 226 15.92 52.79 2.92
CA ARG C 226 15.82 52.71 4.37
C ARG C 226 15.68 51.25 4.83
N THR C 227 14.89 50.47 4.10
CA THR C 227 14.72 49.05 4.45
C THR C 227 16.05 48.33 4.46
N ASP C 228 16.88 48.56 3.43
CA ASP C 228 18.20 47.94 3.38
C ASP C 228 19.06 48.40 4.54
N LEU C 229 19.05 49.70 4.84
CA LEU C 229 19.91 50.23 5.89
C LEU C 229 19.52 49.70 7.26
N LYS C 230 18.24 49.43 7.48
CA LYS C 230 17.80 48.89 8.76
C LYS C 230 18.41 47.52 9.04
N LYS C 231 18.74 46.77 7.99
CA LYS C 231 19.26 45.41 8.11
C LYS C 231 20.79 45.37 8.12
N ASN C 232 21.45 46.50 8.39
CA ASN C 232 22.89 46.56 8.26
C ASN C 232 23.56 45.65 9.29
N ARG C 233 24.73 45.13 8.92
CA ARG C 233 25.50 44.25 9.79
C ARG C 233 26.98 44.56 9.62
N ASP C 234 27.78 44.00 10.53
CA ASP C 234 29.22 44.14 10.47
C ASP C 234 29.86 42.88 9.93
N TYR C 235 30.87 43.07 9.08
CA TYR C 235 31.63 41.98 8.45
C TYR C 235 33.11 42.23 8.67
N PRO C 236 33.62 41.91 9.86
CA PRO C 236 35.04 42.17 10.14
C PRO C 236 36.01 41.27 9.38
N LEU C 237 35.52 40.25 8.68
CA LEU C 237 36.36 39.30 7.97
C LEU C 237 36.28 39.42 6.45
N ALA C 238 35.75 40.53 5.92
CA ALA C 238 35.45 40.60 4.50
C ALA C 238 36.71 40.60 3.64
N SER C 239 36.61 39.97 2.48
CA SER C 239 37.73 39.86 1.53
C SER C 239 37.69 41.04 0.57
N LYS C 240 38.59 41.99 0.75
CA LYS C 240 38.62 43.22 -0.02
C LYS C 240 39.96 43.39 -0.71
N ASP C 241 39.96 44.09 -1.85
CA ASP C 241 41.19 44.52 -2.50
C ASP C 241 41.56 45.92 -2.00
N SER C 242 42.53 46.54 -2.67
CA SER C 242 43.03 47.84 -2.23
C SER C 242 41.93 48.90 -2.25
N GLN C 243 41.06 48.86 -3.26
CA GLN C 243 39.97 49.82 -3.39
C GLN C 243 38.78 49.49 -2.49
N LYS C 244 38.95 48.62 -1.50
CA LYS C 244 37.90 48.25 -0.56
C LYS C 244 36.74 47.53 -1.23
N GLN C 245 36.94 47.08 -2.46
CA GLN C 245 35.92 46.32 -3.17
C GLN C 245 36.12 44.83 -2.90
N LEU C 246 35.01 44.08 -2.94
CA LEU C 246 35.06 42.65 -2.69
C LEU C 246 35.88 41.94 -3.76
N LEU C 247 36.57 40.88 -3.35
CA LEU C 247 37.33 40.06 -4.29
C LEU C 247 36.43 39.08 -5.02
N CYS C 248 36.71 38.88 -6.30
CA CYS C 248 35.97 37.94 -7.14
C CYS C 248 36.94 37.08 -7.95
N GLY C 249 36.51 35.87 -8.28
CA GLY C 249 37.24 35.01 -9.18
C GLY C 249 36.37 34.51 -10.32
N ALA C 250 36.98 34.04 -11.40
CA ALA C 250 36.24 33.53 -12.54
C ALA C 250 36.88 32.26 -13.07
N ALA C 251 36.07 31.43 -13.71
CA ALA C 251 36.57 30.27 -14.44
C ALA C 251 36.75 30.60 -15.92
N VAL C 252 37.76 30.01 -16.53
CA VAL C 252 38.03 30.13 -17.96
C VAL C 252 38.52 28.78 -18.47
N GLY C 253 38.28 28.54 -19.77
CA GLY C 253 38.73 27.33 -20.43
C GLY C 253 40.08 27.51 -21.09
N THR C 254 40.40 26.61 -22.01
CA THR C 254 41.70 26.60 -22.67
C THR C 254 41.62 26.74 -24.18
N ARG C 255 40.47 27.12 -24.74
CA ARG C 255 40.32 27.24 -26.18
C ARG C 255 40.65 28.66 -26.64
N GLU C 256 40.44 28.90 -27.93
CA GLU C 256 40.74 30.21 -28.51
C GLU C 256 39.68 31.25 -28.14
N ASP C 257 38.42 30.84 -28.03
CA ASP C 257 37.35 31.77 -27.67
C ASP C 257 37.54 32.32 -26.26
N ASP C 258 38.38 31.69 -25.44
CA ASP C 258 38.59 32.14 -24.07
C ASP C 258 39.48 33.37 -23.99
N LYS C 259 40.15 33.73 -25.08
CA LYS C 259 40.92 34.99 -25.11
C LYS C 259 40.00 36.19 -24.91
N TYR C 260 38.90 36.22 -25.67
CA TYR C 260 37.94 37.30 -25.55
C TYR C 260 37.29 37.31 -24.17
N ARG C 261 36.99 36.12 -23.64
CA ARG C 261 36.43 36.02 -22.30
C ARG C 261 37.38 36.60 -21.26
N LEU C 262 38.68 36.30 -21.40
CA LEU C 262 39.67 36.87 -20.52
C LEU C 262 39.70 38.39 -20.64
N ASP C 263 39.62 38.90 -21.87
CA ASP C 263 39.60 40.36 -22.06
C ASP C 263 38.42 41.00 -21.33
N LEU C 264 37.23 40.44 -21.50
CA LEU C 264 36.05 41.02 -20.86
C LEU C 264 36.15 40.95 -19.34
N LEU C 265 36.59 39.80 -18.81
CA LEU C 265 36.68 39.66 -17.35
C LEU C 265 37.74 40.59 -16.78
N THR C 266 38.83 40.81 -17.51
CA THR C 266 39.84 41.74 -17.04
C THR C 266 39.33 43.17 -17.07
N GLN C 267 38.50 43.52 -18.06
CA GLN C 267 37.87 44.83 -18.04
C GLN C 267 36.91 44.96 -16.86
N ALA C 268 36.28 43.85 -16.46
CA ALA C 268 35.37 43.90 -15.33
C ALA C 268 36.10 43.96 -13.98
N GLY C 269 37.42 43.83 -13.97
CA GLY C 269 38.19 43.96 -12.74
C GLY C 269 38.34 42.69 -11.93
N VAL C 270 38.34 41.52 -12.58
CA VAL C 270 38.46 40.27 -11.86
C VAL C 270 39.84 40.16 -11.21
N ASP C 271 39.90 39.50 -10.06
CA ASP C 271 41.12 39.43 -9.24
C ASP C 271 41.92 38.15 -9.45
N VAL C 272 41.26 37.02 -9.68
CA VAL C 272 41.94 35.74 -9.77
C VAL C 272 41.18 34.88 -10.79
N ILE C 273 41.94 34.16 -11.60
CA ILE C 273 41.41 33.29 -12.64
C ILE C 273 41.79 31.84 -12.31
N VAL C 274 40.86 30.92 -12.51
CA VAL C 274 41.14 29.49 -12.43
C VAL C 274 40.87 28.87 -13.79
N LEU C 275 41.86 28.12 -14.30
CA LEU C 275 41.73 27.38 -15.54
C LEU C 275 41.01 26.06 -15.25
N ASP C 276 39.85 25.88 -15.85
CA ASP C 276 38.88 24.87 -15.45
C ASP C 276 38.98 23.66 -16.38
N SER C 277 39.55 22.56 -15.88
CA SER C 277 39.60 21.31 -16.63
C SER C 277 39.79 20.14 -15.68
N SER C 278 39.47 18.94 -16.20
CA SER C 278 39.53 17.74 -15.38
C SER C 278 40.95 17.19 -15.27
N GLN C 279 41.85 17.60 -16.17
CA GLN C 279 43.21 17.10 -16.28
C GLN C 279 44.05 18.26 -16.80
N GLY C 280 44.70 18.97 -15.88
CA GLY C 280 45.36 20.22 -16.21
C GLY C 280 46.73 20.09 -16.83
N ASN C 281 47.28 18.87 -16.88
CA ASN C 281 48.64 18.65 -17.39
C ASN C 281 48.56 18.43 -18.90
N SER C 282 48.59 19.54 -19.64
CA SER C 282 48.43 19.49 -21.09
C SER C 282 49.07 20.72 -21.73
N VAL C 283 49.48 20.54 -22.98
CA VAL C 283 50.04 21.64 -23.77
C VAL C 283 49.04 22.79 -23.89
N TYR C 284 47.75 22.48 -23.96
CA TYR C 284 46.74 23.53 -24.06
C TYR C 284 46.78 24.44 -22.85
N GLN C 285 46.70 23.86 -21.65
CA GLN C 285 46.71 24.67 -20.43
C GLN C 285 48.05 25.37 -20.25
N ILE C 286 49.15 24.72 -20.60
CA ILE C 286 50.45 25.36 -20.44
C ILE C 286 50.55 26.59 -21.35
N ALA C 287 50.08 26.48 -22.59
CA ALA C 287 50.08 27.63 -23.49
C ALA C 287 49.16 28.73 -22.97
N MET C 288 48.00 28.35 -22.43
CA MET C 288 47.07 29.37 -21.91
C MET C 288 47.69 30.12 -20.72
N VAL C 289 48.37 29.39 -19.84
CA VAL C 289 49.04 30.04 -18.70
C VAL C 289 50.11 31.00 -19.20
N HIS C 290 50.91 30.56 -20.18
CA HIS C 290 51.94 31.45 -20.73
C HIS C 290 51.32 32.71 -21.33
N TYR C 291 50.22 32.55 -22.06
CA TYR C 291 49.57 33.70 -22.68
C TYR C 291 49.05 34.67 -21.62
N ILE C 292 48.40 34.16 -20.58
CA ILE C 292 47.88 35.03 -19.55
C ILE C 292 49.01 35.78 -18.86
N LYS C 293 50.11 35.08 -18.56
CA LYS C 293 51.22 35.75 -17.88
C LYS C 293 51.90 36.77 -18.77
N GLN C 294 51.89 36.56 -20.09
CA GLN C 294 52.46 37.55 -20.99
C GLN C 294 51.58 38.78 -21.08
N LYS C 295 50.27 38.61 -21.23
CA LYS C 295 49.39 39.73 -21.53
C LYS C 295 48.93 40.48 -20.29
N TYR C 296 48.65 39.79 -19.19
CA TYR C 296 48.16 40.41 -17.95
C TYR C 296 49.08 39.99 -16.81
N PRO C 297 50.30 40.53 -16.77
CA PRO C 297 51.26 40.10 -15.74
C PRO C 297 50.81 40.39 -14.30
N HIS C 298 49.70 41.10 -14.11
CA HIS C 298 49.20 41.39 -12.76
C HIS C 298 48.21 40.36 -12.25
N LEU C 299 47.71 39.47 -13.10
CA LEU C 299 46.61 38.58 -12.75
C LEU C 299 47.11 37.30 -12.11
N GLN C 300 46.36 36.79 -11.15
CA GLN C 300 46.69 35.56 -10.45
C GLN C 300 45.97 34.39 -11.11
N VAL C 301 46.72 33.34 -11.45
CA VAL C 301 46.21 32.20 -12.20
C VAL C 301 46.38 30.94 -11.35
N ILE C 302 45.30 30.16 -11.23
CA ILE C 302 45.33 28.87 -10.56
C ILE C 302 45.25 27.78 -11.62
N GLY C 303 46.16 26.82 -11.54
CA GLY C 303 46.29 25.81 -12.59
C GLY C 303 45.26 24.70 -12.48
N GLY C 304 44.94 24.11 -13.63
CA GLY C 304 43.89 23.11 -13.73
C GLY C 304 44.15 21.92 -12.84
N ASN C 305 43.14 21.05 -12.79
CA ASN C 305 43.13 19.98 -11.78
C ASN C 305 44.25 18.97 -12.02
N VAL C 306 45.00 18.67 -10.96
CA VAL C 306 46.02 17.64 -10.97
C VAL C 306 45.85 16.81 -9.71
N VAL C 307 46.40 15.59 -9.73
CA VAL C 307 46.46 14.74 -8.54
C VAL C 307 47.86 14.22 -8.29
N THR C 308 48.86 14.69 -9.01
CA THR C 308 50.19 14.10 -9.04
C THR C 308 51.25 15.19 -9.05
N ALA C 309 52.41 14.88 -8.47
CA ALA C 309 53.51 15.84 -8.42
C ALA C 309 54.10 16.10 -9.79
N ALA C 310 54.15 15.07 -10.65
CA ALA C 310 54.66 15.27 -12.02
C ALA C 310 53.73 16.17 -12.83
N GLN C 311 52.42 16.02 -12.66
CA GLN C 311 51.49 17.01 -13.20
C GLN C 311 51.80 18.40 -12.65
N ALA C 312 51.94 18.52 -11.33
CA ALA C 312 52.10 19.83 -10.71
C ALA C 312 53.37 20.53 -11.18
N LYS C 313 54.41 19.76 -11.48
CA LYS C 313 55.69 20.34 -11.87
C LYS C 313 55.56 21.17 -13.16
N ASN C 314 54.85 20.63 -14.15
CA ASN C 314 54.72 21.33 -15.43
C ASN C 314 53.99 22.66 -15.28
N LEU C 315 52.93 22.68 -14.48
CA LEU C 315 52.18 23.91 -14.30
C LEU C 315 52.91 24.90 -13.40
N ILE C 316 53.72 24.43 -12.45
CA ILE C 316 54.51 25.37 -11.65
C ILE C 316 55.65 25.94 -12.49
N ASP C 317 56.18 25.17 -13.43
CA ASP C 317 57.14 25.72 -14.39
C ASP C 317 56.47 26.73 -15.31
N ALA C 318 55.24 26.45 -15.72
CA ALA C 318 54.52 27.37 -16.60
C ALA C 318 54.29 28.72 -15.93
N GLY C 319 54.18 28.75 -14.61
CA GLY C 319 54.10 29.99 -13.87
C GLY C 319 52.79 30.25 -13.14
N VAL C 320 52.13 29.19 -12.66
CA VAL C 320 50.87 29.41 -11.94
C VAL C 320 51.16 29.93 -10.54
N ASP C 321 50.10 30.46 -9.92
CA ASP C 321 50.18 30.90 -8.53
C ASP C 321 49.42 30.00 -7.58
N GLY C 322 48.61 29.08 -8.09
CA GLY C 322 47.90 28.15 -7.25
C GLY C 322 47.54 26.90 -8.02
N LEU C 323 47.21 25.84 -7.29
CA LEU C 323 46.87 24.54 -7.87
C LEU C 323 45.56 24.03 -7.30
N ARG C 324 44.73 23.50 -8.19
CA ARG C 324 43.48 22.85 -7.84
C ARG C 324 43.71 21.34 -7.90
N VAL C 325 43.32 20.64 -6.85
CA VAL C 325 43.76 19.27 -6.62
C VAL C 325 42.53 18.39 -6.40
N GLY C 326 42.40 17.35 -7.19
CA GLY C 326 41.25 16.46 -7.14
C GLY C 326 40.86 16.01 -8.53
N MET C 327 40.42 14.75 -8.63
CA MET C 327 39.99 14.18 -9.90
C MET C 327 39.22 12.91 -9.55
N GLY C 328 37.91 12.95 -9.75
CA GLY C 328 37.06 11.80 -9.47
C GLY C 328 36.36 11.82 -8.14
N CYS C 329 36.77 12.69 -7.21
CA CYS C 329 36.28 12.64 -5.84
C CYS C 329 34.93 13.33 -5.64
N GLY C 330 34.54 14.22 -6.56
CA GLY C 330 33.36 15.03 -6.33
C GLY C 330 32.10 14.19 -6.24
N SER C 331 31.08 14.77 -5.61
CA SER C 331 29.83 14.07 -5.36
C SER C 331 29.08 13.75 -6.65
N ILE C 332 29.11 14.64 -7.63
CA ILE C 332 28.39 14.47 -8.88
C ILE C 332 29.29 13.91 -9.99
N CYS C 333 30.35 13.20 -9.62
CA CYS C 333 31.39 12.76 -10.56
C CYS C 333 31.28 11.26 -10.84
N ILE C 334 31.53 10.89 -12.10
CA ILE C 334 31.60 9.50 -12.53
C ILE C 334 32.85 9.30 -13.40
N THR C 335 33.76 10.26 -13.33
CA THR C 335 34.95 10.23 -14.18
C THR C 335 35.79 8.98 -13.93
N GLN C 336 35.88 8.52 -12.69
CA GLN C 336 36.65 7.32 -12.41
C GLN C 336 35.99 6.10 -13.06
N GLU C 337 34.66 6.00 -12.94
CA GLU C 337 33.95 4.87 -13.52
C GLU C 337 34.04 4.85 -15.03
N VAL C 338 34.19 6.01 -15.66
CA VAL C 338 34.13 6.09 -17.12
C VAL C 338 35.50 6.11 -17.77
N MET C 339 36.51 6.68 -17.10
CA MET C 339 37.84 6.83 -17.68
C MET C 339 38.91 5.95 -17.03
N ALA C 340 38.69 5.47 -15.80
CA ALA C 340 39.67 4.68 -15.06
C ALA C 340 40.86 5.53 -14.62
N CYS C 341 40.64 6.83 -14.37
CA CYS C 341 41.70 7.77 -14.03
C CYS C 341 41.32 8.56 -12.79
N GLY C 342 42.29 8.84 -11.94
CA GLY C 342 42.04 9.62 -10.75
C GLY C 342 42.99 9.23 -9.62
N ARG C 343 42.54 9.54 -8.40
CA ARG C 343 43.31 9.28 -7.19
C ARG C 343 42.40 9.46 -5.99
N PRO C 344 42.54 8.65 -4.94
CA PRO C 344 41.90 8.98 -3.66
C PRO C 344 42.38 10.33 -3.13
N GLN C 345 41.41 11.12 -2.66
CA GLN C 345 41.60 12.56 -2.50
C GLN C 345 42.54 12.89 -1.34
N GLY C 346 42.44 12.18 -0.21
CA GLY C 346 43.36 12.42 0.90
C GLY C 346 44.81 12.21 0.52
N THR C 347 45.09 11.11 -0.17
CA THR C 347 46.44 10.83 -0.68
C THR C 347 46.88 11.92 -1.65
N ALA C 348 46.02 12.29 -2.60
CA ALA C 348 46.40 13.27 -3.62
C ALA C 348 46.72 14.63 -2.99
N VAL C 349 45.87 15.07 -2.05
CA VAL C 349 46.12 16.33 -1.36
C VAL C 349 47.46 16.28 -0.65
N TYR C 350 47.70 15.23 0.15
CA TYR C 350 48.96 15.17 0.89
C TYR C 350 50.17 15.21 -0.06
N LYS C 351 50.17 14.36 -1.10
CA LYS C 351 51.32 14.28 -1.99
C LYS C 351 51.57 15.61 -2.71
N VAL C 352 50.52 16.19 -3.28
CA VAL C 352 50.71 17.40 -4.09
C VAL C 352 51.10 18.58 -3.20
N ALA C 353 50.47 18.73 -2.03
CA ALA C 353 50.83 19.84 -1.16
C ALA C 353 52.27 19.70 -0.67
N GLU C 354 52.68 18.47 -0.35
CA GLU C 354 54.05 18.24 0.09
C GLU C 354 55.04 18.64 -1.01
N TYR C 355 54.73 18.33 -2.26
CA TYR C 355 55.63 18.75 -3.33
C TYR C 355 55.58 20.27 -3.54
N ALA C 356 54.38 20.85 -3.55
CA ALA C 356 54.23 22.23 -4.01
C ALA C 356 54.73 23.25 -2.99
N ARG C 357 54.68 22.93 -1.69
CA ARG C 357 55.16 23.90 -0.72
C ARG C 357 56.65 24.18 -0.85
N ARG C 358 57.38 23.34 -1.58
CA ARG C 358 58.80 23.60 -1.83
C ARG C 358 58.99 24.87 -2.64
N PHE C 359 58.03 25.23 -3.48
CA PHE C 359 58.10 26.40 -4.35
C PHE C 359 57.18 27.52 -3.91
N GLY C 360 56.57 27.41 -2.72
CA GLY C 360 55.67 28.43 -2.25
C GLY C 360 54.36 28.52 -2.97
N VAL C 361 53.83 27.39 -3.47
CA VAL C 361 52.58 27.36 -4.20
C VAL C 361 51.53 26.70 -3.29
N PRO C 362 50.46 27.40 -2.91
CA PRO C 362 49.39 26.76 -2.15
C PRO C 362 48.50 25.92 -3.05
N ILE C 363 47.74 25.01 -2.45
CA ILE C 363 46.81 24.15 -3.19
C ILE C 363 45.42 24.29 -2.60
N ILE C 364 44.42 24.14 -3.45
CA ILE C 364 43.03 24.02 -3.02
C ILE C 364 42.64 22.55 -3.10
N ALA C 365 42.08 22.03 -2.01
CA ALA C 365 41.46 20.72 -2.00
C ALA C 365 40.05 20.84 -2.52
N ASP C 366 39.77 20.25 -3.67
CA ASP C 366 38.52 20.42 -4.38
C ASP C 366 37.87 19.07 -4.64
N GLY C 367 36.69 18.85 -4.06
CA GLY C 367 35.90 17.67 -4.33
C GLY C 367 35.79 16.71 -3.16
N GLY C 368 34.60 16.15 -2.96
CA GLY C 368 34.39 15.11 -1.98
C GLY C 368 34.27 15.57 -0.54
N ILE C 369 34.16 16.87 -0.28
CA ILE C 369 33.97 17.37 1.07
C ILE C 369 32.49 17.25 1.42
N GLN C 370 32.15 16.50 2.46
CA GLN C 370 30.77 16.32 2.87
C GLN C 370 30.49 16.73 4.31
N THR C 371 31.52 16.92 5.13
CA THR C 371 31.36 17.27 6.54
C THR C 371 32.43 18.27 6.93
N VAL C 372 32.26 18.84 8.13
CA VAL C 372 33.25 19.76 8.68
C VAL C 372 34.55 19.01 8.99
N GLY C 373 34.43 17.74 9.42
CA GLY C 373 35.60 16.93 9.67
C GLY C 373 36.44 16.67 8.44
N HIS C 374 35.80 16.56 7.27
CA HIS C 374 36.55 16.48 6.02
C HIS C 374 37.36 17.74 5.76
N VAL C 375 36.79 18.91 6.06
CA VAL C 375 37.50 20.17 5.89
C VAL C 375 38.73 20.22 6.79
N VAL C 376 38.55 19.81 8.05
CA VAL C 376 39.66 19.81 9.00
C VAL C 376 40.75 18.84 8.54
N LYS C 377 40.35 17.67 8.04
CA LYS C 377 41.30 16.71 7.51
C LYS C 377 42.06 17.24 6.29
N ALA C 378 41.35 17.92 5.37
CA ALA C 378 42.00 18.47 4.18
C ALA C 378 43.01 19.55 4.56
N LEU C 379 42.66 20.40 5.53
CA LEU C 379 43.60 21.41 5.99
C LEU C 379 44.79 20.81 6.72
N ALA C 380 44.59 19.70 7.46
CA ALA C 380 45.70 19.08 8.16
C ALA C 380 46.60 18.27 7.22
N LEU C 381 46.06 17.76 6.12
CA LEU C 381 46.91 17.07 5.15
C LEU C 381 47.72 18.01 4.27
N GLY C 382 47.60 19.33 4.47
CA GLY C 382 48.49 20.29 3.86
C GLY C 382 47.82 21.30 2.94
N ALA C 383 46.52 21.16 2.67
CA ALA C 383 45.84 22.15 1.83
C ALA C 383 45.78 23.52 2.50
N SER C 384 45.85 24.56 1.68
CA SER C 384 45.70 25.93 2.17
C SER C 384 44.25 26.38 2.15
N THR C 385 43.46 25.88 1.21
CA THR C 385 42.04 26.23 1.10
C THR C 385 41.26 24.99 0.68
N VAL C 386 39.94 25.06 0.85
CA VAL C 386 39.02 23.99 0.53
C VAL C 386 37.89 24.55 -0.33
N MET C 387 37.54 23.82 -1.39
CA MET C 387 36.48 24.20 -2.30
C MET C 387 35.30 23.24 -2.12
N MET C 388 34.09 23.77 -2.07
CA MET C 388 32.89 22.97 -1.87
C MET C 388 31.86 23.26 -2.95
N GLY C 389 31.35 22.21 -3.57
CA GLY C 389 30.19 22.33 -4.42
C GLY C 389 28.89 21.94 -3.76
N SER C 390 28.83 20.73 -3.21
CA SER C 390 27.57 20.17 -2.73
C SER C 390 27.16 20.79 -1.40
N LEU C 391 28.11 21.09 -0.53
CA LEU C 391 27.78 21.67 0.76
C LEU C 391 27.12 23.04 0.61
N LEU C 392 27.58 23.85 -0.34
CA LEU C 392 27.03 25.17 -0.56
C LEU C 392 25.82 25.17 -1.50
N ALA C 393 25.51 24.05 -2.15
CA ALA C 393 24.35 24.00 -3.01
C ALA C 393 23.08 24.06 -2.17
N ALA C 394 21.99 24.47 -2.83
CA ALA C 394 20.66 24.57 -2.24
C ALA C 394 20.58 25.65 -1.16
N THR C 395 21.50 26.61 -1.16
CA THR C 395 21.34 27.80 -0.34
C THR C 395 20.58 28.85 -1.13
N THR C 396 20.09 29.87 -0.42
CA THR C 396 19.31 30.92 -1.10
C THR C 396 20.15 31.65 -2.13
N GLU C 397 21.42 31.90 -1.82
CA GLU C 397 22.30 32.61 -2.75
C GLU C 397 22.68 31.75 -3.96
N ALA C 398 22.43 30.45 -3.92
CA ALA C 398 22.76 29.60 -5.04
C ALA C 398 21.84 29.91 -6.22
N PRO C 399 22.36 29.84 -7.45
CA PRO C 399 21.50 30.08 -8.62
C PRO C 399 20.41 29.03 -8.75
N GLY C 400 19.31 29.44 -9.36
CA GLY C 400 18.16 28.59 -9.56
C GLY C 400 17.04 28.91 -8.57
N GLU C 401 15.83 28.54 -8.98
CA GLU C 401 14.64 28.74 -8.17
C GLU C 401 14.30 27.43 -7.47
N TYR C 402 13.96 27.52 -6.17
CA TYR C 402 13.59 26.35 -5.41
C TYR C 402 12.44 25.61 -6.08
N PHE C 403 12.21 24.36 -5.69
CA PHE C 403 11.05 23.62 -6.15
C PHE C 403 10.74 22.54 -5.13
N PHE C 404 9.52 22.03 -5.21
CA PHE C 404 8.99 21.11 -4.21
C PHE C 404 8.81 19.74 -4.84
N SER C 405 9.25 18.71 -4.12
CA SER C 405 9.06 17.33 -4.56
C SER C 405 8.78 16.51 -3.32
N ASP C 406 7.52 16.15 -3.11
CA ASP C 406 7.07 15.42 -1.93
C ASP C 406 7.13 16.29 -0.67
N GLY C 407 6.97 17.60 -0.84
CA GLY C 407 6.85 18.50 0.29
C GLY C 407 8.16 18.98 0.89
N VAL C 408 9.28 18.78 0.20
CA VAL C 408 10.59 19.21 0.69
C VAL C 408 11.22 20.10 -0.37
N ARG C 409 11.67 21.29 0.05
CA ARG C 409 12.27 22.23 -0.89
C ARG C 409 13.60 21.69 -1.41
N LEU C 410 13.83 21.87 -2.71
CA LEU C 410 15.03 21.35 -3.36
C LEU C 410 15.53 22.36 -4.38
N LYS C 411 16.80 22.23 -4.72
CA LYS C 411 17.42 23.00 -5.80
C LYS C 411 18.16 22.03 -6.72
N LYS C 412 18.27 22.41 -7.99
CA LYS C 412 19.05 21.62 -8.93
C LYS C 412 20.54 21.72 -8.61
N TYR C 413 21.23 20.59 -8.67
CA TYR C 413 22.68 20.53 -8.55
C TYR C 413 23.22 19.52 -9.54
N ARG C 414 24.03 19.98 -10.48
CA ARG C 414 24.50 19.16 -11.58
C ARG C 414 25.99 19.39 -11.81
N GLY C 415 26.65 18.37 -12.33
CA GLY C 415 28.04 18.51 -12.69
C GLY C 415 28.22 19.16 -14.05
N MET C 416 29.35 19.85 -14.23
CA MET C 416 29.62 20.52 -15.49
C MET C 416 29.90 19.54 -16.62
N GLY C 417 30.06 18.26 -16.32
CA GLY C 417 30.20 17.24 -17.34
C GLY C 417 28.92 16.48 -17.60
N SER C 418 27.81 16.99 -17.06
CA SER C 418 26.50 16.40 -17.34
C SER C 418 26.06 16.74 -18.77
N LEU C 419 25.15 15.92 -19.29
CA LEU C 419 24.61 16.18 -20.63
C LEU C 419 23.81 17.47 -20.65
N ASP C 420 23.05 17.74 -19.58
CA ASP C 420 22.28 18.98 -19.52
C ASP C 420 23.19 20.20 -19.59
N ALA C 421 24.32 20.14 -18.91
CA ALA C 421 25.23 21.29 -18.87
C ALA C 421 26.01 21.45 -20.18
N MET C 422 25.95 20.46 -21.06
CA MET C 422 26.65 20.54 -22.34
C MET C 422 25.82 21.16 -23.46
N GLU C 423 24.54 21.45 -23.22
CA GLU C 423 23.71 22.05 -24.25
C GLU C 423 23.93 23.55 -24.30
N VAL C 439 30.04 12.09 -30.71
CA VAL C 439 29.06 11.92 -29.64
C VAL C 439 29.70 12.29 -28.31
N LYS C 440 28.97 13.09 -27.53
CA LYS C 440 29.49 13.61 -26.27
C LYS C 440 29.33 12.56 -25.17
N ILE C 441 30.39 12.37 -24.38
CA ILE C 441 30.41 11.40 -23.30
C ILE C 441 30.13 12.15 -21.99
N ALA C 442 29.16 11.67 -21.21
CA ALA C 442 28.84 12.31 -19.94
C ALA C 442 29.87 11.94 -18.88
N GLN C 443 30.32 12.94 -18.14
CA GLN C 443 31.26 12.75 -17.04
C GLN C 443 30.69 13.20 -15.69
N GLY C 444 29.40 13.52 -15.64
CA GLY C 444 28.76 13.94 -14.40
C GLY C 444 27.29 13.57 -14.42
N VAL C 445 26.62 13.87 -13.32
CA VAL C 445 25.19 13.64 -13.17
C VAL C 445 24.55 14.89 -12.61
N SER C 446 23.22 14.94 -12.71
CA SER C 446 22.43 16.04 -12.20
C SER C 446 21.44 15.52 -11.17
N GLY C 447 21.36 16.20 -10.03
CA GLY C 447 20.44 15.82 -8.98
C GLY C 447 19.93 17.02 -8.23
N SER C 448 19.46 16.81 -6.99
CA SER C 448 18.88 17.88 -6.19
C SER C 448 19.39 17.79 -4.76
N ILE C 449 19.46 18.95 -4.10
CA ILE C 449 19.90 19.06 -2.72
C ILE C 449 18.85 19.80 -1.91
N GLN C 450 18.61 19.34 -0.69
CA GLN C 450 17.63 19.96 0.18
C GLN C 450 18.08 21.36 0.60
N ASP C 451 17.10 22.24 0.82
CA ASP C 451 17.38 23.63 1.18
C ASP C 451 18.16 23.69 2.49
N LYS C 452 19.06 24.68 2.59
CA LYS C 452 19.92 24.83 3.75
C LYS C 452 19.90 26.22 4.35
N GLY C 453 19.11 27.14 3.82
CA GLY C 453 19.06 28.48 4.38
C GLY C 453 20.02 29.40 3.67
N SER C 454 20.56 30.36 4.40
CA SER C 454 21.42 31.39 3.83
C SER C 454 22.89 31.07 4.08
N ILE C 455 23.74 31.47 3.14
CA ILE C 455 25.19 31.34 3.31
C ILE C 455 25.63 32.08 4.56
N GLN C 456 25.06 33.26 4.80
CA GLN C 456 25.48 34.08 5.93
C GLN C 456 25.10 33.48 7.27
N LYS C 457 24.29 32.42 7.27
CA LYS C 457 24.03 31.63 8.47
C LYS C 457 24.80 30.31 8.48
N PHE C 458 24.99 29.70 7.31
CA PHE C 458 25.64 28.39 7.21
C PHE C 458 27.15 28.48 7.42
N VAL C 459 27.79 29.51 6.87
CA VAL C 459 29.25 29.59 6.92
C VAL C 459 29.77 29.75 8.35
N PRO C 460 29.22 30.64 9.19
CA PRO C 460 29.71 30.72 10.57
C PRO C 460 29.61 29.41 11.34
N TYR C 461 28.63 28.57 11.02
CA TYR C 461 28.57 27.24 11.60
C TYR C 461 29.81 26.43 11.22
N LEU C 462 30.18 26.44 9.94
CA LEU C 462 31.39 25.73 9.50
C LEU C 462 32.63 26.30 10.17
N ILE C 463 32.70 27.62 10.29
CA ILE C 463 33.86 28.24 10.94
C ILE C 463 33.97 27.78 12.38
N ALA C 464 32.85 27.75 13.10
CA ALA C 464 32.87 27.30 14.48
C ALA C 464 33.29 25.84 14.59
N GLY C 465 32.79 24.99 13.69
CA GLY C 465 33.21 23.59 13.68
C GLY C 465 34.71 23.43 13.44
N ILE C 466 35.26 24.19 12.50
CA ILE C 466 36.68 24.12 12.22
C ILE C 466 37.50 24.60 13.43
N GLN C 467 37.06 25.69 14.07
CA GLN C 467 37.78 26.19 15.23
C GLN C 467 37.74 25.17 16.37
N HIS C 468 36.61 24.48 16.55
CA HIS C 468 36.51 23.44 17.57
C HIS C 468 37.43 22.26 17.26
N GLY C 469 37.49 21.83 16.00
CA GLY C 469 38.40 20.76 15.64
C GLY C 469 39.86 21.14 15.87
N CYS C 470 40.22 22.37 15.51
CA CYS C 470 41.58 22.84 15.75
C CYS C 470 41.90 22.89 17.24
N GLN C 471 40.92 23.30 18.06
CA GLN C 471 41.14 23.35 19.50
C GLN C 471 41.29 21.95 20.09
N ASP C 472 40.45 21.00 19.66
CA ASP C 472 40.59 19.63 20.12
C ASP C 472 41.95 19.06 19.76
N ILE C 473 42.44 19.37 18.56
CA ILE C 473 43.76 18.89 18.14
C ILE C 473 44.86 19.56 18.95
N GLY C 474 44.69 20.84 19.27
CA GLY C 474 45.72 21.61 19.94
C GLY C 474 46.45 22.58 19.05
N ALA C 475 45.84 23.01 17.96
CA ALA C 475 46.42 23.99 17.06
C ALA C 475 45.61 25.28 17.15
N ARG C 476 46.29 26.38 17.47
CA ARG C 476 45.62 27.67 17.56
C ARG C 476 45.62 28.45 16.24
N SER C 477 46.20 27.90 15.18
CA SER C 477 46.01 28.43 13.83
C SER C 477 46.29 27.30 12.84
N LEU C 478 45.77 27.49 11.63
CA LEU C 478 45.93 26.51 10.56
C LEU C 478 47.39 26.40 10.12
N ASP C 479 48.12 27.51 10.15
CA ASP C 479 49.56 27.44 9.89
C ASP C 479 50.27 26.55 10.90
N VAL C 480 49.95 26.71 12.19
CA VAL C 480 50.54 25.87 13.23
C VAL C 480 50.11 24.42 13.05
N LEU C 481 48.89 24.21 12.55
CA LEU C 481 48.43 22.85 12.28
C LEU C 481 49.27 22.18 11.19
N ARG C 482 49.50 22.88 10.08
CA ARG C 482 50.28 22.29 8.99
C ARG C 482 51.73 22.10 9.40
N SER C 483 52.29 23.03 10.18
CA SER C 483 53.67 22.88 10.61
C SER C 483 53.81 21.73 11.61
N MET C 484 52.80 21.52 12.46
CA MET C 484 52.79 20.36 13.35
C MET C 484 52.74 19.07 12.54
N MET C 485 51.96 19.06 11.46
CA MET C 485 51.94 17.87 10.61
C MET C 485 53.30 17.63 9.95
N TYR C 486 53.97 18.69 9.49
CA TYR C 486 55.23 18.47 8.79
C TYR C 486 56.38 18.15 9.74
N SER C 487 56.26 18.52 11.02
CA SER C 487 57.32 18.18 11.97
C SER C 487 57.18 16.77 12.55
N GLY C 488 56.02 16.13 12.39
CA GLY C 488 55.75 14.86 13.03
C GLY C 488 55.02 14.94 14.35
N GLU C 489 54.83 16.14 14.91
CA GLU C 489 54.07 16.29 16.14
C GLU C 489 52.63 15.81 15.99
N LEU C 490 52.01 16.12 14.85
CA LEU C 490 50.64 15.68 14.61
C LEU C 490 50.59 14.17 14.35
N LYS C 491 49.59 13.50 14.91
CA LYS C 491 49.51 12.05 14.90
C LYS C 491 48.14 11.59 14.40
N PHE C 492 48.14 10.46 13.69
CA PHE C 492 46.98 9.94 13.01
C PHE C 492 46.81 8.48 13.34
N GLU C 493 45.58 7.99 13.17
CA GLU C 493 45.29 6.56 13.22
C GLU C 493 44.41 6.19 12.04
N LYS C 494 44.68 5.02 11.45
CA LYS C 494 43.81 4.43 10.45
C LYS C 494 42.54 3.88 11.08
N ARG C 495 41.54 3.67 10.24
CA ARG C 495 40.26 3.12 10.67
C ARG C 495 39.89 1.90 9.84
N THR C 496 39.50 0.82 10.51
CA THR C 496 38.86 -0.29 9.83
C THR C 496 37.41 0.06 9.51
N MET C 497 36.78 -0.80 8.71
CA MET C 497 35.37 -0.63 8.41
C MET C 497 34.53 -0.68 9.69
N SER C 498 34.88 -1.59 10.61
CA SER C 498 34.19 -1.66 11.89
C SER C 498 34.36 -0.37 12.68
N ALA C 499 35.58 0.21 12.66
CA ALA C 499 35.81 1.46 13.36
C ALA C 499 34.99 2.59 12.75
N GLN C 500 34.85 2.58 11.42
CA GLN C 500 34.06 3.61 10.76
C GLN C 500 32.59 3.49 11.13
N ILE C 501 32.09 2.26 11.22
CA ILE C 501 30.72 2.05 11.69
C ILE C 501 30.56 2.53 13.14
N GLU C 502 31.55 2.20 13.98
CA GLU C 502 31.53 2.63 15.38
C GLU C 502 31.66 4.13 15.53
N GLY C 503 32.22 4.83 14.54
CA GLY C 503 32.34 6.26 14.57
C GLY C 503 31.09 7.02 14.22
N GLY C 504 30.05 6.33 13.73
CA GLY C 504 28.80 6.96 13.39
C GLY C 504 27.71 6.66 14.41
N VAL C 505 26.48 6.98 14.01
CA VAL C 505 25.31 6.72 14.84
C VAL C 505 24.93 5.25 14.69
N HIS C 506 24.89 4.52 15.80
CA HIS C 506 24.64 3.09 15.76
C HIS C 506 23.87 2.67 16.99
N GLY C 507 23.05 1.63 16.84
CA GLY C 507 22.40 1.01 17.98
C GLY C 507 21.16 1.71 18.49
N LEU C 508 20.50 2.52 17.68
CA LEU C 508 19.30 3.24 18.07
C LEU C 508 18.11 2.75 17.26
N HIS C 509 16.94 2.67 17.91
CA HIS C 509 15.71 2.40 17.17
C HIS C 509 15.41 3.51 16.16
N SER C 510 15.55 4.76 16.58
CA SER C 510 15.37 5.89 15.68
C SER C 510 16.07 7.09 16.30
N TYR C 511 16.35 8.08 15.44
CA TYR C 511 16.99 9.31 15.91
C TYR C 511 16.75 10.40 14.89
N THR C 512 16.99 11.64 15.32
CA THR C 512 16.83 12.79 14.45
C THR C 512 17.96 13.79 14.65
N TYR D 14 54.82 -31.89 22.76
CA TYR D 14 54.96 -30.49 22.38
C TYR D 14 53.82 -30.07 21.47
N VAL D 15 53.32 -28.85 21.67
CA VAL D 15 52.31 -28.26 20.81
C VAL D 15 52.74 -26.85 20.46
N PRO D 16 52.74 -26.46 19.19
CA PRO D 16 53.11 -25.08 18.85
C PRO D 16 52.00 -24.11 19.23
N GLU D 17 52.39 -22.85 19.43
CA GLU D 17 51.41 -21.83 19.81
C GLU D 17 50.55 -21.43 18.63
N ASP D 18 49.32 -21.06 18.93
CA ASP D 18 48.35 -20.56 17.97
C ASP D 18 47.95 -19.15 18.38
N GLY D 19 47.62 -18.31 17.40
CA GLY D 19 47.10 -16.99 17.69
C GLY D 19 48.17 -15.93 17.99
N LEU D 20 47.66 -14.77 18.38
CA LEU D 20 48.48 -13.60 18.66
C LEU D 20 48.31 -13.16 20.12
N THR D 21 49.38 -12.62 20.69
CA THR D 21 49.25 -11.86 21.93
C THR D 21 48.60 -10.51 21.65
N ALA D 22 48.22 -9.80 22.71
CA ALA D 22 47.67 -8.47 22.55
C ALA D 22 48.69 -7.51 21.94
N GLN D 23 49.94 -7.61 22.39
CA GLN D 23 51.02 -6.80 21.84
C GLN D 23 51.18 -7.04 20.35
N GLN D 24 51.12 -8.29 19.91
CA GLN D 24 51.20 -8.58 18.48
C GLN D 24 49.95 -8.12 17.74
N LEU D 25 48.78 -8.26 18.38
CA LEU D 25 47.53 -7.85 17.78
C LEU D 25 47.54 -6.37 17.42
N PHE D 26 48.08 -5.54 18.30
CA PHE D 26 48.02 -4.11 18.07
C PHE D 26 49.28 -3.53 17.43
N ALA D 27 50.23 -4.37 17.03
CA ALA D 27 51.48 -3.87 16.46
C ALA D 27 51.30 -3.35 15.04
N SER D 28 50.34 -3.88 14.30
CA SER D 28 50.14 -3.46 12.92
C SER D 28 49.60 -2.04 12.79
N ALA D 29 48.92 -1.53 13.81
CA ALA D 29 48.31 -0.19 13.80
C ALA D 29 47.23 -0.10 12.73
N ASP D 30 46.23 -0.97 12.83
CA ASP D 30 45.14 -1.00 11.87
C ASP D 30 43.98 -0.07 12.25
N GLY D 31 43.83 0.25 13.52
CA GLY D 31 42.64 0.92 14.00
C GLY D 31 41.51 -0.04 14.28
N LEU D 32 41.78 -0.97 15.20
CA LEU D 32 40.85 -2.05 15.52
C LEU D 32 39.78 -1.61 16.53
N THR D 33 38.58 -2.14 16.36
CA THR D 33 37.51 -2.04 17.33
C THR D 33 37.17 -3.44 17.86
N TYR D 34 36.16 -3.51 18.73
CA TYR D 34 35.80 -4.77 19.37
C TYR D 34 35.40 -5.84 18.36
N ASN D 35 34.76 -5.43 17.26
CA ASN D 35 34.26 -6.37 16.27
C ASN D 35 35.35 -6.86 15.31
N ASP D 36 36.59 -6.40 15.47
CA ASP D 36 37.67 -6.77 14.57
C ASP D 36 38.47 -7.98 15.03
N PHE D 37 38.16 -8.56 16.19
CA PHE D 37 38.95 -9.67 16.71
C PHE D 37 38.09 -10.54 17.63
N LEU D 38 38.68 -11.65 18.06
CA LEU D 38 38.09 -12.54 19.05
C LEU D 38 39.17 -13.02 20.00
N ILE D 39 38.73 -13.64 21.10
CA ILE D 39 39.61 -14.34 22.03
C ILE D 39 39.52 -15.83 21.75
N LEU D 40 40.63 -16.53 21.89
CA LEU D 40 40.66 -17.96 21.63
C LEU D 40 40.37 -18.74 22.93
N PRO D 41 39.63 -19.84 22.85
CA PRO D 41 39.29 -20.59 24.07
C PRO D 41 40.51 -21.25 24.70
N GLY D 42 40.42 -21.46 26.01
CA GLY D 42 41.49 -22.09 26.76
C GLY D 42 41.12 -23.44 27.36
N PHE D 43 41.45 -23.65 28.62
CA PHE D 43 41.19 -24.91 29.32
C PHE D 43 40.22 -24.66 30.47
N ILE D 44 39.21 -25.52 30.57
CA ILE D 44 38.13 -25.37 31.54
C ILE D 44 38.34 -26.38 32.66
N ASP D 45 38.46 -25.90 33.90
CA ASP D 45 38.51 -26.76 35.07
C ASP D 45 37.75 -26.17 36.25
N PHE D 46 36.69 -25.42 35.98
CA PHE D 46 35.86 -24.80 37.02
C PHE D 46 34.52 -24.48 36.41
N ILE D 47 33.56 -24.10 37.25
CA ILE D 47 32.23 -23.75 36.75
C ILE D 47 32.10 -22.24 36.67
N ALA D 48 31.15 -21.78 35.85
CA ALA D 48 31.02 -20.36 35.56
C ALA D 48 30.66 -19.55 36.80
N ASP D 49 29.90 -20.14 37.73
CA ASP D 49 29.53 -19.42 38.95
C ASP D 49 30.70 -19.22 39.90
N GLU D 50 31.82 -19.91 39.68
CA GLU D 50 33.01 -19.67 40.49
C GLU D 50 33.77 -18.41 40.08
N VAL D 51 33.41 -17.79 38.95
CA VAL D 51 34.22 -16.73 38.39
C VAL D 51 34.04 -15.45 39.19
N ASP D 52 35.15 -14.86 39.64
CA ASP D 52 35.14 -13.67 40.48
C ASP D 52 35.22 -12.41 39.63
N LEU D 53 34.40 -11.41 39.94
CA LEU D 53 34.27 -10.22 39.13
C LEU D 53 34.66 -8.93 39.87
N THR D 54 35.42 -9.03 40.96
CA THR D 54 35.78 -7.84 41.72
C THR D 54 36.65 -6.89 40.89
N SER D 55 36.30 -5.60 40.95
CA SER D 55 36.88 -4.60 40.03
C SER D 55 37.25 -3.33 40.78
N ALA D 56 38.48 -2.87 40.55
CA ALA D 56 38.89 -1.55 41.04
C ALA D 56 38.24 -0.46 40.20
N LEU D 57 37.61 0.50 40.88
CA LEU D 57 37.05 1.68 40.24
C LEU D 57 38.01 2.86 40.30
N THR D 58 38.61 3.11 41.45
CA THR D 58 39.64 4.12 41.63
C THR D 58 40.78 3.50 42.42
N ARG D 59 41.73 4.34 42.82
CA ARG D 59 42.80 3.89 43.70
C ARG D 59 42.25 3.27 44.97
N LYS D 60 41.11 3.74 45.45
CA LYS D 60 40.57 3.39 46.76
C LYS D 60 39.30 2.55 46.71
N ILE D 61 38.41 2.77 45.74
CA ILE D 61 37.10 2.13 45.74
C ILE D 61 37.17 0.84 44.91
N THR D 62 36.67 -0.26 45.49
CA THR D 62 36.57 -1.54 44.81
C THR D 62 35.11 -1.96 44.77
N LEU D 63 34.68 -2.51 43.63
CA LEU D 63 33.34 -3.05 43.47
C LEU D 63 33.42 -4.55 43.25
N LYS D 64 32.26 -5.20 43.36
CA LYS D 64 32.13 -6.63 43.08
C LYS D 64 31.65 -6.91 41.67
N THR D 65 31.34 -5.87 40.90
CA THR D 65 30.82 -5.95 39.56
C THR D 65 31.50 -4.83 38.79
N PRO D 66 31.81 -5.03 37.50
CA PRO D 66 32.48 -3.96 36.74
C PRO D 66 31.55 -3.01 36.00
N LEU D 67 30.24 -3.12 36.16
CA LEU D 67 29.31 -2.33 35.36
C LEU D 67 29.01 -0.99 36.01
N ILE D 68 28.97 0.07 35.20
CA ILE D 68 28.72 1.43 35.65
C ILE D 68 27.70 2.06 34.72
N SER D 69 26.85 2.92 35.29
CA SER D 69 25.85 3.64 34.52
C SER D 69 26.38 5.03 34.16
N SER D 70 26.18 5.42 32.90
CA SER D 70 26.76 6.67 32.40
C SER D 70 26.07 7.89 33.01
N PRO D 71 26.83 8.95 33.36
CA PRO D 71 26.19 10.19 33.84
C PRO D 71 25.53 11.00 32.75
N MET D 72 24.42 10.49 32.23
CA MET D 72 23.63 11.15 31.21
C MET D 72 22.22 11.39 31.76
N ASP D 73 21.56 12.44 31.27
CA ASP D 73 20.26 12.80 31.83
C ASP D 73 19.13 11.91 31.34
N THR D 74 19.40 10.97 30.44
CA THR D 74 18.46 9.93 30.08
C THR D 74 18.90 8.55 30.59
N VAL D 75 19.87 8.49 31.50
CA VAL D 75 20.34 7.21 32.01
C VAL D 75 20.27 7.16 33.55
N THR D 76 21.01 8.04 34.23
CA THR D 76 21.26 7.89 35.67
C THR D 76 20.68 9.04 36.48
N GLU D 77 19.68 8.73 37.29
CA GLU D 77 19.26 9.50 38.45
C GLU D 77 19.35 8.59 39.68
N ALA D 78 18.75 9.04 40.79
CA ALA D 78 18.86 8.30 42.05
C ALA D 78 18.34 6.87 41.94
N ASP D 79 17.26 6.64 41.18
CA ASP D 79 16.72 5.29 41.10
C ASP D 79 17.70 4.35 40.43
N MET D 80 18.22 4.76 39.26
CA MET D 80 19.22 3.97 38.57
C MET D 80 20.44 3.77 39.44
N ALA D 81 20.87 4.82 40.15
CA ALA D 81 22.04 4.72 41.00
C ALA D 81 21.84 3.69 42.11
N ILE D 82 20.69 3.74 42.79
CA ILE D 82 20.42 2.79 43.87
C ILE D 82 20.38 1.36 43.32
N ALA D 83 19.72 1.17 42.19
CA ALA D 83 19.62 -0.16 41.61
C ALA D 83 21.01 -0.70 41.22
N MET D 84 21.84 0.14 40.60
CA MET D 84 23.19 -0.26 40.24
C MET D 84 24.00 -0.64 41.47
N ALA D 85 23.96 0.20 42.49
CA ALA D 85 24.72 -0.07 43.71
C ALA D 85 24.26 -1.37 44.37
N LEU D 86 22.95 -1.63 44.39
CA LEU D 86 22.45 -2.88 44.96
C LEU D 86 22.90 -4.08 44.14
N MET D 87 22.81 -3.97 42.81
CA MET D 87 23.27 -5.04 41.93
C MET D 87 24.78 -5.26 42.01
N GLY D 88 25.54 -4.30 42.51
CA GLY D 88 26.97 -4.47 42.69
C GLY D 88 27.84 -3.52 41.89
N GLY D 89 27.25 -2.63 41.09
CA GLY D 89 27.97 -1.61 40.37
C GLY D 89 27.88 -0.25 41.03
N ILE D 90 27.66 0.77 40.22
CA ILE D 90 27.52 2.15 40.70
C ILE D 90 26.97 3.02 39.59
N GLY D 91 26.34 4.13 39.97
CA GLY D 91 25.91 5.15 39.05
C GLY D 91 26.58 6.48 39.34
N PHE D 92 26.77 7.28 38.29
CA PHE D 92 27.17 8.67 38.43
C PHE D 92 25.97 9.56 38.08
N ILE D 93 25.63 10.49 38.97
CA ILE D 93 24.53 11.42 38.70
C ILE D 93 25.00 12.46 37.70
N HIS D 94 24.21 12.67 36.66
CA HIS D 94 24.49 13.69 35.66
C HIS D 94 24.39 15.09 36.29
N HIS D 95 24.84 16.09 35.53
CA HIS D 95 24.79 17.48 35.98
C HIS D 95 24.15 18.40 34.95
N ASN D 96 23.31 17.85 34.08
CA ASN D 96 22.42 18.66 33.23
C ASN D 96 21.18 19.08 34.03
N CYS D 97 21.43 19.82 35.10
CA CYS D 97 20.40 20.13 36.08
C CYS D 97 20.95 21.20 37.04
N THR D 98 20.16 21.54 38.04
CA THR D 98 20.58 22.49 39.06
C THR D 98 21.48 21.81 40.09
N PRO D 99 22.43 22.53 40.68
CA PRO D 99 23.22 21.95 41.76
C PRO D 99 22.39 21.44 42.93
N GLU D 100 21.35 22.18 43.33
CA GLU D 100 20.49 21.71 44.41
C GLU D 100 19.78 20.42 44.02
N PHE D 101 19.31 20.33 42.78
CA PHE D 101 18.63 19.13 42.31
C PHE D 101 19.57 17.93 42.35
N GLN D 102 20.81 18.12 41.86
CA GLN D 102 21.78 17.04 41.87
C GLN D 102 22.12 16.60 43.29
N ALA D 103 22.31 17.58 44.19
CA ALA D 103 22.61 17.24 45.57
C ALA D 103 21.47 16.46 46.20
N ASN D 104 20.23 16.83 45.88
CA ASN D 104 19.09 16.10 46.41
C ASN D 104 19.05 14.67 45.89
N GLU D 105 19.39 14.48 44.61
CA GLU D 105 19.45 13.13 44.06
C GLU D 105 20.50 12.30 44.79
N VAL D 106 21.68 12.89 45.03
CA VAL D 106 22.74 12.18 45.74
C VAL D 106 22.29 11.85 47.16
N ARG D 107 21.59 12.79 47.82
CA ARG D 107 21.07 12.53 49.16
C ARG D 107 20.10 11.37 49.17
N LYS D 108 19.21 11.31 48.17
CA LYS D 108 18.27 10.20 48.09
C LYS D 108 19.01 8.87 47.95
N VAL D 109 20.05 8.82 47.13
CA VAL D 109 20.82 7.59 47.01
C VAL D 109 21.49 7.25 48.35
N LYS D 110 22.08 8.26 49.00
CA LYS D 110 22.89 8.01 50.17
C LYS D 110 22.07 7.62 51.41
N LYS D 111 20.83 8.06 51.51
CA LYS D 111 20.01 7.76 52.67
C LYS D 111 19.05 6.60 52.42
N PHE D 112 19.15 5.94 51.27
CA PHE D 112 18.32 4.79 50.98
C PHE D 112 18.58 3.67 51.98
N GLU D 113 17.52 2.94 52.33
CA GLU D 113 17.61 1.75 53.17
C GLU D 113 16.68 0.70 52.60
N GLN D 114 17.02 -0.56 52.80
CA GLN D 114 16.20 -1.64 52.23
C GLN D 114 15.05 -1.96 53.17
N GLY D 115 13.82 -1.90 52.63
CA GLY D 115 12.63 -2.14 53.41
C GLY D 115 12.08 -0.93 54.13
N PHE D 116 12.74 0.23 54.02
CA PHE D 116 12.28 1.45 54.68
C PHE D 116 11.76 2.44 53.66
N ILE D 117 10.92 3.35 54.12
CA ILE D 117 10.42 4.42 53.28
C ILE D 117 11.42 5.57 53.30
N THR D 118 11.66 6.16 52.14
CA THR D 118 12.59 7.29 52.01
C THR D 118 11.77 8.56 51.83
N ASP D 119 11.95 9.51 52.74
CA ASP D 119 11.15 10.73 52.76
C ASP D 119 9.67 10.41 52.91
N PRO D 120 9.24 9.96 54.09
CA PRO D 120 7.81 9.73 54.31
C PRO D 120 7.00 11.02 54.24
N VAL D 121 5.75 10.90 53.83
CA VAL D 121 4.81 12.02 53.89
C VAL D 121 4.18 12.05 55.27
N VAL D 122 4.12 13.24 55.87
CA VAL D 122 3.60 13.42 57.22
C VAL D 122 2.63 14.60 57.22
N LEU D 123 1.77 14.64 58.24
CA LEU D 123 0.79 15.70 58.41
C LEU D 123 0.61 15.98 59.90
N SER D 124 0.12 17.19 60.19
CA SER D 124 -0.20 17.59 61.55
C SER D 124 -1.65 17.29 61.87
N PRO D 125 -2.00 17.16 63.15
CA PRO D 125 -3.39 16.86 63.52
C PRO D 125 -4.37 17.93 63.09
N SER D 126 -3.91 19.16 62.85
CA SER D 126 -4.78 20.25 62.44
C SER D 126 -5.09 20.24 60.95
N HIS D 127 -4.55 19.27 60.21
CA HIS D 127 -4.93 19.11 58.81
C HIS D 127 -6.35 18.53 58.72
N THR D 128 -6.88 18.55 57.50
CA THR D 128 -8.22 18.07 57.24
C THR D 128 -8.18 16.76 56.46
N VAL D 129 -9.29 16.01 56.52
CA VAL D 129 -9.42 14.79 55.72
C VAL D 129 -9.28 15.12 54.24
N GLY D 130 -9.59 16.36 53.85
CA GLY D 130 -9.33 16.78 52.49
C GLY D 130 -7.86 16.73 52.15
N ASP D 131 -6.99 17.08 53.12
CA ASP D 131 -5.56 16.98 52.90
C ASP D 131 -5.14 15.54 52.65
N VAL D 132 -5.69 14.59 53.42
CA VAL D 132 -5.37 13.18 53.21
C VAL D 132 -5.86 12.73 51.84
N LEU D 133 -7.07 13.15 51.46
CA LEU D 133 -7.60 12.77 50.15
C LEU D 133 -6.72 13.32 49.03
N GLU D 134 -6.26 14.57 49.17
CA GLU D 134 -5.40 15.16 48.16
C GLU D 134 -4.05 14.45 48.08
N ALA D 135 -3.49 14.10 49.24
CA ALA D 135 -2.25 13.34 49.25
C ALA D 135 -2.42 12.00 48.54
N LYS D 136 -3.52 11.31 48.83
CA LYS D 136 -3.84 10.08 48.09
C LYS D 136 -3.91 10.34 46.60
N MET D 137 -4.64 11.37 46.18
CA MET D 137 -4.84 11.63 44.76
C MET D 137 -3.52 11.93 44.06
N ARG D 138 -2.63 12.69 44.71
CA ARG D 138 -1.43 13.18 44.05
C ARG D 138 -0.18 12.37 44.33
N HIS D 139 -0.25 11.33 45.16
CA HIS D 139 0.90 10.47 45.40
C HIS D 139 0.61 8.98 45.25
N GLY D 140 -0.64 8.55 45.43
CA GLY D 140 -1.02 7.16 45.24
C GLY D 140 -1.19 6.35 46.51
N PHE D 141 -1.03 6.95 47.69
CA PHE D 141 -1.13 6.21 48.94
C PHE D 141 -1.77 7.09 50.01
N SER D 142 -2.28 6.46 51.06
CA SER D 142 -2.95 7.17 52.13
C SER D 142 -2.52 6.77 53.54
N GLY D 143 -1.51 5.93 53.69
CA GLY D 143 -1.05 5.54 55.01
C GLY D 143 -0.09 6.56 55.59
N ILE D 144 -0.62 7.70 56.01
CA ILE D 144 0.17 8.88 56.37
C ILE D 144 0.17 9.01 57.89
N PRO D 145 1.33 8.91 58.56
CA PRO D 145 1.35 9.17 60.00
C PRO D 145 1.14 10.64 60.33
N ILE D 146 0.75 10.89 61.58
CA ILE D 146 0.44 12.23 62.07
C ILE D 146 1.43 12.57 63.17
N THR D 147 1.97 13.79 63.13
CA THR D 147 2.94 14.25 64.12
C THR D 147 2.53 15.62 64.63
N GLU D 148 3.00 15.96 65.83
CA GLU D 148 2.61 17.21 66.46
C GLU D 148 2.86 18.41 65.57
N THR D 149 4.07 18.52 65.03
CA THR D 149 4.45 19.65 64.19
C THR D 149 4.15 19.43 62.71
N GLY D 150 3.59 18.27 62.35
CA GLY D 150 3.30 17.97 60.97
C GLY D 150 4.47 17.52 60.14
N THR D 151 5.59 17.17 60.77
CA THR D 151 6.79 16.79 60.05
C THR D 151 7.63 15.91 60.96
N MET D 152 8.67 15.31 60.39
CA MET D 152 9.50 14.37 61.14
C MET D 152 10.28 15.09 62.22
N GLY D 153 10.67 14.33 63.25
CA GLY D 153 11.46 14.88 64.33
C GLY D 153 10.66 15.49 65.46
N SER D 154 9.39 15.13 65.61
CA SER D 154 8.56 15.63 66.69
C SER D 154 7.65 14.53 67.17
N LYS D 155 6.97 14.78 68.31
CA LYS D 155 6.18 13.75 68.96
C LYS D 155 5.15 13.17 68.02
N LEU D 156 5.07 11.83 68.00
CA LEU D 156 4.09 11.12 67.18
C LEU D 156 2.75 11.08 67.91
N VAL D 157 1.67 11.37 67.17
CA VAL D 157 0.35 11.45 67.77
C VAL D 157 -0.63 10.43 67.19
N GLY D 158 -0.44 9.97 65.96
CA GLY D 158 -1.38 9.03 65.39
C GLY D 158 -1.07 8.75 63.94
N ILE D 159 -2.00 8.03 63.30
CA ILE D 159 -1.89 7.66 61.89
C ILE D 159 -3.28 7.60 61.29
N VAL D 160 -3.36 7.90 59.99
CA VAL D 160 -4.62 7.92 59.25
C VAL D 160 -4.43 7.12 57.97
N THR D 161 -5.39 6.26 57.64
CA THR D 161 -5.31 5.44 56.44
C THR D 161 -6.69 5.37 55.76
N SER D 162 -6.74 4.55 54.71
CA SER D 162 -7.94 4.43 53.90
C SER D 162 -9.12 3.95 54.73
N ARG D 163 -8.90 2.99 55.62
CA ARG D 163 -10.01 2.47 56.41
C ARG D 163 -10.42 3.42 57.53
N ASP D 164 -9.64 4.47 57.78
CA ASP D 164 -10.09 5.57 58.62
C ASP D 164 -10.82 6.64 57.85
N ILE D 165 -10.56 6.78 56.55
CA ILE D 165 -11.12 7.88 55.76
C ILE D 165 -12.30 7.42 54.91
N ASP D 166 -12.52 6.11 54.77
CA ASP D 166 -13.32 5.58 53.67
C ASP D 166 -14.83 5.74 53.84
N PHE D 167 -15.36 5.72 55.06
CA PHE D 167 -16.81 5.74 55.27
C PHE D 167 -17.33 7.13 55.64
N LEU D 168 -16.50 8.15 55.60
CA LEU D 168 -16.96 9.50 55.90
C LEU D 168 -17.78 10.07 54.75
N ALA D 169 -18.68 10.99 55.08
CA ALA D 169 -19.49 11.66 54.08
C ALA D 169 -18.64 12.59 53.23
N GLU D 170 -19.03 12.73 51.96
CA GLU D 170 -18.27 13.55 51.02
C GLU D 170 -18.25 15.02 51.42
N LYS D 171 -19.35 15.55 51.97
CA LYS D 171 -19.37 16.94 52.39
C LYS D 171 -18.46 17.19 53.59
N ASP D 172 -18.05 16.13 54.28
CA ASP D 172 -17.23 16.28 55.48
C ASP D 172 -15.81 16.66 55.11
N HIS D 173 -15.30 17.72 55.74
CA HIS D 173 -13.91 18.15 55.59
C HIS D 173 -13.30 18.42 56.96
N THR D 174 -13.80 17.75 58.00
CA THR D 174 -13.38 18.02 59.35
C THR D 174 -11.90 17.73 59.53
N THR D 175 -11.32 18.30 60.58
CA THR D 175 -9.91 18.11 60.88
C THR D 175 -9.65 16.69 61.35
N LEU D 176 -8.37 16.32 61.37
CA LEU D 176 -7.96 15.03 61.90
C LEU D 176 -8.05 15.08 63.43
N LEU D 177 -7.51 14.05 64.09
CA LEU D 177 -7.58 13.96 65.54
C LEU D 177 -9.04 13.91 65.99
N VAL D 180 -10.97 10.59 63.58
CA VAL D 180 -10.41 10.07 62.35
C VAL D 180 -9.03 9.48 62.62
N MET D 181 -8.19 10.26 63.28
CA MET D 181 -6.84 9.79 63.61
C MET D 181 -6.87 8.89 64.83
N THR D 182 -6.26 7.72 64.71
CA THR D 182 -6.14 6.83 65.87
C THR D 182 -5.07 7.38 66.80
N PRO D 183 -5.30 7.38 68.11
CA PRO D 183 -4.35 8.02 69.03
C PRO D 183 -3.04 7.24 69.13
N ARG D 184 -2.04 7.93 69.68
CA ARG D 184 -0.73 7.31 69.86
C ARG D 184 -0.81 6.11 70.80
N ILE D 185 -1.64 6.21 71.85
CA ILE D 185 -1.76 5.13 72.82
C ILE D 185 -2.16 3.83 72.13
N GLU D 186 -2.84 3.93 70.98
CA GLU D 186 -3.31 2.76 70.25
C GLU D 186 -2.33 2.28 69.19
N LEU D 187 -1.22 2.98 68.98
CA LEU D 187 -0.29 2.63 67.90
C LEU D 187 0.64 1.51 68.32
N VAL D 188 1.07 0.73 67.33
CA VAL D 188 2.09 -0.29 67.50
C VAL D 188 3.34 0.20 66.79
N VAL D 189 4.36 0.58 67.57
CA VAL D 189 5.57 1.20 67.04
C VAL D 189 6.78 0.45 67.58
N ALA D 190 7.94 0.74 66.98
CA ALA D 190 9.19 0.12 67.36
C ALA D 190 10.27 1.17 67.60
N PRO D 191 11.25 0.88 68.47
CA PRO D 191 12.30 1.87 68.75
C PRO D 191 13.25 2.04 67.57
N ALA D 192 14.03 3.12 67.62
CA ALA D 192 14.82 3.53 66.46
C ALA D 192 15.81 2.47 66.00
N GLY D 193 16.18 1.52 66.87
CA GLY D 193 17.13 0.50 66.50
C GLY D 193 16.49 -0.72 65.85
N VAL D 194 15.55 -0.51 64.93
CA VAL D 194 14.86 -1.63 64.29
C VAL D 194 15.80 -2.36 63.34
N THR D 195 15.68 -3.69 63.31
CA THR D 195 16.27 -4.52 62.28
C THR D 195 15.14 -5.23 61.54
N LEU D 196 15.39 -5.59 60.28
CA LEU D 196 14.31 -6.13 59.45
C LEU D 196 13.68 -7.38 60.06
N LYS D 197 14.44 -8.21 60.77
CA LYS D 197 13.83 -9.38 61.41
C LYS D 197 12.83 -8.97 62.49
N GLU D 198 13.20 -8.00 63.32
CA GLU D 198 12.26 -7.52 64.33
C GLU D 198 11.06 -6.85 63.68
N ALA D 199 11.28 -6.13 62.58
CA ALA D 199 10.14 -5.57 61.85
C ALA D 199 9.21 -6.67 61.35
N ASN D 200 9.79 -7.75 60.82
CA ASN D 200 8.98 -8.87 60.35
C ASN D 200 8.17 -9.47 61.49
N GLU D 201 8.79 -9.70 62.64
CA GLU D 201 8.06 -10.26 63.78
C GLU D 201 6.93 -9.33 64.21
N ILE D 202 7.24 -8.03 64.34
CA ILE D 202 6.24 -7.07 64.81
C ILE D 202 5.06 -7.03 63.85
N LEU D 203 5.35 -6.93 62.55
CA LEU D 203 4.27 -6.81 61.58
C LEU D 203 3.47 -8.10 61.47
N GLN D 204 4.14 -9.25 61.57
CA GLN D 204 3.41 -10.53 61.54
C GLN D 204 2.46 -10.64 62.72
N ARG D 205 2.90 -10.20 63.90
CA ARG D 205 2.02 -10.24 65.06
C ARG D 205 0.87 -9.24 64.91
N SER D 206 1.16 -8.02 64.46
CA SER D 206 0.18 -6.94 64.54
C SER D 206 -0.80 -6.94 63.38
N LYS D 207 -0.41 -7.46 62.21
CA LYS D 207 -1.24 -7.52 61.02
C LYS D 207 -1.51 -6.15 60.40
N LYS D 208 -0.79 -5.12 60.83
CA LYS D 208 -1.06 -3.76 60.35
C LYS D 208 -0.26 -3.48 59.08
N GLY D 209 -0.65 -2.39 58.41
CA GLY D 209 -0.07 -2.04 57.12
C GLY D 209 1.13 -1.09 57.20
N LYS D 210 1.33 -0.47 58.35
CA LYS D 210 2.48 0.41 58.57
C LYS D 210 3.14 0.05 59.90
N LEU D 211 4.42 0.37 60.00
CA LEU D 211 5.18 0.19 61.24
C LEU D 211 6.01 1.44 61.49
N PRO D 212 5.45 2.44 62.17
CA PRO D 212 6.24 3.62 62.52
C PRO D 212 7.38 3.27 63.46
N ILE D 213 8.47 4.03 63.33
CA ILE D 213 9.65 3.87 64.17
C ILE D 213 9.92 5.21 64.85
N VAL D 214 10.06 5.19 66.18
CA VAL D 214 10.02 6.40 66.98
C VAL D 214 11.25 6.48 67.88
N ASN D 215 11.41 7.64 68.52
CA ASN D 215 12.50 7.88 69.45
C ASN D 215 12.04 7.59 70.88
N ASP D 216 12.96 7.77 71.83
CA ASP D 216 12.64 7.51 73.23
C ASP D 216 11.44 8.34 73.69
N CYS D 217 11.38 9.61 73.27
CA CYS D 217 10.25 10.48 73.59
C CYS D 217 9.24 10.55 72.46
N ASP D 218 9.03 9.45 71.73
CA ASP D 218 7.98 9.32 70.73
C ASP D 218 8.17 10.25 69.53
N GLU D 219 9.41 10.61 69.20
CA GLU D 219 9.66 11.37 67.98
C GLU D 219 9.76 10.44 66.79
N LEU D 220 8.92 10.66 65.78
CA LEU D 220 8.92 9.83 64.59
C LEU D 220 10.19 10.08 63.78
N VAL D 221 10.90 9.01 63.44
CA VAL D 221 12.11 9.12 62.65
C VAL D 221 12.14 8.21 61.43
N ALA D 222 11.37 7.12 61.41
CA ALA D 222 11.33 6.24 60.25
C ALA D 222 10.03 5.44 60.29
N ILE D 223 9.65 4.91 59.13
CA ILE D 223 8.40 4.16 58.99
C ILE D 223 8.59 3.12 57.90
N ILE D 224 7.96 1.97 58.10
CA ILE D 224 8.05 0.82 57.19
C ILE D 224 6.65 0.51 56.67
N ALA D 225 6.56 0.17 55.39
CA ALA D 225 5.31 -0.28 54.80
C ALA D 225 5.32 -1.79 54.65
N ARG D 226 4.20 -2.42 55.01
CA ARG D 226 4.09 -3.87 54.91
C ARG D 226 4.27 -4.34 53.47
N THR D 227 3.67 -3.62 52.52
CA THR D 227 3.80 -3.99 51.11
C THR D 227 5.26 -4.02 50.69
N ASP D 228 6.03 -3.00 51.08
CA ASP D 228 7.46 -2.98 50.76
C ASP D 228 8.18 -4.14 51.41
N LEU D 229 7.89 -4.42 52.68
CA LEU D 229 8.60 -5.47 53.39
C LEU D 229 8.31 -6.85 52.80
N LYS D 230 7.12 -7.05 52.27
CA LYS D 230 6.79 -8.33 51.65
C LYS D 230 7.68 -8.64 50.46
N LYS D 231 8.16 -7.60 49.77
CA LYS D 231 8.96 -7.75 48.56
C LYS D 231 10.45 -7.78 48.85
N ASN D 232 10.85 -8.03 50.09
CA ASN D 232 12.26 -7.93 50.46
C ASN D 232 13.09 -8.97 49.72
N ARG D 233 14.35 -8.63 49.47
CA ARG D 233 15.28 -9.52 48.78
C ARG D 233 16.66 -9.38 49.40
N ASP D 234 17.55 -10.29 49.02
CA ASP D 234 18.93 -10.25 49.48
C ASP D 234 19.84 -9.73 48.38
N TYR D 235 20.79 -8.90 48.78
CA TYR D 235 21.78 -8.29 47.87
C TYR D 235 23.17 -8.52 48.43
N PRO D 236 23.72 -9.72 48.24
CA PRO D 236 25.04 -10.02 48.81
C PRO D 236 26.19 -9.28 48.12
N LEU D 237 25.94 -8.59 47.02
CA LEU D 237 26.97 -7.90 46.26
C LEU D 237 26.90 -6.38 46.35
N ALA D 238 26.15 -5.83 47.31
CA ALA D 238 25.86 -4.40 47.30
C ALA D 238 27.10 -3.56 47.56
N SER D 239 27.16 -2.40 46.91
CA SER D 239 28.29 -1.47 47.04
C SER D 239 28.01 -0.49 48.17
N LYS D 240 28.69 -0.68 49.30
CA LYS D 240 28.46 0.12 50.49
C LYS D 240 29.75 0.79 50.94
N ASP D 241 29.61 1.93 51.61
CA ASP D 241 30.73 2.57 52.29
C ASP D 241 30.80 2.09 53.74
N SER D 242 31.61 2.77 54.55
CA SER D 242 31.83 2.33 55.93
C SER D 242 30.53 2.38 56.73
N GLN D 243 29.70 3.40 56.50
CA GLN D 243 28.44 3.54 57.20
C GLN D 243 27.33 2.66 56.65
N LYS D 244 27.66 1.66 55.85
CA LYS D 244 26.69 0.72 55.29
C LYS D 244 25.73 1.40 54.31
N GLN D 245 26.05 2.61 53.89
CA GLN D 245 25.23 3.32 52.92
C GLN D 245 25.73 3.04 51.51
N LEU D 246 24.81 3.08 50.55
CA LEU D 246 25.17 2.81 49.16
C LEU D 246 26.13 3.86 48.63
N LEU D 247 27.01 3.44 47.74
CA LEU D 247 27.96 4.35 47.09
C LEU D 247 27.29 5.08 45.93
N CYS D 248 27.62 6.36 45.78
CA CYS D 248 27.11 7.20 44.70
C CYS D 248 28.25 7.98 44.06
N GLY D 249 28.10 8.30 42.77
CA GLY D 249 29.01 9.19 42.08
C GLY D 249 28.28 10.32 41.40
N ALA D 250 28.99 11.39 41.06
CA ALA D 250 28.39 12.53 40.39
C ALA D 250 29.30 13.04 39.29
N ALA D 251 28.70 13.68 38.29
CA ALA D 251 29.45 14.39 37.25
C ALA D 251 29.57 15.87 37.60
N VAL D 252 30.70 16.45 37.24
CA VAL D 252 30.97 17.88 37.40
C VAL D 252 31.73 18.37 36.18
N GLY D 253 31.56 19.66 35.88
CA GLY D 253 32.28 20.31 34.79
C GLY D 253 33.57 20.94 35.25
N THR D 254 34.08 21.86 34.42
CA THR D 254 35.36 22.51 34.69
C THR D 254 35.28 24.03 34.79
N ARG D 255 34.08 24.59 34.90
CA ARG D 255 33.93 26.03 34.98
C ARG D 255 33.96 26.51 36.43
N GLU D 256 33.72 27.81 36.62
CA GLU D 256 33.73 28.40 37.95
C GLU D 256 32.48 28.05 38.74
N ASP D 257 31.32 27.96 38.07
CA ASP D 257 30.09 27.62 38.75
C ASP D 257 30.14 26.22 39.35
N ASP D 258 31.08 25.38 38.92
CA ASP D 258 31.16 24.02 39.42
C ASP D 258 31.78 23.94 40.81
N LYS D 259 32.37 25.04 41.30
CA LYS D 259 32.85 25.06 42.68
C LYS D 259 31.69 24.91 43.66
N TYR D 260 30.62 25.67 43.45
CA TYR D 260 29.45 25.57 44.30
C TYR D 260 28.78 24.21 44.18
N ARG D 261 28.75 23.67 42.96
CA ARG D 261 28.20 22.33 42.76
C ARG D 261 28.99 21.29 43.53
N LEU D 262 30.32 21.40 43.52
CA LEU D 262 31.16 20.51 44.31
C LEU D 262 30.86 20.66 45.79
N ASP D 263 30.68 21.90 46.27
CA ASP D 263 30.35 22.12 47.67
C ASP D 263 29.05 21.40 48.06
N LEU D 264 28.01 21.59 47.25
CA LEU D 264 26.73 20.97 47.58
C LEU D 264 26.82 19.45 47.53
N LEU D 265 27.48 18.89 46.51
CA LEU D 265 27.58 17.43 46.41
C LEU D 265 28.40 16.86 47.55
N THR D 266 29.45 17.56 47.98
CA THR D 266 30.23 17.10 49.12
C THR D 266 29.42 17.15 50.40
N GLN D 267 28.55 18.16 50.54
CA GLN D 267 27.64 18.17 51.69
C GLN D 267 26.66 17.00 51.62
N ALA D 268 26.25 16.62 50.41
CA ALA D 268 25.34 15.48 50.26
C ALA D 268 26.04 14.15 50.48
N GLY D 269 27.37 14.11 50.48
CA GLY D 269 28.10 12.91 50.79
C GLY D 269 28.52 12.06 49.60
N VAL D 270 28.85 12.67 48.46
CA VAL D 270 29.34 11.91 47.32
C VAL D 270 30.60 11.14 47.70
N ASP D 271 30.81 10.00 47.06
CA ASP D 271 32.00 9.19 47.27
C ASP D 271 33.04 9.38 46.18
N VAL D 272 32.61 9.62 44.95
CA VAL D 272 33.52 9.71 43.80
C VAL D 272 32.96 10.72 42.82
N ILE D 273 33.85 11.52 42.24
CA ILE D 273 33.51 12.56 41.27
C ILE D 273 34.19 12.21 39.95
N VAL D 274 33.47 12.40 38.84
CA VAL D 274 34.04 12.31 37.51
C VAL D 274 33.94 13.67 36.83
N LEU D 275 35.07 14.14 36.31
CA LEU D 275 35.12 15.38 35.53
C LEU D 275 34.70 15.08 34.09
N ASP D 276 33.61 15.70 33.67
CA ASP D 276 32.87 15.29 32.47
C ASP D 276 33.25 16.21 31.30
N SER D 277 34.04 15.68 30.36
CA SER D 277 34.36 16.42 29.13
C SER D 277 34.78 15.45 28.04
N SER D 278 34.73 15.95 26.80
CA SER D 278 35.04 15.13 25.64
C SER D 278 36.54 14.99 25.41
N GLN D 279 37.35 15.88 26.00
CA GLN D 279 38.78 15.98 25.80
C GLN D 279 39.36 16.51 27.11
N GLY D 280 39.83 15.58 27.95
CA GLY D 280 40.21 15.91 29.31
C GLY D 280 41.59 16.52 29.47
N ASN D 281 42.39 16.55 28.40
CA ASN D 281 43.77 17.04 28.47
C ASN D 281 43.76 18.54 28.22
N SER D 282 43.57 19.30 29.30
CA SER D 282 43.44 20.74 29.20
C SER D 282 43.81 21.40 30.53
N VAL D 283 44.26 22.65 30.44
CA VAL D 283 44.59 23.44 31.62
C VAL D 283 43.37 23.58 32.53
N TYR D 284 42.16 23.67 31.94
CA TYR D 284 40.96 23.79 32.75
C TYR D 284 40.78 22.59 33.67
N GLN D 285 40.82 21.38 33.10
CA GLN D 285 40.64 20.18 33.91
C GLN D 285 41.79 19.99 34.88
N ILE D 286 43.02 20.32 34.47
CA ILE D 286 44.15 20.15 35.38
C ILE D 286 43.99 21.07 36.59
N ALA D 287 43.57 22.32 36.36
CA ALA D 287 43.33 23.24 37.48
C ALA D 287 42.19 22.74 38.36
N MET D 288 41.12 22.22 37.75
CA MET D 288 40.00 21.72 38.55
C MET D 288 40.42 20.53 39.43
N VAL D 289 41.24 19.63 38.87
CA VAL D 289 41.74 18.50 39.65
C VAL D 289 42.59 19.00 40.82
N HIS D 290 43.47 19.96 40.56
CA HIS D 290 44.30 20.50 41.64
C HIS D 290 43.43 21.12 42.73
N TYR D 291 42.40 21.86 42.34
CA TYR D 291 41.53 22.51 43.31
C TYR D 291 40.80 21.47 44.16
N ILE D 292 40.26 20.44 43.53
CA ILE D 292 39.55 19.42 44.28
C ILE D 292 40.49 18.73 45.26
N LYS D 293 41.71 18.40 44.82
CA LYS D 293 42.63 17.72 45.72
C LYS D 293 43.09 18.61 46.84
N GLN D 294 43.15 19.93 46.62
CA GLN D 294 43.51 20.84 47.70
C GLN D 294 42.38 20.95 48.72
N LYS D 295 41.14 21.11 48.27
CA LYS D 295 40.04 21.43 49.17
C LYS D 295 39.41 20.21 49.82
N TYR D 296 39.27 19.11 49.10
CA TYR D 296 38.65 17.89 49.61
C TYR D 296 39.62 16.73 49.41
N PRO D 297 40.70 16.68 50.19
CA PRO D 297 41.70 15.62 50.00
C PRO D 297 41.18 14.21 50.19
N HIS D 298 39.94 14.03 50.65
CA HIS D 298 39.37 12.70 50.84
C HIS D 298 38.61 12.19 49.63
N LEU D 299 38.34 13.03 48.64
CA LEU D 299 37.45 12.69 47.55
C LEU D 299 38.21 12.02 46.40
N GLN D 300 37.56 11.05 45.75
CA GLN D 300 38.15 10.33 44.62
C GLN D 300 37.70 11.00 43.33
N VAL D 301 38.66 11.31 42.46
CA VAL D 301 38.42 12.05 41.23
C VAL D 301 38.85 11.19 40.04
N ILE D 302 37.95 11.07 39.06
CA ILE D 302 38.24 10.38 37.81
C ILE D 302 38.42 11.42 36.72
N GLY D 303 39.51 11.33 35.97
CA GLY D 303 39.87 12.36 35.02
C GLY D 303 39.10 12.25 33.71
N GLY D 304 38.93 13.39 33.05
CA GLY D 304 38.12 13.48 31.84
C GLY D 304 38.61 12.59 30.74
N ASN D 305 37.82 12.52 29.68
CA ASN D 305 38.02 11.51 28.64
C ASN D 305 39.33 11.73 27.89
N VAL D 306 40.11 10.66 27.78
CA VAL D 306 41.33 10.63 26.98
C VAL D 306 41.32 9.36 26.15
N VAL D 307 42.12 9.36 25.08
CA VAL D 307 42.34 8.17 24.27
C VAL D 307 43.82 7.88 24.06
N THR D 308 44.71 8.60 24.73
CA THR D 308 46.13 8.60 24.43
C THR D 308 46.93 8.62 25.74
N ALA D 309 48.12 8.02 25.68
CA ALA D 309 49.00 7.97 26.85
C ALA D 309 49.54 9.34 27.22
N ALA D 310 49.82 10.18 26.22
CA ALA D 310 50.29 11.54 26.51
C ALA D 310 49.20 12.38 27.19
N GLN D 311 47.95 12.23 26.75
CA GLN D 311 46.84 12.79 27.52
C GLN D 311 46.83 12.26 28.94
N ALA D 312 46.93 10.93 29.11
CA ALA D 312 46.79 10.32 30.43
C ALA D 312 47.89 10.79 31.38
N LYS D 313 49.08 11.07 30.85
CA LYS D 313 50.21 11.46 31.70
C LYS D 313 49.92 12.75 32.45
N ASN D 314 49.36 13.75 31.77
CA ASN D 314 49.10 15.03 32.41
C ASN D 314 48.11 14.90 33.55
N LEU D 315 47.06 14.12 33.35
CA LEU D 315 46.05 13.96 34.39
C LEU D 315 46.54 13.08 35.53
N ILE D 316 47.42 12.11 35.25
CA ILE D 316 47.98 11.31 36.33
C ILE D 316 48.98 12.14 37.14
N ASP D 317 49.68 13.07 36.49
CA ASP D 317 50.51 14.02 37.22
C ASP D 317 49.66 14.97 38.06
N ALA D 318 48.52 15.39 37.52
CA ALA D 318 47.64 16.29 38.25
C ALA D 318 47.11 15.64 39.53
N GLY D 319 46.97 14.32 39.54
CA GLY D 319 46.62 13.60 40.75
C GLY D 319 45.28 12.88 40.72
N VAL D 320 44.85 12.41 39.56
CA VAL D 320 43.57 11.70 39.50
C VAL D 320 43.71 10.30 40.09
N ASP D 321 42.56 9.70 40.39
CA ASP D 321 42.52 8.31 40.85
C ASP D 321 41.96 7.36 39.81
N GLY D 322 41.37 7.87 38.74
CA GLY D 322 40.86 7.03 37.68
C GLY D 322 40.79 7.79 36.38
N LEU D 323 40.68 7.04 35.29
CA LEU D 323 40.63 7.61 33.94
C LEU D 323 39.46 7.06 33.15
N ARG D 324 38.77 7.95 32.46
CA ARG D 324 37.69 7.61 31.56
C ARG D 324 38.22 7.64 30.14
N VAL D 325 37.99 6.58 29.37
CA VAL D 325 38.71 6.33 28.13
C VAL D 325 37.70 6.11 27.02
N GLY D 326 37.81 6.90 25.97
CA GLY D 326 36.87 6.84 24.85
C GLY D 326 36.60 8.23 24.31
N MET D 327 36.44 8.32 22.99
CA MET D 327 36.16 9.59 22.32
C MET D 327 35.68 9.23 20.91
N GLY D 328 34.39 9.45 20.66
CA GLY D 328 33.80 9.17 19.38
C GLY D 328 33.09 7.84 19.26
N CYS D 329 33.30 6.92 20.20
CA CYS D 329 32.81 5.56 20.07
C CYS D 329 31.34 5.39 20.46
N GLY D 330 30.78 6.32 21.23
CA GLY D 330 29.45 6.12 21.76
C GLY D 330 28.40 6.03 20.68
N SER D 331 27.27 5.42 21.04
CA SER D 331 26.20 5.17 20.08
C SER D 331 25.56 6.47 19.59
N ILE D 332 25.41 7.46 20.47
CA ILE D 332 24.76 8.72 20.13
C ILE D 332 25.77 9.81 19.77
N CYS D 333 26.96 9.42 19.30
CA CYS D 333 28.08 10.34 19.08
C CYS D 333 28.30 10.60 17.59
N ILE D 334 28.64 11.86 17.27
CA ILE D 334 29.01 12.27 15.92
C ILE D 334 30.29 13.11 15.98
N THR D 335 30.97 13.04 17.11
CA THR D 335 32.15 13.88 17.34
C THR D 335 33.24 13.61 16.30
N GLN D 336 33.41 12.35 15.90
CA GLN D 336 34.42 12.05 14.88
C GLN D 336 34.04 12.69 13.54
N GLU D 337 32.77 12.59 13.16
CA GLU D 337 32.32 13.16 11.90
C GLU D 337 32.44 14.67 11.88
N VAL D 338 32.34 15.32 13.04
CA VAL D 338 32.27 16.78 13.09
C VAL D 338 33.63 17.41 13.40
N MET D 339 34.48 16.75 14.18
CA MET D 339 35.76 17.30 14.59
C MET D 339 36.98 16.63 13.97
N ALA D 340 36.85 15.41 13.46
CA ALA D 340 37.97 14.64 12.92
C ALA D 340 38.94 14.20 14.02
N CYS D 341 38.45 13.96 15.24
CA CYS D 341 39.27 13.62 16.38
C CYS D 341 38.71 12.39 17.08
N GLY D 342 39.58 11.54 17.58
CA GLY D 342 39.16 10.36 18.31
C GLY D 342 40.15 9.22 18.14
N ARG D 343 39.63 8.00 18.35
CA ARG D 343 40.42 6.78 18.28
C ARG D 343 39.47 5.59 18.26
N PRO D 344 39.77 4.53 17.52
CA PRO D 344 39.06 3.26 17.72
C PRO D 344 39.22 2.75 19.14
N GLN D 345 38.10 2.29 19.71
CA GLN D 345 37.98 2.15 21.16
C GLN D 345 38.81 0.99 21.70
N GLY D 346 38.84 -0.15 20.99
CA GLY D 346 39.68 -1.27 21.44
C GLY D 346 41.15 -0.91 21.53
N THR D 347 41.66 -0.24 20.51
CA THR D 347 43.04 0.25 20.53
C THR D 347 43.26 1.23 21.69
N ALA D 348 42.36 2.20 21.84
CA ALA D 348 42.53 3.22 22.88
C ALA D 348 42.54 2.60 24.27
N VAL D 349 41.61 1.68 24.53
CA VAL D 349 41.57 1.01 25.82
C VAL D 349 42.88 0.28 26.07
N TYR D 350 43.33 -0.53 25.10
CA TYR D 350 44.55 -1.29 25.32
C TYR D 350 45.74 -0.36 25.61
N LYS D 351 45.94 0.67 24.77
CA LYS D 351 47.10 1.54 24.93
C LYS D 351 47.06 2.28 26.27
N VAL D 352 45.92 2.88 26.62
CA VAL D 352 45.86 3.69 27.83
C VAL D 352 45.98 2.82 29.08
N ALA D 353 45.31 1.66 29.09
CA ALA D 353 45.41 0.79 30.27
C ALA D 353 46.83 0.29 30.44
N GLU D 354 47.49 -0.05 29.33
CA GLU D 354 48.88 -0.51 29.40
C GLU D 354 49.77 0.57 30.00
N TYR D 355 49.56 1.83 29.61
CA TYR D 355 50.37 2.90 30.21
C TYR D 355 50.00 3.12 31.68
N ALA D 356 48.71 3.15 31.99
CA ALA D 356 48.26 3.63 33.30
C ALA D 356 48.52 2.62 34.41
N ARG D 357 48.52 1.32 34.10
CA ARG D 357 48.76 0.36 35.16
C ARG D 357 50.17 0.47 35.75
N ARG D 358 51.07 1.18 35.07
CA ARG D 358 52.39 1.42 35.64
C ARG D 358 52.33 2.24 36.92
N PHE D 359 51.32 3.11 37.04
CA PHE D 359 51.15 3.99 38.18
C PHE D 359 50.01 3.56 39.10
N GLY D 360 49.42 2.39 38.87
CA GLY D 360 48.32 1.94 39.68
C GLY D 360 47.03 2.69 39.47
N VAL D 361 46.76 3.16 38.26
CA VAL D 361 45.55 3.91 37.94
C VAL D 361 44.66 3.01 37.10
N PRO D 362 43.46 2.65 37.55
CA PRO D 362 42.53 1.90 36.70
C PRO D 362 41.86 2.80 35.68
N ILE D 363 41.30 2.19 34.64
CA ILE D 363 40.59 2.93 33.61
C ILE D 363 39.20 2.36 33.43
N ILE D 364 38.26 3.22 33.07
CA ILE D 364 36.93 2.81 32.66
C ILE D 364 36.86 2.88 31.14
N ALA D 365 36.41 1.78 30.52
CA ALA D 365 36.09 1.76 29.10
C ALA D 365 34.68 2.30 28.92
N ASP D 366 34.56 3.45 28.26
CA ASP D 366 33.30 4.17 28.16
C ASP D 366 32.97 4.43 26.70
N GLY D 367 31.86 3.86 26.24
CA GLY D 367 31.34 4.12 24.91
C GLY D 367 31.42 2.94 23.96
N GLY D 368 30.38 2.75 23.16
CA GLY D 368 30.38 1.75 22.10
C GLY D 368 30.15 0.32 22.55
N ILE D 369 29.76 0.09 23.80
CA ILE D 369 29.44 -1.26 24.26
C ILE D 369 28.01 -1.59 23.82
N GLN D 370 27.83 -2.64 23.04
CA GLN D 370 26.52 -3.03 22.57
C GLN D 370 26.13 -4.47 22.92
N THR D 371 27.09 -5.29 23.34
CA THR D 371 26.83 -6.69 23.65
C THR D 371 27.65 -7.09 24.87
N VAL D 372 27.35 -8.27 25.40
CA VAL D 372 28.11 -8.83 26.52
C VAL D 372 29.54 -9.16 26.07
N GLY D 373 29.69 -9.60 24.81
CA GLY D 373 31.00 -9.88 24.27
C GLY D 373 31.89 -8.67 24.18
N HIS D 374 31.31 -7.49 23.93
CA HIS D 374 32.08 -6.26 23.98
C HIS D 374 32.61 -5.99 25.39
N VAL D 375 31.79 -6.26 26.42
CA VAL D 375 32.22 -6.09 27.80
C VAL D 375 33.39 -7.00 28.12
N VAL D 376 33.29 -8.26 27.70
CA VAL D 376 34.36 -9.23 27.95
C VAL D 376 35.63 -8.79 27.22
N LYS D 377 35.50 -8.30 25.99
CA LYS D 377 36.65 -7.79 25.25
C LYS D 377 37.28 -6.58 25.92
N ALA D 378 36.47 -5.64 26.41
CA ALA D 378 37.00 -4.46 27.08
C ALA D 378 37.75 -4.83 28.36
N LEU D 379 37.22 -5.78 29.13
CA LEU D 379 37.91 -6.24 30.32
C LEU D 379 39.19 -6.99 29.98
N ALA D 380 39.22 -7.74 28.88
CA ALA D 380 40.43 -8.47 28.52
C ALA D 380 41.50 -7.55 27.91
N LEU D 381 41.09 -6.45 27.29
CA LEU D 381 42.08 -5.50 26.78
C LEU D 381 42.69 -4.62 27.86
N GLY D 382 42.29 -4.79 29.13
CA GLY D 382 42.95 -4.18 30.26
C GLY D 382 42.10 -3.25 31.09
N ALA D 383 40.87 -2.95 30.67
CA ALA D 383 40.00 -2.09 31.48
C ALA D 383 39.64 -2.74 32.81
N SER D 384 39.49 -1.92 33.84
CA SER D 384 39.04 -2.39 35.14
C SER D 384 37.52 -2.35 35.28
N THR D 385 36.87 -1.40 34.60
CA THR D 385 35.43 -1.27 34.64
C THR D 385 34.93 -0.85 33.26
N VAL D 386 33.62 -1.01 33.06
CA VAL D 386 32.96 -0.69 31.80
C VAL D 386 31.76 0.19 32.10
N MET D 387 31.58 1.25 31.31
CA MET D 387 30.47 2.18 31.44
C MET D 387 29.53 1.99 30.25
N MET D 388 28.22 1.96 30.52
CA MET D 388 27.22 1.77 29.46
C MET D 388 26.18 2.88 29.52
N GLY D 389 25.91 3.48 28.37
CA GLY D 389 24.76 4.36 28.22
C GLY D 389 23.57 3.70 27.58
N SER D 390 23.77 3.15 26.38
CA SER D 390 22.65 2.67 25.57
C SER D 390 22.09 1.35 26.11
N LEU D 391 22.95 0.47 26.61
CA LEU D 391 22.48 -0.82 27.12
C LEU D 391 21.54 -0.64 28.31
N LEU D 392 21.84 0.32 29.19
CA LEU D 392 21.01 0.57 30.36
C LEU D 392 19.85 1.52 30.09
N ALA D 393 19.80 2.16 28.93
CA ALA D 393 18.69 3.04 28.62
C ALA D 393 17.41 2.23 28.42
N ALA D 394 16.28 2.91 28.54
CA ALA D 394 14.95 2.32 28.38
C ALA D 394 14.64 1.27 29.41
N THR D 395 15.35 1.26 30.54
CA THR D 395 14.94 0.45 31.68
C THR D 395 13.99 1.27 32.55
N THR D 396 13.28 0.57 33.44
CA THR D 396 12.29 1.25 34.27
C THR D 396 12.95 2.28 35.17
N GLU D 397 14.12 1.97 35.71
CA GLU D 397 14.84 2.90 36.58
C GLU D 397 15.39 4.09 35.83
N ALA D 398 15.44 4.03 34.50
CA ALA D 398 15.96 5.15 33.74
C ALA D 398 15.02 6.35 33.83
N PRO D 399 15.55 7.57 33.86
CA PRO D 399 14.68 8.75 33.89
C PRO D 399 13.85 8.88 32.63
N GLY D 400 12.69 9.51 32.79
CA GLY D 400 11.75 9.71 31.71
C GLY D 400 10.58 8.74 31.79
N GLU D 401 9.48 9.16 31.18
CA GLU D 401 8.27 8.36 31.13
C GLU D 401 8.19 7.65 29.78
N TYR D 402 7.83 6.36 29.81
CA TYR D 402 7.71 5.58 28.59
C TYR D 402 6.75 6.27 27.61
N PHE D 403 6.79 5.86 26.36
CA PHE D 403 5.82 6.33 25.38
C PHE D 403 5.73 5.29 24.27
N PHE D 404 4.65 5.37 23.50
CA PHE D 404 4.32 4.38 22.50
C PHE D 404 4.44 4.98 21.12
N SER D 405 5.09 4.25 20.21
CA SER D 405 5.21 4.67 18.82
C SER D 405 5.09 3.42 17.96
N ASP D 406 3.93 3.23 17.35
CA ASP D 406 3.63 2.05 16.56
C ASP D 406 3.49 0.80 17.43
N GLY D 407 3.05 0.98 18.67
CA GLY D 407 2.73 -0.13 19.53
C GLY D 407 3.90 -0.75 20.28
N VAL D 408 5.04 -0.07 20.33
CA VAL D 408 6.22 -0.57 21.04
C VAL D 408 6.66 0.49 22.02
N ARG D 409 6.84 0.09 23.29
CA ARG D 409 7.24 1.03 24.33
C ARG D 409 8.66 1.52 24.09
N LEU D 410 8.87 2.83 24.29
CA LEU D 410 10.15 3.46 24.04
C LEU D 410 10.44 4.48 25.12
N LYS D 411 11.72 4.81 25.27
CA LYS D 411 12.17 5.88 26.14
C LYS D 411 13.11 6.78 25.34
N LYS D 412 13.16 8.06 25.72
CA LYS D 412 14.10 8.98 25.11
C LYS D 412 15.53 8.65 25.54
N TYR D 413 16.45 8.69 24.57
CA TYR D 413 17.88 8.54 24.83
C TYR D 413 18.63 9.51 23.94
N ARG D 414 19.36 10.44 24.56
CA ARG D 414 20.01 11.52 23.85
C ARG D 414 21.41 11.74 24.39
N GLY D 415 22.28 12.25 23.53
CA GLY D 415 23.62 12.59 23.96
C GLY D 415 23.66 13.95 24.63
N MET D 416 24.61 14.12 25.53
CA MET D 416 24.76 15.39 26.24
C MET D 416 25.26 16.52 25.33
N GLY D 417 25.69 16.19 24.11
CA GLY D 417 26.06 17.20 23.14
C GLY D 417 24.98 17.46 22.12
N SER D 418 23.77 16.94 22.38
CA SER D 418 22.63 17.23 21.53
C SER D 418 22.15 18.66 21.74
N LEU D 419 21.44 19.19 20.75
CA LEU D 419 20.87 20.53 20.86
C LEU D 419 19.82 20.58 21.96
N ASP D 420 19.00 19.53 22.08
CA ASP D 420 17.98 19.50 23.12
C ASP D 420 18.61 19.57 24.50
N ALA D 421 19.72 18.87 24.70
CA ALA D 421 20.36 18.84 26.01
C ALA D 421 21.11 20.13 26.31
N MET D 422 21.27 21.01 25.33
CA MET D 422 21.96 22.28 25.55
C MET D 422 21.03 23.41 25.96
N GLU D 423 19.72 23.20 25.96
CA GLU D 423 18.79 24.24 26.37
C GLU D 423 18.68 24.32 27.89
N VAL D 439 27.21 30.50 17.93
CA VAL D 439 26.27 29.44 17.56
C VAL D 439 26.79 28.11 18.08
N LYS D 440 25.90 27.34 18.70
CA LYS D 440 26.27 26.08 19.34
C LYS D 440 26.31 24.97 18.30
N ILE D 441 27.38 24.16 18.35
CA ILE D 441 27.59 23.07 17.42
C ILE D 441 27.15 21.78 18.10
N ALA D 442 26.30 21.01 17.44
CA ALA D 442 25.83 19.75 18.00
C ALA D 442 26.89 18.66 17.87
N GLN D 443 27.11 17.93 18.96
CA GLN D 443 28.05 16.82 18.98
C GLN D 443 27.38 15.49 19.31
N GLY D 444 26.04 15.46 19.36
CA GLY D 444 25.32 14.23 19.63
C GLY D 444 23.96 14.26 18.96
N VAL D 445 23.22 13.17 19.12
CA VAL D 445 21.88 13.04 18.59
C VAL D 445 20.97 12.50 19.68
N SER D 446 19.67 12.62 19.44
CA SER D 446 18.65 12.13 20.35
C SER D 446 17.78 11.11 19.64
N GLY D 447 17.54 9.98 20.30
CA GLY D 447 16.71 8.93 19.75
C GLY D 447 15.94 8.20 20.82
N SER D 448 15.51 6.97 20.52
CA SER D 448 14.70 6.19 21.45
C SER D 448 15.21 4.75 21.48
N ILE D 449 15.00 4.11 22.64
CA ILE D 449 15.40 2.73 22.86
C ILE D 449 14.19 1.94 23.36
N GLN D 450 14.05 0.72 22.87
CA GLN D 450 12.94 -0.14 23.28
C GLN D 450 13.08 -0.53 24.75
N ASP D 451 11.93 -0.74 25.40
CA ASP D 451 11.91 -1.08 26.82
C ASP D 451 12.62 -2.40 27.06
N LYS D 452 13.28 -2.50 28.21
CA LYS D 452 14.08 -3.67 28.56
C LYS D 452 13.76 -4.25 29.92
N GLY D 453 12.79 -3.70 30.64
CA GLY D 453 12.45 -4.24 31.95
C GLY D 453 13.18 -3.51 33.05
N SER D 454 13.53 -4.25 34.10
CA SER D 454 14.15 -3.67 35.28
C SER D 454 15.65 -3.95 35.30
N ILE D 455 16.41 -3.01 35.86
CA ILE D 455 17.85 -3.20 36.04
C ILE D 455 18.10 -4.45 36.87
N GLN D 456 17.29 -4.67 37.91
CA GLN D 456 17.51 -5.80 38.81
C GLN D 456 17.24 -7.14 38.15
N LYS D 457 16.67 -7.14 36.94
CA LYS D 457 16.57 -8.35 36.13
C LYS D 457 17.60 -8.39 35.01
N PHE D 458 17.94 -7.22 34.44
CA PHE D 458 18.85 -7.15 33.30
C PHE D 458 20.30 -7.37 33.70
N VAL D 459 20.72 -6.82 34.85
CA VAL D 459 22.12 -6.89 35.24
C VAL D 459 22.58 -8.32 35.53
N PRO D 460 21.84 -9.14 36.28
CA PRO D 460 22.28 -10.53 36.48
C PRO D 460 22.45 -11.31 35.19
N TYR D 461 21.68 -10.99 34.16
CA TYR D 461 21.90 -11.59 32.85
C TYR D 461 23.30 -11.24 32.32
N LEU D 462 23.68 -9.96 32.40
CA LEU D 462 25.01 -9.54 31.96
C LEU D 462 26.09 -10.22 32.79
N ILE D 463 25.88 -10.33 34.10
CA ILE D 463 26.86 -10.98 34.96
C ILE D 463 27.05 -12.43 34.54
N ALA D 464 25.94 -13.13 34.28
CA ALA D 464 26.05 -14.52 33.86
C ALA D 464 26.76 -14.65 32.52
N GLY D 465 26.47 -13.76 31.58
CA GLY D 465 27.18 -13.78 30.31
C GLY D 465 28.68 -13.56 30.46
N ILE D 466 29.07 -12.62 31.31
CA ILE D 466 30.48 -12.35 31.55
C ILE D 466 31.15 -13.56 32.20
N GLN D 467 30.49 -14.18 33.18
CA GLN D 467 31.06 -15.36 33.83
C GLN D 467 31.22 -16.50 32.85
N HIS D 468 30.26 -16.67 31.93
CA HIS D 468 30.38 -17.71 30.91
C HIS D 468 31.53 -17.42 29.95
N GLY D 469 31.70 -16.17 29.52
CA GLY D 469 32.83 -15.83 28.68
C GLY D 469 34.17 -16.08 29.36
N CYS D 470 34.26 -15.71 30.63
CA CYS D 470 35.48 -15.95 31.38
C CYS D 470 35.76 -17.45 31.52
N GLN D 471 34.71 -18.25 31.72
CA GLN D 471 34.89 -19.69 31.83
C GLN D 471 35.33 -20.30 30.50
N ASP D 472 34.72 -19.88 29.39
CA ASP D 472 35.14 -20.35 28.08
C ASP D 472 36.60 -20.02 27.81
N ILE D 473 37.02 -18.82 28.21
CA ILE D 473 38.42 -18.43 28.03
C ILE D 473 39.34 -19.24 28.93
N GLY D 474 38.90 -19.55 30.14
CA GLY D 474 39.73 -20.21 31.11
C GLY D 474 40.25 -19.32 32.21
N ALA D 475 39.58 -18.22 32.50
CA ALA D 475 39.95 -17.31 33.58
C ALA D 475 38.88 -17.39 34.66
N ARG D 476 39.29 -17.68 35.88
CA ARG D 476 38.34 -17.75 36.99
C ARG D 476 38.20 -16.42 37.73
N SER D 477 38.91 -15.37 37.31
CA SER D 477 38.64 -14.02 37.77
C SER D 477 39.16 -13.04 36.72
N LEU D 478 38.63 -11.81 36.78
CA LEU D 478 39.03 -10.76 35.84
C LEU D 478 40.48 -10.35 36.05
N ASP D 479 40.96 -10.38 37.29
CA ASP D 479 42.38 -10.14 37.54
C ASP D 479 43.25 -11.17 36.83
N VAL D 480 42.88 -12.45 36.93
CA VAL D 480 43.63 -13.51 36.25
C VAL D 480 43.52 -13.34 34.74
N LEU D 481 42.38 -12.83 34.26
CA LEU D 481 42.22 -12.57 32.83
C LEU D 481 43.21 -11.50 32.34
N ARG D 482 43.29 -10.38 33.07
CA ARG D 482 44.20 -9.32 32.65
C ARG D 482 45.65 -9.74 32.77
N SER D 483 45.98 -10.52 33.81
CA SER D 483 47.36 -10.98 33.96
C SER D 483 47.73 -11.99 32.88
N MET D 484 46.78 -12.84 32.47
CA MET D 484 47.01 -13.73 31.34
C MET D 484 47.24 -12.94 30.07
N MET D 485 46.50 -11.85 29.88
CA MET D 485 46.73 -10.99 28.72
C MET D 485 48.13 -10.36 28.76
N TYR D 486 48.57 -9.90 29.94
CA TYR D 486 49.86 -9.21 29.98
C TYR D 486 51.03 -10.18 29.93
N SER D 487 50.82 -11.46 30.26
CA SER D 487 51.91 -12.43 30.17
C SER D 487 52.07 -13.02 28.77
N GLY D 488 51.07 -12.87 27.89
CA GLY D 488 51.08 -13.51 26.60
C GLY D 488 50.33 -14.83 26.53
N GLU D 489 49.87 -15.37 27.67
CA GLU D 489 49.08 -16.59 27.68
C GLU D 489 47.79 -16.43 26.89
N LEU D 490 47.12 -15.28 27.04
CA LEU D 490 45.88 -15.02 26.32
C LEU D 490 46.16 -14.78 24.83
N LYS D 491 45.33 -15.34 23.97
CA LYS D 491 45.55 -15.35 22.53
C LYS D 491 44.33 -14.84 21.79
N PHE D 492 44.59 -14.14 20.68
CA PHE D 492 43.56 -13.45 19.92
C PHE D 492 43.70 -13.80 18.45
N GLU D 493 42.61 -13.63 17.71
CA GLU D 493 42.64 -13.69 16.26
C GLU D 493 41.88 -12.51 15.69
N LYS D 494 42.40 -11.94 14.61
CA LYS D 494 41.70 -10.93 13.83
C LYS D 494 40.57 -11.54 13.03
N ARG D 495 39.64 -10.70 12.59
CA ARG D 495 38.50 -11.12 11.80
C ARG D 495 38.42 -10.29 10.52
N THR D 496 38.27 -10.97 9.38
CA THR D 496 37.86 -10.29 8.16
C THR D 496 36.37 -9.98 8.20
N MET D 497 35.93 -9.17 7.23
CA MET D 497 34.50 -8.89 7.08
C MET D 497 33.70 -10.16 6.83
N SER D 498 34.26 -11.09 6.02
CA SER D 498 33.59 -12.37 5.82
C SER D 498 33.46 -13.13 7.14
N ALA D 499 34.52 -13.12 7.96
CA ALA D 499 34.47 -13.80 9.24
C ALA D 499 33.44 -13.16 10.17
N GLN D 500 33.34 -11.83 10.12
CA GLN D 500 32.36 -11.13 10.96
C GLN D 500 30.94 -11.48 10.53
N ILE D 501 30.71 -11.58 9.22
CA ILE D 501 29.40 -12.01 8.72
C ILE D 501 29.13 -13.45 9.16
N GLU D 502 30.14 -14.31 9.07
CA GLU D 502 30.00 -15.70 9.47
C GLU D 502 29.79 -15.85 10.97
N GLY D 503 30.21 -14.87 11.77
CA GLY D 503 30.02 -14.89 13.20
C GLY D 503 28.64 -14.51 13.67
N GLY D 504 27.79 -14.00 12.78
CA GLY D 504 26.44 -13.64 13.12
C GLY D 504 25.42 -14.65 12.60
N VAL D 505 24.16 -14.23 12.64
CA VAL D 505 23.06 -15.06 12.14
C VAL D 505 23.01 -14.92 10.62
N HIS D 506 23.12 -16.04 9.92
CA HIS D 506 23.17 -16.02 8.46
C HIS D 506 22.50 -17.25 7.90
N GLY D 507 21.92 -17.10 6.71
CA GLY D 507 21.40 -18.24 5.97
C GLY D 507 20.03 -18.72 6.39
N LEU D 508 19.22 -17.88 7.04
CA LEU D 508 17.88 -18.26 7.49
C LEU D 508 16.84 -17.44 6.74
N HIS D 509 15.71 -18.08 6.41
CA HIS D 509 14.57 -17.33 5.89
C HIS D 509 14.06 -16.30 6.89
N SER D 510 13.92 -16.70 8.15
CA SER D 510 13.52 -15.78 9.21
C SER D 510 13.93 -16.40 10.54
N TYR D 511 14.01 -15.54 11.56
CA TYR D 511 14.37 -15.99 12.89
C TYR D 511 13.91 -14.95 13.90
N THR D 512 13.87 -15.37 15.16
CA THR D 512 13.48 -14.48 16.25
C THR D 512 14.36 -14.69 17.47
N TYR E 14 -54.80 27.38 -28.05
CA TYR E 14 -54.94 26.79 -26.73
C TYR E 14 -53.80 25.82 -26.45
N VAL E 15 -53.31 25.83 -25.22
CA VAL E 15 -52.29 24.89 -24.78
C VAL E 15 -52.73 24.32 -23.44
N PRO E 16 -52.72 23.00 -23.26
CA PRO E 16 -53.09 22.44 -21.96
C PRO E 16 -52.00 22.66 -20.92
N GLU E 17 -52.39 22.66 -19.65
CA GLU E 17 -51.42 22.87 -18.58
C GLU E 17 -50.56 21.64 -18.37
N ASP E 18 -49.33 21.89 -17.95
CA ASP E 18 -48.35 20.87 -17.61
C ASP E 18 -47.96 21.04 -16.14
N GLY E 19 -47.63 19.94 -15.49
CA GLY E 19 -47.12 20.02 -14.12
C GLY E 19 -48.18 20.14 -13.04
N LEU E 20 -47.69 20.36 -11.82
CA LEU E 20 -48.51 20.43 -10.62
C LEU E 20 -48.34 21.79 -9.96
N THR E 21 -49.42 22.27 -9.34
CA THR E 21 -49.30 23.37 -8.39
C THR E 21 -48.66 22.89 -7.10
N ALA E 22 -48.29 23.82 -6.23
CA ALA E 22 -47.72 23.45 -4.93
C ALA E 22 -48.76 22.69 -4.10
N GLN E 23 -50.00 23.15 -4.13
CA GLN E 23 -51.08 22.47 -3.42
C GLN E 23 -51.25 21.04 -3.89
N GLN E 24 -51.18 20.80 -5.20
CA GLN E 24 -51.24 19.44 -5.71
C GLN E 24 -50.00 18.64 -5.37
N LEU E 25 -48.83 19.30 -5.41
CA LEU E 25 -47.58 18.64 -5.10
C LEU E 25 -47.59 18.05 -3.69
N PHE E 26 -48.14 18.79 -2.73
CA PHE E 26 -48.09 18.33 -1.34
C PHE E 26 -49.34 17.59 -0.89
N ALA E 27 -50.29 17.33 -1.79
CA ALA E 27 -51.54 16.69 -1.39
C ALA E 27 -51.36 15.20 -1.10
N SER E 28 -50.37 14.56 -1.74
CA SER E 28 -50.18 13.13 -1.55
C SER E 28 -49.64 12.78 -0.16
N ALA E 29 -48.96 13.72 0.51
CA ALA E 29 -48.36 13.48 1.83
C ALA E 29 -47.28 12.41 1.75
N ASP E 30 -46.27 12.66 0.92
CA ASP E 30 -45.18 11.71 0.74
C ASP E 30 -44.04 11.93 1.71
N GLY E 31 -43.89 13.16 2.24
CA GLY E 31 -42.70 13.52 2.98
C GLY E 31 -41.58 13.96 2.08
N LEU E 32 -41.83 15.01 1.31
CA LEU E 32 -40.90 15.51 0.30
C LEU E 32 -39.84 16.43 0.90
N THR E 33 -38.64 16.35 0.35
CA THR E 33 -37.58 17.30 0.61
C THR E 33 -37.25 18.05 -0.69
N TYR E 34 -36.23 18.92 -0.61
CA TYR E 34 -35.86 19.76 -1.75
C TYR E 34 -35.45 18.93 -2.96
N ASN E 35 -34.81 17.78 -2.74
CA ASN E 35 -34.31 16.96 -3.82
C ASN E 35 -35.39 16.09 -4.46
N ASP E 36 -36.63 16.17 -3.99
CA ASP E 36 -37.71 15.33 -4.50
C ASP E 36 -38.51 15.98 -5.62
N PHE E 37 -38.21 17.22 -6.01
CA PHE E 37 -38.98 17.91 -7.02
C PHE E 37 -38.13 18.96 -7.73
N LEU E 38 -38.71 19.56 -8.75
CA LEU E 38 -38.12 20.68 -9.48
C LEU E 38 -39.20 21.69 -9.80
N ILE E 39 -38.77 22.88 -10.24
CA ILE E 39 -39.64 23.91 -10.78
C ILE E 39 -39.54 23.87 -12.30
N LEU E 40 -40.66 24.10 -12.97
CA LEU E 40 -40.69 24.09 -14.43
C LEU E 40 -40.41 25.48 -14.99
N PRO E 41 -39.65 25.59 -16.08
CA PRO E 41 -39.33 26.92 -16.63
C PRO E 41 -40.54 27.65 -17.18
N GLY E 42 -40.46 28.97 -17.17
CA GLY E 42 -41.52 29.81 -17.67
C GLY E 42 -41.15 30.62 -18.91
N PHE E 43 -41.49 31.90 -18.92
CA PHE E 43 -41.22 32.78 -20.05
C PHE E 43 -40.26 33.87 -19.62
N ILE E 44 -39.25 34.13 -20.45
CA ILE E 44 -38.17 35.07 -20.13
C ILE E 44 -38.39 36.33 -20.96
N ASP E 45 -38.52 37.48 -20.28
CA ASP E 45 -38.56 38.78 -20.96
C ASP E 45 -37.80 39.85 -20.18
N PHE E 46 -36.75 39.46 -19.47
CA PHE E 46 -35.93 40.40 -18.69
C PHE E 46 -34.59 39.74 -18.47
N ILE E 47 -33.64 40.51 -17.95
CA ILE E 47 -32.30 39.97 -17.68
C ILE E 47 -32.18 39.66 -16.20
N ALA E 48 -31.23 38.77 -15.88
CA ALA E 48 -31.10 38.26 -14.52
C ALA E 48 -30.73 39.35 -13.52
N ASP E 49 -29.99 40.37 -13.95
CA ASP E 49 -29.63 41.46 -13.04
C ASP E 49 -30.80 42.36 -12.70
N GLU E 50 -31.91 42.26 -13.42
CA GLU E 50 -33.11 43.01 -13.06
C GLU E 50 -33.88 42.39 -11.90
N VAL E 51 -33.51 41.18 -11.45
CA VAL E 51 -34.33 40.45 -10.50
C VAL E 51 -34.15 41.04 -9.10
N ASP E 52 -35.27 41.38 -8.46
CA ASP E 52 -35.27 42.02 -7.15
C ASP E 52 -35.35 40.97 -6.04
N LEU E 53 -34.53 41.14 -5.00
CA LEU E 53 -34.40 40.14 -3.95
C LEU E 53 -34.80 40.65 -2.57
N THR E 54 -35.55 41.75 -2.48
CA THR E 54 -35.90 42.31 -1.18
C THR E 54 -36.79 41.35 -0.38
N SER E 55 -36.45 41.18 0.90
CA SER E 55 -37.03 40.12 1.72
C SER E 55 -37.42 40.65 3.10
N ALA E 56 -38.64 40.34 3.51
CA ALA E 56 -39.06 40.61 4.89
C ALA E 56 -38.41 39.62 5.84
N LEU E 57 -37.79 40.14 6.89
CA LEU E 57 -37.22 39.33 7.97
C LEU E 57 -38.19 39.18 9.14
N THR E 58 -38.78 40.28 9.56
CA THR E 58 -39.82 40.29 10.58
C THR E 58 -40.96 41.16 10.09
N ARG E 59 -41.91 41.43 10.98
CA ARG E 59 -43.00 42.36 10.67
C ARG E 59 -42.45 43.72 10.27
N LYS E 60 -41.30 44.11 10.81
CA LYS E 60 -40.77 45.46 10.66
C LYS E 60 -39.49 45.56 9.84
N ILE E 61 -38.61 44.58 9.91
CA ILE E 61 -37.29 44.67 9.29
C ILE E 61 -37.35 44.07 7.88
N THR E 62 -36.85 44.81 6.89
CA THR E 62 -36.74 44.35 5.52
C THR E 62 -35.28 44.38 5.09
N LEU E 63 -34.85 43.35 4.38
CA LEU E 63 -33.51 43.26 3.83
C LEU E 63 -33.58 43.28 2.31
N LYS E 64 -32.43 43.53 1.69
CA LYS E 64 -32.29 43.48 0.24
C LYS E 64 -31.80 42.13 -0.26
N THR E 65 -31.49 41.21 0.64
CA THR E 65 -30.96 39.91 0.35
C THR E 65 -31.65 38.96 1.32
N PRO E 66 -31.95 37.71 0.92
CA PRO E 66 -32.62 36.80 1.85
C PRO E 66 -31.69 35.92 2.67
N LEU E 67 -30.37 36.09 2.61
CA LEU E 67 -29.44 35.18 3.25
C LEU E 67 -29.15 35.61 4.69
N ILE E 68 -29.12 34.63 5.60
CA ILE E 68 -28.88 34.86 7.01
C ILE E 68 -27.85 33.85 7.49
N SER E 69 -27.01 34.27 8.44
CA SER E 69 -26.01 33.39 9.03
C SER E 69 -26.54 32.81 10.33
N SER E 70 -26.34 31.51 10.52
CA SER E 70 -26.91 30.82 11.67
C SER E 70 -26.24 31.23 12.97
N PRO E 71 -27.00 31.40 14.07
CA PRO E 71 -26.37 31.68 15.37
C PRO E 71 -25.70 30.47 16.00
N MET E 72 -24.59 30.03 15.42
CA MET E 72 -23.80 28.94 15.92
C MET E 72 -22.40 29.44 16.24
N ASP E 73 -21.74 28.80 17.20
CA ASP E 73 -20.44 29.29 17.66
C ASP E 73 -19.31 28.96 16.70
N THR E 74 -19.57 28.21 15.64
CA THR E 74 -18.62 28.05 14.55
C THR E 74 -19.06 28.76 13.27
N VAL E 75 -20.03 29.66 13.35
CA VAL E 75 -20.48 30.38 12.17
C VAL E 75 -20.44 31.89 12.36
N THR E 76 -21.19 32.42 13.34
CA THR E 76 -21.43 33.87 13.42
C THR E 76 -20.86 34.48 14.70
N GLU E 77 -19.86 35.35 14.51
CA GLU E 77 -19.44 36.36 15.45
C GLU E 77 -19.54 37.73 14.77
N ALA E 78 -18.95 38.75 15.38
CA ALA E 78 -19.06 40.11 14.86
C ALA E 78 -18.53 40.23 13.43
N ASP E 79 -17.45 39.53 13.09
CA ASP E 79 -16.91 39.66 11.75
C ASP E 79 -17.88 39.13 10.70
N MET E 80 -18.39 37.93 10.92
CA MET E 80 -19.39 37.35 10.02
C MET E 80 -20.62 38.25 9.97
N ALA E 81 -21.04 38.78 11.11
CA ALA E 81 -22.22 39.63 11.14
C ALA E 81 -22.03 40.89 10.31
N ILE E 82 -20.88 41.56 10.47
CA ILE E 82 -20.62 42.78 9.70
C ILE E 82 -20.56 42.47 8.21
N ALA E 83 -19.89 41.38 7.84
CA ALA E 83 -19.79 41.02 6.43
C ALA E 83 -21.17 40.72 5.83
N MET E 84 -22.01 39.97 6.56
CA MET E 84 -23.36 39.67 6.10
C MET E 84 -24.17 40.95 5.92
N ALA E 85 -24.14 41.83 6.92
CA ALA E 85 -24.90 43.06 6.85
C ALA E 85 -24.44 43.93 5.67
N LEU E 86 -23.13 44.00 5.43
CA LEU E 86 -22.62 44.76 4.29
C LEU E 86 -23.06 44.14 2.97
N MET E 87 -22.98 42.81 2.86
CA MET E 87 -23.43 42.13 1.66
C MET E 87 -24.93 42.22 1.44
N GLY E 88 -25.70 42.56 2.47
CA GLY E 88 -27.12 42.75 2.33
C GLY E 88 -27.99 41.82 3.13
N GLY E 89 -27.40 40.90 3.88
CA GLY E 89 -28.14 40.01 4.78
C GLY E 89 -28.05 40.44 6.22
N ILE E 90 -27.82 39.48 7.10
CA ILE E 90 -27.70 39.74 8.54
C ILE E 90 -27.14 38.50 9.21
N GLY E 91 -26.52 38.70 10.38
CA GLY E 91 -26.09 37.61 11.23
C GLY E 91 -26.76 37.70 12.59
N PHE E 92 -26.94 36.53 13.21
CA PHE E 92 -27.35 36.44 14.61
C PHE E 92 -26.16 35.96 15.44
N ILE E 93 -25.82 36.69 16.50
CA ILE E 93 -24.73 36.28 17.37
C ILE E 93 -25.19 35.13 18.25
N HIS E 94 -24.41 34.06 18.28
CA HIS E 94 -24.68 32.92 19.14
C HIS E 94 -24.60 33.32 20.62
N HIS E 95 -25.04 32.40 21.48
CA HIS E 95 -25.01 32.63 22.92
C HIS E 95 -24.36 31.46 23.67
N ASN E 96 -23.51 30.69 22.99
CA ASN E 96 -22.62 29.73 23.65
C ASN E 96 -21.39 30.45 24.21
N CYS E 97 -21.65 31.39 25.12
CA CYS E 97 -20.62 32.31 25.58
C CYS E 97 -21.18 33.07 26.78
N THR E 98 -20.39 34.01 27.28
CA THR E 98 -20.81 34.87 28.38
C THR E 98 -21.72 35.99 27.87
N PRO E 99 -22.67 36.46 28.67
CA PRO E 99 -23.48 37.62 28.27
C PRO E 99 -22.64 38.86 27.96
N GLU E 100 -21.61 39.13 28.75
CA GLU E 100 -20.75 40.28 28.47
C GLU E 100 -20.04 40.11 27.13
N PHE E 101 -19.55 38.90 26.85
CA PHE E 101 -18.87 38.63 25.58
C PHE E 101 -19.81 38.86 24.41
N GLN E 102 -21.05 38.34 24.52
CA GLN E 102 -22.01 38.52 23.44
C GLN E 102 -22.36 39.99 23.24
N ALA E 103 -22.54 40.72 24.35
CA ALA E 103 -22.86 42.13 24.23
C ALA E 103 -21.72 42.89 23.57
N ASN E 104 -20.48 42.51 23.89
CA ASN E 104 -19.33 43.16 23.26
C ASN E 104 -19.30 42.89 21.76
N GLU E 105 -19.61 41.65 21.37
CA GLU E 105 -19.69 41.32 19.95
C GLU E 105 -20.74 42.17 19.24
N VAL E 106 -21.91 42.31 19.85
CA VAL E 106 -22.97 43.12 19.27
C VAL E 106 -22.54 44.58 19.18
N ARG E 107 -21.85 45.07 20.20
CA ARG E 107 -21.33 46.44 20.18
C ARG E 107 -20.34 46.64 19.03
N LYS E 108 -19.45 45.67 18.81
CA LYS E 108 -18.52 45.78 17.72
C LYS E 108 -19.24 45.85 16.38
N VAL E 109 -20.28 45.03 16.18
CA VAL E 109 -21.04 45.12 14.94
C VAL E 109 -21.71 46.48 14.82
N LYS E 110 -22.30 46.97 15.92
CA LYS E 110 -23.13 48.17 15.86
C LYS E 110 -22.32 49.44 15.67
N LYS E 111 -21.07 49.48 16.14
CA LYS E 111 -20.25 50.68 16.02
C LYS E 111 -19.29 50.62 14.84
N PHE E 112 -19.39 49.60 14.00
CA PHE E 112 -18.55 49.51 12.82
C PHE E 112 -18.81 50.68 11.89
N GLU E 113 -17.75 51.14 11.22
CA GLU E 113 -17.84 52.15 10.19
C GLU E 113 -16.90 51.76 9.06
N GLN E 114 -17.24 52.14 7.83
CA GLN E 114 -16.41 51.76 6.69
C GLN E 114 -15.26 52.74 6.53
N GLY E 115 -14.04 52.21 6.51
CA GLY E 115 -12.85 53.02 6.41
C GLY E 115 -12.31 53.53 7.72
N PHE E 116 -12.96 53.24 8.84
CA PHE E 116 -12.52 53.70 10.15
C PHE E 116 -12.00 52.53 10.96
N ILE E 117 -11.16 52.84 11.94
CA ILE E 117 -10.66 51.84 12.88
C ILE E 117 -11.67 51.69 14.00
N THR E 118 -11.90 50.44 14.41
CA THR E 118 -12.82 50.13 15.48
C THR E 118 -12.01 49.74 16.72
N ASP E 119 -12.19 50.49 17.80
CA ASP E 119 -11.40 50.31 19.02
C ASP E 119 -9.91 50.52 18.72
N PRO E 120 -9.49 51.76 18.48
CA PRO E 120 -8.06 52.03 18.29
C PRO E 120 -7.26 51.74 19.56
N VAL E 121 -6.00 51.37 19.38
CA VAL E 121 -5.06 51.25 20.49
C VAL E 121 -4.45 52.62 20.76
N VAL E 122 -4.39 53.02 22.02
CA VAL E 122 -3.87 54.32 22.43
C VAL E 122 -2.91 54.14 23.59
N LEU E 123 -2.05 55.14 23.79
CA LEU E 123 -1.08 55.16 24.88
C LEU E 123 -0.92 56.58 25.38
N SER E 124 -0.29 56.72 26.55
CA SER E 124 -0.02 58.02 27.14
C SER E 124 1.45 58.39 26.95
N PRO E 125 1.78 59.68 27.02
CA PRO E 125 3.19 60.09 26.83
C PRO E 125 4.13 59.49 27.86
N SER E 126 3.62 59.05 29.01
CA SER E 126 4.45 58.47 30.06
C SER E 126 4.76 57.00 29.80
N HIS E 127 4.24 56.42 28.73
CA HIS E 127 4.61 55.07 28.37
C HIS E 127 6.01 55.05 27.75
N THR E 128 6.55 53.86 27.58
CA THR E 128 7.89 53.66 27.05
C THR E 128 7.85 53.11 25.64
N VAL E 129 8.97 53.27 24.93
CA VAL E 129 9.09 52.68 23.59
C VAL E 129 8.97 51.17 23.68
N GLY E 130 9.28 50.59 24.84
CA GLY E 130 9.03 49.17 25.03
C GLY E 130 7.55 48.84 24.92
N ASP E 131 6.68 49.73 25.42
CA ASP E 131 5.25 49.53 25.26
C ASP E 131 4.85 49.50 23.79
N VAL E 132 5.39 50.41 22.99
CA VAL E 132 5.09 50.44 21.57
C VAL E 132 5.59 49.16 20.90
N LEU E 133 6.80 48.72 21.26
CA LEU E 133 7.33 47.49 20.69
C LEU E 133 6.46 46.29 21.05
N GLU E 134 5.99 46.23 22.29
CA GLU E 134 5.14 45.12 22.71
C GLU E 134 3.80 45.17 21.99
N ALA E 135 3.23 46.36 21.82
CA ALA E 135 1.99 46.48 21.07
C ALA E 135 2.18 46.00 19.64
N LYS E 136 3.28 46.39 19.01
CA LYS E 136 3.61 45.88 17.68
C LYS E 136 3.68 44.35 17.70
N MET E 137 4.41 43.79 18.65
CA MET E 137 4.61 42.34 18.67
C MET E 137 3.29 41.60 18.86
N ARG E 138 2.40 42.11 19.70
CA ARG E 138 1.21 41.37 20.09
C ARG E 138 -0.05 41.77 19.32
N HIS E 139 0.02 42.77 18.43
CA HIS E 139 -1.13 43.13 17.60
C HIS E 139 -0.82 43.22 16.10
N GLY E 140 0.42 43.47 15.72
CA GLY E 140 0.80 43.52 14.33
C GLY E 140 0.98 44.89 13.73
N PHE E 141 0.81 45.97 14.50
CA PHE E 141 0.90 47.32 13.98
C PHE E 141 1.54 48.23 15.03
N SER E 142 2.03 49.37 14.57
CA SER E 142 2.71 50.32 15.45
C SER E 142 2.27 51.77 15.28
N GLY E 143 1.26 52.06 14.47
CA GLY E 143 0.81 53.42 14.30
C GLY E 143 -0.15 53.84 15.38
N ILE E 144 0.36 54.06 16.58
CA ILE E 144 -0.44 54.22 17.79
C ILE E 144 -0.45 55.70 18.17
N PRO E 145 -1.59 56.36 18.20
CA PRO E 145 -1.64 57.75 18.68
C PRO E 145 -1.43 57.84 20.18
N ILE E 146 -1.04 59.03 20.63
CA ILE E 146 -0.74 59.30 22.03
C ILE E 146 -1.73 60.34 22.53
N THR E 147 -2.27 60.10 23.73
CA THR E 147 -3.25 61.00 24.33
C THR E 147 -2.84 61.30 25.76
N GLU E 148 -3.35 62.42 26.29
CA GLU E 148 -2.95 62.85 27.63
C GLU E 148 -3.21 61.78 28.67
N THR E 149 -4.41 61.20 28.68
CA THR E 149 -4.79 60.20 29.66
C THR E 149 -4.48 58.77 29.21
N GLY E 150 -3.94 58.60 28.01
CA GLY E 150 -3.64 57.26 27.51
C GLY E 150 -4.81 56.54 26.90
N THR E 151 -5.93 57.22 26.67
CA THR E 151 -7.13 56.56 26.16
C THR E 151 -7.97 57.62 25.44
N MET E 152 -8.99 57.14 24.74
CA MET E 152 -9.80 58.02 23.92
C MET E 152 -10.59 58.98 24.80
N GLY E 153 -10.99 60.10 24.22
CA GLY E 153 -11.79 61.07 24.95
C GLY E 153 -11.00 62.08 25.75
N SER E 154 -9.74 62.31 25.41
CA SER E 154 -8.90 63.29 26.09
C SER E 154 -7.98 63.96 25.07
N LYS E 155 -7.33 65.03 25.50
CA LYS E 155 -6.52 65.85 24.61
C LYS E 155 -5.49 65.01 23.87
N LEU E 156 -5.41 65.20 22.55
CA LEU E 156 -4.42 64.52 21.73
C LEU E 156 -3.08 65.25 21.81
N VAL E 157 -2.00 64.48 21.99
CA VAL E 157 -0.68 65.06 22.16
C VAL E 157 0.30 64.66 21.06
N GLY E 158 0.14 63.50 20.44
CA GLY E 158 1.08 63.10 19.41
C GLY E 158 0.78 61.71 18.90
N ILE E 159 1.71 61.20 18.08
CA ILE E 159 1.61 59.87 17.49
C ILE E 159 3.00 59.29 17.33
N VAL E 160 3.08 57.96 17.42
CA VAL E 160 4.34 57.23 17.32
C VAL E 160 4.16 56.09 16.34
N THR E 161 5.13 55.91 15.45
CA THR E 161 5.07 54.85 14.44
C THR E 161 6.44 54.21 14.27
N SER E 162 6.49 53.30 13.29
CA SER E 162 7.69 52.52 13.04
C SER E 162 8.89 53.42 12.71
N ARG E 163 8.66 54.46 11.90
CA ARG E 163 9.77 55.32 11.53
C ARG E 163 10.16 56.28 12.64
N ASP E 164 9.38 56.34 13.72
CA ASP E 164 9.82 57.01 14.94
C ASP E 164 10.57 56.08 15.88
N ILE E 165 10.31 54.78 15.80
CA ILE E 165 10.87 53.82 16.75
C ILE E 165 12.05 53.06 16.18
N ASP E 166 12.27 53.13 14.87
CA ASP E 166 13.09 52.13 14.17
C ASP E 166 14.59 52.28 14.37
N PHE E 167 15.11 53.49 14.53
CA PHE E 167 16.56 53.70 14.60
C PHE E 167 17.08 53.84 16.03
N LEU E 168 16.24 53.63 17.03
CA LEU E 168 16.70 53.72 18.41
C LEU E 168 17.52 52.50 18.79
N ALA E 169 18.41 52.68 19.76
CA ALA E 169 19.23 51.59 20.27
C ALA E 169 18.38 50.59 21.05
N GLU E 170 18.78 49.32 20.97
CA GLU E 170 18.01 48.26 21.63
C GLU E 170 17.99 48.40 23.14
N LYS E 171 19.07 48.89 23.75
CA LYS E 171 19.09 49.09 25.19
C LYS E 171 18.17 50.22 25.63
N ASP E 172 17.75 51.07 24.69
CA ASP E 172 16.93 52.22 25.03
C ASP E 172 15.51 51.79 25.35
N HIS E 173 14.99 52.24 26.49
CA HIS E 173 13.61 52.02 26.89
C HIS E 173 12.98 53.33 27.37
N THR E 174 13.49 54.45 26.87
CA THR E 174 13.05 55.75 27.35
C THR E 174 11.57 55.98 27.09
N THR E 175 10.99 56.91 27.82
CA THR E 175 9.58 57.23 27.67
C THR E 175 9.33 57.93 26.34
N LEU E 176 8.05 57.99 25.96
CA LEU E 176 7.64 58.73 24.77
C LEU E 176 7.72 60.22 25.08
N LEU E 177 7.19 61.04 24.17
CA LEU E 177 7.25 62.49 24.31
C LEU E 177 8.71 62.95 24.35
N VAL E 180 10.66 61.11 20.68
CA VAL E 180 10.11 59.96 19.97
C VAL E 180 8.74 60.32 19.42
N MET E 181 7.88 60.86 20.30
CA MET E 181 6.54 61.25 19.90
C MET E 181 6.56 62.60 19.19
N THR E 182 5.96 62.66 18.01
CA THR E 182 5.83 63.94 17.33
C THR E 182 4.75 64.78 18.01
N PRO E 183 4.98 66.07 18.23
CA PRO E 183 4.02 66.87 18.99
C PRO E 183 2.72 67.09 18.24
N ARG E 184 1.71 67.52 18.99
CA ARG E 184 0.41 67.80 18.41
C ARG E 184 0.49 68.92 17.38
N ILE E 185 1.32 69.94 17.65
CA ILE E 185 1.43 71.06 16.74
C ILE E 185 1.84 70.59 15.36
N GLU E 186 2.53 69.45 15.26
CA GLU E 186 3.00 68.92 14.00
C GLU E 186 2.03 67.94 13.35
N LEU E 187 0.92 67.62 14.00
CA LEU E 187 0.00 66.61 13.48
C LEU E 187 -0.93 67.19 12.43
N VAL E 188 -1.35 66.33 11.51
CA VAL E 188 -2.37 66.66 10.52
C VAL E 188 -3.63 65.89 10.88
N VAL E 189 -4.65 66.59 11.38
CA VAL E 189 -5.85 65.97 11.91
C VAL E 189 -7.06 66.62 11.25
N ALA E 190 -8.22 65.97 11.43
CA ALA E 190 -9.48 66.43 10.87
C ALA E 190 -10.56 66.50 11.95
N PRO E 191 -11.54 67.40 11.80
CA PRO E 191 -12.59 67.52 12.81
C PRO E 191 -13.54 66.33 12.79
N ALA E 192 -14.33 66.20 13.86
CA ALA E 192 -15.12 64.99 14.07
C ALA E 192 -16.10 64.70 12.93
N GLY E 193 -16.46 65.71 12.14
CA GLY E 193 -17.40 65.50 11.06
C GLY E 193 -16.76 65.06 9.76
N VAL E 194 -15.83 64.11 9.82
CA VAL E 194 -15.13 63.67 8.62
C VAL E 194 -16.06 62.84 7.75
N THR E 195 -15.93 63.03 6.43
CA THR E 195 -16.52 62.15 5.44
C THR E 195 -15.38 61.54 4.62
N LEU E 196 -15.62 60.34 4.09
CA LEU E 196 -14.53 59.62 3.43
C LEU E 196 -13.90 60.41 2.29
N LYS E 197 -14.66 61.25 1.59
CA LYS E 197 -14.05 62.07 0.53
C LYS E 197 -13.05 63.07 1.10
N GLU E 198 -13.43 63.74 2.19
CA GLU E 198 -12.50 64.66 2.84
C GLU E 198 -11.30 63.91 3.40
N ALA E 199 -11.51 62.71 3.93
CA ALA E 199 -10.39 61.90 4.38
C ALA E 199 -9.45 61.59 3.22
N ASN E 200 -10.01 61.25 2.06
CA ASN E 200 -9.20 60.96 0.89
C ASN E 200 -8.39 62.19 0.48
N GLU E 201 -9.03 63.35 0.43
CA GLU E 201 -8.29 64.57 0.07
C GLU E 201 -7.18 64.85 1.06
N ILE E 202 -7.48 64.77 2.35
CA ILE E 202 -6.49 65.09 3.38
C ILE E 202 -5.30 64.13 3.27
N LEU E 203 -5.58 62.83 3.16
CA LEU E 203 -4.50 61.86 3.12
C LEU E 203 -3.70 61.96 1.84
N GLN E 204 -4.36 62.24 0.71
CA GLN E 204 -3.62 62.41 -0.53
C GLN E 204 -2.67 63.61 -0.45
N ARG E 205 -3.13 64.70 0.17
CA ARG E 205 -2.26 65.86 0.32
C ARG E 205 -1.11 65.56 1.27
N SER E 206 -1.40 64.91 2.40
CA SER E 206 -0.43 64.81 3.48
C SER E 206 0.56 63.67 3.30
N LYS E 207 0.17 62.60 2.62
CA LYS E 207 1.03 61.43 2.36
C LYS E 207 1.28 60.61 3.62
N LYS E 208 0.56 60.87 4.71
CA LYS E 208 0.82 60.17 5.97
C LYS E 208 0.03 58.87 6.05
N GLY E 209 0.41 58.04 7.01
CA GLY E 209 -0.16 56.71 7.16
C GLY E 209 -1.36 56.63 8.09
N LYS E 210 -1.58 57.67 8.89
CA LYS E 210 -2.72 57.75 9.79
C LYS E 210 -3.38 59.10 9.65
N LEU E 211 -4.68 59.15 9.96
CA LEU E 211 -5.44 60.39 9.98
C LEU E 211 -6.27 60.44 11.25
N PRO E 212 -5.72 60.96 12.35
CA PRO E 212 -6.51 61.11 13.57
C PRO E 212 -7.66 62.08 13.37
N ILE E 213 -8.75 61.84 14.10
CA ILE E 213 -9.93 62.69 14.07
C ILE E 213 -10.21 63.14 15.50
N VAL E 214 -10.36 64.45 15.68
CA VAL E 214 -10.33 65.06 17.00
C VAL E 214 -11.56 65.93 17.22
N ASN E 215 -11.75 66.35 18.46
CA ASN E 215 -12.83 67.24 18.86
C ASN E 215 -12.38 68.70 18.78
N ASP E 216 -13.30 69.61 19.12
CA ASP E 216 -12.98 71.03 19.09
C ASP E 216 -11.78 71.35 19.99
N CYS E 217 -11.73 70.74 21.17
CA CYS E 217 -10.60 70.93 22.08
C CYS E 217 -9.57 69.81 21.98
N ASP E 218 -9.37 69.26 20.78
CA ASP E 218 -8.32 68.29 20.49
C ASP E 218 -8.50 66.96 21.22
N GLU E 219 -9.74 66.57 21.52
CA GLU E 219 -9.99 65.25 22.08
C GLU E 219 -10.07 64.22 20.96
N LEU E 220 -9.24 63.18 21.05
CA LEU E 220 -9.23 62.14 20.02
C LEU E 220 -10.48 61.29 20.13
N VAL E 221 -11.19 61.13 19.02
CA VAL E 221 -12.42 60.34 19.00
C VAL E 221 -12.41 59.27 17.91
N ALA E 222 -11.65 59.43 16.83
CA ALA E 222 -11.60 58.43 15.78
C ALA E 222 -10.31 58.60 15.00
N ILE E 223 -9.91 57.54 14.29
CA ILE E 223 -8.66 57.53 13.53
C ILE E 223 -8.84 56.63 12.33
N ILE E 224 -8.20 57.01 11.23
CA ILE E 224 -8.29 56.30 9.95
C ILE E 224 -6.89 55.84 9.57
N ALA E 225 -6.79 54.62 9.02
CA ALA E 225 -5.54 54.12 8.49
C ALA E 225 -5.54 54.22 6.97
N ARG E 226 -4.42 54.67 6.41
CA ARG E 226 -4.31 54.81 4.96
C ARG E 226 -4.48 53.46 4.27
N THR E 227 -3.87 52.42 4.83
CA THR E 227 -4.00 51.08 4.24
C THR E 227 -5.46 50.66 4.14
N ASP E 228 -6.24 50.88 5.20
CA ASP E 228 -7.66 50.55 5.17
C ASP E 228 -8.38 51.38 4.11
N LEU E 229 -8.10 52.67 4.05
CA LEU E 229 -8.80 53.55 3.12
C LEU E 229 -8.51 53.19 1.67
N LYS E 230 -7.31 52.69 1.39
CA LYS E 230 -6.97 52.30 0.02
C LYS E 230 -7.85 51.16 -0.46
N LYS E 231 -8.34 50.33 0.45
CA LYS E 231 -9.14 49.15 0.09
C LYS E 231 -10.64 49.43 0.11
N ASN E 232 -11.04 50.70 0.06
CA ASN E 232 -12.45 51.04 0.22
C ASN E 232 -13.27 50.48 -0.93
N ARG E 233 -14.53 50.17 -0.64
CA ARG E 233 -15.46 49.62 -1.63
C ARG E 233 -16.84 50.21 -1.39
N ASP E 234 -17.72 49.98 -2.36
CA ASP E 234 -19.10 50.42 -2.26
C ASP E 234 -20.00 49.25 -1.92
N TYR E 235 -20.97 49.50 -1.04
CA TYR E 235 -21.94 48.50 -0.59
C TYR E 235 -23.33 49.09 -0.74
N PRO E 236 -23.88 49.09 -1.96
CA PRO E 236 -25.21 49.70 -2.16
C PRO E 236 -26.36 48.90 -1.54
N LEU E 237 -26.10 47.69 -1.04
CA LEU E 237 -27.13 46.83 -0.48
C LEU E 237 -27.06 46.68 1.03
N ALA E 238 -26.32 47.54 1.73
CA ALA E 238 -26.03 47.30 3.13
C ALA E 238 -27.28 47.42 4.00
N SER E 239 -27.35 46.59 5.04
CA SER E 239 -28.48 46.56 5.98
C SER E 239 -28.21 47.52 7.13
N LYS E 240 -28.90 48.67 7.12
CA LYS E 240 -28.67 49.72 8.10
C LYS E 240 -29.97 50.05 8.83
N ASP E 241 -29.83 50.52 10.06
CA ASP E 241 -30.96 51.09 10.79
C ASP E 241 -31.02 52.60 10.56
N SER E 242 -31.85 53.29 11.34
CA SER E 242 -32.05 54.72 11.14
C SER E 242 -30.76 55.51 11.33
N GLN E 243 -29.93 55.11 12.29
CA GLN E 243 -28.67 55.78 12.56
C GLN E 243 -27.57 55.37 11.60
N LYS E 244 -27.90 54.73 10.49
CA LYS E 244 -26.94 54.32 9.47
C LYS E 244 -25.96 53.27 9.99
N GLN E 245 -26.24 52.67 11.13
CA GLN E 245 -25.43 51.59 11.66
C GLN E 245 -25.93 50.24 11.14
N LEU E 246 -25.02 49.29 11.04
CA LEU E 246 -25.36 47.96 10.55
C LEU E 246 -26.33 47.28 11.50
N LEU E 247 -27.23 46.46 10.94
CA LEU E 247 -28.16 45.68 11.74
C LEU E 247 -27.50 44.42 12.27
N CYS E 248 -27.83 44.06 13.51
CA CYS E 248 -27.32 42.87 14.16
C CYS E 248 -28.45 42.11 14.83
N GLY E 249 -28.29 40.79 14.94
CA GLY E 249 -29.21 39.96 15.70
C GLY E 249 -28.49 39.11 16.72
N ALA E 250 -29.20 38.60 17.71
CA ALA E 250 -28.60 37.76 18.73
C ALA E 250 -29.52 36.58 19.06
N ALA E 251 -28.91 35.49 19.52
CA ALA E 251 -29.65 34.36 20.05
C ALA E 251 -29.78 34.46 21.57
N VAL E 252 -30.91 34.00 22.09
CA VAL E 252 -31.18 33.94 23.52
C VAL E 252 -31.94 32.66 23.81
N GLY E 253 -31.77 32.14 25.03
CA GLY E 253 -32.48 30.96 25.49
C GLY E 253 -33.79 31.31 26.19
N THR E 254 -34.30 30.36 26.96
CA THR E 254 -35.59 30.51 27.63
C THR E 254 -35.51 30.37 29.15
N ARG E 255 -34.32 30.41 29.73
CA ARG E 255 -34.17 30.26 31.17
C ARG E 255 -34.20 31.61 31.87
N GLU E 256 -33.98 31.58 33.19
CA GLU E 256 -33.99 32.81 33.99
C GLU E 256 -32.72 33.64 33.76
N ASP E 257 -31.58 32.98 33.58
CA ASP E 257 -30.34 33.71 33.36
C ASP E 257 -30.38 34.53 32.07
N ASP E 258 -31.32 34.24 31.17
CA ASP E 258 -31.40 34.94 29.90
C ASP E 258 -32.02 36.33 30.05
N LYS E 259 -32.62 36.64 31.20
CA LYS E 259 -33.11 38.00 31.45
C LYS E 259 -31.95 39.00 31.46
N TYR E 260 -30.88 38.66 32.18
CA TYR E 260 -29.71 39.53 32.22
C TYR E 260 -29.05 39.63 30.86
N ARG E 261 -29.00 38.51 30.12
CA ARG E 261 -28.44 38.53 28.77
C ARG E 261 -29.23 39.46 27.87
N LEU E 262 -30.56 39.41 27.97
CA LEU E 262 -31.41 40.34 27.22
C LEU E 262 -31.12 41.79 27.60
N ASP E 263 -30.95 42.05 28.90
CA ASP E 263 -30.63 43.41 29.34
C ASP E 263 -29.34 43.91 28.71
N LEU E 264 -28.29 43.09 28.75
CA LEU E 264 -27.01 43.51 28.21
C LEU E 264 -27.09 43.73 26.70
N LEU E 265 -27.74 42.80 25.98
CA LEU E 265 -27.83 42.93 24.53
C LEU E 265 -28.66 44.15 24.15
N THR E 266 -29.70 44.46 24.91
CA THR E 266 -30.49 45.65 24.63
C THR E 266 -29.68 46.92 24.90
N GLN E 267 -28.84 46.91 25.92
CA GLN E 267 -27.93 48.05 26.11
C GLN E 267 -26.94 48.16 24.95
N ALA E 268 -26.56 47.03 24.35
CA ALA E 268 -25.64 47.08 23.23
C ALA E 268 -26.30 47.53 21.94
N GLY E 269 -27.63 47.69 21.91
CA GLY E 269 -28.31 48.17 20.74
C GLY E 269 -28.72 47.12 19.73
N VAL E 270 -28.97 45.89 20.17
CA VAL E 270 -29.35 44.83 19.24
C VAL E 270 -30.72 45.13 18.61
N ASP E 271 -30.89 44.70 17.36
CA ASP E 271 -32.08 45.03 16.59
C ASP E 271 -33.14 43.93 16.58
N VAL E 272 -32.73 42.66 16.60
CA VAL E 272 -33.66 41.55 16.49
C VAL E 272 -33.13 40.39 17.32
N ILE E 273 -34.03 39.72 18.02
CA ILE E 273 -33.72 38.59 18.88
C ILE E 273 -34.38 37.34 18.32
N VAL E 274 -33.67 36.22 18.35
CA VAL E 274 -34.24 34.92 18.02
C VAL E 274 -34.14 34.03 19.26
N LEU E 275 -35.26 33.43 19.65
CA LEU E 275 -35.31 32.48 20.74
C LEU E 275 -34.89 31.10 20.22
N ASP E 276 -33.80 30.59 20.75
CA ASP E 276 -33.06 29.48 20.17
C ASP E 276 -33.43 28.17 20.89
N SER E 277 -34.22 27.33 20.22
CA SER E 277 -34.53 26.00 20.74
C SER E 277 -34.95 25.08 19.61
N SER E 278 -34.90 23.77 19.91
CA SER E 278 -35.20 22.76 18.90
C SER E 278 -36.70 22.55 18.72
N GLN E 279 -37.50 22.98 19.69
CA GLN E 279 -38.95 22.77 19.75
C GLN E 279 -39.53 23.98 20.48
N GLY E 280 -40.00 24.95 19.70
CA GLY E 280 -40.39 26.24 20.24
C GLY E 280 -41.76 26.29 20.86
N ASN E 281 -42.57 25.23 20.71
CA ASN E 281 -43.94 25.21 21.19
C ASN E 281 -43.95 24.72 22.65
N SER E 282 -43.75 25.67 23.57
CA SER E 282 -43.64 25.35 24.98
C SER E 282 -44.01 26.55 25.83
N VAL E 283 -44.47 26.26 27.05
CA VAL E 283 -44.79 27.30 28.03
C VAL E 283 -43.59 28.17 28.32
N TYR E 284 -42.38 27.59 28.32
CA TYR E 284 -41.18 28.38 28.57
C TYR E 284 -41.00 29.47 27.53
N GLN E 285 -41.02 29.10 26.25
CA GLN E 285 -40.84 30.09 25.19
C GLN E 285 -42.01 31.07 25.16
N ILE E 286 -43.23 30.62 25.40
CA ILE E 286 -44.36 31.54 25.39
C ILE E 286 -44.22 32.59 26.49
N ALA E 287 -43.80 32.17 27.68
CA ALA E 287 -43.57 33.12 28.77
C ALA E 287 -42.44 34.08 28.42
N MET E 288 -41.36 33.57 27.81
CA MET E 288 -40.25 34.43 27.46
C MET E 288 -40.66 35.48 26.42
N VAL E 289 -41.47 35.08 25.44
CA VAL E 289 -41.97 36.04 24.44
C VAL E 289 -42.82 37.10 25.12
N HIS E 290 -43.71 36.68 26.02
CA HIS E 290 -44.54 37.66 26.73
C HIS E 290 -43.68 38.64 27.53
N TYR E 291 -42.65 38.12 28.20
CA TYR E 291 -41.79 38.99 28.99
C TYR E 291 -41.06 40.00 28.11
N ILE E 292 -40.52 39.55 26.98
CA ILE E 292 -39.80 40.46 26.10
C ILE E 292 -40.75 41.53 25.58
N LYS E 293 -41.96 41.14 25.16
CA LYS E 293 -42.88 42.13 24.62
C LYS E 293 -43.35 43.10 25.69
N GLN E 294 -43.41 42.68 26.94
CA GLN E 294 -43.77 43.59 28.02
C GLN E 294 -42.65 44.59 28.30
N LYS E 295 -41.41 44.10 28.40
CA LYS E 295 -40.32 44.94 28.88
C LYS E 295 -39.69 45.80 27.78
N TYR E 296 -39.53 45.26 26.58
CA TYR E 296 -38.92 45.98 25.46
C TYR E 296 -39.88 45.95 24.28
N PRO E 297 -40.97 46.73 24.35
CA PRO E 297 -41.97 46.69 23.27
C PRO E 297 -41.45 47.12 21.90
N HIS E 298 -40.21 47.60 21.80
CA HIS E 298 -39.63 48.01 20.53
C HIS E 298 -38.87 46.89 19.83
N LEU E 299 -38.58 45.79 20.51
CA LEU E 299 -37.69 44.77 19.99
C LEU E 299 -38.44 43.74 19.15
N GLN E 300 -37.78 43.26 18.09
CA GLN E 300 -38.36 42.26 17.20
C GLN E 300 -37.91 40.88 17.65
N VAL E 301 -38.87 39.96 17.82
CA VAL E 301 -38.63 38.63 18.35
C VAL E 301 -39.04 37.60 17.31
N ILE E 302 -38.16 36.64 17.03
CA ILE E 302 -38.43 35.52 16.15
C ILE E 302 -38.61 34.27 17.01
N GLY E 303 -39.70 33.55 16.78
CA GLY E 303 -40.06 32.44 17.65
C GLY E 303 -39.29 31.18 17.34
N GLY E 304 -39.11 30.34 18.36
CA GLY E 304 -38.30 29.13 18.26
C GLY E 304 -38.78 28.19 17.20
N ASN E 305 -37.97 27.15 16.97
CA ASN E 305 -38.17 26.28 15.80
C ASN E 305 -39.48 25.51 15.89
N VAL E 306 -40.27 25.57 14.81
CA VAL E 306 -41.47 24.78 14.66
C VAL E 306 -41.45 24.16 13.27
N VAL E 307 -42.25 23.10 13.09
CA VAL E 307 -42.48 22.50 11.78
C VAL E 307 -43.94 22.33 11.46
N THR E 308 -44.84 22.87 12.28
CA THR E 308 -46.26 22.58 12.22
C THR E 308 -47.06 23.85 12.45
N ALA E 309 -48.25 23.89 11.84
CA ALA E 309 -49.13 25.06 11.97
C ALA E 309 -49.67 25.20 13.39
N ALA E 310 -49.96 24.08 14.06
CA ALA E 310 -50.43 24.14 15.44
C ALA E 310 -49.36 24.67 16.38
N GLN E 311 -48.10 24.28 16.16
CA GLN E 311 -47.00 24.95 16.85
C GLN E 311 -47.00 26.44 16.56
N ALA E 312 -47.08 26.81 15.27
CA ALA E 312 -46.96 28.21 14.88
C ALA E 312 -48.06 29.08 15.49
N LYS E 313 -49.25 28.50 15.68
CA LYS E 313 -50.38 29.26 16.18
C LYS E 313 -50.10 29.81 17.59
N ASN E 314 -49.53 28.98 18.47
CA ASN E 314 -49.29 29.41 19.84
C ASN E 314 -48.30 30.56 19.89
N LEU E 315 -47.24 30.49 19.10
CA LEU E 315 -46.23 31.54 19.11
C LEU E 315 -46.74 32.81 18.42
N ILE E 316 -47.61 32.69 17.41
CA ILE E 316 -48.17 33.89 16.80
C ILE E 316 -49.18 34.54 17.74
N ASP E 317 -49.88 33.75 18.55
CA ASP E 317 -50.71 34.31 19.60
C ASP E 317 -49.87 34.99 20.68
N ALA E 318 -48.72 34.39 21.01
CA ALA E 318 -47.84 34.98 22.02
C ALA E 318 -47.32 36.34 21.58
N GLY E 319 -47.19 36.57 20.27
CA GLY E 319 -46.83 37.88 19.77
C GLY E 319 -45.49 37.98 19.07
N VAL E 320 -45.06 36.90 18.41
CA VAL E 320 -43.77 36.97 17.71
C VAL E 320 -43.91 37.77 16.42
N ASP E 321 -42.76 38.17 15.88
CA ASP E 321 -42.72 38.85 14.59
C ASP E 321 -42.15 37.98 13.48
N GLY E 322 -41.56 36.83 13.81
CA GLY E 322 -41.04 35.93 12.82
C GLY E 322 -40.97 34.52 13.36
N LEU E 323 -40.85 33.56 12.45
CA LEU E 323 -40.80 32.15 12.80
C LEU E 323 -39.62 31.46 12.12
N ARG E 324 -38.95 30.62 12.89
CA ARG E 324 -37.85 29.80 12.41
C ARG E 324 -38.38 28.37 12.22
N VAL E 325 -38.14 27.79 11.05
CA VAL E 325 -38.85 26.61 10.60
C VAL E 325 -37.83 25.55 10.20
N GLY E 326 -37.93 24.39 10.82
CA GLY E 326 -36.99 23.30 10.60
C GLY E 326 -36.72 22.54 11.88
N MET E 327 -36.56 21.23 11.75
CA MET E 327 -36.29 20.36 12.89
C MET E 327 -35.80 19.04 12.32
N GLY E 328 -34.51 18.76 12.50
CA GLY E 328 -33.92 17.54 12.02
C GLY E 328 -33.21 17.63 10.70
N CYS E 329 -33.40 18.71 9.94
CA CYS E 329 -32.90 18.80 8.58
C CYS E 329 -31.44 19.21 8.48
N GLY E 330 -30.90 19.83 9.51
CA GLY E 330 -29.56 20.40 9.41
C GLY E 330 -28.50 19.35 9.16
N SER E 331 -27.38 19.80 8.60
CA SER E 331 -26.29 18.90 8.22
C SER E 331 -25.65 18.21 9.43
N ILE E 332 -25.52 18.92 10.55
CA ILE E 332 -24.87 18.38 11.73
C ILE E 332 -25.89 17.86 12.75
N CYS E 333 -27.07 17.46 12.28
CA CYS E 333 -28.20 17.09 13.14
C CYS E 333 -28.42 15.58 13.17
N ILE E 334 -28.75 15.05 14.36
CA ILE E 334 -29.11 13.65 14.55
C ILE E 334 -30.39 13.57 15.39
N THR E 335 -31.09 14.69 15.49
CA THR E 335 -32.28 14.76 16.36
C THR E 335 -33.34 13.77 15.92
N GLN E 336 -33.51 13.57 14.62
CA GLN E 336 -34.52 12.61 14.15
C GLN E 336 -34.14 11.20 14.57
N GLU E 337 -32.86 10.84 14.40
CA GLU E 337 -32.41 9.50 14.77
C GLU E 337 -32.53 9.25 16.27
N VAL E 338 -32.40 10.28 17.09
CA VAL E 338 -32.34 10.11 18.53
C VAL E 338 -33.71 10.31 19.19
N MET E 339 -34.59 11.12 18.62
CA MET E 339 -35.85 11.46 19.26
C MET E 339 -37.08 10.99 18.50
N ALA E 340 -36.96 10.68 17.20
CA ALA E 340 -38.09 10.28 16.37
C ALA E 340 -39.06 11.43 16.10
N CYS E 341 -38.56 12.67 16.07
CA CYS E 341 -39.39 13.86 15.91
C CYS E 341 -38.83 14.74 14.81
N GLY E 342 -39.70 15.37 14.05
CA GLY E 342 -39.27 16.27 13.00
C GLY E 342 -40.25 16.29 11.84
N ARG E 343 -39.73 16.68 10.68
CA ARG E 343 -40.51 16.81 9.45
C ARG E 343 -39.56 16.99 8.28
N PRO E 344 -39.86 16.42 7.11
CA PRO E 344 -39.13 16.83 5.89
C PRO E 344 -39.31 18.32 5.62
N GLN E 345 -38.20 18.96 5.27
CA GLN E 345 -38.08 20.41 5.35
C GLN E 345 -38.91 21.12 4.29
N GLY E 346 -38.93 20.61 3.06
CA GLY E 346 -39.76 21.22 2.03
C GLY E 346 -41.24 21.26 2.39
N THR E 347 -41.75 20.14 2.89
CA THR E 347 -43.12 20.07 3.36
C THR E 347 -43.36 21.05 4.51
N ALA E 348 -42.46 21.06 5.50
CA ALA E 348 -42.64 21.91 6.67
C ALA E 348 -42.64 23.39 6.29
N VAL E 349 -41.72 23.80 5.42
CA VAL E 349 -41.68 25.18 4.97
C VAL E 349 -42.99 25.54 4.28
N TYR E 350 -43.42 24.71 3.33
CA TYR E 350 -44.65 25.05 2.61
C TYR E 350 -45.84 25.17 3.57
N LYS E 351 -46.04 24.18 4.45
CA LYS E 351 -47.21 24.19 5.33
C LYS E 351 -47.18 25.40 6.27
N VAL E 352 -46.04 25.65 6.92
CA VAL E 352 -45.99 26.72 7.92
C VAL E 352 -46.10 28.08 7.26
N ALA E 353 -45.44 28.29 6.12
CA ALA E 353 -45.54 29.59 5.45
C ALA E 353 -46.96 29.83 4.97
N GLU E 354 -47.62 28.80 4.45
CA GLU E 354 -49.00 28.93 4.01
C GLU E 354 -49.90 29.34 5.17
N TYR E 355 -49.69 28.76 6.36
CA TYR E 355 -50.49 29.17 7.50
C TYR E 355 -50.14 30.59 7.96
N ALA E 356 -48.84 30.90 8.04
CA ALA E 356 -48.41 32.11 8.74
C ALA E 356 -48.66 33.37 7.91
N ARG E 357 -48.67 33.28 6.58
CA ARG E 357 -48.90 34.48 5.79
C ARG E 357 -50.32 35.03 6.00
N ARG E 358 -51.22 34.26 6.59
CA ARG E 358 -52.55 34.76 6.90
C ARG E 358 -52.49 35.89 7.92
N PHE E 359 -51.49 35.89 8.80
CA PHE E 359 -51.33 36.88 9.85
C PHE E 359 -50.19 37.84 9.57
N GLY E 360 -49.58 37.81 8.40
CA GLY E 360 -48.49 38.69 8.08
C GLY E 360 -47.19 38.37 8.79
N VAL E 361 -46.93 37.08 9.07
CA VAL E 361 -45.72 36.67 9.76
C VAL E 361 -44.82 35.97 8.74
N PRO E 362 -43.62 36.49 8.47
CA PRO E 362 -42.70 35.77 7.59
C PRO E 362 -42.01 34.62 8.31
N ILE E 363 -41.44 33.69 7.55
CA ILE E 363 -40.74 32.56 8.12
C ILE E 363 -39.34 32.49 7.53
N ILE E 364 -38.40 31.99 8.32
CA ILE E 364 -37.07 31.65 7.86
C ILE E 364 -37.00 30.15 7.68
N ALA E 365 -36.55 29.72 6.50
CA ALA E 365 -36.22 28.32 6.26
C ALA E 365 -34.80 28.05 6.77
N ASP E 366 -34.69 27.22 7.80
CA ASP E 366 -33.43 27.01 8.50
C ASP E 366 -33.10 25.53 8.52
N GLY E 367 -31.98 25.17 7.89
CA GLY E 367 -31.46 23.82 7.94
C GLY E 367 -31.54 23.06 6.62
N GLY E 368 -30.49 22.31 6.31
CA GLY E 368 -30.48 21.43 5.15
C GLY E 368 -30.24 22.10 3.80
N ILE E 369 -29.86 23.37 3.77
CA ILE E 369 -29.54 24.04 2.51
C ILE E 369 -28.10 23.68 2.14
N GLN E 370 -27.92 23.07 0.97
CA GLN E 370 -26.60 22.67 0.51
C GLN E 370 -26.21 23.26 -0.84
N THR E 371 -27.17 23.79 -1.61
CA THR E 371 -26.90 24.33 -2.93
C THR E 371 -27.73 25.59 -3.12
N VAL E 372 -27.42 26.31 -4.21
CA VAL E 372 -28.20 27.49 -4.58
C VAL E 372 -29.62 27.09 -4.98
N GLY E 373 -29.76 25.92 -5.62
CA GLY E 373 -31.06 25.43 -5.98
C GLY E 373 -31.97 25.15 -4.79
N HIS E 374 -31.38 24.71 -3.68
CA HIS E 374 -32.16 24.57 -2.45
C HIS E 374 -32.69 25.91 -1.97
N VAL E 375 -31.87 26.97 -2.07
CA VAL E 375 -32.31 28.31 -1.67
C VAL E 375 -33.49 28.76 -2.53
N VAL E 376 -33.37 28.55 -3.85
CA VAL E 376 -34.43 28.94 -4.76
C VAL E 376 -35.72 28.16 -4.46
N LYS E 377 -35.59 26.86 -4.17
CA LYS E 377 -36.73 26.05 -3.79
C LYS E 377 -37.37 26.50 -2.48
N ALA E 378 -36.56 26.85 -1.48
CA ALA E 378 -37.10 27.32 -0.21
C ALA E 378 -37.85 28.63 -0.37
N LEU E 379 -37.31 29.55 -1.19
CA LEU E 379 -38.01 30.79 -1.45
C LEU E 379 -39.30 30.59 -2.25
N ALA E 380 -39.31 29.61 -3.18
CA ALA E 380 -40.52 29.36 -3.96
C ALA E 380 -41.58 28.61 -3.16
N LEU E 381 -41.18 27.82 -2.15
CA LEU E 381 -42.18 27.16 -1.31
C LEU E 381 -42.78 28.09 -0.26
N GLY E 382 -42.40 29.36 -0.24
CA GLY E 382 -43.06 30.37 0.55
C GLY E 382 -42.22 31.06 1.61
N ALA E 383 -40.98 30.60 1.84
CA ALA E 383 -40.13 31.27 2.82
C ALA E 383 -39.77 32.69 2.38
N SER E 384 -39.63 33.57 3.37
CA SER E 384 -39.18 34.93 3.12
C SER E 384 -37.66 35.06 3.19
N THR E 385 -37.01 34.25 4.02
CA THR E 385 -35.57 34.28 4.16
C THR E 385 -35.06 32.84 4.35
N VAL E 386 -33.76 32.68 4.17
CA VAL E 386 -33.08 31.38 4.29
C VAL E 386 -31.88 31.55 5.21
N MET E 387 -31.71 30.59 6.11
CA MET E 387 -30.60 30.57 7.06
C MET E 387 -29.66 29.43 6.70
N MET E 388 -28.36 29.70 6.72
CA MET E 388 -27.34 28.70 6.37
C MET E 388 -26.32 28.59 7.48
N GLY E 389 -26.03 27.36 7.89
CA GLY E 389 -24.89 27.09 8.74
C GLY E 389 -23.69 26.57 7.98
N SER E 390 -23.88 25.48 7.24
CA SER E 390 -22.75 24.77 6.63
C SER E 390 -22.21 25.52 5.42
N LEU E 391 -23.08 26.16 4.64
CA LEU E 391 -22.62 26.87 3.45
C LEU E 391 -21.71 28.05 3.82
N LEU E 392 -21.98 28.69 4.96
CA LEU E 392 -21.15 29.81 5.41
C LEU E 392 -19.98 29.38 6.29
N ALA E 393 -19.90 28.12 6.69
CA ALA E 393 -18.80 27.68 7.53
C ALA E 393 -17.51 27.61 6.72
N ALA E 394 -16.38 27.75 7.43
CA ALA E 394 -15.04 27.66 6.87
C ALA E 394 -14.72 28.84 5.95
N THR E 395 -15.43 29.95 6.09
CA THR E 395 -15.00 31.19 5.47
C THR E 395 -14.06 31.94 6.43
N THR E 396 -13.35 32.93 5.88
CA THR E 396 -12.38 33.65 6.71
C THR E 396 -13.08 34.36 7.87
N GLU E 397 -14.26 34.92 7.63
CA GLU E 397 -15.00 35.62 8.68
C GLU E 397 -15.56 34.67 9.72
N ALA E 398 -15.59 33.36 9.45
CA ALA E 398 -16.12 32.43 10.42
C ALA E 398 -15.19 32.32 11.63
N PRO E 399 -15.72 32.15 12.84
CA PRO E 399 -14.86 32.01 14.00
C PRO E 399 -14.02 30.74 13.94
N GLY E 400 -12.86 30.81 14.60
CA GLY E 400 -11.91 29.71 14.62
C GLY E 400 -10.74 29.95 13.69
N GLU E 401 -9.65 29.26 13.99
CA GLU E 401 -8.43 29.35 13.20
C GLU E 401 -8.34 28.13 12.28
N TYR E 402 -7.97 28.37 11.02
CA TYR E 402 -7.84 27.29 10.06
C TYR E 402 -6.89 26.23 10.58
N PHE E 403 -6.91 25.05 9.97
CA PHE E 403 -5.95 24.01 10.29
C PHE E 403 -5.85 23.08 9.09
N PHE E 404 -4.76 22.32 9.05
CA PHE E 404 -4.43 21.50 7.90
C PHE E 404 -4.55 20.03 8.28
N SER E 405 -5.19 19.25 7.42
CA SER E 405 -5.31 17.81 7.61
C SER E 405 -5.18 17.17 6.23
N ASP E 406 -4.01 16.60 5.96
CA ASP E 406 -3.71 16.00 4.65
C ASP E 406 -3.55 17.06 3.57
N GLY E 407 -3.13 18.26 3.95
CA GLY E 407 -2.81 19.30 2.98
C GLY E 407 -3.97 20.13 2.50
N VAL E 408 -5.13 20.06 3.17
CA VAL E 408 -6.30 20.83 2.78
C VAL E 408 -6.76 21.65 3.99
N ARG E 409 -6.94 22.94 3.79
CA ARG E 409 -7.35 23.82 4.89
C ARG E 409 -8.76 23.50 5.32
N LEU E 410 -8.98 23.49 6.64
CA LEU E 410 -10.27 23.13 7.22
C LEU E 410 -10.57 24.04 8.41
N LYS E 411 -11.84 24.13 8.75
CA LYS E 411 -12.30 24.81 9.95
C LYS E 411 -13.24 23.88 10.71
N LYS E 412 -13.30 24.06 12.01
CA LYS E 412 -14.24 23.30 12.82
C LYS E 412 -15.67 23.76 12.57
N TYR E 413 -16.59 22.80 12.45
CA TYR E 413 -18.01 23.07 12.34
C TYR E 413 -18.77 22.05 13.15
N ARG E 414 -19.48 22.50 14.18
CA ARG E 414 -20.14 21.61 15.12
C ARG E 414 -21.55 22.11 15.40
N GLY E 415 -22.43 21.18 15.77
CA GLY E 415 -23.76 21.55 16.18
C GLY E 415 -23.81 21.98 17.64
N MET E 416 -24.77 22.86 17.94
CA MET E 416 -24.91 23.34 19.30
C MET E 416 -25.42 22.27 20.25
N GLY E 417 -25.84 21.11 19.75
CA GLY E 417 -26.22 19.99 20.58
C GLY E 417 -25.13 18.95 20.67
N SER E 418 -23.93 19.29 20.21
CA SER E 418 -22.78 18.41 20.37
C SER E 418 -22.30 18.39 21.81
N LEU E 419 -21.58 17.32 22.17
CA LEU E 419 -21.03 17.23 23.52
C LEU E 419 -19.98 18.30 23.76
N ASP E 420 -19.16 18.59 22.74
CA ASP E 420 -18.14 19.62 22.88
C ASP E 420 -18.78 20.97 23.17
N ALA E 421 -19.89 21.28 22.51
CA ALA E 421 -20.53 22.58 22.68
C ALA E 421 -21.29 22.67 24.00
N MET E 422 -21.45 21.56 24.71
CA MET E 422 -22.14 21.57 26.00
C MET E 422 -21.22 21.80 27.19
N GLU E 423 -19.90 21.84 26.98
CA GLU E 423 -18.97 22.07 28.08
C GLU E 423 -18.88 23.56 28.39
N VAL E 439 -27.38 12.72 32.87
CA VAL E 439 -26.45 12.52 31.77
C VAL E 439 -26.97 13.25 30.53
N LYS E 440 -26.08 14.00 29.88
CA LYS E 440 -26.44 14.81 28.74
C LYS E 440 -26.48 13.97 27.47
N ILE E 441 -27.54 14.14 26.68
CA ILE E 441 -27.75 13.40 25.44
C ILE E 441 -27.30 14.28 24.29
N ALA E 442 -26.45 13.75 23.42
CA ALA E 442 -25.98 14.51 22.27
C ALA E 442 -27.04 14.54 21.18
N GLN E 443 -27.26 15.73 20.63
CA GLN E 443 -28.19 15.94 19.53
C GLN E 443 -27.51 16.47 18.27
N GLY E 444 -26.18 16.53 18.25
CA GLY E 444 -25.45 17.01 17.10
C GLY E 444 -24.10 16.33 17.03
N VAL E 445 -23.35 16.67 15.98
CA VAL E 445 -22.00 16.17 15.76
C VAL E 445 -21.10 17.34 15.41
N SER E 446 -19.80 17.10 15.50
CA SER E 446 -18.78 18.08 15.18
C SER E 446 -17.90 17.53 14.05
N GLY E 447 -17.67 18.36 13.04
CA GLY E 447 -16.82 17.99 11.93
C GLY E 447 -16.04 19.16 11.38
N SER E 448 -15.59 19.06 10.13
CA SER E 448 -14.79 20.10 9.51
C SER E 448 -15.28 20.36 8.10
N ILE E 449 -15.09 21.60 7.65
CA ILE E 449 -15.49 22.04 6.31
C ILE E 449 -14.28 22.67 5.62
N GLN E 450 -14.14 22.39 4.33
CA GLN E 450 -13.03 22.94 3.56
C GLN E 450 -13.16 24.45 3.41
N ASP E 451 -12.03 25.13 3.34
CA ASP E 451 -12.01 26.59 3.22
C ASP E 451 -12.70 27.02 1.94
N LYS E 452 -13.40 28.16 2.01
CA LYS E 452 -14.14 28.69 0.88
C LYS E 452 -13.86 30.15 0.58
N GLY E 453 -12.91 30.78 1.25
CA GLY E 453 -12.56 32.16 0.94
C GLY E 453 -13.34 33.14 1.79
N SER E 454 -13.64 34.31 1.24
CA SER E 454 -14.28 35.40 1.98
C SER E 454 -15.77 35.43 1.70
N ILE E 455 -16.54 35.83 2.72
CA ILE E 455 -17.98 36.03 2.55
C ILE E 455 -18.24 37.06 1.45
N GLN E 456 -17.43 38.11 1.40
CA GLN E 456 -17.65 39.20 0.46
C GLN E 456 -17.39 38.77 -0.98
N LYS E 457 -16.84 37.59 -1.19
CA LYS E 457 -16.73 37.00 -2.51
C LYS E 457 -17.73 35.86 -2.74
N PHE E 458 -18.06 35.11 -1.68
CA PHE E 458 -18.96 33.96 -1.79
C PHE E 458 -20.41 34.38 -1.95
N VAL E 459 -20.83 35.43 -1.23
CA VAL E 459 -22.24 35.81 -1.24
C VAL E 459 -22.69 36.32 -2.61
N PRO E 460 -21.95 37.20 -3.29
CA PRO E 460 -22.40 37.62 -4.64
C PRO E 460 -22.56 36.47 -5.62
N TYR E 461 -21.78 35.40 -5.46
CA TYR E 461 -21.99 34.20 -6.26
C TYR E 461 -23.38 33.61 -6.00
N LEU E 462 -23.77 33.49 -4.73
CA LEU E 462 -25.10 32.99 -4.39
C LEU E 462 -26.18 33.91 -4.94
N ILE E 463 -25.98 35.22 -4.83
CA ILE E 463 -26.96 36.17 -5.34
C ILE E 463 -27.15 35.99 -6.84
N ALA E 464 -26.04 35.85 -7.57
CA ALA E 464 -26.13 35.66 -9.02
C ALA E 464 -26.85 34.35 -9.36
N GLY E 465 -26.55 33.28 -8.63
CA GLY E 465 -27.25 32.03 -8.85
C GLY E 465 -28.75 32.14 -8.62
N ILE E 466 -29.14 32.84 -7.55
CA ILE E 466 -30.57 33.02 -7.26
C ILE E 466 -31.24 33.85 -8.35
N GLN E 467 -30.58 34.92 -8.80
CA GLN E 467 -31.15 35.75 -9.86
C GLN E 467 -31.30 34.96 -11.15
N HIS E 468 -30.34 34.08 -11.46
CA HIS E 468 -30.45 33.24 -12.65
C HIS E 468 -31.60 32.24 -12.53
N GLY E 469 -31.76 31.62 -11.36
CA GLY E 469 -32.90 30.73 -11.16
C GLY E 469 -34.23 31.44 -11.30
N CYS E 470 -34.34 32.63 -10.73
CA CYS E 470 -35.56 33.41 -10.87
C CYS E 470 -35.82 33.78 -12.31
N GLN E 471 -34.78 34.11 -13.07
CA GLN E 471 -34.96 34.45 -14.48
C GLN E 471 -35.39 33.23 -15.29
N ASP E 472 -34.77 32.07 -15.05
CA ASP E 472 -35.18 30.85 -15.73
C ASP E 472 -36.64 30.53 -15.45
N ILE E 473 -37.08 30.73 -14.20
CA ILE E 473 -38.47 30.49 -13.84
C ILE E 473 -39.39 31.50 -14.51
N GLY E 474 -38.96 32.75 -14.61
CA GLY E 474 -39.79 33.81 -15.12
C GLY E 474 -40.32 34.75 -14.07
N ALA E 475 -39.65 34.86 -12.93
CA ALA E 475 -40.03 35.78 -11.86
C ALA E 475 -38.95 36.86 -11.75
N ARG E 476 -39.37 38.12 -11.86
CA ARG E 476 -38.44 39.22 -11.74
C ARG E 476 -38.29 39.74 -10.31
N SER E 477 -39.01 39.17 -9.35
CA SER E 477 -38.75 39.39 -7.94
C SER E 477 -39.27 38.21 -7.14
N LEU E 478 -38.74 38.06 -5.92
CA LEU E 478 -39.14 36.97 -5.04
C LEU E 478 -40.59 37.10 -4.60
N ASP E 479 -41.08 38.33 -4.43
CA ASP E 479 -42.50 38.53 -4.16
C ASP E 479 -43.36 37.99 -5.30
N VAL E 480 -42.99 38.30 -6.54
CA VAL E 480 -43.72 37.78 -7.70
C VAL E 480 -43.62 36.26 -7.77
N LEU E 481 -42.48 35.72 -7.35
CA LEU E 481 -42.31 34.27 -7.32
C LEU E 481 -43.29 33.61 -6.34
N ARG E 482 -43.40 34.15 -5.12
CA ARG E 482 -44.29 33.57 -4.14
C ARG E 482 -45.76 33.75 -4.55
N SER E 483 -46.09 34.90 -5.14
CA SER E 483 -47.46 35.11 -5.58
C SER E 483 -47.83 34.21 -6.76
N MET E 484 -46.87 33.95 -7.64
CA MET E 484 -47.08 32.97 -8.72
C MET E 484 -47.32 31.59 -8.14
N MET E 485 -46.58 31.23 -7.09
CA MET E 485 -46.82 29.95 -6.43
C MET E 485 -48.20 29.88 -5.81
N TYR E 486 -48.66 30.96 -5.18
CA TYR E 486 -49.95 30.89 -4.49
C TYR E 486 -51.11 30.99 -5.46
N SER E 487 -50.91 31.53 -6.67
CA SER E 487 -51.99 31.59 -7.64
C SER E 487 -52.13 30.30 -8.45
N GLY E 488 -51.14 29.42 -8.44
CA GLY E 488 -51.13 28.25 -9.28
C GLY E 488 -50.39 28.39 -10.59
N GLU E 489 -49.94 29.60 -10.93
CA GLU E 489 -49.14 29.80 -12.14
C GLU E 489 -47.83 29.00 -12.09
N LEU E 490 -47.18 28.98 -10.94
CA LEU E 490 -45.94 28.23 -10.79
C LEU E 490 -46.22 26.72 -10.80
N LYS E 491 -45.36 25.96 -11.49
CA LYS E 491 -45.60 24.54 -11.72
C LYS E 491 -44.36 23.73 -11.33
N PHE E 492 -44.62 22.53 -10.82
CA PHE E 492 -43.60 21.67 -10.26
C PHE E 492 -43.73 20.27 -10.84
N GLU E 493 -42.64 19.51 -10.79
CA GLU E 493 -42.65 18.10 -11.09
C GLU E 493 -41.89 17.35 -10.00
N LYS E 494 -42.41 16.18 -9.62
CA LYS E 494 -41.72 15.26 -8.74
C LYS E 494 -40.57 14.56 -9.47
N ARG E 495 -39.65 13.99 -8.69
CA ARG E 495 -38.51 13.28 -9.22
C ARG E 495 -38.41 11.89 -8.60
N THR E 496 -38.25 10.88 -9.45
CA THR E 496 -37.84 9.56 -8.97
C THR E 496 -36.34 9.56 -8.66
N MET E 497 -35.89 8.49 -7.99
CA MET E 497 -34.47 8.32 -7.76
C MET E 497 -33.68 8.28 -9.06
N SER E 498 -34.23 7.63 -10.09
CA SER E 498 -33.58 7.63 -11.39
C SER E 498 -33.45 9.05 -11.94
N ALA E 499 -34.51 9.85 -11.80
CA ALA E 499 -34.46 11.23 -12.28
C ALA E 499 -33.44 12.04 -11.50
N GLN E 500 -33.32 11.78 -10.19
CA GLN E 500 -32.36 12.50 -9.38
C GLN E 500 -30.93 12.13 -9.77
N ILE E 501 -30.70 10.85 -10.07
CA ILE E 501 -29.39 10.44 -10.58
C ILE E 501 -29.11 11.10 -11.93
N GLU E 502 -30.12 11.14 -12.80
CA GLU E 502 -29.99 11.76 -14.11
C GLU E 502 -29.77 13.27 -14.02
N GLY E 503 -30.20 13.89 -12.92
CA GLY E 503 -30.02 15.31 -12.70
C GLY E 503 -28.65 15.72 -12.25
N GLY E 504 -27.79 14.76 -11.88
CA GLY E 504 -26.44 15.03 -11.47
C GLY E 504 -25.41 14.70 -12.55
N VAL E 505 -24.15 14.67 -12.13
CA VAL E 505 -23.06 14.32 -13.02
C VAL E 505 -23.00 12.80 -13.12
N HIS E 506 -23.09 12.28 -14.34
CA HIS E 506 -23.15 10.84 -14.55
C HIS E 506 -22.47 10.48 -15.86
N GLY E 507 -21.89 9.29 -15.89
CA GLY E 507 -21.36 8.74 -17.13
C GLY E 507 -19.99 9.24 -17.54
N LEU E 508 -19.19 9.74 -16.61
CA LEU E 508 -17.85 10.25 -16.91
C LEU E 508 -16.81 9.39 -16.20
N HIS E 509 -15.68 9.17 -16.88
CA HIS E 509 -14.54 8.54 -16.22
C HIS E 509 -14.04 9.37 -15.05
N SER E 510 -13.90 10.67 -15.24
CA SER E 510 -13.51 11.57 -14.17
C SER E 510 -13.91 12.98 -14.55
N TYR E 511 -14.01 13.85 -13.55
CA TYR E 511 -14.37 15.23 -13.79
C TYR E 511 -13.92 16.07 -12.59
N THR E 512 -13.89 17.39 -12.80
CA THR E 512 -13.49 18.31 -11.74
C THR E 512 -14.39 19.55 -11.75
N TYR F 14 -59.88 -15.29 -26.86
CA TYR F 14 -59.72 -13.99 -26.24
C TYR F 14 -58.53 -13.98 -25.30
N VAL F 15 -57.79 -12.88 -25.30
CA VAL F 15 -56.68 -12.67 -24.37
C VAL F 15 -56.83 -11.28 -23.77
N PRO F 16 -56.76 -11.12 -22.45
CA PRO F 16 -56.84 -9.77 -21.87
C PRO F 16 -55.55 -9.00 -22.11
N GLU F 17 -55.66 -7.68 -22.08
CA GLU F 17 -54.49 -6.84 -22.29
C GLU F 17 -53.58 -6.83 -21.08
N ASP F 18 -52.29 -6.68 -21.34
CA ASP F 18 -51.25 -6.57 -20.33
C ASP F 18 -50.56 -5.22 -20.49
N GLY F 19 -50.08 -4.65 -19.39
CA GLY F 19 -49.29 -3.44 -19.46
C GLY F 19 -50.10 -2.14 -19.55
N LEU F 20 -49.36 -1.06 -19.77
CA LEU F 20 -49.91 0.28 -19.82
C LEU F 20 -49.62 0.91 -21.18
N THR F 21 -50.54 1.76 -21.63
CA THR F 21 -50.24 2.67 -22.73
C THR F 21 -49.33 3.79 -22.23
N ALA F 22 -48.79 4.57 -23.16
CA ALA F 22 -47.96 5.71 -22.78
C ALA F 22 -48.78 6.74 -22.00
N GLN F 23 -50.01 6.98 -22.44
CA GLN F 23 -50.89 7.89 -21.75
C GLN F 23 -51.14 7.45 -20.31
N GLN F 24 -51.36 6.15 -20.09
CA GLN F 24 -51.51 5.65 -18.73
C GLN F 24 -50.21 5.70 -17.95
N LEU F 25 -49.09 5.43 -18.63
CA LEU F 25 -47.79 5.46 -17.98
C LEU F 25 -47.50 6.83 -17.38
N PHE F 26 -47.84 7.89 -18.10
CA PHE F 26 -47.47 9.23 -17.62
C PHE F 26 -48.60 9.93 -16.86
N ALA F 27 -49.71 9.25 -16.59
CA ALA F 27 -50.83 9.89 -15.93
C ALA F 27 -50.57 10.12 -14.45
N SER F 28 -49.75 9.28 -13.83
CA SER F 28 -49.50 9.40 -12.40
C SER F 28 -48.67 10.65 -12.04
N ALA F 29 -47.89 11.17 -12.97
CA ALA F 29 -47.02 12.33 -12.73
C ALA F 29 -45.95 12.00 -11.69
N ASP F 30 -45.15 10.98 -11.98
CA ASP F 30 -44.11 10.55 -11.06
C ASP F 30 -42.79 11.26 -11.28
N GLY F 31 -42.54 11.77 -12.49
CA GLY F 31 -41.22 12.24 -12.85
C GLY F 31 -40.32 11.13 -13.33
N LEU F 32 -40.76 10.44 -14.38
CA LEU F 32 -40.07 9.26 -14.89
C LEU F 32 -38.92 9.63 -15.83
N THR F 33 -37.87 8.84 -15.77
CA THR F 33 -36.77 8.87 -16.74
C THR F 33 -36.74 7.54 -17.50
N TYR F 34 -35.75 7.41 -18.39
CA TYR F 34 -35.64 6.23 -19.24
C TYR F 34 -35.50 4.95 -18.43
N ASN F 35 -34.80 5.01 -17.29
CA ASN F 35 -34.54 3.84 -16.48
C ASN F 35 -35.72 3.43 -15.61
N ASP F 36 -36.83 4.16 -15.66
CA ASP F 36 -37.98 3.88 -14.81
C ASP F 36 -39.01 2.97 -15.47
N PHE F 37 -38.81 2.53 -16.71
CA PHE F 37 -39.80 1.72 -17.40
C PHE F 37 -39.13 0.87 -18.47
N LEU F 38 -39.92 -0.01 -19.07
CA LEU F 38 -39.52 -0.83 -20.21
C LEU F 38 -40.67 -0.89 -21.21
N ILE F 39 -40.35 -1.40 -22.40
CA ILE F 39 -41.34 -1.73 -23.43
C ILE F 39 -41.56 -3.23 -23.40
N LEU F 40 -42.79 -3.64 -23.63
CA LEU F 40 -43.13 -5.06 -23.63
C LEU F 40 -42.99 -5.65 -25.03
N PRO F 41 -42.48 -6.87 -25.16
CA PRO F 41 -42.30 -7.46 -26.51
C PRO F 41 -43.62 -7.74 -27.22
N GLY F 42 -43.55 -7.73 -28.54
CA GLY F 42 -44.71 -7.99 -29.37
C GLY F 42 -44.62 -9.26 -30.20
N PHE F 43 -44.97 -9.18 -31.47
CA PHE F 43 -44.96 -10.32 -32.37
C PHE F 43 -43.94 -10.09 -33.47
N ILE F 44 -43.14 -11.12 -33.75
CA ILE F 44 -42.03 -11.03 -34.70
C ILE F 44 -42.43 -11.78 -35.97
N ASP F 45 -42.43 -11.07 -37.11
CA ASP F 45 -42.63 -11.70 -38.41
C ASP F 45 -41.73 -11.08 -39.49
N PHE F 46 -40.54 -10.63 -39.11
CA PHE F 46 -39.60 -10.03 -40.05
C PHE F 46 -38.23 -10.11 -39.41
N ILE F 47 -37.20 -9.80 -40.19
CA ILE F 47 -35.83 -9.83 -39.67
C ILE F 47 -35.38 -8.41 -39.34
N ALA F 48 -34.38 -8.32 -38.46
CA ALA F 48 -33.96 -7.02 -37.94
C ALA F 48 -33.40 -6.12 -39.03
N ASP F 49 -32.77 -6.68 -40.07
CA ASP F 49 -32.23 -5.86 -41.15
C ASP F 49 -33.32 -5.25 -42.02
N GLU F 50 -34.57 -5.71 -41.90
CA GLU F 50 -35.66 -5.10 -42.64
C GLU F 50 -36.16 -3.80 -42.00
N VAL F 51 -35.68 -3.47 -40.80
CA VAL F 51 -36.27 -2.37 -40.04
C VAL F 51 -35.81 -1.04 -40.62
N ASP F 52 -36.77 -0.17 -40.93
CA ASP F 52 -36.50 1.12 -41.56
C ASP F 52 -36.32 2.21 -40.50
N LEU F 53 -35.31 3.05 -40.67
CA LEU F 53 -34.94 4.04 -39.67
C LEU F 53 -35.04 5.47 -40.16
N THR F 54 -35.77 5.74 -41.25
CA THR F 54 -35.84 7.09 -41.78
C THR F 54 -36.51 8.05 -40.80
N SER F 55 -35.91 9.22 -40.62
CA SER F 55 -36.29 10.14 -39.55
C SER F 55 -36.38 11.57 -40.06
N ALA F 56 -37.48 12.24 -39.73
CA ALA F 56 -37.60 13.67 -39.98
C ALA F 56 -36.75 14.45 -38.99
N LEU F 57 -35.92 15.35 -39.50
CA LEU F 57 -35.13 16.27 -38.68
C LEU F 57 -35.82 17.62 -38.52
N THR F 58 -36.32 18.18 -39.60
CA THR F 58 -37.11 19.39 -39.58
C THR F 58 -38.35 19.17 -40.44
N ARG F 59 -39.09 20.25 -40.69
CA ARG F 59 -40.22 20.19 -41.60
C ARG F 59 -39.80 19.69 -42.98
N LYS F 60 -38.56 19.99 -43.38
CA LYS F 60 -38.09 19.75 -44.75
C LYS F 60 -37.03 18.67 -44.87
N ILE F 61 -36.14 18.53 -43.89
CA ILE F 61 -34.99 17.63 -44.02
C ILE F 61 -35.33 16.28 -43.42
N THR F 62 -35.07 15.21 -44.18
CA THR F 62 -35.24 13.84 -43.74
C THR F 62 -33.91 13.11 -43.80
N LEU F 63 -33.62 12.31 -42.78
CA LEU F 63 -32.44 11.48 -42.72
C LEU F 63 -32.83 10.01 -42.75
N LYS F 64 -31.84 9.16 -43.02
CA LYS F 64 -32.02 7.72 -42.98
C LYS F 64 -31.63 7.10 -41.65
N THR F 65 -31.13 7.92 -40.72
CA THR F 65 -30.67 7.49 -39.43
C THR F 65 -31.11 8.59 -38.46
N PRO F 66 -31.47 8.25 -37.22
CA PRO F 66 -31.92 9.28 -36.28
C PRO F 66 -30.81 9.89 -35.41
N LEU F 67 -29.55 9.52 -35.60
CA LEU F 67 -28.48 9.94 -34.71
C LEU F 67 -27.92 11.29 -35.13
N ILE F 68 -27.66 12.15 -34.15
CA ILE F 68 -27.13 13.50 -34.35
C ILE F 68 -26.01 13.73 -33.35
N SER F 69 -24.99 14.47 -33.78
CA SER F 69 -23.88 14.82 -32.91
C SER F 69 -24.11 16.21 -32.31
N SER F 70 -23.85 16.33 -31.02
CA SER F 70 -24.16 17.56 -30.30
C SER F 70 -23.23 18.70 -30.70
N PRO F 71 -23.74 19.94 -30.85
CA PRO F 71 -22.85 21.08 -31.13
C PRO F 71 -22.05 21.53 -29.92
N MET F 72 -21.08 20.72 -29.51
CA MET F 72 -20.19 21.02 -28.41
C MET F 72 -18.76 21.04 -28.93
N ASP F 73 -17.90 21.84 -28.29
CA ASP F 73 -16.54 22.01 -28.81
C ASP F 73 -15.64 20.83 -28.50
N THR F 74 -16.11 19.83 -27.76
CA THR F 74 -15.41 18.56 -27.62
C THR F 74 -16.12 17.42 -28.34
N VAL F 75 -17.07 17.72 -29.23
CA VAL F 75 -17.78 16.67 -29.95
C VAL F 75 -17.71 16.87 -31.46
N THR F 76 -18.23 17.99 -31.97
CA THR F 76 -18.47 18.14 -33.41
C THR F 76 -17.64 19.28 -34.01
N GLU F 77 -16.72 18.89 -34.89
CA GLU F 77 -16.12 19.74 -35.91
C GLU F 77 -16.39 19.10 -37.28
N ALA F 78 -15.69 19.59 -38.30
CA ALA F 78 -15.92 19.12 -39.67
C ALA F 78 -15.71 17.62 -39.81
N ASP F 79 -14.73 17.04 -39.13
CA ASP F 79 -14.48 15.61 -39.29
C ASP F 79 -15.65 14.79 -38.75
N MET F 80 -16.09 15.11 -37.54
CA MET F 80 -17.24 14.43 -36.96
C MET F 80 -18.48 14.65 -37.83
N ALA F 81 -18.65 15.86 -38.35
CA ALA F 81 -19.80 16.16 -39.18
C ALA F 81 -19.81 15.32 -40.45
N ILE F 82 -18.67 15.23 -41.14
CA ILE F 82 -18.58 14.45 -42.37
C ILE F 82 -18.84 12.98 -42.08
N ALA F 83 -18.25 12.46 -41.00
CA ALA F 83 -18.46 11.06 -40.65
C ALA F 83 -19.92 10.76 -40.34
N MET F 84 -20.58 11.65 -39.57
CA MET F 84 -22.00 11.48 -39.26
C MET F 84 -22.84 11.50 -40.52
N ALA F 85 -22.59 12.47 -41.39
CA ALA F 85 -23.38 12.58 -42.62
C ALA F 85 -23.20 11.34 -43.50
N LEU F 86 -21.96 10.83 -43.59
CA LEU F 86 -21.72 9.62 -44.37
C LEU F 86 -22.44 8.41 -43.77
N MET F 87 -22.38 8.28 -42.44
CA MET F 87 -23.06 7.19 -41.75
C MET F 87 -24.58 7.31 -41.81
N GLY F 88 -25.11 8.48 -42.14
CA GLY F 88 -26.54 8.65 -42.32
C GLY F 88 -27.20 9.61 -41.36
N GLY F 89 -26.46 10.20 -40.43
CA GLY F 89 -26.96 11.21 -39.53
C GLY F 89 -26.57 12.61 -39.95
N ILE F 90 -26.13 13.42 -38.98
CA ILE F 90 -25.71 14.79 -39.23
C ILE F 90 -25.01 15.32 -37.99
N GLY F 91 -24.15 16.32 -38.20
CA GLY F 91 -23.53 17.06 -37.10
C GLY F 91 -23.89 18.52 -37.17
N PHE F 92 -23.93 19.16 -35.99
CA PHE F 92 -24.03 20.61 -35.88
C PHE F 92 -22.69 21.15 -35.40
N ILE F 93 -22.13 22.12 -36.14
CA ILE F 93 -20.88 22.74 -35.73
C ILE F 93 -21.12 23.68 -34.55
N HIS F 94 -20.33 23.53 -33.50
CA HIS F 94 -20.40 24.41 -32.35
C HIS F 94 -20.01 25.84 -32.74
N HIS F 95 -20.26 26.77 -31.81
CA HIS F 95 -19.92 28.17 -32.02
C HIS F 95 -19.10 28.74 -30.86
N ASN F 96 -18.42 27.90 -30.12
CA ASN F 96 -17.40 28.34 -29.16
C ASN F 96 -16.08 28.62 -29.89
N CYS F 97 -16.15 29.58 -30.82
CA CYS F 97 -15.05 29.83 -31.74
C CYS F 97 -15.35 31.12 -32.49
N THR F 98 -14.49 31.46 -33.44
CA THR F 98 -14.67 32.63 -34.28
C THR F 98 -15.68 32.34 -35.39
N PRO F 99 -16.44 33.35 -35.82
CA PRO F 99 -17.33 33.13 -36.98
C PRO F 99 -16.60 32.67 -38.23
N GLU F 100 -15.42 33.22 -38.51
CA GLU F 100 -14.66 32.77 -39.67
C GLU F 100 -14.25 31.31 -39.53
N PHE F 101 -13.82 30.92 -38.33
CA PHE F 101 -13.42 29.55 -38.08
C PHE F 101 -14.60 28.59 -38.31
N GLN F 102 -15.77 28.95 -37.77
CA GLN F 102 -16.94 28.11 -37.95
C GLN F 102 -17.35 28.01 -39.41
N ALA F 103 -17.31 29.14 -40.13
CA ALA F 103 -17.65 29.12 -41.54
C ALA F 103 -16.69 28.23 -42.32
N ASN F 104 -15.40 28.28 -41.96
CA ASN F 104 -14.43 27.42 -42.63
C ASN F 104 -14.71 25.95 -42.36
N GLU F 105 -15.10 25.62 -41.13
CA GLU F 105 -15.46 24.24 -40.82
C GLU F 105 -16.64 23.78 -41.66
N VAL F 106 -17.66 24.64 -41.77
CA VAL F 106 -18.84 24.31 -42.57
C VAL F 106 -18.45 24.14 -44.04
N ARG F 107 -17.55 25.00 -44.53
CA ARG F 107 -17.07 24.88 -45.91
C ARG F 107 -16.36 23.55 -46.13
N LYS F 108 -15.53 23.14 -45.18
CA LYS F 108 -14.84 21.87 -45.30
C LYS F 108 -15.85 20.72 -45.39
N VAL F 109 -16.89 20.74 -44.56
CA VAL F 109 -17.90 19.69 -44.65
C VAL F 109 -18.60 19.73 -46.00
N LYS F 110 -18.95 20.94 -46.46
CA LYS F 110 -19.78 21.08 -47.66
C LYS F 110 -19.04 20.73 -48.94
N LYS F 111 -17.73 20.92 -49.00
CA LYS F 111 -16.97 20.65 -50.21
C LYS F 111 -16.28 19.29 -50.18
N PHE F 112 -16.54 18.49 -49.16
CA PHE F 112 -15.97 17.15 -49.09
C PHE F 112 -16.45 16.30 -50.26
N GLU F 113 -15.56 15.43 -50.75
CA GLU F 113 -15.88 14.45 -51.78
C GLU F 113 -15.20 13.15 -51.41
N GLN F 114 -15.79 12.03 -51.80
CA GLN F 114 -15.23 10.73 -51.44
C GLN F 114 -14.15 10.34 -52.44
N GLY F 115 -12.96 10.04 -51.92
CA GLY F 115 -11.83 9.70 -52.75
C GLY F 115 -11.02 10.88 -53.26
N PHE F 116 -11.42 12.11 -52.95
CA PHE F 116 -10.71 13.29 -53.40
C PHE F 116 -10.01 13.98 -52.23
N ILE F 117 -8.99 14.74 -52.55
CA ILE F 117 -8.29 15.53 -51.54
C ILE F 117 -9.03 16.85 -51.36
N THR F 118 -9.16 17.27 -50.10
CA THR F 118 -9.83 18.53 -49.76
C THR F 118 -8.76 19.55 -49.39
N ASP F 119 -8.72 20.66 -50.12
CA ASP F 119 -7.68 21.66 -49.94
C ASP F 119 -6.30 21.07 -50.18
N PRO F 120 -5.96 20.75 -51.43
CA PRO F 120 -4.60 20.27 -51.71
C PRO F 120 -3.54 21.33 -51.43
N VAL F 121 -2.35 20.88 -51.07
CA VAL F 121 -1.19 21.75 -50.96
C VAL F 121 -0.55 21.90 -52.33
N VAL F 122 -0.23 23.13 -52.71
CA VAL F 122 0.34 23.43 -54.02
C VAL F 122 1.53 24.36 -53.85
N LEU F 123 2.39 24.38 -54.86
CA LEU F 123 3.58 25.24 -54.87
C LEU F 123 3.84 25.73 -56.28
N SER F 124 4.60 26.81 -56.38
CA SER F 124 5.02 27.37 -57.65
C SER F 124 6.38 26.84 -58.06
N PRO F 125 6.71 26.87 -59.35
CA PRO F 125 8.02 26.35 -59.78
C PRO F 125 9.20 27.11 -59.20
N SER F 126 8.99 28.33 -58.73
CA SER F 126 10.06 29.14 -58.16
C SER F 126 10.34 28.80 -56.70
N HIS F 127 9.59 27.87 -56.12
CA HIS F 127 9.91 27.40 -54.78
C HIS F 127 11.16 26.52 -54.81
N THR F 128 11.67 26.21 -53.62
CA THR F 128 12.87 25.42 -53.47
C THR F 128 12.55 24.04 -52.92
N VAL F 129 13.48 23.10 -53.13
CA VAL F 129 13.33 21.76 -52.55
C VAL F 129 13.23 21.85 -51.03
N GLY F 130 13.79 22.91 -50.45
CA GLY F 130 13.60 23.14 -49.03
C GLY F 130 12.14 23.35 -48.68
N ASP F 131 11.40 24.03 -49.56
CA ASP F 131 9.96 24.19 -49.33
C ASP F 131 9.25 22.86 -49.32
N VAL F 132 9.59 21.96 -50.25
CA VAL F 132 8.99 20.64 -50.28
C VAL F 132 9.35 19.86 -49.02
N LEU F 133 10.61 19.94 -48.59
CA LEU F 133 11.02 19.25 -47.38
C LEU F 133 10.26 19.78 -46.16
N GLU F 134 10.07 21.09 -46.08
CA GLU F 134 9.34 21.67 -44.96
C GLU F 134 7.87 21.25 -44.99
N ALA F 135 7.27 21.23 -46.18
CA ALA F 135 5.89 20.76 -46.30
C ALA F 135 5.78 19.32 -45.82
N LYS F 136 6.72 18.47 -46.25
CA LYS F 136 6.75 17.10 -45.74
C LYS F 136 6.84 17.08 -44.22
N MET F 137 7.77 17.85 -43.65
CA MET F 137 7.99 17.81 -42.21
C MET F 137 6.75 18.26 -41.45
N ARG F 138 6.05 19.29 -41.94
CA ARG F 138 4.98 19.91 -41.19
C ARG F 138 3.58 19.43 -41.58
N HIS F 139 3.45 18.55 -42.58
CA HIS F 139 2.14 18.00 -42.92
C HIS F 139 2.12 16.48 -43.03
N GLY F 140 3.25 15.84 -43.32
CA GLY F 140 3.32 14.39 -43.38
C GLY F 140 3.35 13.79 -44.76
N PHE F 141 3.33 14.60 -45.82
CA PHE F 141 3.31 14.09 -47.19
C PHE F 141 4.13 14.99 -48.09
N SER F 142 4.51 14.44 -49.24
CA SER F 142 5.34 15.17 -50.20
C SER F 142 4.85 15.12 -51.64
N GLY F 143 3.69 14.54 -51.91
CA GLY F 143 3.19 14.49 -53.27
C GLY F 143 2.48 15.77 -53.66
N ILE F 144 3.24 16.83 -53.89
CA ILE F 144 2.72 18.19 -54.03
C ILE F 144 2.78 18.57 -55.49
N PRO F 145 1.65 18.85 -56.15
CA PRO F 145 1.70 19.34 -57.53
C PRO F 145 2.21 20.77 -57.60
N ILE F 146 2.68 21.14 -58.79
CA ILE F 146 3.28 22.45 -59.06
C ILE F 146 2.40 23.17 -60.07
N THR F 147 2.13 24.45 -59.82
CA THR F 147 1.29 25.26 -60.69
C THR F 147 1.99 26.58 -60.97
N GLU F 148 1.62 27.21 -62.09
CA GLU F 148 2.28 28.44 -62.51
C GLU F 148 2.26 29.50 -61.42
N THR F 149 1.09 29.77 -60.84
CA THR F 149 0.94 30.79 -59.83
C THR F 149 1.16 30.26 -58.41
N GLY F 150 1.47 28.98 -58.26
CA GLY F 150 1.68 28.41 -56.95
C GLY F 150 0.42 28.07 -56.18
N THR F 151 -0.74 28.09 -56.84
CA THR F 151 -2.01 27.84 -56.18
C THR F 151 -2.99 27.30 -57.21
N MET F 152 -4.15 26.87 -56.73
CA MET F 152 -5.13 26.26 -57.61
C MET F 152 -5.74 27.29 -58.56
N GLY F 153 -6.28 26.80 -59.67
CA GLY F 153 -6.91 27.67 -60.64
C GLY F 153 -5.98 28.29 -61.66
N SER F 154 -4.81 27.70 -61.90
CA SER F 154 -3.87 28.21 -62.88
C SER F 154 -3.19 27.03 -63.57
N LYS F 155 -2.48 27.33 -64.65
CA LYS F 155 -1.90 26.29 -65.49
C LYS F 155 -1.03 25.35 -64.68
N LEU F 156 -1.24 24.05 -64.88
CA LEU F 156 -0.44 23.02 -64.22
C LEU F 156 0.88 22.82 -64.96
N VAL F 157 1.98 22.75 -64.22
CA VAL F 157 3.30 22.65 -64.82
C VAL F 157 4.03 21.37 -64.44
N GLY F 158 3.72 20.75 -63.30
CA GLY F 158 4.44 19.55 -62.91
C GLY F 158 4.06 19.10 -61.52
N ILE F 159 4.79 18.10 -61.04
CA ILE F 159 4.58 17.52 -59.71
C ILE F 159 5.92 17.07 -59.14
N VAL F 160 6.03 17.12 -57.82
CA VAL F 160 7.25 16.75 -57.11
C VAL F 160 6.87 15.80 -55.97
N THR F 161 7.63 14.72 -55.82
CA THR F 161 7.37 13.74 -54.78
C THR F 161 8.68 13.27 -54.15
N SER F 162 8.54 12.29 -53.25
CA SER F 162 9.68 11.78 -52.49
C SER F 162 10.75 11.22 -53.42
N ARG F 163 10.34 10.49 -54.45
CA ARG F 163 11.34 9.89 -55.35
C ARG F 163 11.95 10.91 -56.29
N ASP F 164 11.41 12.13 -56.33
CA ASP F 164 12.09 13.23 -56.99
C ASP F 164 13.04 13.98 -56.06
N ILE F 165 12.78 13.95 -54.76
CA ILE F 165 13.54 14.75 -53.80
C ILE F 165 14.59 13.92 -53.06
N ASP F 166 14.53 12.59 -53.16
CA ASP F 166 15.18 11.72 -52.17
C ASP F 166 16.69 11.60 -52.34
N PHE F 167 17.22 11.66 -53.55
CA PHE F 167 18.64 11.43 -53.79
C PHE F 167 19.46 12.70 -53.92
N LEU F 168 18.85 13.87 -53.69
CA LEU F 168 19.59 15.12 -53.77
C LEU F 168 20.49 15.30 -52.55
N ALA F 169 21.57 16.05 -52.74
CA ALA F 169 22.50 16.35 -51.66
C ALA F 169 21.84 17.28 -50.64
N GLU F 170 22.23 17.12 -49.37
CA GLU F 170 21.63 17.91 -48.30
C GLU F 170 21.93 19.39 -48.44
N LYS F 171 23.13 19.76 -48.91
CA LYS F 171 23.45 21.16 -49.09
C LYS F 171 22.64 21.80 -50.22
N ASP F 172 22.02 20.99 -51.06
CA ASP F 172 21.28 21.52 -52.20
C ASP F 172 19.96 22.12 -51.75
N HIS F 173 19.70 23.35 -52.18
CA HIS F 173 18.43 24.04 -51.94
C HIS F 173 17.91 24.66 -53.23
N THR F 174 18.27 24.07 -54.37
CA THR F 174 17.95 24.65 -55.66
C THR F 174 16.44 24.71 -55.85
N THR F 175 16.01 25.58 -56.78
CA THR F 175 14.60 25.73 -57.08
C THR F 175 14.06 24.50 -57.78
N LEU F 176 12.73 24.41 -57.84
CA LEU F 176 12.06 23.35 -58.58
C LEU F 176 12.19 23.64 -60.06
N LEU F 177 11.46 22.87 -60.88
CA LEU F 177 11.54 23.01 -62.33
C LEU F 177 12.96 22.74 -62.82
N VAL F 180 14.11 18.73 -61.05
CA VAL F 180 13.43 18.14 -59.90
C VAL F 180 11.96 17.90 -60.24
N MET F 181 11.31 18.93 -60.76
CA MET F 181 9.90 18.84 -61.13
C MET F 181 9.77 18.17 -62.49
N THR F 182 8.92 17.15 -62.56
CA THR F 182 8.63 16.51 -63.84
C THR F 182 7.72 17.43 -64.66
N PRO F 183 7.97 17.60 -65.95
CA PRO F 183 7.19 18.57 -66.73
C PRO F 183 5.75 18.12 -66.93
N ARG F 184 4.92 19.08 -67.33
CA ARG F 184 3.52 18.79 -67.60
C ARG F 184 3.37 17.78 -68.73
N ILE F 185 4.21 17.88 -69.76
CA ILE F 185 4.12 16.98 -70.90
C ILE F 185 4.23 15.53 -70.45
N GLU F 186 4.89 15.29 -69.32
CA GLU F 186 5.10 13.94 -68.81
C GLU F 186 4.02 13.49 -67.82
N LEU F 187 3.08 14.37 -67.48
CA LEU F 187 2.09 14.05 -66.46
C LEU F 187 0.94 13.23 -67.03
N VAL F 188 0.34 12.40 -66.18
CA VAL F 188 -0.88 11.65 -66.52
C VAL F 188 -2.01 12.27 -65.71
N VAL F 189 -2.91 12.98 -66.39
CA VAL F 189 -3.97 13.75 -65.74
C VAL F 189 -5.31 13.37 -66.37
N ALA F 190 -6.39 13.80 -65.72
CA ALA F 190 -7.74 13.53 -66.18
C ALA F 190 -8.55 14.81 -66.23
N PRO F 191 -9.57 14.89 -67.10
CA PRO F 191 -10.38 16.10 -67.20
C PRO F 191 -11.28 16.27 -65.98
N ALA F 192 -11.83 17.48 -65.83
CA ALA F 192 -12.54 17.84 -64.61
C ALA F 192 -13.73 16.94 -64.32
N GLY F 193 -14.28 16.27 -65.33
CA GLY F 193 -15.42 15.40 -65.11
C GLY F 193 -15.07 13.98 -64.70
N VAL F 194 -14.13 13.83 -63.77
CA VAL F 194 -13.70 12.50 -63.35
C VAL F 194 -14.78 11.84 -62.53
N THR F 195 -14.94 10.53 -62.72
CA THR F 195 -15.72 9.68 -61.84
C THR F 195 -14.79 8.62 -61.26
N LEU F 196 -15.12 8.13 -60.07
CA LEU F 196 -14.19 7.25 -59.36
C LEU F 196 -13.83 6.01 -60.17
N LYS F 197 -14.72 5.50 -61.02
CA LYS F 197 -14.37 4.34 -61.84
C LYS F 197 -13.29 4.71 -62.85
N GLU F 198 -13.43 5.86 -63.51
CA GLU F 198 -12.39 6.31 -64.44
C GLU F 198 -11.09 6.59 -63.71
N ALA F 199 -11.16 7.14 -62.50
CA ALA F 199 -9.96 7.31 -61.69
C ALA F 199 -9.29 5.97 -61.41
N ASN F 200 -10.09 4.96 -61.07
CA ASN F 200 -9.53 3.64 -60.81
C ASN F 200 -8.84 3.08 -62.05
N GLU F 201 -9.49 3.18 -63.21
CA GLU F 201 -8.88 2.69 -64.44
C GLU F 201 -7.57 3.42 -64.72
N ILE F 202 -7.59 4.76 -64.63
CA ILE F 202 -6.40 5.55 -64.94
C ILE F 202 -5.26 5.18 -64.02
N LEU F 203 -5.54 5.11 -62.71
CA LEU F 203 -4.47 4.83 -61.76
C LEU F 203 -3.98 3.41 -61.89
N GLN F 204 -4.86 2.46 -62.17
CA GLN F 204 -4.42 1.07 -62.37
C GLN F 204 -3.49 0.97 -63.56
N ARG F 205 -3.80 1.68 -64.64
CA ARG F 205 -2.93 1.66 -65.81
C ARG F 205 -1.60 2.35 -65.52
N SER F 206 -1.65 3.51 -64.86
CA SER F 206 -0.47 4.36 -64.76
C SER F 206 0.48 3.95 -63.64
N LYS F 207 -0.03 3.34 -62.57
CA LYS F 207 0.75 2.90 -61.42
C LYS F 207 1.28 4.05 -60.58
N LYS F 208 0.81 5.28 -60.82
CA LYS F 208 1.34 6.44 -60.11
C LYS F 208 0.60 6.68 -58.80
N GLY F 209 1.19 7.52 -57.96
CA GLY F 209 0.68 7.76 -56.63
C GLY F 209 -0.29 8.94 -56.52
N LYS F 210 -0.34 9.78 -57.55
CA LYS F 210 -1.27 10.90 -57.60
C LYS F 210 -1.96 10.92 -58.94
N LEU F 211 -3.15 11.51 -58.97
CA LEU F 211 -3.91 11.71 -60.20
C LEU F 211 -4.45 13.14 -60.22
N PRO F 212 -3.68 14.09 -60.74
CA PRO F 212 -4.20 15.46 -60.86
C PRO F 212 -5.37 15.51 -61.82
N ILE F 213 -6.28 16.46 -61.56
CA ILE F 213 -7.45 16.69 -62.39
C ILE F 213 -7.42 18.15 -62.82
N VAL F 214 -7.54 18.39 -64.13
CA VAL F 214 -7.23 19.68 -64.72
C VAL F 214 -8.40 20.17 -65.56
N ASN F 215 -8.31 21.42 -65.99
CA ASN F 215 -9.30 22.04 -66.85
C ASN F 215 -8.88 21.90 -68.32
N ASP F 216 -9.72 22.45 -69.21
CA ASP F 216 -9.44 22.37 -70.64
C ASP F 216 -8.09 22.99 -70.98
N CYS F 217 -7.77 24.12 -70.35
CA CYS F 217 -6.48 24.78 -70.53
C CYS F 217 -5.48 24.44 -69.43
N ASP F 218 -5.54 23.22 -68.90
CA ASP F 218 -4.56 22.70 -67.95
C ASP F 218 -4.57 23.42 -66.62
N GLU F 219 -5.70 23.97 -66.20
CA GLU F 219 -5.81 24.57 -64.86
C GLU F 219 -6.12 23.47 -63.85
N LEU F 220 -5.29 23.36 -62.83
CA LEU F 220 -5.47 22.36 -61.79
C LEU F 220 -6.67 22.72 -60.92
N VAL F 221 -7.61 21.79 -60.76
CA VAL F 221 -8.79 22.01 -59.94
C VAL F 221 -9.00 20.94 -58.88
N ALA F 222 -8.49 19.72 -59.07
CA ALA F 222 -8.67 18.66 -58.09
C ALA F 222 -7.56 17.63 -58.28
N ILE F 223 -7.33 16.84 -57.24
CA ILE F 223 -6.27 15.84 -57.26
C ILE F 223 -6.68 14.67 -56.36
N ILE F 224 -6.31 13.47 -56.76
CA ILE F 224 -6.65 12.23 -56.07
C ILE F 224 -5.36 11.55 -55.63
N ALA F 225 -5.37 10.99 -54.42
CA ALA F 225 -4.25 10.19 -53.95
C ALA F 225 -4.59 8.71 -54.05
N ARG F 226 -3.62 7.93 -54.54
CA ARG F 226 -3.82 6.49 -54.69
C ARG F 226 -4.11 5.83 -53.34
N THR F 227 -3.39 6.24 -52.30
CA THR F 227 -3.62 5.67 -50.97
C THR F 227 -5.06 5.88 -50.52
N ASP F 228 -5.60 7.09 -50.72
CA ASP F 228 -6.99 7.35 -50.38
C ASP F 228 -7.94 6.50 -51.20
N LEU F 229 -7.69 6.38 -52.50
CA LEU F 229 -8.58 5.63 -53.37
C LEU F 229 -8.61 4.15 -53.03
N LYS F 230 -7.48 3.61 -52.57
CA LYS F 230 -7.44 2.20 -52.18
C LYS F 230 -8.40 1.90 -51.04
N LYS F 231 -8.67 2.88 -50.19
CA LYS F 231 -9.51 2.70 -49.01
C LYS F 231 -10.97 3.04 -49.26
N ASN F 232 -11.40 3.09 -50.53
CA ASN F 232 -12.74 3.55 -50.84
C ASN F 232 -13.78 2.59 -50.28
N ARG F 233 -14.94 3.14 -49.95
CA ARG F 233 -16.05 2.36 -49.41
C ARG F 233 -17.35 2.90 -49.97
N ASP F 234 -18.43 2.14 -49.73
CA ASP F 234 -19.75 2.54 -50.15
C ASP F 234 -20.56 3.05 -48.95
N TYR F 235 -21.31 4.12 -49.19
CA TYR F 235 -22.15 4.76 -48.17
C TYR F 235 -23.55 4.92 -48.74
N PRO F 236 -24.35 3.85 -48.75
CA PRO F 236 -25.70 3.94 -49.34
C PRO F 236 -26.68 4.78 -48.51
N LEU F 237 -26.30 5.20 -47.31
CA LEU F 237 -27.18 5.95 -46.42
C LEU F 237 -26.78 7.41 -46.26
N ALA F 238 -25.92 7.95 -47.12
CA ALA F 238 -25.33 9.26 -46.88
C ALA F 238 -26.37 10.37 -46.97
N SER F 239 -26.20 11.39 -46.13
CA SER F 239 -27.11 12.55 -46.07
C SER F 239 -26.61 13.63 -47.03
N LYS F 240 -27.29 13.79 -48.16
CA LYS F 240 -26.87 14.70 -49.20
C LYS F 240 -27.99 15.69 -49.50
N ASP F 241 -27.60 16.88 -49.98
CA ASP F 241 -28.54 17.85 -50.51
C ASP F 241 -28.68 17.64 -52.03
N SER F 242 -29.33 18.60 -52.69
CA SER F 242 -29.60 18.46 -54.13
C SER F 242 -28.30 18.37 -54.93
N GLN F 243 -27.28 19.13 -54.54
CA GLN F 243 -25.99 19.14 -55.22
C GLN F 243 -25.11 17.96 -54.84
N LYS F 244 -25.67 16.92 -54.21
CA LYS F 244 -24.93 15.73 -53.81
C LYS F 244 -23.86 16.01 -52.78
N GLN F 245 -23.90 17.18 -52.16
CA GLN F 245 -22.98 17.53 -51.09
C GLN F 245 -23.56 17.11 -49.75
N LEU F 246 -22.67 16.80 -48.80
CA LEU F 246 -23.10 16.38 -47.48
C LEU F 246 -23.83 17.50 -46.77
N LEU F 247 -24.82 17.13 -45.95
CA LEU F 247 -25.55 18.09 -45.14
C LEU F 247 -24.77 18.46 -43.89
N CYS F 248 -24.82 19.73 -43.51
CA CYS F 248 -24.17 20.24 -42.31
C CYS F 248 -25.13 21.13 -41.53
N GLY F 249 -24.93 21.18 -40.21
CA GLY F 249 -25.65 22.10 -39.36
C GLY F 249 -24.72 22.94 -38.51
N ALA F 250 -25.20 24.06 -37.98
CA ALA F 250 -24.38 24.91 -37.13
C ALA F 250 -25.19 25.41 -35.95
N ALA F 251 -24.49 25.72 -34.86
CA ALA F 251 -25.08 26.39 -33.71
C ALA F 251 -24.88 27.90 -33.80
N VAL F 252 -25.88 28.64 -33.32
CA VAL F 252 -25.83 30.10 -33.24
C VAL F 252 -26.49 30.52 -31.93
N GLY F 253 -26.07 31.67 -31.42
CA GLY F 253 -26.65 32.27 -30.23
C GLY F 253 -27.78 33.23 -30.54
N THR F 254 -28.10 34.08 -29.57
CA THR F 254 -29.21 35.01 -29.70
C THR F 254 -28.80 36.48 -29.54
N ARG F 255 -27.52 36.80 -29.59
CA ARG F 255 -27.06 38.17 -29.43
C ARG F 255 -26.96 38.88 -30.77
N GLU F 256 -26.46 40.12 -30.74
CA GLU F 256 -26.31 40.90 -31.95
C GLU F 256 -25.14 40.44 -32.80
N ASP F 257 -24.05 39.99 -32.16
CA ASP F 257 -22.89 39.52 -32.92
C ASP F 257 -23.22 38.27 -33.73
N ASP F 258 -24.33 37.60 -33.45
CA ASP F 258 -24.69 36.39 -34.17
C ASP F 258 -25.28 36.68 -35.54
N LYS F 259 -25.62 37.94 -35.83
CA LYS F 259 -26.06 38.30 -37.17
C LYS F 259 -24.94 38.08 -38.19
N TYR F 260 -23.75 38.55 -37.87
CA TYR F 260 -22.59 38.36 -38.75
C TYR F 260 -22.25 36.88 -38.88
N ARG F 261 -22.35 36.14 -37.77
CA ARG F 261 -22.08 34.70 -37.81
C ARG F 261 -23.07 34.00 -38.74
N LEU F 262 -24.34 34.39 -38.68
CA LEU F 262 -25.34 33.85 -39.59
C LEU F 262 -24.99 34.17 -41.04
N ASP F 263 -24.55 35.41 -41.29
CA ASP F 263 -24.16 35.79 -42.65
C ASP F 263 -23.04 34.89 -43.18
N LEU F 264 -21.99 34.71 -42.37
CA LEU F 264 -20.86 33.90 -42.82
C LEU F 264 -21.27 32.45 -43.04
N LEU F 265 -22.05 31.88 -42.11
CA LEU F 265 -22.45 30.48 -42.26
C LEU F 265 -23.36 30.30 -43.47
N THR F 266 -24.21 31.29 -43.76
CA THR F 266 -25.06 31.19 -44.94
C THR F 266 -24.23 31.29 -46.21
N GLN F 267 -23.18 32.10 -46.21
CA GLN F 267 -22.27 32.11 -47.36
C GLN F 267 -21.56 30.77 -47.50
N ALA F 268 -21.30 30.09 -46.38
CA ALA F 268 -20.63 28.79 -46.46
C ALA F 268 -21.57 27.67 -46.91
N GLY F 269 -22.87 27.95 -47.04
CA GLY F 269 -23.81 26.96 -47.53
C GLY F 269 -24.41 26.04 -46.49
N VAL F 270 -24.55 26.51 -45.25
CA VAL F 270 -25.10 25.67 -44.19
C VAL F 270 -26.56 25.35 -44.48
N ASP F 271 -27.00 24.17 -44.06
CA ASP F 271 -28.33 23.65 -44.38
C ASP F 271 -29.35 23.87 -43.26
N VAL F 272 -28.93 23.78 -42.00
CA VAL F 272 -29.85 23.86 -40.88
C VAL F 272 -29.14 24.54 -39.72
N ILE F 273 -29.87 25.40 -39.02
CA ILE F 273 -29.36 26.17 -37.88
C ILE F 273 -30.11 25.75 -36.64
N VAL F 274 -29.39 25.59 -35.53
CA VAL F 274 -30.01 25.38 -34.22
C VAL F 274 -29.64 26.57 -33.33
N LEU F 275 -30.64 27.17 -32.71
CA LEU F 275 -30.44 28.24 -31.74
C LEU F 275 -30.13 27.63 -30.38
N ASP F 276 -28.94 27.91 -29.88
CA ASP F 276 -28.33 27.16 -28.78
C ASP F 276 -28.53 27.93 -27.46
N SER F 277 -29.42 27.43 -26.61
CA SER F 277 -29.60 28.00 -25.27
C SER F 277 -30.24 26.97 -24.35
N SER F 278 -30.11 27.23 -23.05
CA SER F 278 -30.61 26.30 -22.04
C SER F 278 -32.11 26.44 -21.81
N GLN F 279 -32.69 27.57 -22.22
CA GLN F 279 -34.08 27.93 -21.98
C GLN F 279 -34.52 28.77 -23.18
N GLY F 280 -35.15 28.13 -24.15
CA GLY F 280 -35.43 28.76 -25.43
C GLY F 280 -36.64 29.66 -25.45
N ASN F 281 -37.44 29.68 -24.38
CA ASN F 281 -38.68 30.45 -24.34
C ASN F 281 -38.37 31.86 -23.84
N SER F 282 -37.99 32.73 -24.78
CA SER F 282 -37.58 34.08 -24.44
C SER F 282 -37.77 35.01 -25.63
N VAL F 283 -37.96 36.28 -25.32
CA VAL F 283 -38.08 37.32 -26.34
C VAL F 283 -36.85 37.36 -27.23
N TYR F 284 -35.67 37.09 -26.67
CA TYR F 284 -34.45 37.09 -27.47
C TYR F 284 -34.51 36.06 -28.57
N GLN F 285 -34.80 34.80 -28.21
CA GLN F 285 -34.87 33.75 -29.22
C GLN F 285 -36.02 33.98 -30.19
N ILE F 286 -37.15 34.48 -29.71
CA ILE F 286 -38.27 34.71 -30.61
C ILE F 286 -37.91 35.77 -31.66
N ALA F 287 -37.24 36.84 -31.23
CA ALA F 287 -36.79 37.86 -32.17
C ALA F 287 -35.78 37.30 -33.15
N MET F 288 -34.85 36.46 -32.67
CA MET F 288 -33.85 35.88 -33.55
C MET F 288 -34.48 34.98 -34.60
N VAL F 289 -35.48 34.19 -34.20
CA VAL F 289 -36.19 33.34 -35.16
C VAL F 289 -36.90 34.19 -36.20
N HIS F 290 -37.57 35.26 -35.76
CA HIS F 290 -38.24 36.14 -36.72
C HIS F 290 -37.24 36.75 -37.70
N TYR F 291 -36.08 37.17 -37.20
CA TYR F 291 -35.08 37.78 -38.07
C TYR F 291 -34.57 36.77 -39.10
N ILE F 292 -34.27 35.55 -38.66
CA ILE F 292 -33.77 34.55 -39.59
C ILE F 292 -34.82 34.25 -40.66
N LYS F 293 -36.08 34.12 -40.25
CA LYS F 293 -37.11 33.81 -41.24
C LYS F 293 -37.35 34.96 -42.20
N GLN F 294 -37.14 36.20 -41.75
CA GLN F 294 -37.28 37.33 -42.66
C GLN F 294 -36.14 37.38 -43.66
N LYS F 295 -34.90 37.21 -43.20
CA LYS F 295 -33.74 37.44 -44.05
C LYS F 295 -33.37 36.24 -44.92
N TYR F 296 -33.48 35.02 -44.40
CA TYR F 296 -33.12 33.80 -45.12
C TYR F 296 -34.31 32.86 -45.11
N PRO F 297 -35.36 33.17 -45.86
CA PRO F 297 -36.57 32.33 -45.83
C PRO F 297 -36.35 30.89 -46.28
N HIS F 298 -35.17 30.54 -46.78
CA HIS F 298 -34.89 29.16 -47.20
C HIS F 298 -34.28 28.31 -46.11
N LEU F 299 -33.85 28.89 -45.00
CA LEU F 299 -33.07 28.19 -44.00
C LEU F 299 -33.98 27.51 -42.97
N GLN F 300 -33.55 26.34 -42.50
CA GLN F 300 -34.30 25.57 -41.51
C GLN F 300 -33.75 25.89 -40.13
N VAL F 301 -34.64 26.25 -39.20
CA VAL F 301 -34.27 26.70 -37.86
C VAL F 301 -34.89 25.76 -36.83
N ILE F 302 -34.07 25.29 -35.90
CA ILE F 302 -34.51 24.47 -34.78
C ILE F 302 -34.49 25.33 -33.52
N GLY F 303 -35.59 25.33 -32.79
CA GLY F 303 -35.74 26.24 -31.66
C GLY F 303 -35.04 25.75 -30.40
N GLY F 304 -34.64 26.71 -29.56
CA GLY F 304 -33.85 26.43 -28.37
C GLY F 304 -34.53 25.47 -27.43
N ASN F 305 -33.79 25.06 -26.41
CA ASN F 305 -34.21 23.95 -25.55
C ASN F 305 -35.47 24.31 -24.76
N VAL F 306 -36.47 23.42 -24.81
CA VAL F 306 -37.67 23.52 -24.01
C VAL F 306 -37.94 22.16 -23.41
N VAL F 307 -38.74 22.14 -22.34
CA VAL F 307 -39.24 20.90 -21.75
C VAL F 307 -40.73 20.90 -21.56
N THR F 308 -41.45 21.90 -22.08
CA THR F 308 -42.84 22.14 -21.76
C THR F 308 -43.59 22.55 -23.03
N ALA F 309 -44.88 22.21 -23.05
CA ALA F 309 -45.73 22.54 -24.20
C ALA F 309 -45.96 24.04 -24.33
N ALA F 310 -46.07 24.74 -23.19
CA ALA F 310 -46.24 26.20 -23.23
C ALA F 310 -45.00 26.89 -23.76
N GLN F 311 -43.81 26.41 -23.40
CA GLN F 311 -42.60 26.85 -24.08
C GLN F 311 -42.68 26.58 -25.57
N ALA F 312 -43.04 25.34 -25.95
CA ALA F 312 -43.02 24.96 -27.36
C ALA F 312 -43.98 25.80 -28.20
N LYS F 313 -45.09 26.23 -27.61
CA LYS F 313 -46.09 26.98 -28.35
C LYS F 313 -45.53 28.30 -28.88
N ASN F 314 -44.78 29.02 -28.05
CA ASN F 314 -44.25 30.32 -28.47
C ASN F 314 -43.29 30.18 -29.63
N LEU F 315 -42.42 29.17 -29.59
CA LEU F 315 -41.45 28.98 -30.66
C LEU F 315 -42.10 28.43 -31.92
N ILE F 316 -43.16 27.63 -31.80
CA ILE F 316 -43.87 27.17 -33.00
C ILE F 316 -44.65 28.31 -33.63
N ASP F 317 -45.15 29.25 -32.82
CA ASP F 317 -45.75 30.46 -33.36
C ASP F 317 -44.71 31.33 -34.03
N ALA F 318 -43.50 31.41 -33.45
CA ALA F 318 -42.44 32.21 -34.04
C ALA F 318 -42.03 31.69 -35.41
N GLY F 319 -42.18 30.40 -35.66
CA GLY F 319 -41.97 29.83 -36.98
C GLY F 319 -40.81 28.86 -37.11
N VAL F 320 -40.51 28.11 -36.04
CA VAL F 320 -39.41 27.15 -36.13
C VAL F 320 -39.82 25.93 -36.94
N ASP F 321 -38.83 25.17 -37.36
CA ASP F 321 -39.07 23.90 -38.05
C ASP F 321 -38.74 22.69 -37.20
N GLY F 322 -38.07 22.88 -36.07
CA GLY F 322 -37.77 21.78 -35.18
C GLY F 322 -37.57 22.27 -33.77
N LEU F 323 -37.64 21.35 -32.82
CA LEU F 323 -37.50 21.65 -31.40
C LEU F 323 -36.48 20.74 -30.75
N ARG F 324 -35.64 21.33 -29.91
CA ARG F 324 -34.66 20.61 -29.10
C ARG F 324 -35.21 20.53 -27.69
N VAL F 325 -35.22 19.33 -27.12
CA VAL F 325 -36.00 19.03 -25.93
C VAL F 325 -35.08 18.41 -24.88
N GLY F 326 -35.03 19.01 -23.71
CA GLY F 326 -34.15 18.57 -22.64
C GLY F 326 -33.61 19.76 -21.88
N MET F 327 -33.46 19.58 -20.56
CA MET F 327 -32.93 20.64 -19.70
C MET F 327 -32.56 19.95 -18.39
N GLY F 328 -31.26 19.84 -18.13
CA GLY F 328 -30.77 19.24 -16.91
C GLY F 328 -30.36 17.78 -17.03
N CYS F 329 -30.73 17.11 -18.11
CA CYS F 329 -30.53 15.66 -18.22
C CYS F 329 -29.14 15.26 -18.66
N GLY F 330 -28.38 16.17 -19.28
CA GLY F 330 -27.11 15.80 -19.86
C GLY F 330 -26.11 15.31 -18.83
N SER F 331 -25.14 14.52 -19.30
CA SER F 331 -24.16 13.91 -18.42
C SER F 331 -23.26 14.94 -17.73
N ILE F 332 -22.90 16.01 -18.43
CA ILE F 332 -22.00 17.03 -17.89
C ILE F 332 -22.78 18.23 -17.33
N CYS F 333 -24.03 18.02 -16.92
CA CYS F 333 -24.93 19.11 -16.53
C CYS F 333 -25.12 19.16 -15.02
N ILE F 334 -25.20 20.38 -14.48
CA ILE F 334 -25.49 20.63 -13.07
C ILE F 334 -26.56 21.72 -12.96
N THR F 335 -27.23 21.99 -14.08
CA THR F 335 -28.20 23.08 -14.14
C THR F 335 -29.33 22.87 -13.14
N GLN F 336 -29.78 21.63 -12.96
CA GLN F 336 -30.84 21.37 -11.98
C GLN F 336 -30.35 21.68 -10.57
N GLU F 337 -29.14 21.25 -10.23
CA GLU F 337 -28.60 21.48 -8.90
C GLU F 337 -28.41 22.96 -8.62
N VAL F 338 -28.16 23.77 -9.64
CA VAL F 338 -27.79 25.17 -9.44
C VAL F 338 -28.98 26.10 -9.62
N MET F 339 -29.94 25.78 -10.48
CA MET F 339 -31.06 26.66 -10.78
C MET F 339 -32.40 26.16 -10.26
N ALA F 340 -32.54 24.86 -9.97
CA ALA F 340 -33.81 24.26 -9.54
C ALA F 340 -34.83 24.23 -10.68
N CYS F 341 -34.37 24.12 -11.93
CA CYS F 341 -35.23 24.16 -13.10
C CYS F 341 -34.92 22.97 -14.01
N GLY F 342 -35.95 22.42 -14.63
CA GLY F 342 -35.76 21.32 -15.55
C GLY F 342 -36.97 20.40 -15.56
N ARG F 343 -36.73 19.16 -15.99
CA ARG F 343 -37.75 18.14 -16.11
C ARG F 343 -37.08 16.79 -16.32
N PRO F 344 -37.61 15.71 -15.76
CA PRO F 344 -37.16 14.37 -16.19
C PRO F 344 -37.41 14.15 -17.67
N GLN F 345 -36.41 13.58 -18.33
CA GLN F 345 -36.29 13.66 -19.79
C GLN F 345 -37.34 12.80 -20.50
N GLY F 346 -37.62 11.60 -20.00
CA GLY F 346 -38.66 10.77 -20.61
C GLY F 346 -40.01 11.44 -20.62
N THR F 347 -40.41 12.02 -19.49
CA THR F 347 -41.64 12.78 -19.40
C THR F 347 -41.64 13.97 -20.36
N ALA F 348 -40.55 14.74 -20.37
CA ALA F 348 -40.48 15.94 -21.21
C ALA F 348 -40.59 15.58 -22.69
N VAL F 349 -39.87 14.54 -23.12
CA VAL F 349 -39.96 14.11 -24.51
C VAL F 349 -41.38 13.73 -24.85
N TYR F 350 -42.01 12.87 -24.03
CA TYR F 350 -43.36 12.44 -24.35
C TYR F 350 -44.32 13.63 -24.45
N LYS F 351 -44.31 14.52 -23.44
CA LYS F 351 -45.26 15.63 -23.44
C LYS F 351 -45.05 16.56 -24.64
N VAL F 352 -43.80 16.95 -24.89
CA VAL F 352 -43.54 17.94 -25.95
C VAL F 352 -43.82 17.33 -27.32
N ALA F 353 -43.41 16.07 -27.55
CA ALA F 353 -43.67 15.47 -28.85
C ALA F 353 -45.17 15.31 -29.08
N GLU F 354 -45.90 14.93 -28.04
CA GLU F 354 -47.35 14.79 -28.16
C GLU F 354 -47.99 16.13 -28.54
N TYR F 355 -47.52 17.23 -27.96
CA TYR F 355 -48.07 18.52 -28.34
C TYR F 355 -47.64 18.92 -29.76
N ALA F 356 -46.36 18.72 -30.09
CA ALA F 356 -45.80 19.32 -31.30
C ALA F 356 -46.24 18.59 -32.57
N ARG F 357 -46.53 17.28 -32.48
CA ARG F 357 -46.95 16.58 -33.69
C ARG F 357 -48.29 17.10 -34.23
N ARG F 358 -49.03 17.85 -33.42
CA ARG F 358 -50.27 18.45 -33.91
C ARG F 358 -50.01 19.45 -35.03
N PHE F 359 -48.84 20.08 -35.03
CA PHE F 359 -48.47 21.10 -36.01
C PHE F 359 -47.43 20.60 -37.00
N GLY F 360 -47.09 19.31 -36.98
CA GLY F 360 -46.10 18.78 -37.88
C GLY F 360 -44.68 19.19 -37.57
N VAL F 361 -44.35 19.40 -36.30
CA VAL F 361 -43.01 19.80 -35.89
C VAL F 361 -42.35 18.61 -35.22
N PRO F 362 -41.24 18.09 -35.75
CA PRO F 362 -40.51 17.02 -35.05
C PRO F 362 -39.68 17.57 -33.91
N ILE F 363 -39.28 16.69 -33.00
CA ILE F 363 -38.45 17.08 -31.87
C ILE F 363 -37.21 16.21 -31.82
N ILE F 364 -36.12 16.77 -31.33
CA ILE F 364 -34.91 16.03 -31.02
C ILE F 364 -34.85 15.81 -29.51
N ALA F 365 -34.67 14.57 -29.10
CA ALA F 365 -34.38 14.24 -27.71
C ALA F 365 -32.89 14.44 -27.46
N ASP F 366 -32.55 15.41 -26.62
CA ASP F 366 -31.16 15.82 -26.42
C ASP F 366 -30.82 15.74 -24.94
N GLY F 367 -29.86 14.88 -24.61
CA GLY F 367 -29.32 14.80 -23.27
C GLY F 367 -29.66 13.52 -22.53
N GLY F 368 -28.70 12.98 -21.79
CA GLY F 368 -28.92 11.84 -20.92
C GLY F 368 -28.99 10.49 -21.61
N ILE F 369 -28.64 10.39 -22.89
CA ILE F 369 -28.60 9.11 -23.57
C ILE F 369 -27.28 8.42 -23.23
N GLN F 370 -27.34 7.23 -22.64
CA GLN F 370 -26.14 6.50 -22.26
C GLN F 370 -26.07 5.10 -22.87
N THR F 371 -27.17 4.58 -23.40
CA THR F 371 -27.20 3.22 -23.95
C THR F 371 -28.06 3.22 -25.20
N VAL F 372 -28.01 2.11 -25.94
CA VAL F 372 -28.86 1.93 -27.12
C VAL F 372 -30.33 1.83 -26.70
N GLY F 373 -30.59 1.22 -25.53
CA GLY F 373 -31.94 1.14 -25.02
C GLY F 373 -32.56 2.48 -24.72
N HIS F 374 -31.74 3.45 -24.27
CA HIS F 374 -32.24 4.81 -24.12
C HIS F 374 -32.67 5.41 -25.44
N VAL F 375 -31.90 5.15 -26.52
CA VAL F 375 -32.27 5.66 -27.84
C VAL F 375 -33.60 5.07 -28.28
N VAL F 376 -33.77 3.76 -28.09
CA VAL F 376 -35.02 3.10 -28.48
C VAL F 376 -36.19 3.66 -27.68
N LYS F 377 -35.98 3.90 -26.37
CA LYS F 377 -37.01 4.50 -25.54
C LYS F 377 -37.36 5.92 -25.97
N ALA F 378 -36.36 6.73 -26.32
CA ALA F 378 -36.62 8.10 -26.77
C ALA F 378 -37.40 8.12 -28.07
N LEU F 379 -37.07 7.21 -29.00
CA LEU F 379 -37.81 7.12 -30.24
C LEU F 379 -39.24 6.62 -30.01
N ALA F 380 -39.43 5.71 -29.05
CA ALA F 380 -40.77 5.19 -28.80
C ALA F 380 -41.64 6.19 -28.02
N LEU F 381 -41.03 7.08 -27.23
CA LEU F 381 -41.81 8.11 -26.54
C LEU F 381 -42.19 9.27 -27.46
N GLY F 382 -41.81 9.23 -28.74
CA GLY F 382 -42.31 10.16 -29.73
C GLY F 382 -41.26 11.02 -30.41
N ALA F 383 -40.00 10.96 -29.97
CA ALA F 383 -38.96 11.76 -30.64
C ALA F 383 -38.73 11.27 -32.07
N SER F 384 -38.39 12.22 -32.94
CA SER F 384 -38.04 11.90 -34.32
C SER F 384 -36.53 11.64 -34.47
N THR F 385 -35.71 12.30 -33.66
CA THR F 385 -34.27 12.13 -33.70
C THR F 385 -33.72 12.19 -32.27
N VAL F 386 -32.48 11.73 -32.12
CA VAL F 386 -31.79 11.67 -30.85
C VAL F 386 -30.42 12.33 -31.01
N MET F 387 -30.04 13.16 -30.05
CA MET F 387 -28.76 13.85 -30.03
C MET F 387 -27.90 13.28 -28.92
N MET F 388 -26.63 13.02 -29.20
CA MET F 388 -25.70 12.44 -28.24
C MET F 388 -24.45 13.30 -28.13
N GLY F 389 -24.07 13.62 -26.90
CA GLY F 389 -22.78 14.21 -26.63
C GLY F 389 -21.76 13.21 -26.14
N SER F 390 -22.08 12.50 -25.06
CA SER F 390 -21.11 11.67 -24.38
C SER F 390 -20.84 10.38 -25.14
N LEU F 391 -21.89 9.82 -25.75
CA LEU F 391 -21.71 8.58 -26.52
C LEU F 391 -20.77 8.79 -27.70
N LEU F 392 -20.75 9.99 -28.28
CA LEU F 392 -19.85 10.27 -29.40
C LEU F 392 -18.51 10.89 -28.99
N ALA F 393 -18.37 11.38 -27.76
CA ALA F 393 -17.09 11.97 -27.36
C ALA F 393 -16.00 10.89 -27.27
N ALA F 394 -14.77 11.33 -27.45
CA ALA F 394 -13.58 10.49 -27.39
C ALA F 394 -13.50 9.48 -28.52
N THR F 395 -14.16 9.74 -29.64
CA THR F 395 -13.86 9.04 -30.87
C THR F 395 -12.75 9.76 -31.62
N THR F 396 -12.19 9.07 -32.63
CA THR F 396 -11.08 9.66 -33.38
C THR F 396 -11.51 10.95 -34.09
N GLU F 397 -12.72 10.97 -34.63
CA GLU F 397 -13.23 12.16 -35.30
C GLU F 397 -13.55 13.29 -34.33
N ALA F 398 -13.62 13.02 -33.04
CA ALA F 398 -13.91 14.07 -32.08
C ALA F 398 -12.74 15.03 -31.97
N PRO F 399 -13.00 16.33 -31.78
CA PRO F 399 -11.89 17.28 -31.63
C PRO F 399 -11.08 17.02 -30.39
N GLY F 400 -9.81 17.41 -30.45
CA GLY F 400 -8.86 17.22 -29.37
C GLY F 400 -7.93 16.05 -29.64
N GLU F 401 -6.77 16.12 -28.98
CA GLU F 401 -5.75 15.08 -29.09
C GLU F 401 -5.86 14.16 -27.89
N TYR F 402 -5.77 12.85 -28.15
CA TYR F 402 -5.83 11.87 -27.08
C TYR F 402 -4.78 12.16 -26.02
N PHE F 403 -4.92 11.56 -24.84
CA PHE F 403 -3.91 11.64 -23.81
C PHE F 403 -4.05 10.44 -22.91
N PHE F 404 -2.99 10.17 -22.16
CA PHE F 404 -2.90 8.96 -21.35
C PHE F 404 -2.92 9.34 -19.87
N SER F 405 -3.72 8.61 -19.10
CA SER F 405 -3.77 8.80 -17.66
C SER F 405 -3.93 7.42 -17.03
N ASP F 406 -2.84 6.89 -16.47
CA ASP F 406 -2.82 5.56 -15.90
C ASP F 406 -2.92 4.47 -16.98
N GLY F 407 -2.43 4.76 -18.17
CA GLY F 407 -2.34 3.78 -19.23
C GLY F 407 -3.59 3.56 -20.05
N VAL F 408 -4.57 4.45 -19.96
CA VAL F 408 -5.82 4.35 -20.71
C VAL F 408 -6.01 5.63 -21.50
N ARG F 409 -6.25 5.50 -22.81
CA ARG F 409 -6.42 6.66 -23.67
C ARG F 409 -7.71 7.39 -23.31
N LEU F 410 -7.64 8.72 -23.30
CA LEU F 410 -8.76 9.56 -22.91
C LEU F 410 -8.81 10.79 -23.80
N LYS F 411 -9.99 11.40 -23.87
CA LYS F 411 -10.18 12.68 -24.52
C LYS F 411 -10.92 13.60 -23.57
N LYS F 412 -10.71 14.91 -23.74
CA LYS F 412 -11.44 15.89 -22.95
C LYS F 412 -12.90 15.94 -23.40
N TYR F 413 -13.81 16.00 -22.43
CA TYR F 413 -15.23 16.20 -22.68
C TYR F 413 -15.78 17.15 -21.63
N ARG F 414 -16.27 18.30 -22.06
CA ARG F 414 -16.70 19.35 -21.16
C ARG F 414 -18.02 19.95 -21.64
N GLY F 415 -18.78 20.48 -20.68
CA GLY F 415 -20.00 21.17 -21.03
C GLY F 415 -19.74 22.60 -21.46
N MET F 416 -20.63 23.11 -22.29
CA MET F 416 -20.49 24.49 -22.77
C MET F 416 -20.77 25.52 -21.68
N GLY F 417 -21.26 25.09 -20.52
CA GLY F 417 -21.45 25.98 -19.39
C GLY F 417 -20.34 25.82 -18.36
N SER F 418 -19.26 25.12 -18.72
CA SER F 418 -18.10 25.01 -17.86
C SER F 418 -17.32 26.33 -17.83
N LEU F 419 -16.54 26.52 -16.77
CA LEU F 419 -15.70 27.71 -16.67
C LEU F 419 -14.64 27.72 -17.76
N ASP F 420 -14.06 26.56 -18.07
CA ASP F 420 -13.05 26.49 -19.12
C ASP F 420 -13.64 26.93 -20.47
N ALA F 421 -14.87 26.52 -20.75
CA ALA F 421 -15.48 26.85 -22.04
C ALA F 421 -15.93 28.31 -22.11
N MET F 422 -15.92 29.03 -20.99
CA MET F 422 -16.32 30.42 -20.98
C MET F 422 -15.16 31.39 -21.21
N GLU F 423 -13.92 30.90 -21.27
CA GLU F 423 -12.79 31.77 -21.50
C GLU F 423 -12.64 32.08 -22.99
N VAL F 439 -19.86 38.13 -11.97
CA VAL F 439 -19.18 36.86 -11.81
C VAL F 439 -19.96 35.77 -12.53
N LYS F 440 -19.24 34.95 -13.30
CA LYS F 440 -19.85 33.93 -14.12
C LYS F 440 -20.15 32.69 -13.29
N ILE F 441 -21.36 32.14 -13.46
CA ILE F 441 -21.81 30.98 -12.73
C ILE F 441 -21.64 29.76 -13.62
N ALA F 442 -20.98 28.72 -13.11
CA ALA F 442 -20.78 27.51 -13.90
C ALA F 442 -22.04 26.67 -13.93
N GLN F 443 -22.39 26.19 -15.13
CA GLN F 443 -23.55 25.32 -15.32
C GLN F 443 -23.16 23.96 -15.88
N GLY F 444 -21.86 23.65 -15.95
CA GLY F 444 -21.40 22.37 -16.45
C GLY F 444 -20.10 22.01 -15.81
N VAL F 445 -19.60 20.82 -16.16
CA VAL F 445 -18.31 20.33 -15.68
C VAL F 445 -17.52 19.80 -16.87
N SER F 446 -16.22 19.62 -16.64
CA SER F 446 -15.30 19.08 -17.64
C SER F 446 -14.68 17.80 -17.12
N GLY F 447 -14.68 16.77 -17.96
CA GLY F 447 -14.09 15.49 -17.61
C GLY F 447 -13.45 14.81 -18.80
N SER F 448 -13.29 13.50 -18.73
CA SER F 448 -12.64 12.72 -19.78
C SER F 448 -13.43 11.45 -20.04
N ILE F 449 -13.37 10.98 -21.29
CA ILE F 449 -14.04 9.76 -21.72
C ILE F 449 -13.03 8.84 -22.38
N GLN F 450 -13.16 7.54 -22.13
CA GLN F 450 -12.27 6.56 -22.73
C GLN F 450 -12.48 6.45 -24.23
N ASP F 451 -11.39 6.13 -24.95
CA ASP F 451 -11.44 6.00 -26.40
C ASP F 451 -12.34 4.84 -26.81
N LYS F 452 -12.98 5.00 -27.97
CA LYS F 452 -13.91 4.00 -28.49
C LYS F 452 -13.65 3.63 -29.94
N GLY F 453 -12.65 4.23 -30.58
CA GLY F 453 -12.39 3.94 -31.99
C GLY F 453 -13.03 4.99 -32.88
N SER F 454 -13.48 4.56 -34.05
CA SER F 454 -13.95 5.45 -35.10
C SER F 454 -15.47 5.49 -35.13
N ILE F 455 -16.01 6.66 -35.52
CA ILE F 455 -17.45 6.81 -35.72
C ILE F 455 -17.94 5.81 -36.74
N GLN F 456 -17.18 5.61 -37.81
CA GLN F 456 -17.60 4.74 -38.89
C GLN F 456 -17.64 3.27 -38.48
N LYS F 457 -17.13 2.93 -37.31
CA LYS F 457 -17.29 1.62 -36.72
C LYS F 457 -18.32 1.60 -35.60
N PHE F 458 -18.42 2.68 -34.83
CA PHE F 458 -19.32 2.75 -33.68
C PHE F 458 -20.78 2.90 -34.10
N VAL F 459 -21.04 3.72 -35.12
CA VAL F 459 -22.43 4.02 -35.49
C VAL F 459 -23.16 2.79 -36.00
N PRO F 460 -22.60 1.97 -36.90
CA PRO F 460 -23.34 0.75 -37.34
C PRO F 460 -23.68 -0.18 -36.18
N TYR F 461 -22.87 -0.20 -35.13
CA TYR F 461 -23.24 -0.95 -33.93
C TYR F 461 -24.54 -0.41 -33.33
N LEU F 462 -24.64 0.91 -33.18
CA LEU F 462 -25.86 1.52 -32.66
C LEU F 462 -27.05 1.23 -33.57
N ILE F 463 -26.84 1.31 -34.88
CA ILE F 463 -27.92 1.03 -35.82
C ILE F 463 -28.43 -0.39 -35.66
N ALA F 464 -27.50 -1.35 -35.53
CA ALA F 464 -27.89 -2.74 -35.36
C ALA F 464 -28.65 -2.94 -34.05
N GLY F 465 -28.19 -2.31 -32.97
CA GLY F 465 -28.91 -2.39 -31.70
C GLY F 465 -30.32 -1.84 -31.80
N ILE F 466 -30.49 -0.70 -32.47
CA ILE F 466 -31.82 -0.11 -32.63
C ILE F 466 -32.71 -1.02 -33.46
N GLN F 467 -32.18 -1.59 -34.55
CA GLN F 467 -32.97 -2.48 -35.38
C GLN F 467 -33.39 -3.73 -34.60
N HIS F 468 -32.51 -4.25 -33.74
CA HIS F 468 -32.86 -5.39 -32.91
C HIS F 468 -33.94 -5.04 -31.89
N GLY F 469 -33.84 -3.88 -31.26
CA GLY F 469 -34.90 -3.45 -30.35
C GLY F 469 -36.24 -3.30 -31.04
N CYS F 470 -36.24 -2.70 -32.23
CA CYS F 470 -37.47 -2.55 -32.99
C CYS F 470 -38.04 -3.91 -33.36
N GLN F 471 -37.19 -4.87 -33.72
CA GLN F 471 -37.67 -6.20 -34.07
C GLN F 471 -38.25 -6.92 -32.86
N ASP F 472 -37.58 -6.83 -31.71
CA ASP F 472 -38.11 -7.43 -30.49
C ASP F 472 -39.47 -6.84 -30.14
N ILE F 473 -39.63 -5.53 -30.32
CA ILE F 473 -40.91 -4.89 -30.04
C ILE F 473 -41.98 -5.33 -31.05
N GLY F 474 -41.58 -5.51 -32.31
CA GLY F 474 -42.52 -5.80 -33.37
C GLY F 474 -42.82 -4.65 -34.29
N ALA F 475 -41.93 -3.68 -34.38
CA ALA F 475 -42.07 -2.55 -35.28
C ALA F 475 -41.03 -2.66 -36.39
N ARG F 476 -41.48 -2.65 -37.63
CA ARG F 476 -40.55 -2.73 -38.76
C ARG F 476 -40.12 -1.35 -39.27
N SER F 477 -40.60 -0.27 -38.67
CA SER F 477 -40.04 1.06 -38.89
C SER F 477 -40.35 1.93 -37.69
N LEU F 478 -39.58 3.01 -37.55
CA LEU F 478 -39.76 3.94 -36.44
C LEU F 478 -41.08 4.68 -36.54
N ASP F 479 -41.54 4.97 -37.76
CA ASP F 479 -42.88 5.54 -37.92
C ASP F 479 -43.95 4.61 -37.38
N VAL F 480 -43.86 3.32 -37.71
CA VAL F 480 -44.82 2.34 -37.21
C VAL F 480 -44.71 2.22 -35.69
N LEU F 481 -43.50 2.39 -35.16
CA LEU F 481 -43.32 2.37 -33.71
C LEU F 481 -44.07 3.52 -33.03
N ARG F 482 -43.90 4.74 -33.55
CA ARG F 482 -44.56 5.88 -32.94
C ARG F 482 -46.08 5.80 -33.11
N SER F 483 -46.55 5.30 -34.26
CA SER F 483 -47.98 5.18 -34.46
C SER F 483 -48.58 4.09 -33.56
N MET F 484 -47.83 3.02 -33.31
CA MET F 484 -48.26 2.00 -32.36
C MET F 484 -48.35 2.60 -30.96
N MET F 485 -47.40 3.46 -30.60
CA MET F 485 -47.48 4.12 -29.30
C MET F 485 -48.70 5.04 -29.21
N TYR F 486 -49.01 5.77 -30.28
CA TYR F 486 -50.13 6.71 -30.18
C TYR F 486 -51.48 6.01 -30.27
N SER F 487 -51.54 4.80 -30.84
CA SER F 487 -52.81 4.09 -30.89
C SER F 487 -53.10 3.30 -29.61
N GLY F 488 -52.12 3.10 -28.74
CA GLY F 488 -52.29 2.26 -27.58
C GLY F 488 -51.83 0.82 -27.75
N GLU F 489 -51.48 0.41 -28.97
CA GLU F 489 -50.97 -0.94 -29.19
C GLU F 489 -49.67 -1.19 -28.41
N LEU F 490 -48.79 -0.20 -28.38
CA LEU F 490 -47.53 -0.33 -27.65
C LEU F 490 -47.78 -0.30 -26.14
N LYS F 491 -47.10 -1.16 -25.40
CA LYS F 491 -47.35 -1.35 -23.98
C LYS F 491 -46.05 -1.24 -23.19
N PHE F 492 -46.17 -0.72 -21.97
CA PHE F 492 -45.05 -0.40 -21.11
C PHE F 492 -45.29 -0.96 -19.73
N GLU F 493 -44.20 -1.16 -18.99
CA GLU F 493 -44.26 -1.46 -17.57
C GLU F 493 -43.27 -0.57 -16.82
N LYS F 494 -43.69 -0.09 -15.66
CA LYS F 494 -42.81 0.60 -14.73
C LYS F 494 -41.85 -0.37 -14.07
N ARG F 495 -40.77 0.17 -13.51
CA ARG F 495 -39.76 -0.62 -12.83
C ARG F 495 -39.55 -0.07 -11.42
N THR F 496 -39.56 -0.96 -10.43
CA THR F 496 -39.06 -0.59 -9.11
C THR F 496 -37.53 -0.59 -9.13
N MET F 497 -36.96 -0.13 -8.01
CA MET F 497 -35.50 -0.14 -7.88
C MET F 497 -34.96 -1.56 -7.87
N SER F 498 -35.68 -2.48 -7.21
CA SER F 498 -35.29 -3.88 -7.25
C SER F 498 -35.32 -4.41 -8.67
N ALA F 499 -36.34 -4.03 -9.44
CA ALA F 499 -36.42 -4.47 -10.84
C ALA F 499 -35.26 -3.90 -11.66
N GLN F 500 -34.88 -2.66 -11.39
CA GLN F 500 -33.77 -2.06 -12.11
C GLN F 500 -32.46 -2.76 -11.76
N ILE F 501 -32.27 -3.13 -10.50
CA ILE F 501 -31.10 -3.91 -10.11
C ILE F 501 -31.12 -5.27 -10.79
N GLU F 502 -32.29 -5.91 -10.82
CA GLU F 502 -32.45 -7.21 -11.46
C GLU F 502 -32.24 -7.14 -12.97
N GLY F 503 -32.43 -5.96 -13.57
CA GLY F 503 -32.23 -5.78 -14.99
C GLY F 503 -30.80 -5.62 -15.42
N GLY F 504 -29.87 -5.47 -14.47
CA GLY F 504 -28.46 -5.35 -14.76
C GLY F 504 -27.69 -6.62 -14.45
N VAL F 505 -26.37 -6.48 -14.44
CA VAL F 505 -25.48 -7.59 -14.11
C VAL F 505 -25.43 -7.72 -12.59
N HIS F 506 -25.78 -8.90 -12.08
CA HIS F 506 -25.86 -9.11 -10.64
C HIS F 506 -25.47 -10.53 -10.31
N GLY F 507 -24.90 -10.72 -9.12
CA GLY F 507 -24.64 -12.04 -8.60
C GLY F 507 -23.40 -12.72 -9.13
N LEU F 508 -22.42 -11.99 -9.63
CA LEU F 508 -21.19 -12.55 -10.16
C LEU F 508 -20.00 -12.10 -9.31
N HIS F 509 -19.04 -13.01 -9.12
CA HIS F 509 -17.78 -12.62 -8.48
C HIS F 509 -17.05 -11.57 -9.31
N SER F 510 -16.97 -11.77 -10.62
CA SER F 510 -16.37 -10.78 -11.52
C SER F 510 -16.87 -11.06 -12.93
N TYR F 511 -16.75 -10.05 -13.78
CA TYR F 511 -17.17 -10.18 -15.17
C TYR F 511 -16.49 -9.10 -15.99
N THR F 512 -16.52 -9.30 -17.31
CA THR F 512 -15.92 -8.34 -18.24
C THR F 512 -16.81 -8.14 -19.45
N TYR G 14 -64.05 -13.60 15.91
CA TYR G 14 -63.78 -13.03 14.60
C TYR G 14 -62.42 -12.35 14.58
N VAL G 15 -61.70 -12.49 13.47
CA VAL G 15 -60.43 -11.82 13.26
C VAL G 15 -60.46 -11.19 11.87
N PRO G 16 -60.11 -9.92 11.73
CA PRO G 16 -60.08 -9.32 10.39
C PRO G 16 -58.88 -9.81 9.60
N GLU G 17 -59.00 -9.75 8.28
CA GLU G 17 -57.91 -10.20 7.42
C GLU G 17 -56.77 -9.20 7.41
N ASP G 18 -55.56 -9.73 7.24
CA ASP G 18 -54.33 -8.96 7.12
C ASP G 18 -53.71 -9.26 5.75
N GLY G 19 -53.00 -8.27 5.20
CA GLY G 19 -52.28 -8.50 3.97
C GLY G 19 -53.09 -8.40 2.69
N LEU G 20 -52.44 -8.75 1.59
CA LEU G 20 -53.00 -8.66 0.26
C LEU G 20 -53.01 -10.05 -0.39
N THR G 21 -54.02 -10.28 -1.23
CA THR G 21 -53.97 -11.41 -2.15
C THR G 21 -52.99 -11.10 -3.28
N ALA G 22 -52.67 -12.12 -4.08
CA ALA G 22 -51.79 -11.91 -5.23
C ALA G 22 -52.44 -10.95 -6.24
N GLN G 23 -53.74 -11.12 -6.47
CA GLN G 23 -54.47 -10.24 -7.36
C GLN G 23 -54.39 -8.78 -6.90
N GLN G 24 -54.54 -8.54 -5.60
CA GLN G 24 -54.40 -7.19 -5.07
C GLN G 24 -52.96 -6.70 -5.14
N LEU G 25 -52.01 -7.60 -4.89
CA LEU G 25 -50.59 -7.26 -4.93
C LEU G 25 -50.20 -6.72 -6.30
N PHE G 26 -50.70 -7.32 -7.37
CA PHE G 26 -50.25 -6.93 -8.69
C PHE G 26 -51.20 -5.94 -9.38
N ALA G 27 -52.23 -5.45 -8.68
CA ALA G 27 -53.19 -4.55 -9.30
C ALA G 27 -52.62 -3.15 -9.52
N SER G 28 -51.67 -2.73 -8.68
CA SER G 28 -51.12 -1.38 -8.80
C SER G 28 -50.26 -1.20 -10.04
N ALA G 29 -49.68 -2.27 -10.58
CA ALA G 29 -48.81 -2.21 -11.75
C ALA G 29 -47.53 -1.42 -11.44
N ASP G 30 -46.80 -1.88 -10.42
CA ASP G 30 -45.59 -1.20 -10.00
C ASP G 30 -44.35 -1.70 -10.74
N GLY G 31 -44.38 -2.92 -11.26
CA GLY G 31 -43.17 -3.55 -11.75
C GLY G 31 -42.37 -4.23 -10.65
N LEU G 32 -43.02 -5.18 -9.98
CA LEU G 32 -42.45 -5.84 -8.81
C LEU G 32 -41.53 -7.00 -9.20
N THR G 33 -40.46 -7.18 -8.43
CA THR G 33 -39.61 -8.36 -8.50
C THR G 33 -39.72 -9.13 -7.17
N TYR G 34 -38.95 -10.21 -7.07
CA TYR G 34 -39.01 -11.08 -5.90
C TYR G 34 -38.68 -10.34 -4.61
N ASN G 35 -37.76 -9.37 -4.68
CA ASN G 35 -37.31 -8.65 -3.49
C ASN G 35 -38.27 -7.55 -3.06
N ASP G 36 -39.38 -7.36 -3.78
CA ASP G 36 -40.32 -6.28 -3.47
C ASP G 36 -41.46 -6.71 -2.54
N PHE G 37 -41.51 -7.98 -2.12
CA PHE G 37 -42.62 -8.45 -1.31
C PHE G 37 -42.18 -9.65 -0.47
N LEU G 38 -43.08 -10.08 0.40
CA LEU G 38 -42.92 -11.29 1.21
C LEU G 38 -44.24 -12.02 1.28
N ILE G 39 -44.18 -13.26 1.77
CA ILE G 39 -45.37 -14.05 2.10
C ILE G 39 -45.57 -14.00 3.61
N LEU G 40 -46.81 -13.96 4.04
CA LEU G 40 -47.13 -13.91 5.46
C LEU G 40 -47.29 -15.32 6.03
N PRO G 41 -46.80 -15.57 7.25
CA PRO G 41 -46.91 -16.92 7.82
C PRO G 41 -48.34 -17.34 8.10
N GLY G 42 -48.56 -18.65 8.08
CA GLY G 42 -49.87 -19.22 8.35
C GLY G 42 -49.94 -20.06 9.61
N PHE G 43 -50.55 -21.23 9.52
CA PHE G 43 -50.72 -22.12 10.66
C PHE G 43 -49.97 -23.42 10.40
N ILE G 44 -49.23 -23.88 11.41
CA ILE G 44 -48.36 -25.04 11.30
C ILE G 44 -49.01 -26.20 12.05
N ASP G 45 -49.26 -27.32 11.32
CA ASP G 45 -49.73 -28.55 11.94
C ASP G 45 -49.09 -29.77 11.30
N PHE G 46 -47.85 -29.65 10.83
CA PHE G 46 -47.14 -30.77 10.21
C PHE G 46 -45.66 -30.44 10.27
N ILE G 47 -44.82 -31.42 9.94
CA ILE G 47 -43.38 -31.20 9.96
C ILE G 47 -42.89 -30.95 8.54
N ALA G 48 -41.72 -30.31 8.43
CA ALA G 48 -41.21 -29.87 7.14
C ALA G 48 -40.91 -31.05 6.20
N ASP G 49 -40.51 -32.20 6.75
CA ASP G 49 -40.24 -33.35 5.90
C ASP G 49 -41.49 -33.97 5.31
N GLU G 50 -42.67 -33.60 5.80
CA GLU G 50 -43.91 -34.08 5.19
C GLU G 50 -44.27 -33.33 3.90
N VAL G 51 -43.56 -32.26 3.58
CA VAL G 51 -43.98 -31.37 2.49
C VAL G 51 -43.66 -32.02 1.14
N ASP G 52 -44.67 -32.12 0.29
CA ASP G 52 -44.56 -32.77 -1.01
C ASP G 52 -44.18 -31.76 -2.08
N LEU G 53 -43.23 -32.12 -2.94
CA LEU G 53 -42.68 -31.21 -3.93
C LEU G 53 -42.90 -31.66 -5.37
N THR G 54 -43.84 -32.55 -5.62
CA THR G 54 -44.08 -33.03 -6.98
C THR G 54 -44.51 -31.91 -7.92
N SER G 55 -43.91 -31.87 -9.10
CA SER G 55 -44.03 -30.73 -10.01
C SER G 55 -44.25 -31.18 -11.44
N ALA G 56 -45.28 -30.63 -12.09
CA ALA G 56 -45.46 -30.82 -13.52
C ALA G 56 -44.42 -30.02 -14.30
N LEU G 57 -43.72 -30.69 -15.22
CA LEU G 57 -42.79 -30.04 -16.14
C LEU G 57 -43.46 -29.72 -17.47
N THR G 58 -44.20 -30.66 -18.02
CA THR G 58 -44.98 -30.46 -19.23
C THR G 58 -46.37 -31.05 -19.00
N ARG G 59 -47.16 -31.09 -20.07
CA ARG G 59 -48.45 -31.75 -20.01
C ARG G 59 -48.34 -33.20 -19.55
N LYS G 60 -47.22 -33.85 -19.86
CA LYS G 60 -47.03 -35.28 -19.64
C LYS G 60 -46.02 -35.64 -18.58
N ILE G 61 -44.92 -34.89 -18.45
CA ILE G 61 -43.82 -35.27 -17.57
C ILE G 61 -44.02 -34.63 -16.20
N THR G 62 -43.92 -35.45 -15.15
CA THR G 62 -43.97 -34.99 -13.77
C THR G 62 -42.68 -35.34 -13.06
N LEU G 63 -42.17 -34.43 -12.25
CA LEU G 63 -40.98 -34.64 -11.44
C LEU G 63 -41.36 -34.61 -9.96
N LYS G 64 -40.43 -35.08 -9.13
CA LYS G 64 -40.58 -35.02 -7.68
C LYS G 64 -39.91 -33.82 -7.06
N THR G 65 -39.23 -33.00 -7.86
CA THR G 65 -38.49 -31.85 -7.44
C THR G 65 -38.73 -30.79 -8.51
N PRO G 66 -38.82 -29.51 -8.15
CA PRO G 66 -39.06 -28.48 -9.17
C PRO G 66 -37.81 -27.85 -9.77
N LEU G 67 -36.61 -28.32 -9.44
CA LEU G 67 -35.39 -27.66 -9.87
C LEU G 67 -34.93 -28.18 -11.23
N ILE G 68 -34.49 -27.27 -12.09
CA ILE G 68 -34.03 -27.56 -13.44
C ILE G 68 -32.72 -26.82 -13.68
N SER G 69 -31.83 -27.45 -14.44
CA SER G 69 -30.56 -26.84 -14.80
C SER G 69 -30.67 -26.18 -16.18
N SER G 70 -30.15 -24.98 -16.29
CA SER G 70 -30.31 -24.19 -17.50
C SER G 70 -29.49 -24.77 -18.66
N PRO G 71 -30.04 -24.78 -19.90
CA PRO G 71 -29.25 -25.23 -21.05
C PRO G 71 -28.21 -24.22 -21.51
N MET G 72 -27.17 -24.04 -20.70
CA MET G 72 -26.07 -23.16 -21.01
C MET G 72 -24.78 -23.98 -21.06
N ASP G 73 -23.80 -23.52 -21.85
CA ASP G 73 -22.59 -24.31 -22.05
C ASP G 73 -21.63 -24.22 -20.88
N THR G 74 -21.93 -23.40 -19.86
CA THR G 74 -21.20 -23.42 -18.61
C THR G 74 -22.03 -24.00 -17.47
N VAL G 75 -23.15 -24.66 -17.76
CA VAL G 75 -23.98 -25.23 -16.71
C VAL G 75 -24.24 -26.71 -16.93
N THR G 76 -24.88 -27.08 -18.04
CA THR G 76 -25.43 -28.43 -18.21
C THR G 76 -24.76 -29.19 -19.35
N GLU G 77 -24.04 -30.26 -19.00
CA GLU G 77 -23.68 -31.36 -19.86
C GLU G 77 -24.23 -32.65 -19.24
N ALA G 78 -23.77 -33.80 -19.75
CA ALA G 78 -24.29 -35.08 -19.28
C ALA G 78 -24.11 -35.28 -17.79
N ASP G 79 -22.98 -34.86 -17.22
CA ASP G 79 -22.76 -35.09 -15.79
C ASP G 79 -23.78 -34.31 -14.95
N MET G 80 -23.95 -33.03 -15.27
CA MET G 80 -24.94 -32.21 -14.58
C MET G 80 -26.33 -32.80 -14.77
N ALA G 81 -26.64 -33.25 -15.99
CA ALA G 81 -27.95 -33.82 -16.27
C ALA G 81 -28.21 -35.07 -15.44
N ILE G 82 -27.24 -35.99 -15.38
CA ILE G 82 -27.41 -37.22 -14.60
C ILE G 82 -27.59 -36.89 -13.13
N ALA G 83 -26.77 -35.97 -12.60
CA ALA G 83 -26.88 -35.62 -11.20
C ALA G 83 -28.24 -35.00 -10.89
N MET G 84 -28.73 -34.09 -11.74
CA MET G 84 -30.03 -33.48 -11.55
C MET G 84 -31.14 -34.53 -11.57
N ALA G 85 -31.10 -35.42 -12.56
CA ALA G 85 -32.12 -36.46 -12.66
C ALA G 85 -32.12 -37.37 -11.44
N LEU G 86 -30.93 -37.73 -10.95
CA LEU G 86 -30.84 -38.56 -9.75
C LEU G 86 -31.39 -37.83 -8.52
N MET G 87 -31.03 -36.55 -8.37
CA MET G 87 -31.55 -35.75 -7.28
C MET G 87 -33.04 -35.50 -7.36
N GLY G 88 -33.65 -35.68 -8.53
CA GLY G 88 -35.08 -35.55 -8.68
C GLY G 88 -35.54 -34.45 -9.62
N GLY G 89 -34.62 -33.70 -10.22
CA GLY G 89 -34.93 -32.70 -11.22
C GLY G 89 -34.66 -33.18 -12.62
N ILE G 90 -34.04 -32.31 -13.42
CA ILE G 90 -33.71 -32.62 -14.81
C ILE G 90 -32.76 -31.55 -15.34
N GLY G 91 -31.98 -31.91 -16.35
CA GLY G 91 -31.14 -30.98 -17.07
C GLY G 91 -31.53 -30.94 -18.55
N PHE G 92 -31.32 -29.78 -19.16
CA PHE G 92 -31.41 -29.63 -20.61
C PHE G 92 -30.01 -29.44 -21.17
N ILE G 93 -29.64 -30.26 -22.16
CA ILE G 93 -28.33 -30.13 -22.79
C ILE G 93 -28.33 -28.92 -23.71
N HIS G 94 -27.33 -28.07 -23.56
CA HIS G 94 -27.16 -26.91 -24.43
C HIS G 94 -26.88 -27.35 -25.87
N HIS G 95 -26.92 -26.38 -26.78
CA HIS G 95 -26.66 -26.64 -28.20
C HIS G 95 -25.62 -25.67 -28.78
N ASN G 96 -24.77 -25.10 -27.92
CA ASN G 96 -23.58 -24.38 -28.37
C ASN G 96 -22.46 -25.37 -28.69
N CYS G 97 -22.74 -26.24 -29.65
CA CYS G 97 -21.87 -27.38 -29.92
C CYS G 97 -22.33 -28.03 -31.22
N THR G 98 -21.70 -29.14 -31.58
CA THR G 98 -22.08 -29.90 -32.76
C THR G 98 -23.30 -30.77 -32.46
N PRO G 99 -24.15 -31.03 -33.46
CA PRO G 99 -25.26 -31.97 -33.24
C PRO G 99 -24.81 -33.35 -32.80
N GLU G 100 -23.73 -33.88 -33.38
CA GLU G 100 -23.22 -35.18 -32.96
C GLU G 100 -22.77 -35.14 -31.50
N PHE G 101 -22.09 -34.07 -31.10
CA PHE G 101 -21.63 -33.94 -29.73
C PHE G 101 -22.82 -33.91 -28.76
N GLN G 102 -23.85 -33.14 -29.10
CA GLN G 102 -25.03 -33.07 -28.25
C GLN G 102 -25.74 -34.41 -28.15
N ALA G 103 -25.87 -35.10 -29.29
CA ALA G 103 -26.51 -36.41 -29.28
C ALA G 103 -25.71 -37.39 -28.41
N ASN G 104 -24.38 -37.31 -28.47
CA ASN G 104 -23.57 -38.19 -27.64
C ASN G 104 -23.77 -37.88 -26.16
N GLU G 105 -23.88 -36.60 -25.81
CA GLU G 105 -24.15 -36.24 -24.42
C GLU G 105 -25.48 -36.81 -23.95
N VAL G 106 -26.51 -36.69 -24.80
CA VAL G 106 -27.82 -37.22 -24.46
C VAL G 106 -27.76 -38.75 -24.31
N ARG G 107 -27.00 -39.41 -25.19
CA ARG G 107 -26.82 -40.86 -25.09
C ARG G 107 -26.16 -41.25 -23.78
N LYS G 108 -25.13 -40.50 -23.37
CA LYS G 108 -24.48 -40.78 -22.10
C LYS G 108 -25.45 -40.67 -20.94
N VAL G 109 -26.30 -39.63 -20.94
CA VAL G 109 -27.30 -39.52 -19.88
C VAL G 109 -28.27 -40.69 -19.93
N LYS G 110 -28.72 -41.05 -21.13
CA LYS G 110 -29.80 -42.03 -21.26
C LYS G 110 -29.35 -43.45 -20.95
N LYS G 111 -28.08 -43.78 -21.15
CA LYS G 111 -27.58 -45.13 -20.91
C LYS G 111 -26.88 -45.26 -19.56
N PHE G 112 -26.91 -44.22 -18.74
CA PHE G 112 -26.32 -44.29 -17.41
C PHE G 112 -27.03 -45.34 -16.56
N GLU G 113 -26.25 -46.02 -15.71
CA GLU G 113 -26.77 -46.96 -14.74
C GLU G 113 -26.02 -46.77 -13.44
N GLN G 114 -26.67 -47.04 -12.32
CA GLN G 114 -26.04 -46.84 -11.03
C GLN G 114 -25.18 -48.05 -10.67
N GLY G 115 -23.91 -47.81 -10.38
CA GLY G 115 -22.98 -48.87 -10.06
C GLY G 115 -22.31 -49.52 -11.26
N PHE G 116 -22.64 -49.11 -12.48
CA PHE G 116 -22.06 -49.69 -13.68
C PHE G 116 -21.15 -48.69 -14.35
N ILE G 117 -20.21 -49.21 -15.14
CA ILE G 117 -19.33 -48.36 -15.94
C ILE G 117 -20.02 -48.00 -17.24
N THR G 118 -19.89 -46.75 -17.64
CA THR G 118 -20.48 -46.26 -18.88
C THR G 118 -19.39 -46.10 -19.92
N ASP G 119 -19.52 -46.81 -21.04
CA ASP G 119 -18.48 -46.85 -22.06
C ASP G 119 -17.17 -47.39 -21.49
N PRO G 120 -17.09 -48.68 -21.18
CA PRO G 120 -15.81 -49.25 -20.72
C PRO G 120 -14.75 -49.19 -21.80
N VAL G 121 -13.50 -49.10 -21.36
CA VAL G 121 -12.36 -49.23 -22.25
C VAL G 121 -12.02 -50.70 -22.41
N VAL G 122 -11.81 -51.13 -23.66
CA VAL G 122 -11.53 -52.53 -23.98
C VAL G 122 -10.34 -52.59 -24.92
N LEU G 123 -9.71 -53.77 -24.97
CA LEU G 123 -8.57 -54.01 -25.84
C LEU G 123 -8.62 -55.45 -26.35
N SER G 124 -7.92 -55.69 -27.45
CA SER G 124 -7.79 -57.02 -28.03
C SER G 124 -6.54 -57.71 -27.52
N PRO G 125 -6.50 -59.04 -27.56
CA PRO G 125 -5.29 -59.75 -27.07
C PRO G 125 -4.03 -59.42 -27.84
N SER G 126 -4.15 -58.91 -29.07
CA SER G 126 -2.99 -58.57 -29.88
C SER G 126 -2.41 -57.21 -29.53
N HIS G 127 -2.99 -56.49 -28.58
CA HIS G 127 -2.40 -55.26 -28.10
C HIS G 127 -1.17 -55.57 -27.25
N THR G 128 -0.41 -54.52 -26.92
CA THR G 128 0.81 -54.64 -26.15
C THR G 128 0.62 -54.05 -24.76
N VAL G 129 1.49 -54.47 -23.83
CA VAL G 129 1.49 -53.89 -22.50
C VAL G 129 1.72 -52.39 -22.56
N GLY G 130 2.39 -51.93 -23.62
CA GLY G 130 2.49 -50.49 -23.84
C GLY G 130 1.14 -49.83 -24.02
N ASP G 131 0.22 -50.52 -24.70
CA ASP G 131 -1.13 -49.99 -24.84
C ASP G 131 -1.82 -49.84 -23.49
N VAL G 132 -1.67 -50.84 -22.61
CA VAL G 132 -2.24 -50.76 -21.28
C VAL G 132 -1.62 -49.61 -20.49
N LEU G 133 -0.30 -49.46 -20.59
CA LEU G 133 0.37 -48.37 -19.89
C LEU G 133 -0.12 -47.01 -20.39
N GLU G 134 -0.30 -46.89 -21.71
CA GLU G 134 -0.78 -45.63 -22.26
C GLU G 134 -2.22 -45.34 -21.82
N ALA G 135 -3.06 -46.38 -21.80
CA ALA G 135 -4.42 -46.21 -21.32
C ALA G 135 -4.41 -45.74 -19.87
N LYS G 136 -3.58 -46.36 -19.04
CA LYS G 136 -3.41 -45.90 -17.66
C LYS G 136 -3.00 -44.43 -17.63
N MET G 137 -1.99 -44.06 -18.40
CA MET G 137 -1.47 -42.71 -18.36
C MET G 137 -2.52 -41.68 -18.78
N ARG G 138 -3.31 -42.00 -19.80
CA ARG G 138 -4.21 -41.02 -20.39
C ARG G 138 -5.65 -41.12 -19.90
N HIS G 139 -5.99 -42.08 -19.03
CA HIS G 139 -7.33 -42.15 -18.47
C HIS G 139 -7.36 -42.27 -16.95
N GLY G 140 -6.31 -42.79 -16.33
CA GLY G 140 -6.23 -42.88 -14.88
C GLY G 140 -6.49 -44.26 -14.30
N PHE G 141 -6.75 -45.27 -15.12
CA PHE G 141 -7.05 -46.60 -14.62
C PHE G 141 -6.46 -47.66 -15.54
N SER G 142 -6.33 -48.88 -15.01
CA SER G 142 -5.72 -49.97 -15.76
C SER G 142 -6.50 -51.28 -15.71
N GLY G 143 -7.70 -51.30 -15.12
CA GLY G 143 -8.48 -52.53 -15.08
C GLY G 143 -9.28 -52.72 -16.35
N ILE G 144 -8.59 -53.10 -17.42
CA ILE G 144 -9.14 -53.10 -18.78
C ILE G 144 -9.41 -54.55 -19.18
N PRO G 145 -10.66 -54.94 -19.44
CA PRO G 145 -10.91 -56.29 -19.95
C PRO G 145 -10.44 -56.46 -21.39
N ILE G 146 -10.24 -57.72 -21.78
CA ILE G 146 -9.74 -58.09 -23.09
C ILE G 146 -10.82 -58.88 -23.81
N THR G 147 -11.04 -58.55 -25.08
CA THR G 147 -12.06 -59.22 -25.89
C THR G 147 -11.44 -59.62 -27.23
N GLU G 148 -12.06 -60.62 -27.87
CA GLU G 148 -11.51 -61.17 -29.11
C GLU G 148 -11.31 -60.08 -30.15
N THR G 149 -12.33 -59.26 -30.40
CA THR G 149 -12.26 -58.22 -31.41
C THR G 149 -11.73 -56.90 -30.87
N GLY G 150 -11.43 -56.83 -29.58
CA GLY G 150 -10.93 -55.60 -28.99
C GLY G 150 -12.00 -54.59 -28.63
N THR G 151 -13.26 -54.99 -28.62
CA THR G 151 -14.36 -54.06 -28.35
C THR G 151 -15.55 -54.87 -27.83
N MET G 152 -16.57 -54.16 -27.36
CA MET G 152 -17.72 -54.81 -26.74
C MET G 152 -18.50 -55.59 -27.80
N GLY G 153 -19.25 -56.59 -27.33
CA GLY G 153 -20.08 -57.38 -28.21
C GLY G 153 -19.39 -58.57 -28.85
N SER G 154 -18.30 -59.06 -28.27
CA SER G 154 -17.60 -60.22 -28.79
C SER G 154 -17.07 -61.04 -27.63
N LYS G 155 -16.60 -62.26 -27.96
CA LYS G 155 -16.21 -63.22 -26.93
C LYS G 155 -15.18 -62.61 -25.99
N LEU G 156 -15.40 -62.79 -24.69
CA LEU G 156 -14.47 -62.32 -23.66
C LEU G 156 -13.35 -63.34 -23.49
N VAL G 157 -12.11 -62.85 -23.44
CA VAL G 157 -10.95 -63.71 -23.35
C VAL G 157 -10.13 -63.51 -22.09
N GLY G 158 -10.18 -62.34 -21.45
CA GLY G 158 -9.39 -62.13 -20.26
C GLY G 158 -9.46 -60.70 -19.78
N ILE G 159 -8.62 -60.40 -18.79
CA ILE G 159 -8.54 -59.06 -18.20
C ILE G 159 -7.11 -58.81 -17.76
N VAL G 160 -6.71 -57.54 -17.80
CA VAL G 160 -5.36 -57.11 -17.44
C VAL G 160 -5.48 -55.94 -16.47
N THR G 161 -4.69 -55.96 -15.40
CA THR G 161 -4.71 -54.90 -14.40
C THR G 161 -3.29 -54.56 -13.95
N SER G 162 -3.23 -53.68 -12.96
CA SER G 162 -1.95 -53.19 -12.46
C SER G 162 -1.09 -54.32 -11.91
N ARG G 163 -1.70 -55.26 -11.19
CA ARG G 163 -0.91 -56.35 -10.62
C ARG G 163 -0.53 -57.39 -11.66
N ASP G 164 -1.08 -57.31 -12.87
CA ASP G 164 -0.57 -58.08 -13.99
C ASP G 164 0.54 -57.37 -14.74
N ILE G 165 0.58 -56.03 -14.69
CA ILE G 165 1.51 -55.26 -15.50
C ILE G 165 2.71 -54.76 -14.67
N ASP G 166 2.64 -54.86 -13.34
CA ASP G 166 3.50 -54.05 -12.47
C ASP G 166 4.94 -54.54 -12.37
N PHE G 167 5.19 -55.84 -12.46
CA PHE G 167 6.54 -56.37 -12.25
C PHE G 167 7.29 -56.66 -13.54
N LEU G 168 6.73 -56.29 -14.69
CA LEU G 168 7.44 -56.51 -15.95
C LEU G 168 8.57 -55.51 -16.12
N ALA G 169 9.56 -55.91 -16.90
CA ALA G 169 10.70 -55.05 -17.21
C ALA G 169 10.27 -53.91 -18.12
N GLU G 170 10.92 -52.76 -17.94
CA GLU G 170 10.57 -51.56 -18.72
C GLU G 170 10.81 -51.74 -20.20
N LYS G 171 11.86 -52.46 -20.60
CA LYS G 171 12.13 -52.69 -22.01
C LYS G 171 11.09 -53.60 -22.64
N ASP G 172 10.30 -54.31 -21.84
CA ASP G 172 9.33 -55.26 -22.35
C ASP G 172 8.13 -54.52 -22.93
N HIS G 173 7.77 -54.87 -24.17
CA HIS G 173 6.58 -54.35 -24.83
C HIS G 173 5.78 -55.49 -25.46
N THR G 174 5.91 -56.70 -24.89
CA THR G 174 5.30 -57.87 -25.48
C THR G 174 3.78 -57.74 -25.52
N THR G 175 3.16 -58.55 -26.37
CA THR G 175 1.71 -58.53 -26.52
C THR G 175 1.04 -59.12 -25.29
N LEU G 176 -0.26 -58.89 -25.19
CA LEU G 176 -1.06 -59.48 -24.12
C LEU G 176 -1.25 -60.97 -24.42
N LEU G 177 -2.12 -61.62 -23.66
CA LEU G 177 -2.37 -63.05 -23.81
C LEU G 177 -1.08 -63.83 -23.57
N VAL G 180 0.46 -62.39 -19.56
CA VAL G 180 0.05 -61.14 -18.95
C VAL G 180 -1.45 -61.16 -18.69
N MET G 181 -2.21 -61.51 -19.73
CA MET G 181 -3.66 -61.57 -19.60
C MET G 181 -4.08 -62.89 -18.95
N THR G 182 -4.90 -62.78 -17.91
CA THR G 182 -5.45 -63.99 -17.28
C THR G 182 -6.53 -64.57 -18.19
N PRO G 183 -6.56 -65.88 -18.39
CA PRO G 183 -7.51 -66.46 -19.35
C PRO G 183 -8.94 -66.37 -18.88
N ARG G 184 -9.86 -66.57 -19.83
CA ARG G 184 -11.28 -66.53 -19.52
C ARG G 184 -11.66 -67.61 -18.53
N ILE G 185 -11.05 -68.80 -18.65
CA ILE G 185 -11.38 -69.91 -17.76
C ILE G 185 -11.16 -69.51 -16.30
N GLU G 186 -10.26 -68.55 -16.06
CA GLU G 186 -9.94 -68.11 -14.71
C GLU G 186 -10.77 -66.92 -14.24
N LEU G 187 -11.63 -66.37 -15.10
CA LEU G 187 -12.38 -65.17 -14.75
C LEU G 187 -13.62 -65.50 -13.93
N VAL G 188 -14.01 -64.55 -13.08
CA VAL G 188 -15.25 -64.62 -12.31
C VAL G 188 -16.20 -63.59 -12.91
N VAL G 189 -17.23 -64.05 -13.61
CA VAL G 189 -18.13 -63.18 -14.35
C VAL G 189 -19.56 -63.51 -13.96
N ALA G 190 -20.48 -62.64 -14.38
CA ALA G 190 -21.91 -62.80 -14.10
C ALA G 190 -22.73 -62.65 -15.37
N PRO G 191 -23.90 -63.29 -15.42
CA PRO G 191 -24.74 -63.19 -16.64
C PRO G 191 -25.36 -61.82 -16.78
N ALA G 192 -25.88 -61.54 -17.98
CA ALA G 192 -26.31 -60.19 -18.32
C ALA G 192 -27.41 -59.66 -17.40
N GLY G 193 -28.15 -60.53 -16.72
CA GLY G 193 -29.21 -60.09 -15.84
C GLY G 193 -28.76 -59.78 -14.43
N VAL G 194 -27.64 -59.07 -14.28
CA VAL G 194 -27.11 -58.78 -12.95
C VAL G 194 -27.99 -57.74 -12.26
N THR G 195 -28.17 -57.91 -10.95
CA THR G 195 -28.73 -56.90 -10.08
C THR G 195 -27.67 -56.54 -9.04
N LEU G 196 -27.74 -55.32 -8.51
CA LEU G 196 -26.67 -54.85 -7.64
C LEU G 196 -26.48 -55.73 -6.42
N LYS G 197 -27.52 -56.37 -5.89
CA LYS G 197 -27.34 -57.27 -4.76
C LYS G 197 -26.51 -58.48 -5.15
N GLU G 198 -26.80 -59.08 -6.31
CA GLU G 198 -26.00 -60.19 -6.78
C GLU G 198 -24.57 -59.76 -7.07
N ALA G 199 -24.38 -58.55 -7.61
CA ALA G 199 -23.04 -58.03 -7.79
C ALA G 199 -22.31 -57.91 -6.46
N ASN G 200 -23.01 -57.42 -5.43
CA ASN G 200 -22.39 -57.31 -4.11
C ASN G 200 -21.97 -58.66 -3.58
N GLU G 201 -22.86 -59.66 -3.69
CA GLU G 201 -22.52 -61.00 -3.21
C GLU G 201 -21.31 -61.55 -3.97
N ILE G 202 -21.32 -61.43 -5.30
CA ILE G 202 -20.24 -61.99 -6.11
C ILE G 202 -18.92 -61.32 -5.76
N LEU G 203 -18.91 -59.99 -5.66
CA LEU G 203 -17.66 -59.29 -5.39
C LEU G 203 -17.18 -59.54 -3.98
N GLN G 204 -18.10 -59.64 -3.02
CA GLN G 204 -17.70 -59.94 -1.64
C GLN G 204 -17.05 -61.31 -1.56
N ARG G 205 -17.59 -62.30 -2.28
CA ARG G 205 -16.99 -63.63 -2.28
C ARG G 205 -15.64 -63.62 -2.99
N SER G 206 -15.55 -62.94 -4.14
CA SER G 206 -14.39 -63.09 -5.01
C SER G 206 -13.23 -62.20 -4.61
N LYS G 207 -13.48 -61.06 -3.97
CA LYS G 207 -12.46 -60.11 -3.54
C LYS G 207 -11.79 -59.39 -4.69
N LYS G 208 -12.31 -59.50 -5.91
CA LYS G 208 -11.65 -58.92 -7.07
C LYS G 208 -12.10 -57.47 -7.28
N GLY G 209 -11.36 -56.77 -8.13
CA GLY G 209 -11.57 -55.35 -8.35
C GLY G 209 -12.51 -55.02 -9.51
N LYS G 210 -12.79 -56.00 -10.36
CA LYS G 210 -13.72 -55.83 -11.47
C LYS G 210 -14.68 -57.01 -11.49
N LEU G 211 -15.86 -56.77 -12.07
CA LEU G 211 -16.87 -57.81 -12.27
C LEU G 211 -17.42 -57.70 -13.68
N PRO G 212 -16.79 -58.36 -14.65
CA PRO G 212 -17.34 -58.34 -16.01
C PRO G 212 -18.69 -59.03 -16.06
N ILE G 213 -19.52 -58.57 -16.99
CA ILE G 213 -20.86 -59.11 -17.22
C ILE G 213 -20.94 -59.53 -18.68
N VAL G 214 -21.33 -60.78 -18.93
CA VAL G 214 -21.17 -61.40 -20.23
C VAL G 214 -22.50 -61.97 -20.71
N ASN G 215 -22.51 -62.40 -21.97
CA ASN G 215 -23.68 -63.02 -22.59
C ASN G 215 -23.59 -64.54 -22.48
N ASP G 216 -24.61 -65.22 -23.00
CA ASP G 216 -24.63 -66.68 -22.94
C ASP G 216 -23.39 -67.28 -23.60
N CYS G 217 -22.96 -66.72 -24.73
CA CYS G 217 -21.75 -67.18 -25.40
C CYS G 217 -20.54 -66.32 -25.07
N ASP G 218 -20.45 -65.81 -23.84
CA ASP G 218 -19.29 -65.09 -23.32
C ASP G 218 -19.02 -63.77 -24.04
N GLU G 219 -20.05 -63.12 -24.57
CA GLU G 219 -19.87 -61.79 -25.14
C GLU G 219 -19.96 -60.75 -24.04
N LEU G 220 -18.91 -59.92 -23.92
CA LEU G 220 -18.88 -58.89 -22.89
C LEU G 220 -19.85 -57.78 -23.24
N VAL G 221 -20.71 -57.43 -22.28
CA VAL G 221 -21.70 -56.37 -22.48
C VAL G 221 -21.69 -55.32 -21.38
N ALA G 222 -21.20 -55.63 -20.18
CA ALA G 222 -21.15 -54.63 -19.12
C ALA G 222 -20.10 -55.08 -18.10
N ILE G 223 -19.63 -54.12 -17.31
CA ILE G 223 -18.59 -54.37 -16.33
C ILE G 223 -18.78 -53.42 -15.15
N ILE G 224 -18.49 -53.91 -13.95
CA ILE G 224 -18.66 -53.17 -12.70
C ILE G 224 -17.30 -53.04 -12.04
N ALA G 225 -17.04 -51.86 -11.46
CA ALA G 225 -15.83 -51.64 -10.67
C ALA G 225 -16.17 -51.69 -9.19
N ARG G 226 -15.32 -52.38 -8.43
CA ARG G 226 -15.53 -52.50 -6.99
C ARG G 226 -15.52 -51.14 -6.31
N THR G 227 -14.60 -50.27 -6.72
CA THR G 227 -14.54 -48.93 -6.14
C THR G 227 -15.85 -48.19 -6.32
N ASP G 228 -16.43 -48.25 -7.53
CA ASP G 228 -17.71 -47.61 -7.76
C ASP G 228 -18.81 -48.22 -6.90
N LEU G 229 -18.84 -49.55 -6.80
CA LEU G 229 -19.89 -50.22 -6.05
C LEU G 229 -19.83 -49.90 -4.57
N LYS G 230 -18.62 -49.68 -4.03
CA LYS G 230 -18.48 -49.35 -2.63
C LYS G 230 -19.16 -48.03 -2.29
N LYS G 231 -19.26 -47.12 -3.27
CA LYS G 231 -19.82 -45.79 -3.06
C LYS G 231 -21.31 -45.73 -3.38
N ASN G 232 -21.99 -46.87 -3.44
CA ASN G 232 -23.38 -46.88 -3.88
C ASN G 232 -24.27 -46.13 -2.90
N ARG G 233 -25.34 -45.54 -3.43
CA ARG G 233 -26.29 -44.79 -2.63
C ARG G 233 -27.70 -45.04 -3.15
N ASP G 234 -28.67 -44.59 -2.37
CA ASP G 234 -30.07 -44.71 -2.76
C ASP G 234 -30.61 -43.37 -3.24
N TYR G 235 -31.41 -43.43 -4.30
CA TYR G 235 -32.02 -42.25 -4.92
C TYR G 235 -33.52 -42.50 -5.06
N PRO G 236 -34.28 -42.35 -3.98
CA PRO G 236 -35.72 -42.63 -4.06
C PRO G 236 -36.51 -41.61 -4.88
N LEU G 237 -35.90 -40.51 -5.29
CA LEU G 237 -36.58 -39.44 -6.02
C LEU G 237 -36.17 -39.35 -7.48
N ALA G 238 -35.52 -40.37 -8.04
CA ALA G 238 -34.90 -40.24 -9.36
C ALA G 238 -35.95 -40.09 -10.46
N SER G 239 -35.62 -39.29 -11.47
CA SER G 239 -36.50 -39.03 -12.61
C SER G 239 -36.24 -40.05 -13.71
N LYS G 240 -37.15 -41.01 -13.86
CA LYS G 240 -36.99 -42.11 -14.80
C LYS G 240 -38.15 -42.15 -15.78
N ASP G 241 -37.89 -42.68 -16.97
CA ASP G 241 -38.93 -42.99 -17.94
C ASP G 241 -39.39 -44.44 -17.75
N SER G 242 -40.17 -44.94 -18.71
CA SER G 242 -40.73 -46.29 -18.58
C SER G 242 -39.65 -47.35 -18.53
N GLN G 243 -38.58 -47.17 -19.29
CA GLN G 243 -37.47 -48.13 -19.31
C GLN G 243 -36.51 -47.97 -18.14
N LYS G 244 -36.91 -47.25 -17.10
CA LYS G 244 -36.09 -47.06 -15.90
C LYS G 244 -34.83 -46.25 -16.19
N GLN G 245 -34.76 -45.61 -17.35
CA GLN G 245 -33.63 -44.76 -17.70
C GLN G 245 -33.91 -43.33 -17.26
N LEU G 246 -32.82 -42.61 -16.95
CA LEU G 246 -32.95 -41.22 -16.51
C LEU G 246 -33.53 -40.35 -17.62
N LEU G 247 -34.30 -39.34 -17.22
CA LEU G 247 -34.85 -38.38 -18.17
C LEU G 247 -33.83 -37.32 -18.53
N CYS G 248 -33.82 -36.93 -19.80
CA CYS G 248 -32.93 -35.89 -20.31
C CYS G 248 -33.70 -34.90 -21.17
N GLY G 249 -33.23 -33.66 -21.22
CA GLY G 249 -33.76 -32.66 -22.12
C GLY G 249 -32.68 -32.02 -22.96
N ALA G 250 -33.05 -31.38 -24.06
CA ALA G 250 -32.08 -30.72 -24.93
C ALA G 250 -32.62 -29.38 -25.40
N ALA G 251 -31.71 -28.47 -25.72
CA ALA G 251 -32.05 -27.21 -26.35
C ALA G 251 -31.89 -27.32 -27.87
N VAL G 252 -32.77 -26.62 -28.59
CA VAL G 252 -32.72 -26.53 -30.05
C VAL G 252 -33.09 -25.12 -30.45
N GLY G 253 -32.59 -24.69 -31.60
CA GLY G 253 -32.91 -23.39 -32.18
C GLY G 253 -34.08 -23.45 -33.12
N THR G 254 -34.20 -22.41 -33.95
CA THR G 254 -35.32 -22.28 -34.87
C THR G 254 -34.91 -22.20 -36.35
N ARG G 255 -33.66 -22.51 -36.67
CA ARG G 255 -33.20 -22.43 -38.05
C ARG G 255 -33.41 -23.75 -38.78
N GLU G 256 -32.90 -23.81 -40.02
CA GLU G 256 -33.05 -25.02 -40.83
C GLU G 256 -32.08 -26.12 -40.39
N ASP G 257 -30.88 -25.74 -39.96
CA ASP G 257 -29.91 -26.74 -39.51
C ASP G 257 -30.39 -27.49 -38.28
N ASP G 258 -31.39 -26.97 -37.57
CA ASP G 258 -31.88 -27.62 -36.37
C ASP G 258 -32.76 -28.82 -36.66
N LYS G 259 -33.17 -29.01 -37.92
CA LYS G 259 -33.89 -30.23 -38.29
C LYS G 259 -33.01 -31.47 -38.09
N TYR G 260 -31.78 -31.39 -38.58
CA TYR G 260 -30.85 -32.50 -38.41
C TYR G 260 -30.52 -32.72 -36.94
N ARG G 261 -30.37 -31.63 -36.19
CA ARG G 261 -30.10 -31.74 -34.75
C ARG G 261 -31.26 -32.45 -34.04
N LEU G 262 -32.49 -32.10 -34.42
CA LEU G 262 -33.65 -32.79 -33.87
C LEU G 262 -33.63 -34.27 -34.21
N ASP G 263 -33.26 -34.61 -35.46
CA ASP G 263 -33.18 -36.01 -35.86
C ASP G 263 -32.19 -36.77 -35.00
N LEU G 264 -30.99 -36.22 -34.81
CA LEU G 264 -29.97 -36.91 -34.03
C LEU G 264 -30.40 -37.05 -32.57
N LEU G 265 -30.96 -35.98 -31.98
CA LEU G 265 -31.36 -36.06 -30.57
C LEU G 265 -32.51 -37.06 -30.39
N THR G 266 -33.42 -37.14 -31.36
CA THR G 266 -34.49 -38.11 -31.27
C THR G 266 -33.96 -39.53 -31.39
N GLN G 267 -32.93 -39.74 -32.22
CA GLN G 267 -32.30 -41.04 -32.26
C GLN G 267 -31.63 -41.36 -30.93
N ALA G 268 -31.10 -40.35 -30.25
CA ALA G 268 -30.46 -40.58 -28.97
C ALA G 268 -31.46 -40.83 -27.84
N GLY G 269 -32.77 -40.68 -28.10
CA GLY G 269 -33.77 -40.97 -27.10
C GLY G 269 -34.12 -39.84 -26.16
N VAL G 270 -34.00 -38.59 -26.61
CA VAL G 270 -34.30 -37.45 -25.75
C VAL G 270 -35.79 -37.43 -25.41
N ASP G 271 -36.11 -36.92 -24.21
CA ASP G 271 -37.47 -36.96 -23.69
C ASP G 271 -38.23 -35.66 -23.87
N VAL G 272 -37.55 -34.52 -23.78
CA VAL G 272 -38.21 -33.22 -23.83
C VAL G 272 -37.27 -32.23 -24.51
N ILE G 273 -37.85 -31.38 -25.36
CA ILE G 273 -37.12 -30.37 -26.11
C ILE G 273 -37.58 -29.00 -25.67
N VAL G 274 -36.65 -28.07 -25.53
CA VAL G 274 -36.95 -26.66 -25.29
C VAL G 274 -36.42 -25.85 -26.46
N LEU G 275 -37.27 -25.02 -27.05
CA LEU G 275 -36.88 -24.11 -28.11
C LEU G 275 -36.28 -22.85 -27.49
N ASP G 276 -35.01 -22.61 -27.78
CA ASP G 276 -34.17 -21.68 -27.03
C ASP G 276 -34.09 -20.34 -27.78
N SER G 277 -34.78 -19.33 -27.26
CA SER G 277 -34.67 -17.98 -27.81
C SER G 277 -35.09 -16.96 -26.76
N SER G 278 -34.69 -15.71 -27.01
CA SER G 278 -34.94 -14.62 -26.06
C SER G 278 -36.36 -14.08 -26.18
N GLN G 279 -37.03 -14.35 -27.30
CA GLN G 279 -38.34 -13.81 -27.64
C GLN G 279 -39.03 -14.87 -28.50
N GLY G 280 -39.85 -15.69 -27.85
CA GLY G 280 -40.41 -16.87 -28.49
C GLY G 280 -41.61 -16.63 -29.37
N ASN G 281 -42.16 -15.41 -29.37
CA ASN G 281 -43.38 -15.09 -30.11
C ASN G 281 -42.98 -14.65 -31.53
N SER G 282 -42.82 -15.64 -32.41
CA SER G 282 -42.36 -15.38 -33.76
C SER G 282 -42.82 -16.49 -34.70
N VAL G 283 -42.95 -16.12 -35.97
CA VAL G 283 -43.30 -17.08 -37.02
C VAL G 283 -42.28 -18.22 -37.08
N TYR G 284 -41.00 -17.92 -36.83
CA TYR G 284 -39.99 -18.96 -36.86
C TYR G 284 -40.27 -20.04 -35.83
N GLN G 285 -40.46 -19.65 -34.57
CA GLN G 285 -40.72 -20.63 -33.52
C GLN G 285 -42.07 -21.33 -33.74
N ILE G 286 -43.08 -20.61 -34.23
CA ILE G 286 -44.37 -21.25 -34.45
C ILE G 286 -44.24 -22.33 -35.52
N ALA G 287 -43.52 -22.04 -36.60
CA ALA G 287 -43.30 -23.05 -37.64
C ALA G 287 -42.50 -24.23 -37.10
N MET G 288 -41.48 -23.95 -36.28
CA MET G 288 -40.68 -25.05 -35.72
C MET G 288 -41.52 -25.95 -34.82
N VAL G 289 -42.41 -25.35 -34.01
CA VAL G 289 -43.29 -26.14 -33.16
C VAL G 289 -44.22 -27.01 -34.01
N HIS G 290 -44.78 -26.42 -35.06
CA HIS G 290 -45.65 -27.20 -35.94
C HIS G 290 -44.90 -28.37 -36.57
N TYR G 291 -43.67 -28.13 -37.01
CA TYR G 291 -42.88 -29.18 -37.64
C TYR G 291 -42.59 -30.30 -36.65
N ILE G 292 -42.20 -29.96 -35.43
CA ILE G 292 -41.89 -30.98 -34.45
C ILE G 292 -43.14 -31.80 -34.15
N LYS G 293 -44.28 -31.14 -33.99
CA LYS G 293 -45.50 -31.89 -33.67
C LYS G 293 -45.95 -32.76 -34.83
N GLN G 294 -45.66 -32.35 -36.07
CA GLN G 294 -46.01 -33.19 -37.21
C GLN G 294 -45.11 -34.42 -37.28
N LYS G 295 -43.80 -34.23 -37.12
CA LYS G 295 -42.85 -35.31 -37.38
C LYS G 295 -42.67 -36.25 -36.20
N TYR G 296 -42.64 -35.73 -34.97
CA TYR G 296 -42.43 -36.54 -33.76
C TYR G 296 -43.58 -36.28 -32.80
N PRO G 297 -44.78 -36.79 -33.10
CA PRO G 297 -45.94 -36.50 -32.25
C PRO G 297 -45.80 -37.01 -30.81
N HIS G 298 -44.75 -37.75 -30.49
CA HIS G 298 -44.55 -38.25 -29.13
C HIS G 298 -43.71 -37.32 -28.26
N LEU G 299 -43.06 -36.32 -28.84
CA LEU G 299 -42.08 -35.52 -28.14
C LEU G 299 -42.73 -34.33 -27.44
N GLN G 300 -42.20 -33.98 -26.27
CA GLN G 300 -42.71 -32.87 -25.49
C GLN G 300 -41.88 -31.63 -25.80
N VAL G 301 -42.56 -30.52 -26.13
CA VAL G 301 -41.91 -29.29 -26.58
C VAL G 301 -42.28 -28.17 -25.61
N ILE G 302 -41.28 -27.44 -25.14
CA ILE G 302 -41.46 -26.26 -24.31
C ILE G 302 -41.18 -25.03 -25.16
N GLY G 303 -42.10 -24.07 -25.13
CA GLY G 303 -42.02 -22.93 -26.03
C GLY G 303 -41.05 -21.85 -25.54
N GLY G 304 -40.50 -21.10 -26.48
CA GLY G 304 -39.47 -20.12 -26.20
C GLY G 304 -39.92 -19.06 -25.23
N ASN G 305 -38.97 -18.23 -24.82
CA ASN G 305 -39.19 -17.32 -23.70
C ASN G 305 -40.25 -16.27 -24.03
N VAL G 306 -41.22 -16.12 -23.13
CA VAL G 306 -42.23 -15.08 -23.20
C VAL G 306 -42.35 -14.45 -21.83
N VAL G 307 -42.91 -13.23 -21.79
CA VAL G 307 -43.24 -12.57 -20.53
C VAL G 307 -44.66 -12.05 -20.51
N THR G 308 -45.48 -12.40 -21.50
CA THR G 308 -46.77 -11.79 -21.73
C THR G 308 -47.79 -12.86 -22.13
N ALA G 309 -49.05 -12.61 -21.78
CA ALA G 309 -50.13 -13.55 -22.11
C ALA G 309 -50.39 -13.59 -23.60
N ALA G 310 -50.27 -12.46 -24.29
CA ALA G 310 -50.47 -12.44 -25.74
C ALA G 310 -49.37 -13.23 -26.46
N GLN G 311 -48.13 -13.12 -25.99
CA GLN G 311 -47.09 -14.04 -26.46
C GLN G 311 -47.49 -15.48 -26.20
N ALA G 312 -47.91 -15.80 -24.97
CA ALA G 312 -48.19 -17.17 -24.60
C ALA G 312 -49.31 -17.78 -25.43
N LYS G 313 -50.28 -16.96 -25.84
CA LYS G 313 -51.43 -17.47 -26.58
C LYS G 313 -51.01 -18.09 -27.91
N ASN G 314 -50.10 -17.43 -28.64
CA ASN G 314 -49.69 -17.93 -29.95
C ASN G 314 -49.00 -19.28 -29.83
N LEU G 315 -48.14 -19.44 -28.84
CA LEU G 315 -47.41 -20.69 -28.68
C LEU G 315 -48.31 -21.79 -28.12
N ILE G 316 -49.32 -21.45 -27.31
CA ILE G 316 -50.25 -22.47 -26.85
C ILE G 316 -51.17 -22.91 -27.99
N ASP G 317 -51.49 -22.00 -28.91
CA ASP G 317 -52.20 -22.38 -30.11
C ASP G 317 -51.34 -23.25 -31.01
N ALA G 318 -50.04 -22.94 -31.10
CA ALA G 318 -49.14 -23.73 -31.92
C ALA G 318 -49.03 -25.17 -31.42
N GLY G 319 -49.21 -25.39 -30.13
CA GLY G 319 -49.28 -26.73 -29.58
C GLY G 319 -48.16 -27.11 -28.64
N VAL G 320 -47.63 -26.16 -27.87
CA VAL G 320 -46.57 -26.48 -26.93
C VAL G 320 -47.13 -27.21 -25.72
N ASP G 321 -46.24 -27.85 -24.97
CA ASP G 321 -46.60 -28.48 -23.72
C ASP G 321 -46.09 -27.74 -22.49
N GLY G 322 -45.20 -26.78 -22.67
CA GLY G 322 -44.70 -25.99 -21.57
C GLY G 322 -44.21 -24.64 -22.05
N LEU G 323 -44.06 -23.71 -21.12
CA LEU G 323 -43.62 -22.35 -21.41
C LEU G 323 -42.48 -21.95 -20.51
N ARG G 324 -41.48 -21.30 -21.11
CA ARG G 324 -40.35 -20.73 -20.40
C ARG G 324 -40.58 -19.23 -20.29
N VAL G 325 -40.45 -18.69 -19.08
CA VAL G 325 -40.95 -17.37 -18.75
C VAL G 325 -39.82 -16.55 -18.14
N GLY G 326 -39.53 -15.41 -18.73
CA GLY G 326 -38.43 -14.56 -18.29
C GLY G 326 -37.75 -13.91 -19.48
N MET G 327 -37.32 -12.66 -19.30
CA MET G 327 -36.64 -11.92 -20.35
C MET G 327 -35.97 -10.71 -19.65
N GLY G 328 -34.65 -10.74 -19.57
CA GLY G 328 -33.90 -9.68 -18.95
C GLY G 328 -33.52 -9.90 -17.50
N CYS G 329 -34.11 -10.89 -16.83
CA CYS G 329 -33.92 -11.05 -15.39
C CYS G 329 -32.65 -11.79 -15.01
N GLY G 330 -32.05 -12.54 -15.94
CA GLY G 330 -30.93 -13.38 -15.59
C GLY G 330 -29.72 -12.60 -15.10
N SER G 331 -28.87 -13.28 -14.35
CA SER G 331 -27.70 -12.64 -13.74
C SER G 331 -26.70 -12.14 -14.77
N ILE G 332 -26.51 -12.88 -15.86
CA ILE G 332 -25.53 -12.54 -16.88
C ILE G 332 -26.18 -11.81 -18.06
N CYS G 333 -27.31 -11.14 -17.84
CA CYS G 333 -28.13 -10.55 -18.90
C CYS G 333 -27.98 -9.03 -18.93
N ILE G 334 -27.96 -8.47 -20.15
CA ILE G 334 -27.95 -7.03 -20.38
C ILE G 334 -28.99 -6.68 -21.45
N THR G 335 -29.88 -7.63 -21.73
CA THR G 335 -30.85 -7.46 -22.80
C THR G 335 -31.74 -6.24 -22.56
N GLN G 336 -32.12 -5.98 -21.31
CA GLN G 336 -32.94 -4.81 -21.03
C GLN G 336 -32.17 -3.53 -21.33
N GLU G 337 -30.92 -3.46 -20.92
CA GLU G 337 -30.11 -2.27 -21.15
C GLU G 337 -29.87 -2.02 -22.63
N VAL G 338 -29.86 -3.07 -23.45
CA VAL G 338 -29.47 -2.94 -24.85
C VAL G 338 -30.68 -2.85 -25.78
N MET G 339 -31.80 -3.49 -25.44
CA MET G 339 -32.97 -3.52 -26.31
C MET G 339 -34.16 -2.73 -25.78
N ALA G 340 -34.22 -2.44 -24.48
CA ALA G 340 -35.36 -1.76 -23.87
C ALA G 340 -36.61 -2.65 -23.83
N CYS G 341 -36.42 -3.97 -23.73
CA CYS G 341 -37.51 -4.93 -23.77
C CYS G 341 -37.39 -5.90 -22.59
N GLY G 342 -38.53 -6.30 -22.03
CA GLY G 342 -38.53 -7.25 -20.95
C GLY G 342 -39.70 -7.01 -20.01
N ARG G 343 -39.54 -7.50 -18.78
CA ARG G 343 -40.54 -7.41 -17.74
C ARG G 343 -39.92 -7.78 -16.41
N PRO G 344 -40.30 -7.14 -15.30
CA PRO G 344 -39.94 -7.66 -13.98
C PRO G 344 -40.50 -9.06 -13.77
N GLN G 345 -39.65 -9.93 -13.22
CA GLN G 345 -39.85 -11.37 -13.32
C GLN G 345 -41.02 -11.86 -12.46
N GLY G 346 -41.17 -11.32 -11.24
CA GLY G 346 -42.30 -11.71 -10.41
C GLY G 346 -43.65 -11.42 -11.06
N THR G 347 -43.79 -10.22 -11.62
CA THR G 347 -44.99 -9.86 -12.36
C THR G 347 -45.21 -10.79 -13.56
N ALA G 348 -44.15 -11.02 -14.34
CA ALA G 348 -44.28 -11.84 -15.55
C ALA G 348 -44.70 -13.27 -15.21
N VAL G 349 -44.08 -13.85 -14.19
CA VAL G 349 -44.45 -15.19 -13.76
C VAL G 349 -45.91 -15.23 -13.36
N TYR G 350 -46.33 -14.31 -12.49
CA TYR G 350 -47.72 -14.34 -12.04
C TYR G 350 -48.69 -14.21 -13.22
N LYS G 351 -48.48 -13.22 -14.10
CA LYS G 351 -49.42 -12.99 -15.20
C LYS G 351 -49.48 -14.20 -16.14
N VAL G 352 -48.32 -14.71 -16.56
CA VAL G 352 -48.31 -15.78 -17.55
C VAL G 352 -48.86 -17.07 -16.96
N ALA G 353 -48.50 -17.40 -15.71
CA ALA G 353 -49.02 -18.63 -15.10
C ALA G 353 -50.54 -18.53 -14.93
N GLU G 354 -51.03 -17.36 -14.53
CA GLU G 354 -52.47 -17.17 -14.38
C GLU G 354 -53.19 -17.39 -15.70
N TYR G 355 -52.61 -16.90 -16.80
CA TYR G 355 -53.25 -17.15 -18.09
C TYR G 355 -53.15 -18.62 -18.50
N ALA G 356 -51.96 -19.21 -18.34
CA ALA G 356 -51.68 -20.51 -18.96
C ALA G 356 -52.37 -21.66 -18.23
N ARG G 357 -52.62 -21.53 -16.92
CA ARG G 357 -53.28 -22.64 -16.23
C ARG G 357 -54.71 -22.86 -16.72
N ARG G 358 -55.27 -21.91 -17.46
CA ARG G 358 -56.59 -22.11 -18.05
C ARG G 358 -56.59 -23.25 -19.06
N PHE G 359 -55.46 -23.49 -19.71
CA PHE G 359 -55.32 -24.52 -20.74
C PHE G 359 -54.51 -25.71 -20.27
N GLY G 360 -54.16 -25.78 -18.98
CA GLY G 360 -53.37 -26.88 -18.48
C GLY G 360 -51.93 -26.87 -18.91
N VAL G 361 -51.34 -25.70 -19.11
CA VAL G 361 -49.94 -25.57 -19.53
C VAL G 361 -49.14 -25.08 -18.33
N PRO G 362 -48.16 -25.85 -17.84
CA PRO G 362 -47.29 -25.34 -16.78
C PRO G 362 -46.24 -24.39 -17.32
N ILE G 363 -45.65 -23.60 -16.44
CA ILE G 363 -44.60 -22.65 -16.83
C ILE G 363 -43.36 -22.90 -15.98
N ILE G 364 -42.20 -22.64 -16.55
CA ILE G 364 -40.94 -22.61 -15.83
C ILE G 364 -40.56 -21.15 -15.60
N ALA G 365 -40.27 -20.81 -14.35
CA ALA G 365 -39.69 -19.51 -14.01
C ALA G 365 -38.18 -19.59 -14.23
N ASP G 366 -37.68 -18.83 -15.19
CA ASP G 366 -36.29 -18.92 -15.62
C ASP G 366 -35.64 -17.56 -15.54
N GLY G 367 -34.62 -17.45 -14.69
CA GLY G 367 -33.80 -16.25 -14.60
C GLY G 367 -33.96 -15.47 -13.32
N GLY G 368 -32.86 -14.98 -12.77
CA GLY G 368 -32.87 -14.10 -11.62
C GLY G 368 -33.08 -14.77 -10.27
N ILE G 369 -33.00 -16.09 -10.20
CA ILE G 369 -33.10 -16.78 -8.91
C ILE G 369 -31.72 -16.74 -8.25
N GLN G 370 -31.65 -16.18 -7.04
CA GLN G 370 -30.39 -16.07 -6.32
C GLN G 370 -30.42 -16.70 -4.94
N THR G 371 -31.60 -16.98 -4.39
CA THR G 371 -31.74 -17.54 -3.06
C THR G 371 -32.85 -18.58 -3.06
N VAL G 372 -32.94 -19.31 -1.95
CA VAL G 372 -34.02 -20.28 -1.77
C VAL G 372 -35.37 -19.56 -1.65
N GLY G 373 -35.36 -18.37 -1.03
CA GLY G 373 -36.57 -17.58 -0.92
C GLY G 373 -37.13 -17.14 -2.26
N HIS G 374 -36.25 -16.87 -3.22
CA HIS G 374 -36.71 -16.58 -4.58
C HIS G 374 -37.43 -17.78 -5.19
N VAL G 375 -36.92 -19.00 -4.95
CA VAL G 375 -37.55 -20.21 -5.46
C VAL G 375 -38.95 -20.35 -4.86
N VAL G 376 -39.05 -20.15 -3.55
CA VAL G 376 -40.34 -20.27 -2.87
C VAL G 376 -41.32 -19.22 -3.41
N LYS G 377 -40.84 -18.00 -3.65
CA LYS G 377 -41.67 -16.96 -4.21
C LYS G 377 -42.12 -17.29 -5.64
N ALA G 378 -41.23 -17.84 -6.46
CA ALA G 378 -41.60 -18.19 -7.83
C ALA G 378 -42.65 -19.30 -7.85
N LEU G 379 -42.51 -20.29 -6.96
CA LEU G 379 -43.50 -21.35 -6.87
C LEU G 379 -44.84 -20.83 -6.34
N ALA G 380 -44.82 -19.87 -5.42
CA ALA G 380 -46.07 -19.32 -4.89
C ALA G 380 -46.75 -18.37 -5.87
N LEU G 381 -46.00 -17.72 -6.75
CA LEU G 381 -46.62 -16.88 -7.76
C LEU G 381 -47.20 -17.66 -8.93
N GLY G 382 -47.12 -18.99 -8.91
CA GLY G 382 -47.82 -19.85 -9.83
C GLY G 382 -46.95 -20.72 -10.71
N ALA G 383 -45.63 -20.57 -10.69
CA ALA G 383 -44.77 -21.42 -11.49
C ALA G 383 -44.84 -22.88 -11.02
N SER G 384 -44.71 -23.79 -11.98
CA SER G 384 -44.64 -25.22 -11.68
C SER G 384 -43.21 -25.69 -11.45
N THR G 385 -42.24 -25.06 -12.11
CA THR G 385 -40.84 -25.42 -11.96
C THR G 385 -40.00 -24.14 -12.01
N VAL G 386 -38.75 -24.27 -11.57
CA VAL G 386 -37.79 -23.17 -11.52
C VAL G 386 -36.50 -23.61 -12.19
N MET G 387 -35.94 -22.75 -13.03
CA MET G 387 -34.69 -23.00 -13.73
C MET G 387 -33.60 -22.10 -13.17
N MET G 388 -32.42 -22.65 -12.93
CA MET G 388 -31.31 -21.90 -12.36
C MET G 388 -30.07 -22.04 -13.23
N GLY G 389 -29.44 -20.92 -13.55
CA GLY G 389 -28.12 -20.94 -14.14
C GLY G 389 -27.01 -20.68 -13.16
N SER G 390 -27.09 -19.55 -12.46
CA SER G 390 -25.98 -19.09 -11.62
C SER G 390 -25.86 -19.91 -10.35
N LEU G 391 -26.99 -20.33 -9.78
CA LEU G 391 -26.94 -21.10 -8.54
C LEU G 391 -26.30 -22.46 -8.75
N LEU G 392 -26.37 -23.00 -9.96
CA LEU G 392 -25.73 -24.29 -10.25
C LEU G 392 -24.35 -24.17 -10.89
N ALA G 393 -24.00 -23.02 -11.45
CA ALA G 393 -22.70 -22.88 -12.08
C ALA G 393 -21.59 -23.01 -11.03
N ALA G 394 -20.44 -23.46 -11.49
CA ALA G 394 -19.27 -23.66 -10.66
C ALA G 394 -19.45 -24.77 -9.62
N THR G 395 -20.36 -25.71 -9.86
CA THR G 395 -20.31 -26.98 -9.16
C THR G 395 -19.39 -27.97 -9.88
N THR G 396 -19.06 -29.07 -9.20
CA THR G 396 -18.13 -30.04 -9.80
C THR G 396 -18.70 -30.63 -11.09
N GLU G 397 -20.00 -30.91 -11.11
CA GLU G 397 -20.63 -31.47 -12.30
C GLU G 397 -20.74 -30.45 -13.43
N ALA G 398 -20.54 -29.17 -13.15
CA ALA G 398 -20.63 -28.17 -14.18
C ALA G 398 -19.48 -28.30 -15.18
N PRO G 399 -19.71 -28.05 -16.46
CA PRO G 399 -18.61 -28.12 -17.43
C PRO G 399 -17.53 -27.09 -17.16
N GLY G 400 -16.32 -27.41 -17.57
CA GLY G 400 -15.16 -26.57 -17.38
C GLY G 400 -14.29 -27.04 -16.24
N GLU G 401 -13.03 -26.65 -16.31
CA GLU G 401 -12.04 -26.98 -15.30
C GLU G 401 -11.87 -25.80 -14.36
N TYR G 402 -11.83 -26.08 -13.05
CA TYR G 402 -11.65 -25.04 -12.06
C TYR G 402 -10.40 -24.22 -12.35
N PHE G 403 -10.28 -23.06 -11.73
CA PHE G 403 -9.06 -22.27 -11.82
C PHE G 403 -8.99 -21.36 -10.61
N PHE G 404 -7.79 -20.86 -10.35
CA PHE G 404 -7.52 -20.11 -9.13
C PHE G 404 -7.22 -18.66 -9.49
N SER G 405 -7.83 -17.74 -8.74
CA SER G 405 -7.57 -16.31 -8.92
C SER G 405 -7.58 -15.68 -7.54
N ASP G 406 -6.39 -15.38 -7.02
CA ASP G 406 -6.23 -14.85 -5.68
C ASP G 406 -6.54 -15.89 -4.60
N GLY G 407 -6.32 -17.17 -4.91
CA GLY G 407 -6.45 -18.22 -3.94
C GLY G 407 -7.84 -18.76 -3.71
N VAL G 408 -8.80 -18.44 -4.60
CA VAL G 408 -10.17 -18.92 -4.47
C VAL G 408 -10.55 -19.63 -5.76
N ARG G 409 -11.06 -20.86 -5.63
CA ARG G 409 -11.42 -21.65 -6.80
C ARG G 409 -12.62 -21.02 -7.51
N LEU G 410 -12.56 -20.99 -8.85
CA LEU G 410 -13.59 -20.38 -9.66
C LEU G 410 -13.83 -21.21 -10.90
N LYS G 411 -15.00 -21.02 -11.50
CA LYS G 411 -15.35 -21.60 -12.78
C LYS G 411 -15.88 -20.50 -13.69
N LYS G 412 -15.72 -20.69 -15.00
CA LYS G 412 -16.29 -19.76 -15.95
C LYS G 412 -17.81 -19.88 -15.98
N TYR G 413 -18.49 -18.74 -16.03
CA TYR G 413 -19.93 -18.68 -16.21
C TYR G 413 -20.26 -17.51 -17.14
N ARG G 414 -20.85 -17.82 -18.29
CA ARG G 414 -21.08 -16.84 -19.33
C ARG G 414 -22.48 -17.01 -19.91
N GLY G 415 -23.03 -15.91 -20.41
CA GLY G 415 -24.30 -15.98 -21.09
C GLY G 415 -24.16 -16.43 -22.53
N MET G 416 -25.21 -17.06 -23.04
CA MET G 416 -25.20 -17.53 -24.42
C MET G 416 -25.24 -16.39 -25.42
N GLY G 417 -25.48 -15.16 -24.99
CA GLY G 417 -25.42 -14.00 -25.84
C GLY G 417 -24.12 -13.23 -25.71
N SER G 418 -23.15 -13.83 -25.03
CA SER G 418 -21.82 -13.24 -24.93
C SER G 418 -21.08 -13.36 -26.25
N LEU G 419 -20.08 -12.49 -26.44
CA LEU G 419 -19.25 -12.56 -27.64
C LEU G 419 -18.45 -13.84 -27.68
N ASP G 420 -17.94 -14.29 -26.54
CA ASP G 420 -17.19 -15.53 -26.49
C ASP G 420 -18.04 -16.72 -26.93
N ALA G 421 -19.30 -16.75 -26.51
CA ALA G 421 -20.16 -17.87 -26.84
C ALA G 421 -20.64 -17.81 -28.29
N MET G 422 -20.39 -16.71 -28.99
CA MET G 422 -20.80 -16.59 -30.39
C MET G 422 -19.74 -17.05 -31.36
N GLU G 423 -18.54 -17.38 -30.90
CA GLU G 423 -17.49 -17.85 -31.80
C GLU G 423 -17.68 -19.32 -32.12
N VAL G 439 -22.42 -6.94 -37.95
CA VAL G 439 -21.71 -6.94 -36.68
C VAL G 439 -22.62 -7.50 -35.60
N LYS G 440 -22.06 -8.41 -34.79
CA LYS G 440 -22.83 -9.10 -33.77
C LYS G 440 -22.93 -8.24 -32.52
N ILE G 441 -24.14 -8.15 -31.96
CA ILE G 441 -24.41 -7.35 -30.78
C ILE G 441 -24.42 -8.28 -29.57
N ALA G 442 -23.65 -7.94 -28.54
CA ALA G 442 -23.61 -8.76 -27.33
C ALA G 442 -24.84 -8.54 -26.48
N GLN G 443 -25.43 -9.63 -26.01
CA GLN G 443 -26.59 -9.59 -25.12
C GLN G 443 -26.32 -10.23 -23.77
N GLY G 444 -25.06 -10.59 -23.49
CA GLY G 444 -24.71 -11.19 -22.22
C GLY G 444 -23.29 -10.84 -21.87
N VAL G 445 -22.86 -11.31 -20.69
CA VAL G 445 -21.49 -11.13 -20.22
C VAL G 445 -20.97 -12.47 -19.70
N SER G 446 -19.65 -12.52 -19.55
CA SER G 446 -18.96 -13.70 -19.05
C SER G 446 -18.24 -13.34 -17.76
N GLY G 447 -18.41 -14.17 -16.73
CA GLY G 447 -17.75 -13.97 -15.46
C GLY G 447 -17.36 -15.28 -14.81
N SER G 448 -17.14 -15.25 -13.50
CA SER G 448 -16.73 -16.43 -12.74
C SER G 448 -17.53 -16.54 -11.46
N ILE G 449 -17.74 -17.78 -11.01
CA ILE G 449 -18.48 -18.07 -9.79
C ILE G 449 -17.63 -18.95 -8.88
N GLN G 450 -17.69 -18.70 -7.58
CA GLN G 450 -16.94 -19.49 -6.62
C GLN G 450 -17.48 -20.91 -6.51
N ASP G 451 -16.58 -21.85 -6.21
CA ASP G 451 -16.94 -23.26 -6.09
C ASP G 451 -17.88 -23.48 -4.91
N LYS G 452 -18.76 -24.47 -5.06
CA LYS G 452 -19.73 -24.83 -4.04
C LYS G 452 -19.76 -26.32 -3.72
N GLY G 453 -18.94 -27.14 -4.36
CA GLY G 453 -18.97 -28.57 -4.11
C GLY G 453 -19.80 -29.30 -5.15
N SER G 454 -20.52 -30.33 -4.71
CA SER G 454 -21.22 -31.24 -5.60
C SER G 454 -22.72 -30.95 -5.62
N ILE G 455 -23.34 -31.17 -6.79
CA ILE G 455 -24.79 -31.06 -6.91
C ILE G 455 -25.48 -31.97 -5.92
N GLN G 456 -24.96 -33.18 -5.74
CA GLN G 456 -25.60 -34.16 -4.87
C GLN G 456 -25.52 -33.77 -3.40
N LYS G 457 -24.76 -32.74 -3.06
CA LYS G 457 -24.79 -32.14 -1.74
C LYS G 457 -25.55 -30.82 -1.68
N PHE G 458 -25.50 -30.04 -2.77
CA PHE G 458 -26.12 -28.73 -2.81
C PHE G 458 -27.65 -28.81 -2.95
N VAL G 459 -28.13 -29.75 -3.77
CA VAL G 459 -29.57 -29.81 -4.05
C VAL G 459 -30.39 -30.18 -2.81
N PRO G 460 -30.01 -31.18 -2.01
CA PRO G 460 -30.80 -31.45 -0.79
C PRO G 460 -30.88 -30.27 0.16
N TYR G 461 -29.87 -29.41 0.19
CA TYR G 461 -29.96 -28.18 0.95
C TYR G 461 -31.11 -27.30 0.44
N LEU G 462 -31.19 -27.12 -0.88
CA LEU G 462 -32.28 -26.34 -1.46
C LEU G 462 -33.62 -26.98 -1.17
N ILE G 463 -33.71 -28.30 -1.27
CA ILE G 463 -34.96 -28.99 -0.98
C ILE G 463 -35.40 -28.74 0.45
N ALA G 464 -34.46 -28.84 1.40
CA ALA G 464 -34.78 -28.60 2.79
C ALA G 464 -35.25 -27.16 3.02
N GLY G 465 -34.58 -26.19 2.39
CA GLY G 465 -35.00 -24.81 2.49
C GLY G 465 -36.41 -24.59 1.96
N ILE G 466 -36.73 -25.19 0.82
CA ILE G 466 -38.07 -25.06 0.25
C ILE G 466 -39.12 -25.69 1.16
N GLN G 467 -38.81 -26.87 1.72
CA GLN G 467 -39.75 -27.53 2.61
C GLN G 467 -39.99 -26.69 3.87
N HIS G 468 -38.93 -26.05 4.39
CA HIS G 468 -39.08 -25.19 5.54
C HIS G 468 -39.93 -23.95 5.22
N GLY G 469 -39.72 -23.34 4.06
CA GLY G 469 -40.55 -22.21 3.67
C GLY G 469 -42.00 -22.60 3.52
N CYS G 470 -42.27 -23.75 2.91
CA CYS G 470 -43.64 -24.23 2.77
C CYS G 470 -44.26 -24.49 4.14
N GLN G 471 -43.49 -25.04 5.08
CA GLN G 471 -44.02 -25.30 6.41
C GLN G 471 -44.32 -23.99 7.15
N ASP G 472 -43.42 -23.01 7.06
CA ASP G 472 -43.66 -21.71 7.68
C ASP G 472 -44.93 -21.08 7.12
N ILE G 473 -45.14 -21.20 5.81
CA ILE G 473 -46.34 -20.66 5.19
C ILE G 473 -47.59 -21.41 5.63
N GLY G 474 -47.47 -22.73 5.80
CA GLY G 474 -48.61 -23.56 6.09
C GLY G 474 -49.12 -24.38 4.94
N ALA G 475 -48.28 -24.65 3.95
CA ALA G 475 -48.62 -25.48 2.81
C ALA G 475 -47.84 -26.79 2.90
N ARG G 476 -48.55 -27.91 2.88
CA ARG G 476 -47.89 -29.21 2.94
C ARG G 476 -47.58 -29.79 1.54
N SER G 477 -47.94 -29.08 0.48
CA SER G 477 -47.46 -29.40 -0.86
C SER G 477 -47.52 -28.14 -1.72
N LEU G 478 -46.74 -28.16 -2.81
CA LEU G 478 -46.69 -27.01 -3.72
C LEU G 478 -48.02 -26.83 -4.45
N ASP G 479 -48.73 -27.92 -4.74
CA ASP G 479 -50.07 -27.78 -5.29
C ASP G 479 -51.00 -27.04 -4.34
N VAL G 480 -50.97 -27.40 -3.05
CA VAL G 480 -51.78 -26.71 -2.05
C VAL G 480 -51.35 -25.26 -1.92
N LEU G 481 -50.05 -24.98 -2.10
CA LEU G 481 -49.57 -23.62 -2.07
C LEU G 481 -50.16 -22.78 -3.20
N ARG G 482 -50.13 -23.30 -4.43
CA ARG G 482 -50.66 -22.55 -5.56
C ARG G 482 -52.18 -22.40 -5.45
N SER G 483 -52.87 -23.43 -4.96
CA SER G 483 -54.32 -23.31 -4.82
C SER G 483 -54.69 -22.32 -3.72
N MET G 484 -53.89 -22.26 -2.65
CA MET G 484 -54.09 -21.24 -1.61
C MET G 484 -53.89 -19.85 -2.19
N MET G 485 -52.89 -19.69 -3.07
CA MET G 485 -52.71 -18.39 -3.71
C MET G 485 -53.89 -18.04 -4.61
N TYR G 486 -54.43 -19.00 -5.35
CA TYR G 486 -55.51 -18.66 -6.27
C TYR G 486 -56.84 -18.47 -5.55
N SER G 487 -57.01 -19.02 -4.35
CA SER G 487 -58.25 -18.81 -3.62
C SER G 487 -58.25 -17.50 -2.81
N GLY G 488 -57.11 -16.87 -2.62
CA GLY G 488 -57.01 -15.71 -1.76
C GLY G 488 -56.58 -15.99 -0.34
N GLU G 489 -56.49 -17.27 0.06
CA GLU G 489 -56.02 -17.60 1.40
C GLU G 489 -54.59 -17.13 1.64
N LEU G 490 -53.72 -17.28 0.63
CA LEU G 490 -52.35 -16.83 0.76
C LEU G 490 -52.27 -15.30 0.75
N LYS G 491 -51.42 -14.74 1.60
CA LYS G 491 -51.37 -13.30 1.81
C LYS G 491 -49.93 -12.80 1.70
N PHE G 492 -49.80 -11.58 1.18
CA PHE G 492 -48.52 -10.99 0.85
C PHE G 492 -48.45 -9.58 1.43
N GLU G 493 -47.23 -9.10 1.61
CA GLU G 493 -46.98 -7.71 1.92
C GLU G 493 -45.86 -7.17 1.04
N LYS G 494 -46.03 -5.93 0.58
CA LYS G 494 -44.98 -5.21 -0.12
C LYS G 494 -43.88 -4.77 0.85
N ARG G 495 -42.72 -4.46 0.30
CA ARG G 495 -41.57 -4.00 1.08
C ARG G 495 -41.06 -2.68 0.53
N THR G 496 -40.85 -1.72 1.42
CA THR G 496 -40.07 -0.54 1.07
C THR G 496 -38.58 -0.89 1.05
N MET G 497 -37.79 0.02 0.48
CA MET G 497 -36.34 -0.16 0.50
C MET G 497 -35.80 -0.23 1.93
N SER G 498 -36.38 0.56 2.85
CA SER G 498 -36.00 0.43 4.26
C SER G 498 -36.32 -0.96 4.78
N ALA G 499 -37.49 -1.50 4.44
CA ALA G 499 -37.84 -2.84 4.89
C ALA G 499 -36.89 -3.89 4.32
N GLN G 500 -36.47 -3.69 3.07
CA GLN G 500 -35.54 -4.62 2.44
C GLN G 500 -34.18 -4.58 3.13
N ILE G 501 -33.72 -3.38 3.51
CA ILE G 501 -32.49 -3.26 4.28
C ILE G 501 -32.64 -3.94 5.63
N GLU G 502 -33.78 -3.73 6.28
CA GLU G 502 -34.06 -4.34 7.57
C GLU G 502 -34.18 -5.85 7.49
N GLY G 503 -34.51 -6.39 6.31
CA GLY G 503 -34.63 -7.83 6.10
C GLY G 503 -33.31 -8.55 5.92
N GLY G 504 -32.21 -7.80 5.77
CA GLY G 504 -30.90 -8.40 5.62
C GLY G 504 -30.06 -8.27 6.88
N VAL G 505 -28.77 -8.54 6.73
CA VAL G 505 -27.82 -8.42 7.83
C VAL G 505 -27.44 -6.95 7.97
N HIS G 506 -27.66 -6.39 9.16
CA HIS G 506 -27.43 -4.98 9.38
C HIS G 506 -26.96 -4.75 10.81
N GLY G 507 -26.14 -3.72 10.99
CA GLY G 507 -25.76 -3.28 12.32
C GLY G 507 -24.65 -4.06 12.98
N LEU G 508 -23.82 -4.76 12.22
CA LEU G 508 -22.72 -5.55 12.76
C LEU G 508 -21.39 -4.97 12.30
N HIS G 509 -20.39 -4.99 13.20
CA HIS G 509 -19.02 -4.65 12.79
C HIS G 509 -18.51 -5.59 11.72
N SER G 510 -18.71 -6.90 11.91
CA SER G 510 -18.32 -7.88 10.91
C SER G 510 -19.11 -9.15 11.17
N TYR G 511 -19.19 -10.00 10.15
CA TYR G 511 -19.90 -11.26 10.28
C TYR G 511 -19.42 -12.20 9.18
N THR G 512 -19.72 -13.48 9.37
CA THR G 512 -19.35 -14.51 8.39
C THR G 512 -20.49 -15.51 8.19
N TYR H 14 -58.98 29.08 14.71
CA TYR H 14 -59.00 27.75 14.12
C TYR H 14 -57.68 27.45 13.41
N VAL H 15 -57.22 26.21 13.54
CA VAL H 15 -56.03 25.75 12.85
C VAL H 15 -56.36 24.41 12.21
N PRO H 16 -56.07 24.20 10.93
CA PRO H 16 -56.34 22.89 10.31
C PRO H 16 -55.33 21.86 10.78
N GLU H 17 -55.73 20.59 10.70
CA GLU H 17 -54.85 19.51 11.12
C GLU H 17 -53.74 19.27 10.11
N ASP H 18 -52.60 18.84 10.63
CA ASP H 18 -51.43 18.47 9.84
C ASP H 18 -51.11 17.00 10.11
N GLY H 19 -50.56 16.33 9.11
CA GLY H 19 -50.10 14.96 9.31
C GLY H 19 -51.18 13.90 9.21
N LEU H 20 -50.76 12.67 9.53
CA LEU H 20 -51.60 11.49 9.45
C LEU H 20 -51.74 10.84 10.83
N THR H 21 -52.90 10.23 11.07
CA THR H 21 -53.03 9.30 12.18
C THR H 21 -52.32 7.99 11.85
N ALA H 22 -52.17 7.13 12.85
CA ALA H 22 -51.56 5.83 12.62
C ALA H 22 -52.42 4.99 11.67
N GLN H 23 -53.74 5.05 11.85
CA GLN H 23 -54.65 4.34 10.97
C GLN H 23 -54.50 4.80 9.52
N GLN H 24 -54.36 6.10 9.29
CA GLN H 24 -54.13 6.60 7.95
C GLN H 24 -52.74 6.23 7.45
N LEU H 25 -51.75 6.26 8.32
CA LEU H 25 -50.38 5.92 7.96
C LEU H 25 -50.30 4.51 7.40
N PHE H 26 -51.01 3.56 8.00
CA PHE H 26 -50.87 2.17 7.58
C PHE H 26 -51.95 1.73 6.60
N ALA H 27 -52.80 2.64 6.13
CA ALA H 27 -53.89 2.25 5.24
C ALA H 27 -53.40 1.93 3.83
N SER H 28 -52.30 2.55 3.40
CA SER H 28 -51.80 2.34 2.05
C SER H 28 -51.23 0.94 1.84
N ALA H 29 -50.76 0.28 2.90
CA ALA H 29 -50.16 -1.05 2.82
C ALA H 29 -48.86 -1.00 2.01
N ASP H 30 -47.92 -0.18 2.46
CA ASP H 30 -46.65 -0.03 1.76
C ASP H 30 -45.59 -1.02 2.24
N GLY H 31 -45.72 -1.52 3.47
CA GLY H 31 -44.64 -2.28 4.08
C GLY H 31 -43.63 -1.38 4.75
N LEU H 32 -44.09 -0.60 5.71
CA LEU H 32 -43.27 0.40 6.38
C LEU H 32 -42.45 -0.20 7.52
N THR H 33 -41.25 0.34 7.69
CA THR H 33 -40.42 0.08 8.85
C THR H 33 -40.23 1.38 9.64
N TYR H 34 -39.43 1.30 10.71
CA TYR H 34 -39.24 2.45 11.59
C TYR H 34 -38.64 3.65 10.86
N ASN H 35 -37.77 3.41 9.88
CA ASN H 35 -37.09 4.47 9.17
C ASN H 35 -37.94 5.11 8.08
N ASP H 36 -39.18 4.65 7.90
CA ASP H 36 -40.05 5.17 6.85
C ASP H 36 -40.95 6.30 7.30
N PHE H 37 -40.90 6.70 8.57
CA PHE H 37 -41.81 7.74 9.06
C PHE H 37 -41.18 8.44 10.27
N LEU H 38 -41.86 9.49 10.72
CA LEU H 38 -41.52 10.22 11.94
C LEU H 38 -42.79 10.57 12.69
N ILE H 39 -42.61 11.01 13.93
CA ILE H 39 -43.68 11.58 14.74
C ILE H 39 -43.55 13.10 14.71
N LEU H 40 -44.69 13.78 14.71
CA LEU H 40 -44.69 15.24 14.66
C LEU H 40 -44.70 15.82 16.09
N PRO H 41 -43.97 16.90 16.33
CA PRO H 41 -43.93 17.46 17.69
C PRO H 41 -45.26 18.04 18.14
N GLY H 42 -45.47 18.05 19.45
CA GLY H 42 -46.68 18.57 20.04
C GLY H 42 -46.47 19.82 20.89
N PHE H 43 -47.07 19.85 22.07
CA PHE H 43 -46.98 20.98 22.98
C PHE H 43 -46.28 20.55 24.27
N ILE H 44 -45.34 21.37 24.72
CA ILE H 44 -44.50 21.06 25.87
C ILE H 44 -44.97 21.91 27.05
N ASP H 45 -45.35 21.25 28.15
CA ASP H 45 -45.66 21.93 29.39
C ASP H 45 -45.15 21.15 30.61
N PHE H 46 -44.06 20.43 30.47
CA PHE H 46 -43.47 19.66 31.57
C PHE H 46 -42.02 19.41 31.21
N ILE H 47 -41.27 18.89 32.18
CA ILE H 47 -39.85 18.60 31.94
C ILE H 47 -39.67 17.11 31.67
N ALA H 48 -38.56 16.77 31.02
CA ALA H 48 -38.36 15.40 30.55
C ALA H 48 -38.25 14.41 31.71
N ASP H 49 -37.73 14.84 32.86
CA ASP H 49 -37.61 13.94 34.02
C ASP H 49 -38.96 13.63 34.65
N GLU H 50 -40.02 14.36 34.28
CA GLU H 50 -41.36 14.03 34.78
C GLU H 50 -41.99 12.86 34.02
N VAL H 51 -41.38 12.40 32.93
CA VAL H 51 -42.03 11.45 32.05
C VAL H 51 -42.01 10.06 32.67
N ASP H 52 -43.18 9.44 32.77
CA ASP H 52 -43.35 8.14 33.41
C ASP H 52 -43.21 7.01 32.38
N LEU H 53 -42.47 5.96 32.73
CA LEU H 53 -42.14 4.90 31.80
C LEU H 53 -42.66 3.53 32.23
N THR H 54 -43.63 3.47 33.13
CA THR H 54 -44.11 2.18 33.61
C THR H 54 -44.77 1.38 32.49
N SER H 55 -44.44 0.08 32.42
CA SER H 55 -44.80 -0.75 31.27
C SER H 55 -45.30 -2.11 31.72
N ALA H 56 -46.45 -2.52 31.18
CA ALA H 56 -46.93 -3.88 31.35
C ALA H 56 -46.08 -4.84 30.53
N LEU H 57 -45.61 -5.90 31.18
CA LEU H 57 -44.90 -6.99 30.52
C LEU H 57 -45.83 -8.15 30.18
N THR H 58 -46.66 -8.55 31.13
CA THR H 58 -47.67 -9.56 30.93
C THR H 58 -48.97 -9.04 31.53
N ARG H 59 -49.97 -9.92 31.59
CA ARG H 59 -51.21 -9.59 32.27
C ARG H 59 -50.98 -9.17 33.72
N LYS H 60 -49.94 -9.72 34.35
CA LYS H 60 -49.72 -9.56 35.77
C LYS H 60 -48.48 -8.76 36.13
N ILE H 61 -47.41 -8.85 35.37
CA ILE H 61 -46.13 -8.23 35.74
C ILE H 61 -46.04 -6.84 35.12
N THR H 62 -45.69 -5.85 35.94
CA THR H 62 -45.47 -4.48 35.50
C THR H 62 -44.04 -4.07 35.84
N LEU H 63 -43.39 -3.38 34.91
CA LEU H 63 -42.05 -2.85 35.12
C LEU H 63 -42.10 -1.32 35.10
N LYS H 64 -41.01 -0.72 35.59
CA LYS H 64 -40.85 0.73 35.55
C LYS H 64 -40.07 1.21 34.33
N THR H 65 -39.59 0.29 33.51
CA THR H 65 -38.79 0.56 32.34
C THR H 65 -39.27 -0.42 31.28
N PRO H 66 -39.30 -0.03 30.00
CA PRO H 66 -39.77 -0.97 28.97
C PRO H 66 -38.69 -1.82 28.32
N LEU H 67 -37.43 -1.75 28.76
CA LEU H 67 -36.34 -2.42 28.08
C LEU H 67 -36.18 -3.86 28.57
N ILE H 68 -35.94 -4.77 27.64
CA ILE H 68 -35.78 -6.20 27.92
C ILE H 68 -34.56 -6.70 27.17
N SER H 69 -33.84 -7.65 27.77
CA SER H 69 -32.69 -8.27 27.14
C SER H 69 -33.10 -9.58 26.47
N SER H 70 -32.63 -9.78 25.24
CA SER H 70 -33.06 -10.93 24.45
C SER H 70 -32.51 -12.24 25.01
N PRO H 71 -33.30 -13.33 25.02
CA PRO H 71 -32.77 -14.63 25.45
C PRO H 71 -31.87 -15.28 24.41
N MET H 72 -30.68 -14.72 24.22
CA MET H 72 -29.68 -15.24 23.31
C MET H 72 -28.42 -15.58 24.12
N ASP H 73 -27.66 -16.56 23.64
CA ASP H 73 -26.50 -17.02 24.41
C ASP H 73 -25.31 -16.08 24.32
N THR H 74 -25.39 -15.02 23.52
CA THR H 74 -24.41 -13.95 23.55
C THR H 74 -24.96 -12.66 24.14
N VAL H 75 -26.12 -12.71 24.82
CA VAL H 75 -26.69 -11.51 25.40
C VAL H 75 -26.98 -11.69 26.90
N THR H 76 -27.84 -12.65 27.26
CA THR H 76 -28.39 -12.71 28.62
C THR H 76 -27.97 -13.99 29.36
N GLU H 77 -27.18 -13.80 30.41
CA GLU H 77 -27.00 -14.74 31.51
C GLU H 77 -27.39 -14.03 32.81
N ALA H 78 -27.04 -14.64 33.94
CA ALA H 78 -27.42 -14.10 35.24
C ALA H 78 -26.91 -12.67 35.46
N ASP H 79 -25.71 -12.35 35.00
CA ASP H 79 -25.18 -11.01 35.24
C ASP H 79 -26.01 -9.96 34.50
N MET H 80 -26.25 -10.19 33.21
CA MET H 80 -27.08 -9.29 32.43
C MET H 80 -28.48 -9.21 33.04
N ALA H 81 -29.02 -10.34 33.48
CA ALA H 81 -30.36 -10.35 34.06
C ALA H 81 -30.43 -9.50 35.32
N ILE H 82 -29.46 -9.66 36.23
CA ILE H 82 -29.44 -8.88 37.47
C ILE H 82 -29.30 -7.40 37.16
N ALA H 83 -28.41 -7.05 36.24
CA ALA H 83 -28.21 -5.65 35.89
C ALA H 83 -29.48 -5.04 35.30
N MET H 84 -30.15 -5.77 34.39
CA MET H 84 -31.40 -5.29 33.81
C MET H 84 -32.46 -5.09 34.88
N ALA H 85 -32.63 -6.07 35.75
CA ALA H 85 -33.64 -5.97 36.80
C ALA H 85 -33.37 -4.79 37.72
N LEU H 86 -32.09 -4.56 38.07
CA LEU H 86 -31.74 -3.42 38.91
C LEU H 86 -32.02 -2.11 38.20
N MET H 87 -31.66 -2.02 36.92
CA MET H 87 -31.93 -0.82 36.14
C MET H 87 -33.41 -0.58 35.91
N GLY H 88 -34.25 -1.59 36.09
CA GLY H 88 -35.68 -1.42 35.96
C GLY H 88 -36.34 -2.24 34.88
N GLY H 89 -35.58 -3.01 34.11
CA GLY H 89 -36.12 -3.90 33.10
C GLY H 89 -36.16 -5.34 33.55
N ILE H 90 -35.73 -6.24 32.67
CA ILE H 90 -35.69 -7.67 32.96
C ILE H 90 -34.89 -8.37 31.88
N GLY H 91 -34.35 -9.54 32.22
CA GLY H 91 -33.70 -10.41 31.26
C GLY H 91 -34.39 -11.77 31.21
N PHE H 92 -34.33 -12.40 30.04
CA PHE H 92 -34.73 -13.80 29.88
C PHE H 92 -33.48 -14.64 29.68
N ILE H 93 -33.32 -15.69 30.47
CA ILE H 93 -32.19 -16.59 30.31
C ILE H 93 -32.40 -17.47 29.09
N HIS H 94 -31.39 -17.53 28.22
CA HIS H 94 -31.44 -18.40 27.06
C HIS H 94 -31.47 -19.87 27.48
N HIS H 95 -31.71 -20.74 26.50
CA HIS H 95 -31.75 -22.18 26.74
C HIS H 95 -30.88 -22.95 25.75
N ASN H 96 -29.87 -22.30 25.17
CA ASN H 96 -28.82 -22.98 24.43
C ASN H 96 -27.78 -23.54 25.40
N CYS H 97 -28.24 -24.42 26.28
CA CYS H 97 -27.44 -24.89 27.40
C CYS H 97 -28.17 -26.07 28.04
N THR H 98 -27.61 -26.58 29.14
CA THR H 98 -28.22 -27.66 29.89
C THR H 98 -29.34 -27.12 30.78
N PRO H 99 -30.38 -27.92 31.04
CA PRO H 99 -31.41 -27.48 32.00
C PRO H 99 -30.85 -27.16 33.39
N GLU H 100 -29.91 -27.96 33.89
CA GLU H 100 -29.31 -27.68 35.18
C GLU H 100 -28.56 -26.35 35.16
N PHE H 101 -27.82 -26.10 34.08
CA PHE H 101 -27.08 -24.84 33.95
C PHE H 101 -28.03 -23.65 33.95
N GLN H 102 -29.13 -23.75 33.19
CA GLN H 102 -30.09 -22.66 33.13
C GLN H 102 -30.75 -22.44 34.50
N ALA H 103 -31.10 -23.53 35.18
CA ALA H 103 -31.71 -23.40 36.50
C ALA H 103 -30.75 -22.74 37.47
N ASN H 104 -29.46 -23.08 37.38
CA ASN H 104 -28.47 -22.45 38.25
C ASN H 104 -28.35 -20.96 37.97
N GLU H 105 -28.39 -20.58 36.70
CA GLU H 105 -28.37 -19.16 36.34
C GLU H 105 -29.57 -18.42 36.94
N VAL H 106 -30.76 -19.03 36.83
CA VAL H 106 -31.96 -18.42 37.39
C VAL H 106 -31.85 -18.31 38.91
N ARG H 107 -31.29 -19.33 39.55
CA ARG H 107 -31.08 -19.30 40.99
C ARG H 107 -30.14 -18.16 41.39
N LYS H 108 -29.06 -17.98 40.63
CA LYS H 108 -28.14 -16.88 40.92
C LYS H 108 -28.86 -15.54 40.83
N VAL H 109 -29.69 -15.34 39.80
CA VAL H 109 -30.44 -14.09 39.71
C VAL H 109 -31.38 -13.94 40.90
N LYS H 110 -32.08 -15.03 41.25
CA LYS H 110 -33.14 -14.94 42.25
C LYS H 110 -32.63 -14.74 43.67
N LYS H 111 -31.42 -15.23 43.98
CA LYS H 111 -30.88 -15.11 45.33
C LYS H 111 -29.90 -13.94 45.46
N PHE H 112 -29.76 -13.12 44.43
CA PHE H 112 -28.91 -11.94 44.51
C PHE H 112 -29.40 -10.99 45.59
N GLU H 113 -28.45 -10.33 46.26
CA GLU H 113 -28.74 -9.27 47.22
C GLU H 113 -27.72 -8.17 47.01
N GLN H 114 -28.12 -6.93 47.31
CA GLN H 114 -27.22 -5.81 47.11
C GLN H 114 -26.30 -5.65 48.31
N GLY H 115 -24.99 -5.64 48.05
CA GLY H 115 -24.00 -5.55 49.10
C GLY H 115 -23.60 -6.86 49.73
N PHE H 116 -24.19 -7.97 49.31
CA PHE H 116 -23.87 -9.28 49.87
C PHE H 116 -23.13 -10.12 48.85
N ILE H 117 -22.38 -11.11 49.34
CA ILE H 117 -21.70 -12.05 48.48
C ILE H 117 -22.66 -13.18 48.13
N THR H 118 -22.63 -13.59 46.86
CA THR H 118 -23.48 -14.67 46.37
C THR H 118 -22.63 -15.91 46.18
N ASP H 119 -22.99 -16.99 46.88
CA ASP H 119 -22.19 -18.21 46.88
C ASP H 119 -20.78 -17.93 47.40
N PRO H 120 -20.62 -17.68 48.70
CA PRO H 120 -19.28 -17.51 49.27
C PRO H 120 -18.46 -18.79 49.18
N VAL H 121 -17.15 -18.63 49.09
CA VAL H 121 -16.23 -19.76 49.18
C VAL H 121 -15.92 -20.01 50.65
N VAL H 122 -15.96 -21.27 51.06
CA VAL H 122 -15.75 -21.66 52.44
C VAL H 122 -14.79 -22.84 52.49
N LEU H 123 -14.16 -23.04 53.65
CA LEU H 123 -13.24 -24.14 53.89
C LEU H 123 -13.39 -24.62 55.33
N SER H 124 -12.83 -25.79 55.60
CA SER H 124 -12.84 -26.37 56.93
C SER H 124 -11.49 -26.19 57.61
N PRO H 125 -11.44 -26.25 58.94
CA PRO H 125 -10.14 -26.08 59.64
C PRO H 125 -9.12 -27.13 59.28
N SER H 126 -9.54 -28.28 58.75
CA SER H 126 -8.62 -29.34 58.36
C SER H 126 -8.00 -29.12 56.99
N HIS H 127 -8.37 -28.04 56.31
CA HIS H 127 -7.71 -27.70 55.05
C HIS H 127 -6.33 -27.09 55.34
N THR H 128 -5.54 -26.95 54.28
CA THR H 128 -4.19 -26.44 54.38
C THR H 128 -4.09 -25.03 53.81
N VAL H 129 -3.01 -24.33 54.20
CA VAL H 129 -2.75 -23.01 53.64
C VAL H 129 -2.55 -23.11 52.13
N GLY H 130 -2.13 -24.29 51.65
CA GLY H 130 -2.09 -24.49 50.22
C GLY H 130 -3.45 -24.37 49.57
N ASP H 131 -4.49 -24.84 50.27
CA ASP H 131 -5.85 -24.67 49.76
C ASP H 131 -6.22 -23.21 49.62
N VAL H 132 -5.87 -22.39 50.63
CA VAL H 132 -6.15 -20.97 50.56
C VAL H 132 -5.38 -20.32 49.42
N LEU H 133 -4.11 -20.70 49.26
CA LEU H 133 -3.32 -20.14 48.16
C LEU H 133 -3.91 -20.52 46.81
N GLU H 134 -4.38 -21.75 46.67
CA GLU H 134 -4.98 -22.18 45.41
C GLU H 134 -6.29 -21.44 45.15
N ALA H 135 -7.10 -21.25 46.19
CA ALA H 135 -8.32 -20.48 46.04
C ALA H 135 -8.02 -19.06 45.59
N LYS H 136 -7.01 -18.44 46.21
CA LYS H 136 -6.57 -17.12 45.76
C LYS H 136 -6.17 -17.16 44.29
N MET H 137 -5.35 -18.13 43.89
CA MET H 137 -4.84 -18.17 42.53
C MET H 137 -5.97 -18.34 41.52
N ARG H 138 -6.96 -19.17 41.84
CA ARG H 138 -7.98 -19.55 40.87
C ARG H 138 -9.27 -18.77 40.99
N HIS H 139 -9.41 -17.86 41.96
CA HIS H 139 -10.60 -17.01 42.06
C HIS H 139 -10.30 -15.52 42.20
N GLY H 140 -9.13 -15.15 42.71
CA GLY H 140 -8.75 -13.77 42.83
C GLY H 140 -8.86 -13.15 44.20
N PHE H 141 -9.28 -13.92 45.22
CA PHE H 141 -9.45 -13.37 46.55
C PHE H 141 -9.05 -14.41 47.59
N SER H 142 -8.81 -13.95 48.81
CA SER H 142 -8.36 -14.81 49.89
C SER H 142 -9.10 -14.63 51.21
N GLY H 143 -10.13 -13.79 51.27
CA GLY H 143 -10.86 -13.60 52.50
C GLY H 143 -11.91 -14.67 52.70
N ILE H 144 -11.47 -15.88 53.04
CA ILE H 144 -12.30 -17.07 53.04
C ILE H 144 -12.62 -17.43 54.49
N PRO H 145 -13.90 -17.42 54.89
CA PRO H 145 -14.24 -17.89 56.24
C PRO H 145 -14.08 -19.40 56.38
N ILE H 146 -13.96 -19.83 57.64
CA ILE H 146 -13.74 -21.23 57.99
C ILE H 146 -14.95 -21.72 58.78
N THR H 147 -15.44 -22.91 58.45
CA THR H 147 -16.60 -23.49 59.12
C THR H 147 -16.28 -24.93 59.51
N GLU H 148 -17.01 -25.42 60.51
CA GLU H 148 -16.74 -26.76 61.03
C GLU H 148 -16.78 -27.82 59.93
N THR H 149 -17.83 -27.83 59.13
CA THR H 149 -18.00 -28.82 58.07
C THR H 149 -17.38 -28.39 56.75
N GLY H 150 -16.81 -27.18 56.69
CA GLY H 150 -16.22 -26.70 55.46
C GLY H 150 -17.19 -26.10 54.46
N THR H 151 -18.42 -25.83 54.88
CA THR H 151 -19.45 -25.33 53.98
C THR H 151 -20.49 -24.58 54.81
N MET H 152 -21.38 -23.88 54.12
CA MET H 152 -22.36 -23.05 54.81
C MET H 152 -23.35 -23.91 55.57
N GLY H 153 -23.97 -23.30 56.59
CA GLY H 153 -24.96 -23.99 57.38
C GLY H 153 -24.42 -24.78 58.55
N SER H 154 -23.22 -24.46 59.02
CA SER H 154 -22.64 -25.14 60.17
C SER H 154 -21.86 -24.13 61.01
N LYS H 155 -21.45 -24.56 62.20
CA LYS H 155 -20.84 -23.66 63.16
C LYS H 155 -19.63 -22.95 62.56
N LEU H 156 -19.58 -21.62 62.75
CA LEU H 156 -18.46 -20.83 62.29
C LEU H 156 -17.31 -20.92 63.28
N VAL H 157 -16.09 -21.11 62.78
CA VAL H 157 -14.93 -21.29 63.63
C VAL H 157 -13.86 -20.22 63.44
N GLY H 158 -13.77 -19.60 62.26
CA GLY H 158 -12.74 -18.59 62.06
C GLY H 158 -12.73 -18.10 60.62
N ILE H 159 -11.71 -17.29 60.32
CA ILE H 159 -11.51 -16.72 58.99
C ILE H 159 -10.02 -16.59 58.73
N VAL H 160 -9.66 -16.69 57.45
CA VAL H 160 -8.27 -16.62 57.00
C VAL H 160 -8.19 -15.65 55.84
N THR H 161 -7.19 -14.77 55.87
CA THR H 161 -7.01 -13.78 54.81
C THR H 161 -5.53 -13.64 54.46
N SER H 162 -5.27 -12.67 53.58
CA SER H 162 -3.92 -12.45 53.08
C SER H 162 -2.95 -12.11 54.21
N ARG H 163 -3.38 -11.29 55.16
CA ARG H 163 -2.48 -10.92 56.24
C ARG H 163 -2.31 -12.02 57.27
N ASP H 164 -3.11 -13.09 57.18
CA ASP H 164 -2.84 -14.31 57.94
C ASP H 164 -1.92 -15.27 57.19
N ILE H 165 -1.90 -15.21 55.87
CA ILE H 165 -1.16 -16.18 55.06
C ILE H 165 0.17 -15.63 54.56
N ASP H 166 0.40 -14.32 54.67
CA ASP H 166 1.41 -13.64 53.86
C ASP H 166 2.84 -13.86 54.33
N PHE H 167 3.09 -14.02 55.63
CA PHE H 167 4.45 -14.09 56.14
C PHE H 167 4.92 -15.52 56.41
N LEU H 168 4.12 -16.52 56.03
CA LEU H 168 4.54 -17.91 56.23
C LEU H 168 5.59 -18.31 55.21
N ALA H 169 6.40 -19.29 55.59
CA ALA H 169 7.44 -19.82 54.71
C ALA H 169 6.80 -20.60 53.56
N GLU H 170 7.47 -20.55 52.40
CA GLU H 170 6.93 -21.21 51.21
C GLU H 170 6.86 -22.72 51.36
N LYS H 171 7.81 -23.34 52.08
CA LYS H 171 7.77 -24.77 52.29
C LYS H 171 6.62 -25.19 53.20
N ASP H 172 6.04 -24.24 53.93
CA ASP H 172 4.99 -24.55 54.89
C ASP H 172 3.68 -24.85 54.16
N HIS H 173 3.07 -25.98 54.50
CA HIS H 173 1.75 -26.37 53.99
C HIS H 173 0.86 -26.83 55.14
N THR H 174 1.11 -26.31 56.35
CA THR H 174 0.41 -26.77 57.53
C THR H 174 -1.08 -26.49 57.42
N THR H 175 -1.86 -27.21 58.22
CA THR H 175 -3.30 -27.03 58.22
C THR H 175 -3.68 -25.69 58.84
N LEU H 176 -4.93 -25.30 58.63
CA LEU H 176 -5.47 -24.09 59.24
C LEU H 176 -5.72 -24.38 60.73
N LEU H 177 -6.40 -23.45 61.40
CA LEU H 177 -6.65 -23.57 62.83
C LEU H 177 -5.33 -23.63 63.59
N VAL H 180 -2.97 -20.01 62.18
CA VAL H 180 -3.27 -19.32 60.93
C VAL H 180 -4.68 -18.74 60.98
N MET H 181 -5.64 -19.59 61.33
CA MET H 181 -7.03 -19.17 61.43
C MET H 181 -7.28 -18.45 62.74
N THR H 182 -7.86 -17.26 62.66
CA THR H 182 -8.25 -16.56 63.88
C THR H 182 -9.49 -17.21 64.47
N PRO H 183 -9.55 -17.42 65.78
CA PRO H 183 -10.66 -18.16 66.37
C PRO H 183 -11.97 -17.39 66.30
N ARG H 184 -13.07 -18.13 66.51
CA ARG H 184 -14.40 -17.53 66.48
C ARG H 184 -14.53 -16.48 67.59
N ILE H 185 -13.95 -16.75 68.76
CA ILE H 185 -14.06 -15.82 69.89
C ILE H 185 -13.55 -14.45 69.49
N GLU H 186 -12.63 -14.38 68.52
CA GLU H 186 -12.03 -13.13 68.10
C GLU H 186 -12.76 -12.48 66.92
N LEU H 187 -13.78 -13.13 66.38
CA LEU H 187 -14.46 -12.61 65.19
C LEU H 187 -15.48 -11.54 65.55
N VAL H 188 -15.70 -10.62 64.62
CA VAL H 188 -16.75 -9.61 64.71
C VAL H 188 -17.82 -9.97 63.68
N VAL H 189 -18.96 -10.45 64.16
CA VAL H 189 -20.02 -10.97 63.30
C VAL H 189 -21.33 -10.29 63.66
N ALA H 190 -22.33 -10.47 62.78
CA ALA H 190 -23.64 -9.88 62.97
C ALA H 190 -24.73 -10.94 62.82
N PRO H 191 -25.88 -10.77 63.47
CA PRO H 191 -26.95 -11.76 63.37
C PRO H 191 -27.62 -11.76 62.00
N ALA H 192 -28.37 -12.81 61.72
CA ALA H 192 -28.89 -13.03 60.37
C ALA H 192 -29.76 -11.90 59.88
N GLY H 193 -30.33 -11.09 60.76
CA GLY H 193 -31.19 -9.99 60.36
C GLY H 193 -30.45 -8.70 60.05
N VAL H 194 -29.33 -8.79 59.32
CA VAL H 194 -28.53 -7.60 59.03
C VAL H 194 -29.26 -6.72 58.02
N THR H 195 -29.16 -5.42 58.21
CA THR H 195 -29.52 -4.42 57.22
C THR H 195 -28.27 -3.63 56.85
N LEU H 196 -28.24 -3.10 55.63
CA LEU H 196 -27.01 -2.47 55.15
C LEU H 196 -26.55 -1.33 56.04
N LYS H 197 -27.45 -0.61 56.70
CA LYS H 197 -27.02 0.45 57.61
C LYS H 197 -26.28 -0.12 58.80
N GLU H 198 -26.80 -1.20 59.39
CA GLU H 198 -26.11 -1.84 60.50
C GLU H 198 -24.78 -2.43 60.05
N ALA H 199 -24.74 -2.97 58.82
CA ALA H 199 -23.47 -3.44 58.28
C ALA H 199 -22.48 -2.29 58.17
N ASN H 200 -22.93 -1.13 57.69
CA ASN H 200 -22.06 0.03 57.58
C ASN H 200 -21.52 0.45 58.94
N GLU H 201 -22.39 0.51 59.95
CA GLU H 201 -21.93 0.88 61.29
C GLU H 201 -20.91 -0.12 61.81
N ILE H 202 -21.21 -1.41 61.68
CA ILE H 202 -20.33 -2.44 62.22
C ILE H 202 -18.96 -2.37 61.54
N LEU H 203 -18.96 -2.27 60.20
CA LEU H 203 -17.69 -2.25 59.49
C LEU H 203 -16.91 -0.98 59.75
N GLN H 204 -17.60 0.16 59.87
CA GLN H 204 -16.90 1.40 60.18
C GLN H 204 -16.23 1.32 61.54
N ARG H 205 -16.91 0.72 62.52
CA ARG H 205 -16.31 0.57 63.85
C ARG H 205 -15.14 -0.40 63.81
N SER H 206 -15.30 -1.53 63.11
CA SER H 206 -14.35 -2.62 63.25
C SER H 206 -13.14 -2.47 62.33
N LYS H 207 -13.28 -1.79 61.20
CA LYS H 207 -12.19 -1.57 60.25
C LYS H 207 -11.79 -2.84 59.50
N LYS H 208 -12.56 -3.91 59.61
CA LYS H 208 -12.17 -5.18 59.00
C LYS H 208 -12.67 -5.28 57.57
N GLY H 209 -12.13 -6.25 56.85
CA GLY H 209 -12.41 -6.41 55.42
C GLY H 209 -13.57 -7.33 55.10
N LYS H 210 -14.02 -8.11 56.07
CA LYS H 210 -15.17 -9.00 55.91
C LYS H 210 -16.10 -8.83 57.10
N LEU H 211 -17.38 -9.13 56.88
CA LEU H 211 -18.40 -9.12 57.92
C LEU H 211 -19.24 -10.38 57.81
N PRO H 212 -18.82 -11.48 58.44
CA PRO H 212 -19.65 -12.68 58.43
C PRO H 212 -20.97 -12.46 59.13
N ILE H 213 -22.00 -13.18 58.66
CA ILE H 213 -23.33 -13.12 59.24
C ILE H 213 -23.72 -14.54 59.64
N VAL H 214 -24.15 -14.71 60.89
CA VAL H 214 -24.27 -16.03 61.50
C VAL H 214 -25.66 -16.21 62.09
N ASN H 215 -25.94 -17.45 62.50
CA ASN H 215 -27.20 -17.81 63.12
C ASN H 215 -27.07 -17.74 64.65
N ASP H 216 -28.17 -18.04 65.33
CA ASP H 216 -28.16 -18.01 66.80
C ASP H 216 -27.08 -18.91 67.38
N CYS H 217 -26.91 -20.10 66.80
CA CYS H 217 -25.87 -21.03 67.22
C CYS H 217 -24.62 -20.95 66.35
N ASP H 218 -24.29 -19.76 65.85
CA ASP H 218 -23.06 -19.49 65.13
C ASP H 218 -22.96 -20.23 63.80
N GLU H 219 -24.09 -20.52 63.15
CA GLU H 219 -24.06 -21.10 61.81
C GLU H 219 -23.90 -19.99 60.78
N LEU H 220 -22.86 -20.08 59.96
CA LEU H 220 -22.62 -19.08 58.93
C LEU H 220 -23.67 -19.20 57.84
N VAL H 221 -24.31 -18.07 57.51
CA VAL H 221 -25.32 -18.04 56.47
C VAL H 221 -25.09 -16.97 55.41
N ALA H 222 -24.36 -15.90 55.73
CA ALA H 222 -24.08 -14.86 54.75
C ALA H 222 -22.83 -14.10 55.18
N ILE H 223 -22.22 -13.40 54.22
CA ILE H 223 -20.98 -12.67 54.48
C ILE H 223 -20.93 -11.47 53.53
N ILE H 224 -20.39 -10.36 54.04
CA ILE H 224 -20.30 -9.11 53.31
C ILE H 224 -18.83 -8.74 53.15
N ALA H 225 -18.46 -8.23 51.99
CA ALA H 225 -17.12 -7.71 51.76
C ALA H 225 -17.13 -6.19 51.84
N ARG H 226 -16.12 -5.64 52.51
CA ARG H 226 -16.02 -4.19 52.65
C ARG H 226 -15.88 -3.51 51.30
N THR H 227 -15.08 -4.10 50.41
CA THR H 227 -14.91 -3.52 49.07
C THR H 227 -16.24 -3.41 48.35
N ASP H 228 -17.07 -4.46 48.41
CA ASP H 228 -18.38 -4.41 47.79
C ASP H 228 -19.26 -3.35 48.43
N LEU H 229 -19.25 -3.26 49.75
CA LEU H 229 -20.11 -2.31 50.45
C LEU H 229 -19.73 -0.87 50.14
N LYS H 230 -18.44 -0.61 49.91
CA LYS H 230 -18.01 0.74 49.59
C LYS H 230 -18.62 1.23 48.27
N LYS H 231 -18.93 0.32 47.36
CA LYS H 231 -19.46 0.66 46.05
C LYS H 231 -20.98 0.66 46.00
N ASN H 232 -21.64 0.76 47.15
CA ASN H 232 -23.09 0.62 47.18
C ASN H 232 -23.76 1.77 46.44
N ARG H 233 -24.93 1.49 45.87
CA ARG H 233 -25.70 2.48 45.14
C ARG H 233 -27.18 2.27 45.41
N ASP H 234 -27.98 3.25 45.00
CA ASP H 234 -29.42 3.16 45.12
C ASP H 234 -30.06 2.82 43.79
N TYR H 235 -31.06 1.95 43.84
CA TYR H 235 -31.81 1.50 42.67
C TYR H 235 -33.29 1.67 42.94
N PRO H 236 -33.81 2.90 42.81
CA PRO H 236 -35.23 3.13 43.11
C PRO H 236 -36.19 2.52 42.09
N LEU H 237 -35.70 1.99 40.98
CA LEU H 237 -36.53 1.43 39.92
C LEU H 237 -36.45 -0.08 39.80
N ALA H 238 -35.92 -0.78 40.81
CA ALA H 238 -35.60 -2.19 40.66
C ALA H 238 -36.86 -3.04 40.51
N SER H 239 -36.77 -4.09 39.70
CA SER H 239 -37.88 -5.01 39.44
C SER H 239 -37.84 -6.15 40.44
N LYS H 240 -38.75 -6.12 41.41
CA LYS H 240 -38.78 -7.09 42.50
C LYS H 240 -40.13 -7.80 42.55
N ASP H 241 -40.12 -9.02 43.06
CA ASP H 241 -41.34 -9.74 43.38
C ASP H 241 -41.73 -9.48 44.84
N SER H 242 -42.69 -10.26 45.34
CA SER H 242 -43.20 -10.02 46.68
C SER H 242 -42.11 -10.22 47.74
N GLN H 243 -41.23 -11.19 47.54
CA GLN H 243 -40.16 -11.47 48.48
C GLN H 243 -38.97 -10.53 48.31
N LYS H 244 -39.13 -9.41 47.61
CA LYS H 244 -38.08 -8.42 47.42
C LYS H 244 -36.92 -8.96 46.59
N GLN H 245 -37.11 -10.10 45.94
CA GLN H 245 -36.09 -10.67 45.07
C GLN H 245 -36.28 -10.16 43.65
N LEU H 246 -35.18 -10.08 42.92
CA LEU H 246 -35.21 -9.61 41.54
C LEU H 246 -36.03 -10.56 40.67
N LEU H 247 -36.71 -9.99 39.67
CA LEU H 247 -37.46 -10.79 38.71
C LEU H 247 -36.54 -11.35 37.63
N CYS H 248 -36.82 -12.59 37.22
CA CYS H 248 -36.07 -13.26 36.16
C CYS H 248 -37.04 -13.92 35.18
N GLY H 249 -36.59 -14.05 33.93
CA GLY H 249 -37.32 -14.80 32.93
C GLY H 249 -36.45 -15.85 32.26
N ALA H 250 -37.05 -16.84 31.62
CA ALA H 250 -36.30 -17.88 30.94
C ALA H 250 -36.95 -18.21 29.60
N ALA H 251 -36.13 -18.70 28.67
CA ALA H 251 -36.62 -19.24 27.41
C ALA H 251 -36.78 -20.75 27.50
N VAL H 252 -37.82 -21.27 26.83
CA VAL H 252 -38.07 -22.69 26.73
C VAL H 252 -38.54 -22.99 25.30
N GLY H 253 -38.30 -24.21 24.85
CA GLY H 253 -38.75 -24.68 23.56
C GLY H 253 -40.10 -25.36 23.62
N THR H 254 -40.41 -26.13 22.58
CA THR H 254 -41.70 -26.79 22.45
C THR H 254 -41.60 -28.31 22.34
N ARG H 255 -40.46 -28.91 22.63
CA ARG H 255 -40.30 -30.35 22.53
C ARG H 255 -40.64 -31.03 23.85
N GLU H 256 -40.42 -32.35 23.89
CA GLU H 256 -40.72 -33.13 25.09
C GLU H 256 -39.68 -32.92 26.17
N ASP H 257 -38.40 -32.75 25.79
CA ASP H 257 -37.36 -32.54 26.77
C ASP H 257 -37.55 -31.24 27.55
N ASP H 258 -38.38 -30.33 27.05
CA ASP H 258 -38.60 -29.05 27.71
C ASP H 258 -39.50 -29.17 28.93
N LYS H 259 -40.17 -30.32 29.11
CA LYS H 259 -40.94 -30.53 30.34
C LYS H 259 -40.02 -30.55 31.55
N TYR H 260 -38.92 -31.28 31.47
CA TYR H 260 -37.96 -31.33 32.56
C TYR H 260 -37.32 -29.97 32.79
N ARG H 261 -37.02 -29.25 31.70
CA ARG H 261 -36.46 -27.91 31.82
C ARG H 261 -37.42 -26.98 32.55
N LEU H 262 -38.71 -27.07 32.23
CA LEU H 262 -39.72 -26.30 32.94
C LEU H 262 -39.75 -26.67 34.42
N ASP H 263 -39.66 -27.96 34.73
CA ASP H 263 -39.64 -28.40 36.12
C ASP H 263 -38.48 -27.77 36.89
N LEU H 264 -37.28 -27.84 36.32
CA LEU H 264 -36.11 -27.30 37.00
C LEU H 264 -36.22 -25.79 37.16
N LEU H 265 -36.65 -25.08 36.11
CA LEU H 265 -36.74 -23.62 36.21
C LEU H 265 -37.81 -23.21 37.22
N THR H 266 -38.90 -23.96 37.30
CA THR H 266 -39.92 -23.65 38.30
C THR H 266 -39.41 -23.91 39.71
N GLN H 267 -38.58 -24.94 39.88
CA GLN H 267 -37.95 -25.14 41.19
C GLN H 267 -37.00 -23.99 41.51
N ALA H 268 -36.38 -23.40 40.48
CA ALA H 268 -35.47 -22.29 40.73
C ALA H 268 -36.20 -20.98 41.01
N GLY H 269 -37.52 -20.94 40.88
CA GLY H 269 -38.28 -19.75 41.19
C GLY H 269 -38.44 -18.75 40.07
N VAL H 270 -38.43 -19.20 38.82
CA VAL H 270 -38.55 -18.29 37.69
C VAL H 270 -39.93 -17.64 37.69
N ASP H 271 -40.00 -16.40 37.22
CA ASP H 271 -41.22 -15.60 37.27
C ASP H 271 -42.01 -15.60 35.97
N VAL H 272 -41.35 -15.64 34.82
CA VAL H 272 -42.02 -15.53 33.54
C VAL H 272 -41.26 -16.39 32.53
N ILE H 273 -42.01 -17.08 31.68
CA ILE H 273 -41.48 -17.96 30.65
C ILE H 273 -41.85 -17.40 29.29
N VAL H 274 -40.91 -17.44 28.35
CA VAL H 274 -41.18 -17.13 26.95
C VAL H 274 -40.92 -18.39 26.13
N LEU H 275 -41.89 -18.76 25.30
CA LEU H 275 -41.75 -19.87 24.36
C LEU H 275 -41.04 -19.38 23.12
N ASP H 276 -39.87 -19.93 22.84
CA ASP H 276 -38.91 -19.37 21.91
C ASP H 276 -39.00 -20.10 20.56
N SER H 277 -39.57 -19.44 19.56
CA SER H 277 -39.60 -19.97 18.21
C SER H 277 -39.80 -18.85 17.20
N SER H 278 -39.48 -19.16 15.94
CA SER H 278 -39.53 -18.17 14.88
C SER H 278 -40.96 -17.97 14.35
N GLN H 279 -41.84 -18.93 14.62
CA GLN H 279 -43.21 -18.97 14.09
C GLN H 279 -44.05 -19.68 15.15
N GLY H 280 -44.70 -18.87 16.00
CA GLY H 280 -45.37 -19.40 17.18
C GLY H 280 -46.73 -20.00 16.94
N ASN H 281 -47.28 -19.85 15.73
CA ASN H 281 -48.63 -20.32 15.42
C ASN H 281 -48.55 -21.78 14.96
N SER H 282 -48.58 -22.69 15.94
CA SER H 282 -48.42 -24.11 15.66
C SER H 282 -49.05 -24.93 16.77
N VAL H 283 -49.46 -26.15 16.39
CA VAL H 283 -50.01 -27.11 17.35
C VAL H 283 -49.02 -27.41 18.46
N TYR H 284 -47.72 -27.43 18.15
CA TYR H 284 -46.72 -27.68 19.17
C TYR H 284 -46.76 -26.63 20.27
N GLN H 285 -46.69 -25.36 19.89
CA GLN H 285 -46.71 -24.29 20.89
C GLN H 285 -48.06 -24.23 21.60
N ILE H 286 -49.16 -24.46 20.90
CA ILE H 286 -50.45 -24.42 21.55
C ILE H 286 -50.55 -25.51 22.62
N ALA H 287 -50.08 -26.72 22.30
CA ALA H 287 -50.07 -27.79 23.30
C ALA H 287 -49.16 -27.45 24.48
N MET H 288 -47.99 -26.86 24.20
CA MET H 288 -47.08 -26.51 25.28
C MET H 288 -47.70 -25.45 26.21
N VAL H 289 -48.40 -24.47 25.63
CA VAL H 289 -49.07 -23.46 26.44
C VAL H 289 -50.15 -24.11 27.31
N HIS H 290 -50.93 -25.00 26.72
CA HIS H 290 -51.96 -25.69 27.51
C HIS H 290 -51.35 -26.48 28.66
N TYR H 291 -50.24 -27.17 28.39
CA TYR H 291 -49.59 -27.96 29.42
C TYR H 291 -49.08 -27.08 30.56
N ILE H 292 -48.44 -25.97 30.22
CA ILE H 292 -47.92 -25.08 31.25
C ILE H 292 -49.06 -24.53 32.09
N LYS H 293 -50.16 -24.13 31.45
CA LYS H 293 -51.26 -23.57 32.21
C LYS H 293 -51.96 -24.61 33.07
N GLN H 294 -51.94 -25.87 32.65
CA GLN H 294 -52.51 -26.93 33.49
C GLN H 294 -51.63 -27.20 34.70
N LYS H 295 -50.32 -27.33 34.50
CA LYS H 295 -49.43 -27.80 35.56
C LYS H 295 -48.99 -26.70 36.51
N TYR H 296 -48.70 -25.49 36.00
CA TYR H 296 -48.23 -24.37 36.82
C TYR H 296 -49.15 -23.18 36.58
N PRO H 297 -50.37 -23.23 37.10
CA PRO H 297 -51.34 -22.14 36.85
C PRO H 297 -50.89 -20.77 37.37
N HIS H 298 -49.78 -20.68 38.10
CA HIS H 298 -49.29 -19.42 38.60
C HIS H 298 -48.29 -18.73 37.68
N LEU H 299 -47.79 -19.43 36.66
CA LEU H 299 -46.69 -18.94 35.85
C LEU H 299 -47.20 -18.10 34.68
N GLN H 300 -46.43 -17.06 34.34
CA GLN H 300 -46.77 -16.17 33.23
C GLN H 300 -46.04 -16.64 31.98
N VAL H 301 -46.79 -16.81 30.88
CA VAL H 301 -46.27 -17.37 29.64
C VAL H 301 -46.44 -16.33 28.53
N ILE H 302 -45.37 -16.08 27.79
CA ILE H 302 -45.38 -15.21 26.62
C ILE H 302 -45.30 -16.08 25.38
N GLY H 303 -46.21 -15.85 24.43
CA GLY H 303 -46.34 -16.73 23.28
C GLY H 303 -45.30 -16.44 22.20
N GLY H 304 -44.97 -17.48 21.43
CA GLY H 304 -43.92 -17.40 20.43
C GLY H 304 -44.17 -16.35 19.40
N ASN H 305 -43.16 -16.14 18.55
CA ASN H 305 -43.14 -14.98 17.65
C ASN H 305 -44.26 -15.07 16.62
N VAL H 306 -45.02 -13.97 16.49
CA VAL H 306 -46.03 -13.82 15.46
C VAL H 306 -45.86 -12.44 14.85
N VAL H 307 -46.40 -12.27 13.64
CA VAL H 307 -46.48 -10.96 13.00
C VAL H 307 -47.87 -10.63 12.51
N THR H 308 -48.88 -11.43 12.86
CA THR H 308 -50.20 -11.36 12.26
C THR H 308 -51.26 -11.55 13.34
N ALA H 309 -52.42 -10.93 13.12
CA ALA H 309 -53.53 -11.04 14.06
C ALA H 309 -54.11 -12.44 14.11
N ALA H 310 -54.15 -13.12 12.95
CA ALA H 310 -54.65 -14.50 12.92
C ALA H 310 -53.74 -15.44 13.69
N GLN H 311 -52.42 -15.25 13.57
CA GLN H 311 -51.50 -15.93 14.47
C GLN H 311 -51.81 -15.62 15.93
N ALA H 312 -51.95 -14.33 16.25
CA ALA H 312 -52.13 -13.93 17.65
C ALA H 312 -53.39 -14.51 18.25
N LYS H 313 -54.43 -14.70 17.44
CA LYS H 313 -55.71 -15.18 17.96
C LYS H 313 -55.58 -16.58 18.56
N ASN H 314 -54.86 -17.47 17.87
CA ASN H 314 -54.73 -18.85 18.36
C ASN H 314 -54.01 -18.89 19.70
N LEU H 315 -52.95 -18.11 19.85
CA LEU H 315 -52.20 -18.13 21.10
C LEU H 315 -52.95 -17.41 22.22
N ILE H 316 -53.76 -16.40 21.90
CA ILE H 316 -54.56 -15.75 22.94
C ILE H 316 -55.69 -16.68 23.38
N ASP H 317 -56.22 -17.49 22.46
CA ASP H 317 -57.17 -18.53 22.85
C ASP H 317 -56.51 -19.60 23.70
N ALA H 318 -55.26 -19.96 23.36
CA ALA H 318 -54.55 -20.97 24.13
C ALA H 318 -54.32 -20.52 25.57
N GLY H 319 -54.22 -19.21 25.80
CA GLY H 319 -54.15 -18.69 27.16
C GLY H 319 -52.85 -18.01 27.53
N VAL H 320 -52.18 -17.37 26.58
CA VAL H 320 -50.93 -16.68 26.90
C VAL H 320 -51.22 -15.38 27.65
N ASP H 321 -50.17 -14.85 28.28
CA ASP H 321 -50.26 -13.56 28.94
C ASP H 321 -49.50 -12.46 28.20
N GLY H 322 -48.68 -12.82 27.21
CA GLY H 322 -47.96 -11.84 26.43
C GLY H 322 -47.61 -12.40 25.07
N LEU H 323 -47.27 -11.50 24.15
CA LEU H 323 -46.92 -11.88 22.79
C LEU H 323 -45.62 -11.22 22.36
N ARG H 324 -44.79 -12.01 21.69
CA ARG H 324 -43.53 -11.55 21.12
C ARG H 324 -43.74 -11.37 19.61
N VAL H 325 -43.36 -10.22 19.09
CA VAL H 325 -43.80 -9.77 17.77
C VAL H 325 -42.58 -9.41 16.95
N GLY H 326 -42.43 -10.03 15.79
CA GLY H 326 -41.28 -9.83 14.94
C GLY H 326 -40.87 -11.13 14.27
N MET H 327 -40.43 -11.03 13.02
CA MET H 327 -40.00 -12.19 12.24
C MET H 327 -39.22 -11.63 11.05
N GLY H 328 -37.90 -11.83 11.06
CA GLY H 328 -37.06 -11.37 9.98
C GLY H 328 -36.37 -10.05 10.22
N CYS H 329 -36.78 -9.28 11.22
CA CYS H 329 -36.29 -7.92 11.40
C CYS H 329 -34.96 -7.83 12.12
N GLY H 330 -34.57 -8.87 12.85
CA GLY H 330 -33.39 -8.78 13.68
C GLY H 330 -32.11 -8.55 12.88
N SER H 331 -31.11 -8.00 13.56
CA SER H 331 -29.85 -7.66 12.91
C SER H 331 -29.10 -8.87 12.38
N ILE H 332 -29.14 -9.98 13.11
CA ILE H 332 -28.40 -11.19 12.74
C ILE H 332 -29.30 -12.19 12.01
N CYS H 333 -30.36 -11.72 11.37
CA CYS H 333 -31.39 -12.58 10.77
C CYS H 333 -31.28 -12.62 9.26
N ILE H 334 -31.53 -13.80 8.69
CA ILE H 334 -31.58 -14.01 7.23
C ILE H 334 -32.83 -14.83 6.89
N THR H 335 -33.75 -14.93 7.85
CA THR H 335 -34.93 -15.75 7.68
C THR H 335 -35.76 -15.32 6.48
N GLN H 336 -35.88 -14.01 6.25
CA GLN H 336 -36.63 -13.55 5.09
C GLN H 336 -35.96 -13.99 3.79
N GLU H 337 -34.64 -13.86 3.72
CA GLU H 337 -33.91 -14.23 2.52
C GLU H 337 -33.99 -15.72 2.24
N VAL H 338 -34.14 -16.55 3.28
CA VAL H 338 -34.07 -17.99 3.13
C VAL H 338 -35.46 -18.64 3.04
N MET H 339 -36.47 -18.08 3.70
CA MET H 339 -37.80 -18.68 3.74
C MET H 339 -38.86 -17.90 2.98
N ALA H 340 -38.64 -16.61 2.70
CA ALA H 340 -39.63 -15.76 2.04
C ALA H 340 -40.83 -15.47 2.95
N CYS H 341 -40.61 -15.42 4.27
CA CYS H 341 -41.67 -15.24 5.25
C CYS H 341 -41.29 -14.14 6.22
N GLY H 342 -42.27 -13.35 6.64
CA GLY H 342 -42.03 -12.30 7.61
C GLY H 342 -42.97 -11.13 7.40
N ARG H 343 -42.55 -9.97 7.90
CA ARG H 343 -43.31 -8.74 7.83
C ARG H 343 -42.41 -7.58 8.20
N PRO H 344 -42.56 -6.41 7.58
CA PRO H 344 -41.91 -5.20 8.11
C PRO H 344 -42.40 -4.90 9.52
N GLN H 345 -41.44 -4.55 10.38
CA GLN H 345 -41.64 -4.61 11.83
C GLN H 345 -42.59 -3.54 12.34
N GLY H 346 -42.48 -2.31 11.82
CA GLY H 346 -43.41 -1.26 12.23
C GLY H 346 -44.86 -1.60 11.95
N THR H 347 -45.13 -2.11 10.75
CA THR H 347 -46.47 -2.57 10.40
C THR H 347 -46.92 -3.70 11.32
N ALA H 348 -46.06 -4.70 11.52
CA ALA H 348 -46.44 -5.86 12.33
C ALA H 348 -46.75 -5.46 13.77
N VAL H 349 -45.92 -4.60 14.36
CA VAL H 349 -46.18 -4.12 15.71
C VAL H 349 -47.52 -3.41 15.78
N TYR H 350 -47.75 -2.47 14.86
CA TYR H 350 -49.02 -1.73 14.92
C TYR H 350 -50.22 -2.67 14.80
N LYS H 351 -50.21 -3.57 13.79
CA LYS H 351 -51.37 -4.43 13.57
C LYS H 351 -51.62 -5.36 14.76
N VAL H 352 -50.56 -6.02 15.25
CA VAL H 352 -50.75 -7.01 16.32
C VAL H 352 -51.15 -6.32 17.62
N ALA H 353 -50.53 -5.18 17.95
CA ALA H 353 -50.89 -4.50 19.20
C ALA H 353 -52.33 -4.00 19.12
N GLU H 354 -52.74 -3.48 17.97
CA GLU H 354 -54.12 -3.03 17.80
C GLU H 354 -55.10 -4.18 18.02
N TYR H 355 -54.78 -5.37 17.51
CA TYR H 355 -55.68 -6.49 17.75
C TYR H 355 -55.64 -6.94 19.21
N ALA H 356 -54.44 -7.03 19.79
CA ALA H 356 -54.30 -7.72 21.08
C ALA H 356 -54.79 -6.87 22.25
N ARG H 357 -54.75 -5.54 22.14
CA ARG H 357 -55.24 -4.74 23.26
C ARG H 357 -56.73 -4.91 23.50
N ARG H 358 -57.46 -5.51 22.54
CA ARG H 358 -58.87 -5.80 22.76
C ARG H 358 -59.06 -6.81 23.90
N PHE H 359 -58.09 -7.69 24.10
CA PHE H 359 -58.18 -8.73 25.11
C PHE H 359 -57.25 -8.47 26.30
N GLY H 360 -56.66 -7.28 26.39
CA GLY H 360 -55.76 -6.97 27.47
C GLY H 360 -54.45 -7.71 27.44
N VAL H 361 -53.92 -8.00 26.26
CA VAL H 361 -52.65 -8.71 26.11
C VAL H 361 -51.61 -7.71 25.61
N PRO H 362 -50.55 -7.44 26.38
CA PRO H 362 -49.47 -6.59 25.86
C PRO H 362 -48.57 -7.34 24.90
N ILE H 363 -47.82 -6.59 24.10
CA ILE H 363 -46.89 -7.20 23.14
C ILE H 363 -45.49 -6.62 23.38
N ILE H 364 -44.49 -7.43 23.08
CA ILE H 364 -43.10 -6.99 23.04
C ILE H 364 -42.70 -6.82 21.58
N ALA H 365 -42.16 -5.66 21.25
CA ALA H 365 -41.53 -5.44 19.95
C ALA H 365 -40.10 -5.97 20.01
N ASP H 366 -39.82 -7.02 19.23
CA ASP H 366 -38.56 -7.73 19.30
C ASP H 366 -37.91 -7.78 17.92
N GLY H 367 -36.75 -7.16 17.80
CA GLY H 367 -35.94 -7.23 16.60
C GLY H 367 -35.84 -5.93 15.83
N GLY H 368 -34.65 -5.64 15.32
CA GLY H 368 -34.44 -4.49 14.45
C GLY H 368 -34.33 -3.14 15.14
N ILE H 369 -34.23 -3.10 16.47
CA ILE H 369 -34.03 -1.84 17.18
C ILE H 369 -32.55 -1.48 17.12
N GLN H 370 -32.22 -0.32 16.55
CA GLN H 370 -30.84 0.11 16.45
C GLN H 370 -30.57 1.47 17.08
N THR H 371 -31.61 2.24 17.40
CA THR H 371 -31.44 3.57 17.96
C THR H 371 -32.51 3.80 19.02
N VAL H 372 -32.35 4.89 19.76
CA VAL H 372 -33.36 5.28 20.76
C VAL H 372 -34.66 5.70 20.06
N GLY H 373 -34.53 6.33 18.88
CA GLY H 373 -35.71 6.70 18.12
C GLY H 373 -36.54 5.53 17.66
N HIS H 374 -35.89 4.39 17.37
CA HIS H 374 -36.64 3.18 17.08
C HIS H 374 -37.44 2.71 18.28
N VAL H 375 -36.87 2.82 19.49
CA VAL H 375 -37.60 2.44 20.70
C VAL H 375 -38.83 3.32 20.89
N VAL H 376 -38.65 4.63 20.69
CA VAL H 376 -39.77 5.57 20.84
C VAL H 376 -40.85 5.27 19.81
N LYS H 377 -40.45 4.96 18.57
CA LYS H 377 -41.40 4.59 17.53
C LYS H 377 -42.14 3.28 17.85
N ALA H 378 -41.44 2.29 18.37
CA ALA H 378 -42.08 1.02 18.73
C ALA H 378 -43.10 1.21 19.85
N LEU H 379 -42.75 2.04 20.85
CA LEU H 379 -43.70 2.32 21.92
C LEU H 379 -44.90 3.14 21.42
N ALA H 380 -44.68 4.05 20.46
CA ALA H 380 -45.79 4.85 19.96
C ALA H 380 -46.69 4.05 19.00
N LEU H 381 -46.15 3.03 18.33
CA LEU H 381 -46.99 2.18 17.47
C LEU H 381 -47.80 1.16 18.27
N GLY H 382 -47.68 1.14 19.60
CA GLY H 382 -48.57 0.37 20.45
C GLY H 382 -47.90 -0.68 21.31
N ALA H 383 -46.60 -0.93 21.13
CA ALA H 383 -45.92 -1.92 21.97
C ALA H 383 -45.88 -1.46 23.43
N SER H 384 -45.94 -2.44 24.33
CA SER H 384 -45.79 -2.18 25.76
C SER H 384 -44.34 -2.26 26.21
N THR H 385 -43.54 -3.11 25.56
CA THR H 385 -42.14 -3.28 25.90
C THR H 385 -41.35 -3.48 24.61
N VAL H 386 -40.03 -3.32 24.72
CA VAL H 386 -39.11 -3.47 23.61
C VAL H 386 -37.98 -4.40 24.02
N MET H 387 -37.61 -5.32 23.14
CA MET H 387 -36.55 -6.28 23.38
C MET H 387 -35.37 -5.95 22.46
N MET H 388 -34.16 -5.97 23.01
CA MET H 388 -32.96 -5.66 22.25
C MET H 388 -31.94 -6.77 22.37
N GLY H 389 -31.40 -7.21 21.22
CA GLY H 389 -30.25 -8.07 21.21
C GLY H 389 -28.95 -7.34 20.94
N SER H 390 -28.90 -6.63 19.82
CA SER H 390 -27.64 -6.05 19.36
C SER H 390 -27.24 -4.83 20.19
N LEU H 391 -28.21 -4.04 20.62
CA LEU H 391 -27.90 -2.84 21.40
C LEU H 391 -27.26 -3.21 22.74
N LEU H 392 -27.68 -4.30 23.36
CA LEU H 392 -27.12 -4.73 24.64
C LEU H 392 -25.90 -5.62 24.48
N ALA H 393 -25.58 -6.07 23.28
CA ALA H 393 -24.41 -6.90 23.09
C ALA H 393 -23.14 -6.09 23.28
N ALA H 394 -22.06 -6.78 23.60
CA ALA H 394 -20.73 -6.20 23.81
C ALA H 394 -20.67 -5.30 25.05
N THR H 395 -21.58 -5.48 25.99
CA THR H 395 -21.42 -4.86 27.30
C THR H 395 -20.68 -5.82 28.23
N THR H 396 -20.19 -5.28 29.35
CA THR H 396 -19.41 -6.11 30.27
C THR H 396 -20.25 -7.25 30.83
N GLU H 397 -21.52 -6.99 31.12
CA GLU H 397 -22.40 -8.02 31.65
C GLU H 397 -22.76 -9.07 30.62
N ALA H 398 -22.51 -8.82 29.34
CA ALA H 398 -22.85 -9.79 28.31
C ALA H 398 -21.93 -11.01 28.43
N PRO H 399 -22.43 -12.22 28.17
CA PRO H 399 -21.58 -13.41 28.22
C PRO H 399 -20.48 -13.36 27.17
N GLY H 400 -19.38 -14.03 27.48
CA GLY H 400 -18.21 -14.08 26.62
C GLY H 400 -17.11 -13.16 27.09
N GLU H 401 -15.90 -13.48 26.66
CA GLU H 401 -14.71 -12.71 26.99
C GLU H 401 -14.35 -11.81 25.81
N TYR H 402 -14.03 -10.56 26.12
CA TYR H 402 -13.65 -9.60 25.08
C TYR H 402 -12.50 -10.15 24.25
N PHE H 403 -12.27 -9.56 23.09
CA PHE H 403 -11.11 -9.90 22.28
C PHE H 403 -10.79 -8.71 21.39
N PHE H 404 -9.57 -8.70 20.87
CA PHE H 404 -9.05 -7.56 20.12
C PHE H 404 -8.86 -7.96 18.66
N SER H 405 -9.30 -7.10 17.76
CA SER H 405 -9.11 -7.31 16.33
C SER H 405 -8.83 -5.94 15.72
N ASP H 406 -7.56 -5.69 15.40
CA ASP H 406 -7.12 -4.40 14.87
C ASP H 406 -7.18 -3.30 15.94
N GLY H 407 -7.03 -3.67 17.20
CA GLY H 407 -6.92 -2.69 18.27
C GLY H 407 -8.24 -2.19 18.83
N VAL H 408 -9.35 -2.84 18.53
CA VAL H 408 -10.66 -2.43 19.02
C VAL H 408 -11.30 -3.62 19.73
N ARG H 409 -11.75 -3.40 20.96
CA ARG H 409 -12.35 -4.48 21.74
C ARG H 409 -13.67 -4.90 21.13
N LEU H 410 -13.90 -6.22 21.09
CA LEU H 410 -15.09 -6.78 20.47
C LEU H 410 -15.59 -7.96 21.30
N LYS H 411 -16.87 -8.29 21.12
CA LYS H 411 -17.48 -9.46 21.70
C LYS H 411 -18.20 -10.22 20.59
N LYS H 412 -18.32 -11.53 20.77
CA LYS H 412 -19.09 -12.34 19.83
C LYS H 412 -20.58 -12.06 19.98
N TYR H 413 -21.27 -11.94 18.84
CA TYR H 413 -22.71 -11.80 18.81
C TYR H 413 -23.25 -12.62 17.65
N ARG H 414 -24.05 -13.63 17.95
CA ARG H 414 -24.53 -14.58 16.95
C ARG H 414 -26.00 -14.85 17.14
N GLY H 415 -26.66 -15.22 16.04
CA GLY H 415 -28.06 -15.60 16.12
C GLY H 415 -28.22 -17.04 16.55
N MET H 416 -29.35 -17.32 17.19
CA MET H 416 -29.62 -18.67 17.66
C MET H 416 -29.89 -19.64 16.50
N GLY H 417 -30.05 -19.15 15.28
CA GLY H 417 -30.20 -19.99 14.11
C GLY H 417 -28.91 -20.12 13.34
N SER H 418 -27.80 -19.66 13.92
CA SER H 418 -26.49 -19.84 13.29
C SER H 418 -26.04 -21.30 13.41
N LEU H 419 -25.12 -21.69 12.51
CA LEU H 419 -24.58 -23.03 12.56
C LEU H 419 -23.79 -23.27 13.83
N ASP H 420 -23.03 -22.26 14.28
CA ASP H 420 -22.26 -22.39 15.51
C ASP H 420 -23.18 -22.66 16.70
N ALA H 421 -24.32 -21.98 16.75
CA ALA H 421 -25.23 -22.13 17.88
C ALA H 421 -26.01 -23.43 17.82
N MET H 422 -25.94 -24.16 16.71
CA MET H 422 -26.63 -25.44 16.58
C MET H 422 -25.80 -26.64 17.02
N GLU H 423 -24.52 -26.45 17.34
CA GLU H 423 -23.68 -27.56 17.78
C GLU H 423 -23.91 -27.84 19.26
N VAL H 439 -29.95 -32.36 6.89
CA VAL H 439 -28.98 -31.27 6.88
C VAL H 439 -29.62 -30.02 7.47
N LYS H 440 -28.90 -29.37 8.38
CA LYS H 440 -29.42 -28.22 9.09
C LYS H 440 -29.26 -26.96 8.25
N ILE H 441 -30.33 -26.15 8.18
CA ILE H 441 -30.34 -24.92 7.39
C ILE H 441 -30.09 -23.76 8.34
N ALA H 442 -29.12 -22.91 8.00
CA ALA H 442 -28.81 -21.76 8.83
C ALA H 442 -29.84 -20.65 8.63
N GLN H 443 -30.30 -20.08 9.75
CA GLN H 443 -31.23 -18.97 9.73
C GLN H 443 -30.67 -17.72 10.39
N GLY H 444 -29.38 -17.71 10.73
CA GLY H 444 -28.76 -16.55 11.33
C GLY H 444 -27.29 -16.51 10.97
N VAL H 445 -26.62 -15.46 11.45
CA VAL H 445 -25.19 -15.28 11.25
C VAL H 445 -24.54 -14.92 12.58
N SER H 446 -23.22 -15.02 12.61
CA SER H 446 -22.44 -14.69 13.79
C SER H 446 -21.45 -13.59 13.43
N GLY H 447 -21.38 -12.57 14.28
CA GLY H 447 -20.46 -11.47 14.10
C GLY H 447 -19.96 -10.92 15.40
N SER H 448 -19.50 -9.67 15.40
CA SER H 448 -18.92 -9.04 16.58
C SER H 448 -19.45 -7.62 16.73
N ILE H 449 -19.51 -7.15 17.96
CA ILE H 449 -19.96 -5.81 18.30
C ILE H 449 -18.90 -5.13 19.16
N GLN H 450 -18.66 -3.85 18.89
CA GLN H 450 -17.68 -3.09 19.65
C GLN H 450 -18.12 -2.92 21.10
N ASP H 451 -17.15 -2.85 22.00
CA ASP H 451 -17.43 -2.72 23.42
C ASP H 451 -18.19 -1.43 23.71
N LYS H 452 -19.09 -1.49 24.69
CA LYS H 452 -19.96 -0.38 25.01
C LYS H 452 -19.99 -0.02 26.49
N GLY H 453 -19.21 -0.68 27.32
CA GLY H 453 -19.18 -0.33 28.74
C GLY H 453 -20.15 -1.18 29.52
N SER H 454 -20.69 -0.61 30.59
CA SER H 454 -21.56 -1.34 31.52
C SER H 454 -23.02 -1.04 31.24
N ILE H 455 -23.87 -2.04 31.48
CA ILE H 455 -25.31 -1.85 31.37
C ILE H 455 -25.78 -0.74 32.30
N GLN H 456 -25.20 -0.69 33.51
CA GLN H 456 -25.64 0.27 34.50
C GLN H 456 -25.27 1.70 34.13
N LYS H 457 -24.48 1.90 33.09
CA LYS H 457 -24.23 3.20 32.51
C LYS H 457 -24.96 3.42 31.20
N PHE H 458 -25.13 2.36 30.40
CA PHE H 458 -25.76 2.47 29.09
C PHE H 458 -27.27 2.66 29.19
N VAL H 459 -27.91 1.96 30.13
CA VAL H 459 -29.37 1.99 30.20
C VAL H 459 -29.91 3.36 30.59
N PRO H 460 -29.36 4.05 31.59
CA PRO H 460 -29.87 5.41 31.89
C PRO H 460 -29.76 6.37 30.73
N TYR H 461 -28.77 6.19 29.84
CA TYR H 461 -28.71 6.98 28.62
C TYR H 461 -29.95 6.74 27.76
N LEU H 462 -30.32 5.46 27.57
CA LEU H 462 -31.52 5.15 26.80
C LEU H 462 -32.77 5.71 27.46
N ILE H 463 -32.85 5.61 28.78
CA ILE H 463 -34.00 6.15 29.49
C ILE H 463 -34.13 7.65 29.27
N ALA H 464 -33.00 8.36 29.35
CA ALA H 464 -33.02 9.81 29.13
C ALA H 464 -33.44 10.14 27.71
N GLY H 465 -32.94 9.39 26.73
CA GLY H 465 -33.36 9.61 25.34
C GLY H 465 -34.85 9.39 25.14
N ILE H 466 -35.40 8.34 25.74
CA ILE H 466 -36.82 8.07 25.62
C ILE H 466 -37.64 9.17 26.28
N GLN H 467 -37.21 9.62 27.46
CA GLN H 467 -37.94 10.70 28.14
C GLN H 467 -37.91 11.99 27.32
N HIS H 468 -36.77 12.27 26.67
CA HIS H 468 -36.67 13.44 25.81
C HIS H 468 -37.58 13.34 24.59
N GLY H 469 -37.64 12.15 23.96
CA GLY H 469 -38.56 11.97 22.85
C GLY H 469 -40.01 12.14 23.26
N CYS H 470 -40.38 11.58 24.41
CA CYS H 470 -41.74 11.74 24.91
C CYS H 470 -42.05 13.21 25.20
N GLN H 471 -41.08 13.94 25.73
CA GLN H 471 -41.31 15.36 26.00
C GLN H 471 -41.46 16.17 24.72
N ASP H 472 -40.61 15.89 23.72
CA ASP H 472 -40.74 16.57 22.43
C ASP H 472 -42.10 16.30 21.81
N ILE H 473 -42.58 15.06 21.93
CA ILE H 473 -43.90 14.72 21.39
C ILE H 473 -45.01 15.41 22.18
N GLY H 474 -44.85 15.53 23.49
CA GLY H 474 -45.89 16.05 24.34
C GLY H 474 -46.62 15.02 25.17
N ALA H 475 -46.00 13.87 25.42
CA ALA H 475 -46.58 12.82 26.25
C ALA H 475 -45.78 12.73 27.53
N ARG H 476 -46.45 12.84 28.68
CA ARG H 476 -45.77 12.74 29.95
C ARG H 476 -45.76 11.30 30.50
N SER H 477 -46.35 10.34 29.80
CA SER H 477 -46.16 8.93 30.09
C SER H 477 -46.43 8.12 28.82
N LEU H 478 -45.90 6.89 28.81
CA LEU H 478 -46.07 6.00 27.66
C LEU H 478 -47.52 5.59 27.49
N ASP H 479 -48.27 5.44 28.59
CA ASP H 479 -49.69 5.19 28.48
C ASP H 479 -50.41 6.33 27.76
N VAL H 480 -50.10 7.57 28.13
CA VAL H 480 -50.68 8.73 27.46
C VAL H 480 -50.26 8.79 26.00
N LEU H 481 -49.03 8.34 25.71
CA LEU H 481 -48.55 8.28 24.33
C LEU H 481 -49.39 7.32 23.49
N ARG H 482 -49.62 6.11 24.00
CA ARG H 482 -50.39 5.12 23.25
C ARG H 482 -51.85 5.55 23.11
N SER H 483 -52.41 6.17 24.15
CA SER H 483 -53.79 6.63 24.07
C SER H 483 -53.94 7.80 23.10
N MET H 484 -52.93 8.67 23.03
CA MET H 484 -52.92 9.73 22.03
C MET H 484 -52.86 9.14 20.62
N MET H 485 -52.08 8.07 20.45
CA MET H 485 -52.04 7.40 19.15
C MET H 485 -53.39 6.79 18.80
N TYR H 486 -54.08 6.18 19.76
CA TYR H 486 -55.34 5.51 19.42
C TYR H 486 -56.48 6.49 19.26
N SER H 487 -56.38 7.71 19.83
CA SER H 487 -57.43 8.69 19.63
C SER H 487 -57.28 9.49 18.33
N GLY H 488 -56.13 9.45 17.68
CA GLY H 488 -55.85 10.28 16.53
C GLY H 488 -55.14 11.58 16.82
N GLU H 489 -54.95 11.93 18.10
CA GLU H 489 -54.20 13.13 18.46
C GLU H 489 -52.75 13.05 17.95
N LEU H 490 -52.12 11.89 18.08
CA LEU H 490 -50.76 11.73 17.61
C LEU H 490 -50.70 11.71 16.08
N LYS H 491 -49.70 12.38 15.52
CA LYS H 491 -49.61 12.59 14.08
C LYS H 491 -48.25 12.18 13.56
N PHE H 492 -48.24 11.67 12.33
CA PHE H 492 -47.06 11.08 11.71
C PHE H 492 -46.89 11.65 10.32
N GLU H 493 -45.66 11.57 9.81
CA GLU H 493 -45.37 11.84 8.41
C GLU H 493 -44.47 10.74 7.86
N LYS H 494 -44.74 10.34 6.61
CA LYS H 494 -43.87 9.45 5.87
C LYS H 494 -42.60 10.16 5.43
N ARG H 495 -41.60 9.36 5.08
CA ARG H 495 -40.32 9.88 4.63
C ARG H 495 -39.94 9.25 3.30
N THR H 496 -39.52 10.08 2.35
CA THR H 496 -38.86 9.59 1.15
C THR H 496 -37.41 9.24 1.48
N MET H 497 -36.75 8.59 0.51
CA MET H 497 -35.34 8.30 0.64
C MET H 497 -34.52 9.58 0.77
N SER H 498 -34.90 10.62 0.02
CA SER H 498 -34.25 11.92 0.16
C SER H 498 -34.43 12.47 1.56
N ALA H 499 -35.63 12.35 2.11
CA ALA H 499 -35.88 12.85 3.47
C ALA H 499 -35.06 12.07 4.49
N GLN H 500 -34.90 10.76 4.26
CA GLN H 500 -34.12 9.94 5.19
C GLN H 500 -32.66 10.32 5.13
N ILE H 501 -32.15 10.60 3.92
CA ILE H 501 -30.77 11.09 3.79
C ILE H 501 -30.62 12.45 4.48
N GLU H 502 -31.60 13.33 4.30
CA GLU H 502 -31.59 14.63 4.92
C GLU H 502 -31.71 14.56 6.44
N GLY H 503 -32.28 13.47 6.97
CA GLY H 503 -32.41 13.27 8.39
C GLY H 503 -31.16 12.80 9.09
N GLY H 504 -30.13 12.41 8.34
CA GLY H 504 -28.87 11.99 8.90
C GLY H 504 -27.78 13.05 8.78
N VAL H 505 -26.55 12.62 9.03
CA VAL H 505 -25.40 13.49 8.91
C VAL H 505 -25.01 13.57 7.44
N HIS H 506 -24.97 14.78 6.90
CA HIS H 506 -24.71 14.97 5.48
C HIS H 506 -23.96 16.27 5.26
N GLY H 507 -23.13 16.28 4.22
CA GLY H 507 -22.48 17.50 3.79
C GLY H 507 -21.24 17.91 4.56
N LEU H 508 -20.58 16.97 5.24
CA LEU H 508 -19.38 17.25 6.01
C LEU H 508 -18.19 16.53 5.40
N HIS H 509 -17.03 17.19 5.43
CA HIS H 509 -15.79 16.50 5.06
C HIS H 509 -15.49 15.34 5.98
N SER H 510 -15.63 15.55 7.28
CA SER H 510 -15.45 14.47 8.26
C SER H 510 -16.15 14.89 9.55
N TYR H 511 -16.45 13.90 10.38
CA TYR H 511 -17.09 14.15 11.66
C TYR H 511 -16.85 12.97 12.58
N THR H 512 -17.10 13.19 13.87
CA THR H 512 -16.93 12.15 14.88
C THR H 512 -18.07 12.18 15.89
PG ATP I . -6.56 -52.67 -2.50
O1G ATP I . -7.65 -52.55 -3.51
O2G ATP I . -5.20 -52.77 -3.11
O3G ATP I . -6.64 -51.61 -1.44
PB ATP I . -6.07 -54.73 -0.50
O1B ATP I . -7.12 -55.33 0.35
O2B ATP I . -5.15 -53.72 0.10
O3B ATP I . -6.80 -54.08 -1.76
PA ATP I . -4.73 -57.31 -0.66
O1A ATP I . -3.91 -57.09 0.55
O2A ATP I . -4.15 -58.16 -1.72
O3A ATP I . -5.21 -55.89 -1.21
O5' ATP I . -6.14 -57.95 -0.27
C5' ATP I . -6.98 -58.70 -1.18
C4' ATP I . -7.13 -60.10 -0.64
O4' ATP I . -5.84 -60.76 -0.65
C3' ATP I . -7.64 -60.20 0.81
O3' ATP I . -8.58 -61.26 0.89
C2' ATP I . -6.35 -60.47 1.59
O2' ATP I . -6.55 -61.14 2.82
C1' ATP I . -5.61 -61.36 0.60
N9 ATP I . -4.17 -61.45 0.81
C8 ATP I . -3.26 -60.44 1.02
N7 ATP I . -2.05 -60.88 1.16
C5 ATP I . -2.14 -62.26 1.04
C6 ATP I . -1.19 -63.30 1.09
N6 ATP I . 0.10 -63.11 1.29
N1 ATP I . -1.65 -64.56 0.92
C2 ATP I . -2.95 -64.76 0.72
N3 ATP I . -3.94 -63.86 0.65
C4 ATP I . -3.46 -62.62 0.83
PG ATP J . -4.79 -49.78 2.24
O1G ATP J . -5.46 -50.00 3.57
O2G ATP J . -4.74 -48.34 1.84
O3G ATP J . -5.36 -50.66 1.16
PB ATP J . -2.57 -51.65 2.63
O1B ATP J . -1.98 -51.63 3.96
O2B ATP J . -3.53 -52.75 2.30
O3B ATP J . -3.25 -50.23 2.40
PA ATP J . -0.13 -50.75 1.18
O1A ATP J . -0.59 -49.81 0.12
O2A ATP J . 1.01 -51.68 0.90
O3A ATP J . -1.38 -51.66 1.57
O5' ATP J . 0.16 -49.94 2.52
C5' ATP J . 0.84 -48.68 2.44
C4' ATP J . 2.02 -48.67 3.38
O4' ATP J . 1.56 -48.90 4.73
C3' ATP J . 3.06 -49.77 3.14
O3' ATP J . 3.96 -49.35 2.13
C2' ATP J . 3.70 -49.89 4.52
O2' ATP J . 4.75 -48.97 4.71
C1' ATP J . 2.54 -49.59 5.46
N9 ATP J . 1.95 -50.81 5.99
C8 ATP J . 1.00 -51.61 5.42
N7 ATP J . 0.71 -52.65 6.17
C5 ATP J . 1.52 -52.53 7.28
C6 ATP J . 1.68 -53.30 8.44
N6 ATP J . 1.00 -54.42 8.69
N1 ATP J . 2.59 -52.89 9.35
C2 ATP J . 3.26 -51.75 9.11
N3 ATP J . 3.19 -50.94 8.07
C4 ATP J . 2.30 -51.39 7.18
P IMP K . 25.04 -24.89 10.42
O1P IMP K . 23.61 -24.72 10.83
O2P IMP K . 25.86 -23.64 10.25
O3P IMP K . 25.07 -25.59 9.09
O5' IMP K . 25.77 -25.82 11.47
C5' IMP K . 25.17 -26.16 12.71
C4' IMP K . 26.19 -26.37 13.80
O4' IMP K . 26.19 -25.24 14.70
C3' IMP K . 25.97 -27.56 14.72
O3' IMP K . 26.41 -28.78 14.17
C2' IMP K . 26.73 -27.16 15.98
O2' IMP K . 28.13 -27.36 15.84
C1' IMP K . 26.47 -25.66 16.02
N9 IMP K . 25.30 -25.33 16.86
C8 IMP K . 24.20 -26.09 17.01
N7 IMP K . 23.38 -25.43 17.85
C5 IMP K . 23.96 -24.30 18.21
C6 IMP K . 23.52 -23.15 19.12
O6 IMP K . 22.47 -23.17 19.68
N1 IMP K . 24.37 -22.03 19.32
C2 IMP K . 25.64 -21.98 18.66
N3 IMP K . 26.06 -23.06 17.79
C4 IMP K . 25.17 -24.23 17.58
PA NAD L . 27.65 -27.92 28.06
O1A NAD L . 28.97 -28.59 28.19
O2A NAD L . 26.45 -28.59 28.60
O5B NAD L . 27.77 -26.44 28.66
C5B NAD L . 26.92 -25.93 29.72
C4B NAD L . 27.76 -25.64 30.96
O4B NAD L . 27.76 -26.81 31.80
C3B NAD L . 29.23 -25.26 30.73
O3B NAD L . 29.56 -24.13 31.51
C2B NAD L . 29.96 -26.55 31.11
O2B NAD L . 31.28 -26.36 31.56
C1B NAD L . 29.07 -27.07 32.24
N9A NAD L . 29.21 -28.49 32.51
C8A NAD L . 29.12 -29.50 31.59
N7A NAD L . 29.31 -30.69 32.10
C5A NAD L . 29.53 -30.45 33.45
C6A NAD L . 29.78 -31.31 34.53
N6A NAD L . 29.86 -32.62 34.41
N1A NAD L . 29.96 -30.74 35.74
C2A NAD L . 29.87 -29.42 35.84
N3A NAD L . 29.64 -28.51 34.91
C4A NAD L . 29.47 -29.10 33.71
O3 NAD L . 27.38 -27.58 26.52
PN NAD L . 26.73 -26.32 25.78
O1N NAD L . 27.81 -25.51 25.16
O2N NAD L . 25.80 -25.61 26.71
O5D NAD L . 25.86 -27.03 24.63
C5D NAD L . 24.78 -26.28 24.03
C4D NAD L . 24.31 -26.96 22.77
O4D NAD L . 24.48 -26.06 21.64
C3D NAD L . 25.05 -28.23 22.32
O3D NAD L . 24.19 -28.96 21.47
C2D NAD L . 26.26 -27.64 21.60
O2D NAD L . 26.83 -28.53 20.66
C1D NAD L . 25.60 -26.47 20.87
N1N NAD L . 26.51 -25.31 20.68
C2N NAD L . 27.51 -25.41 19.74
C3N NAD L . 28.38 -24.34 19.52
C7N NAD L . 29.47 -24.45 18.52
O7N NAD L . 29.44 -23.74 17.50
N7N NAD L . 30.45 -25.31 18.74
C4N NAD L . 28.20 -23.16 20.24
C5N NAD L . 27.19 -23.07 21.18
C6N NAD L . 26.36 -24.14 21.39
PG ATP M . 4.90 1.88 -52.87
O1G ATP M . 3.82 2.90 -53.01
O2G ATP M . 6.26 2.47 -52.69
O3G ATP M . 4.59 0.85 -51.83
PB ATP M . 5.80 -0.16 -54.75
O1B ATP M . 4.90 -1.01 -55.55
O2B ATP M . 6.48 -0.74 -53.55
O3B ATP M . 4.97 1.12 -54.28
PA ATP M . 7.65 -0.03 -56.99
O1A ATP M . 8.38 -1.26 -56.58
O2A ATP M . 8.43 1.00 -57.70
O3A ATP M . 6.89 0.53 -55.71
O5' ATP M . 6.41 -0.40 -57.92
C5' ATP M . 5.78 0.51 -58.84
C4' ATP M . 5.93 -0.05 -60.23
O4' ATP M . 7.33 -0.07 -60.59
C3' ATP M . 5.42 -1.49 -60.42
O3' ATP M . 4.73 -1.58 -61.65
C2' ATP M . 6.72 -2.30 -60.39
O2' ATP M . 6.65 -3.53 -61.08
C1' ATP M . 7.66 -1.34 -61.12
N9 ATP M . 9.08 -1.56 -60.90
C8 ATP M . 9.74 -1.76 -59.72
N7 ATP M . 11.04 -1.93 -59.88
C5 ATP M . 11.23 -1.83 -61.25
C6 ATP M . 12.37 -1.91 -62.06
N6 ATP M . 13.60 -2.13 -61.61
N1 ATP M . 12.20 -1.76 -63.40
C2 ATP M . 10.96 -1.54 -63.86
N3 ATP M . 9.82 -1.45 -63.20
C4 ATP M . 10.02 -1.61 -61.88
PG ATP N . 5.97 -2.83 -49.64
O1G ATP N . 5.34 -4.15 -49.96
O2G ATP N . 5.72 -2.40 -48.22
O3G ATP N . 5.62 -1.76 -50.64
PB ATP N . 8.52 -3.30 -50.99
O1B ATP N . 9.08 -4.63 -50.81
O2B ATP N . 7.83 -2.98 -52.27
O3B ATP N . 7.56 -3.02 -49.74
PA ATP N . 10.72 -1.85 -49.61
O1A ATP N . 10.07 -0.77 -48.81
O2A ATP N . 12.04 -1.60 -50.25
O3A ATP N . 9.70 -2.25 -50.77
O5' ATP N . 10.80 -3.17 -48.73
C5' ATP N . 11.21 -3.08 -47.34
C4' ATP N . 12.34 -4.04 -47.08
O4' ATP N . 11.92 -5.39 -47.39
C3' ATP N . 13.60 -3.83 -47.92
O3' ATP N . 14.40 -2.83 -47.32
C2' ATP N . 14.24 -5.22 -47.89
O2' ATP N . 15.06 -5.41 -46.76
C1' ATP N . 13.02 -6.14 -47.85
N9 ATP N . 12.70 -6.68 -49.14
C8 ATP N . 11.94 -6.11 -50.13
N7 ATP N . 11.86 -6.88 -51.21
C5 ATP N . 12.62 -8.00 -50.90
C6 ATP N . 12.92 -9.17 -51.62
N6 ATP N . 12.49 -9.44 -52.84
N1 ATP N . 13.71 -10.08 -50.99
C2 ATP N . 14.12 -9.83 -49.75
N3 ATP N . 13.91 -8.77 -48.99
C4 ATP N . 13.14 -7.88 -49.63
P IMP O . 29.64 -11.05 -18.83
O1P IMP O . 28.20 -11.45 -18.98
O2P IMP O . 30.16 -10.88 -17.44
O3P IMP O . 29.83 -9.74 -19.53
O5' IMP O . 30.54 -12.13 -19.58
C5' IMP O . 30.00 -13.36 -20.03
C4' IMP O . 31.03 -14.47 -20.00
O4' IMP O . 30.76 -15.35 -18.89
C3' IMP O . 31.05 -15.39 -21.21
O3' IMP O . 31.75 -14.87 -22.31
C2' IMP O . 31.69 -16.66 -20.63
O2' IMP O . 33.10 -16.54 -20.53
C1' IMP O . 31.11 -16.68 -19.22
N9 IMP O . 29.88 -17.50 -19.15
C8 IMP O . 28.97 -17.65 -20.12
N7 IMP O . 28.02 -18.47 -19.65
C5 IMP O . 28.34 -18.82 -18.41
C6 IMP O . 27.64 -19.71 -17.37
O6 IMP O . 26.62 -20.26 -17.62
N1 IMP O . 28.24 -19.91 -16.10
C2 IMP O . 29.47 -19.26 -15.78
N3 IMP O . 30.13 -18.41 -16.75
C4 IMP O . 29.51 -18.21 -18.09
PA NAD P . 32.57 -28.76 -21.05
O1A NAD P . 34.00 -28.92 -21.42
O2A NAD P . 31.53 -29.30 -21.97
O5B NAD P . 32.36 -29.34 -19.58
C5B NAD P . 31.40 -30.39 -19.24
C4B NAD P . 32.14 -31.63 -18.77
O4B NAD P . 32.38 -32.49 -19.91
C3B NAD P . 33.50 -31.41 -18.09
O3B NAD P . 33.58 -32.19 -16.91
C2B NAD P . 34.49 -31.83 -19.19
O2B NAD P . 35.73 -32.28 -18.71
C1B NAD P . 33.71 -32.95 -19.87
N9A NAD P . 34.15 -33.24 -21.23
C8A NAD P . 34.30 -32.33 -22.25
N7A NAD P . 34.72 -32.86 -23.36
C5A NAD P . 34.87 -34.21 -23.06
C6A NAD P . 35.28 -35.30 -23.85
N6A NAD P . 35.64 -35.20 -25.11
N1A NAD P . 35.32 -36.51 -23.24
C2A NAD P . 34.95 -36.59 -21.96
N3A NAD P . 34.54 -35.64 -21.14
C4A NAD P . 34.52 -34.45 -21.76
O3 NAD P . 32.25 -27.22 -20.80
PN NAD P . 31.36 -26.45 -19.70
O1N NAD P . 32.26 -25.84 -18.70
O2N NAD P . 30.29 -27.36 -19.20
O5D NAD P . 30.68 -25.31 -20.60
C5D NAD P . 29.47 -24.68 -20.11
C4D NAD P . 29.18 -23.41 -20.89
O4D NAD P . 29.17 -22.28 -19.99
C3D NAD P . 30.18 -23.00 -21.98
O3D NAD P . 29.51 -22.14 -22.89
C2D NAD P . 31.25 -22.28 -21.15
O2D NAD P . 32.01 -21.36 -21.90
C1D NAD P . 30.37 -21.52 -20.15
N1N NAD P . 31.00 -21.33 -18.82
C2N NAD P . 32.02 -20.41 -18.71
C3N NAD P . 32.64 -20.19 -17.49
C7N NAD P . 33.74 -19.20 -17.37
O7N NAD P . 33.58 -18.17 -16.70
N7N NAD P . 34.88 -19.44 -17.99
C4N NAD P . 32.20 -20.89 -16.37
C5N NAD P . 31.18 -21.81 -16.49
C6N NAD P . 30.60 -22.03 -17.71
PG ATP Q . 5.18 52.83 2.36
O1G ATP Q . 3.91 52.99 3.13
O2G ATP Q . 6.37 52.64 3.23
O3G ATP Q . 5.07 51.78 1.29
PB ATP Q . 6.51 54.68 0.53
O1B ATP Q . 5.82 55.48 -0.49
O2B ATP Q . 7.27 53.47 0.11
O3B ATP Q . 5.42 54.23 1.61
PA ATP Q . 8.32 56.89 1.03
O1A ATP Q . 9.30 56.46 0.00
O2A ATP Q . 8.88 57.61 2.21
O3A ATP Q . 7.44 55.62 1.42
O5' ATP Q . 7.20 57.82 0.39
C5' ATP Q . 6.41 58.77 1.13
C4' ATP Q . 6.68 60.15 0.60
O4' ATP Q . 8.06 60.51 0.88
C3' ATP Q . 6.51 60.33 -0.92
O3' ATP Q . 5.87 61.57 -1.17
C2' ATP Q . 7.96 60.28 -1.43
O2' ATP Q . 8.17 60.94 -2.66
C1' ATP Q . 8.66 61.00 -0.29
N9 ATP Q . 10.10 60.76 -0.19
C8 ATP Q . 10.78 59.57 -0.25
N7 ATP Q . 12.08 59.71 -0.14
C5 ATP Q . 12.27 61.08 0.00
C6 ATP Q . 13.41 61.88 0.17
N6 ATP Q . 14.65 61.40 0.21
N1 ATP Q . 13.23 63.22 0.27
C2 ATP Q . 11.99 63.71 0.20
N3 ATP Q . 10.84 63.06 0.06
C4 ATP Q . 11.05 61.73 -0.05
PG ATP R . 7.16 49.52 -1.98
O1G ATP R . 6.84 49.83 -3.41
O2G ATP R . 6.81 48.12 -1.61
O3G ATP R . 6.61 50.54 -1.03
PB ATP R . 9.77 50.83 -1.90
O1B ATP R . 10.61 50.62 -3.09
O2B ATP R . 9.05 52.13 -1.76
O3B ATP R . 8.76 49.60 -1.83
PA ATP R . 11.61 49.44 -0.01
O1A ATP R . 10.72 48.67 0.91
O2A ATP R . 12.85 50.06 0.51
O3A ATP R . 10.71 50.61 -0.64
O5' ATP R . 11.95 48.55 -1.28
C5' ATP R . 12.30 47.16 -1.08
C4' ATP R . 13.61 46.86 -1.78
O4' ATP R . 13.49 47.17 -3.19
C3' ATP R . 14.81 47.69 -1.31
O3' ATP R . 15.37 47.08 -0.16
C2' ATP R . 15.73 47.63 -2.53
O2' ATP R . 16.55 46.49 -2.53
C1' ATP R . 14.73 47.59 -3.70
N9 ATP R . 14.56 48.89 -4.30
C8 ATP R . 13.72 49.90 -3.92
N7 ATP R . 13.82 50.95 -4.69
C5 ATP R . 14.79 50.63 -5.62
C6 ATP R . 15.36 51.32 -6.71
N6 ATP R . 15.01 52.55 -7.07
N1 ATP R . 16.31 50.67 -7.42
C2 ATP R . 16.65 49.43 -7.08
N3 ATP R . 16.18 48.68 -6.08
C4 ATP R . 15.26 49.35 -5.38
P IMP S . 31.59 18.32 -4.63
O1P IMP S . 30.27 18.46 -5.33
O2P IMP S . 32.05 16.92 -4.33
O3P IMP S . 31.51 19.03 -3.31
O5' IMP S . 32.70 19.05 -5.50
C5' IMP S . 32.45 19.48 -6.83
C4' IMP S . 33.70 19.43 -7.68
O4' IMP S . 33.61 18.29 -8.59
C3' IMP S . 33.94 20.62 -8.59
O3' IMP S . 34.53 21.72 -7.94
C2' IMP S . 34.82 20.02 -9.69
O2' IMP S . 36.17 19.91 -9.27
C1' IMP S . 34.24 18.62 -9.82
N9 IMP S . 33.22 18.55 -10.89
C8 IMP S . 32.37 19.52 -11.23
N7 IMP S . 31.61 19.06 -12.23
C5 IMP S . 31.98 17.81 -12.49
C6 IMP S . 31.48 16.77 -13.50
O6 IMP S . 30.60 17.02 -14.26
N1 IMP S . 32.08 15.49 -13.55
C2 IMP S . 33.15 15.16 -12.65
N3 IMP S . 33.62 16.14 -11.69
C4 IMP S . 32.99 17.49 -11.64
PA NAD T . 38.29 20.27 -21.32
O1A NAD T . 39.72 20.62 -21.17
O2A NAD T . 37.40 21.19 -22.08
O5B NAD T . 38.18 18.79 -21.92
C5B NAD T . 37.46 18.45 -23.16
C4B NAD T . 38.44 17.96 -24.19
O4B NAD T . 38.88 19.08 -24.99
C3B NAD T . 39.72 17.28 -23.68
O3B NAD T . 39.94 16.07 -24.41
C2B NAD T . 40.78 18.35 -23.89
O2B NAD T . 42.09 17.84 -24.06
C1B NAD T . 40.27 19.03 -25.15
N9A NAD T . 40.79 20.38 -25.36
C8A NAD T . 40.75 21.40 -24.45
N7A NAD T . 41.30 22.50 -24.89
C5A NAD T . 41.73 22.18 -26.17
C6A NAD T . 42.37 22.95 -27.16
N6A NAD T . 42.72 24.21 -26.99
N1A NAD T . 42.66 22.32 -28.32
C2A NAD T . 42.29 21.05 -28.47
N3A NAD T . 41.68 20.24 -27.62
C4A NAD T . 41.41 20.88 -26.47
O3 NAD T . 37.64 20.05 -19.88
PN NAD T . 36.58 18.97 -19.31
O1N NAD T . 37.32 17.96 -18.51
O2N NAD T . 35.73 18.47 -20.42
O5D NAD T . 35.69 19.89 -18.34
C5D NAD T . 34.37 19.42 -17.99
C4D NAD T . 33.83 20.22 -16.83
O4D NAD T . 33.56 19.33 -15.71
C3D NAD T . 34.73 21.30 -16.21
O3D NAD T . 33.91 22.24 -15.53
C2D NAD T . 35.61 20.47 -15.28
O2D NAD T . 36.16 21.23 -14.22
C1D NAD T . 34.57 19.49 -14.72
N1N NAD T . 35.13 18.16 -14.38
C2N NAD T . 35.92 18.05 -13.26
C3N NAD T . 36.46 16.82 -12.90
C7N NAD T . 37.32 16.70 -11.69
O7N NAD T . 36.94 16.04 -10.71
N7N NAD T . 38.51 17.31 -11.69
C4N NAD T . 36.17 15.70 -13.67
C5N NAD T . 35.37 15.83 -14.79
C6N NAD T . 34.85 17.04 -15.14
PG ATP U . -6.30 -1.73 52.74
O1G ATP U . -7.58 -2.48 52.62
O2G ATP U . -5.10 -2.61 52.80
O3G ATP U . -6.16 -0.66 51.68
PB ATP U . -5.36 0.10 54.80
O1B ATP U . -6.19 1.15 55.44
O2B ATP U . -4.35 0.49 53.78
O3B ATP U . -6.35 -0.97 54.15
PA ATP U . -4.07 -0.39 57.37
O1A ATP U . -3.00 0.63 57.14
O2A ATP U . -3.71 -1.56 58.20
O3A ATP U . -4.66 -0.79 55.95
O5' ATP U . -5.35 0.29 58.03
C5' ATP U . -6.35 -0.44 58.78
C4' ATP U . -6.37 0.11 60.19
O4' ATP U . -5.10 -0.19 60.83
C3' ATP U . -6.55 1.63 60.32
O3' ATP U . -7.43 1.90 61.39
C2' ATP U . -5.12 2.12 60.57
O2' ATP U . -5.04 3.35 61.26
C1' ATP U . -4.60 0.98 61.44
N9 ATP U . -3.14 0.87 61.51
C8 ATP U . -2.23 0.89 60.49
N7 ATP U . -0.99 0.76 60.92
C5 ATP U . -1.10 0.65 62.29
C6 ATP U . -0.16 0.48 63.32
N6 ATP U . 1.15 0.41 63.12
N1 ATP U . -0.62 0.40 64.58
C2 ATP U . -1.94 0.48 64.80
N3 ATP U . -2.92 0.64 63.91
C4 ATP U . -2.43 0.72 62.67
PG ATP V . -3.58 2.55 49.89
O1G ATP V . -3.95 3.98 50.12
O2G ATP V . -3.63 2.16 48.43
O3G ATP V . -4.35 1.61 50.76
PB ATP V . -1.31 2.46 51.73
O1B ATP V . -0.44 3.62 51.70
O2B ATP V . -2.29 2.33 52.83
O3B ATP V . -2.04 2.39 50.31
PA ATP V . 0.75 0.52 50.77
O1A ATP V . 0.04 -0.41 49.84
O2A ATP V . 1.82 0.00 51.66
O3A ATP V . -0.37 1.17 51.71
O5' ATP V . 1.30 1.77 49.95
C5' ATP V . 1.94 1.55 48.67
C4' ATP V . 3.28 2.23 48.66
O4' ATP V . 3.13 3.64 48.92
C3' ATP V . 4.27 1.75 49.73
O3' ATP V . 4.93 0.58 49.27
C2' ATP V . 5.20 2.97 49.86
O2' ATP V . 6.25 2.93 48.93
C1' ATP V . 4.26 4.13 49.60
N9 ATP V . 3.81 4.77 50.82
C8 ATP V . 2.77 4.40 51.64
N7 ATP V . 2.65 5.18 52.68
C5 ATP V . 3.69 6.09 52.56
C6 ATP V . 4.10 7.19 53.35
N6 ATP V . 3.51 7.57 54.47
N1 ATP V . 5.17 7.88 52.91
C2 ATP V . 5.77 7.52 51.77
N3 ATP V . 5.47 6.52 50.96
C4 ATP V . 4.40 5.84 51.41
P IMP W . 27.00 4.48 24.62
O1P IMP W . 25.69 5.20 24.48
O2P IMP W . 27.75 4.16 23.35
O3P IMP W . 26.75 3.17 25.31
O5' IMP W . 27.94 5.35 25.56
C5' IMP W . 27.63 6.68 25.91
C4' IMP W . 28.87 7.52 26.12
O4' IMP W . 29.03 8.42 25.00
C3' IMP W . 28.86 8.45 27.32
O3' IMP W . 29.19 7.80 28.53
C2' IMP W . 29.87 9.52 26.92
O2' IMP W . 31.20 9.08 27.10
C1' IMP W . 29.60 9.64 25.42
N9 IMP W . 28.63 10.72 25.13
C8 IMP W . 27.60 11.09 25.90
N7 IMP W . 26.97 12.09 25.27
C5 IMP W . 27.60 12.33 24.12
C6 IMP W . 27.35 13.34 22.99
O6 IMP W . 26.45 14.10 23.04
N1 IMP W . 28.22 13.36 21.87
C2 IMP W . 29.31 12.44 21.79
N3 IMP W . 29.55 11.49 22.85
C4 IMP W . 28.65 11.46 24.03
PA NAD X . 33.37 21.12 27.79
O1A NAD X . 34.69 20.95 28.44
O2A NAD X . 32.31 21.90 28.49
O5B NAD X . 33.59 21.70 26.32
C5B NAD X . 32.98 22.93 25.83
C4B NAD X . 34.06 23.95 25.54
O4B NAD X . 34.25 24.76 26.72
C3B NAD X . 35.44 23.42 25.14
O3B NAD X . 35.92 24.13 24.01
C2B NAD X . 36.26 23.62 26.42
O2B NAD X . 37.64 23.77 26.22
C1B NAD X . 35.63 24.90 26.96
N9A NAD X . 35.85 25.12 28.39
C8A NAD X . 35.58 24.22 29.39
N7A NAD X . 35.88 24.67 30.58
C5A NAD X . 36.39 25.94 30.34
C6A NAD X . 36.87 26.94 31.22
N6A NAD X . 36.94 26.78 32.53
N1A NAD X . 37.30 28.09 30.66
C2A NAD X . 37.22 28.22 29.34
N3A NAD X . 36.78 27.37 28.43
C4A NAD X . 36.37 26.23 29.00
O3 NAD X . 32.76 19.68 27.45
PN NAD X . 31.95 19.11 26.18
O1N NAD X . 32.87 18.29 25.36
O2N NAD X . 31.24 20.22 25.49
O5D NAD X . 30.87 18.16 26.89
C5D NAD X . 29.67 17.82 26.16
C4D NAD X . 28.95 16.67 26.83
O4D NAD X . 28.87 15.55 25.92
C3D NAD X . 29.60 16.06 28.08
O3D NAD X . 28.58 15.40 28.82
C2D NAD X . 30.62 15.11 27.47
O2D NAD X . 30.99 14.06 28.34
C1D NAD X . 29.80 14.55 26.30
N1N NAD X . 30.63 14.18 25.12
C2N NAD X . 31.41 13.05 25.19
C3N NAD X . 32.20 12.67 24.11
C7N NAD X . 33.05 11.45 24.20
O7N NAD X . 32.80 10.47 23.49
N7N NAD X . 34.07 11.45 25.05
C4N NAD X . 32.16 13.43 22.95
C5N NAD X . 31.38 14.56 22.88
C6N NAD X . 30.62 14.93 23.97
PG ATP Y . 6.11 52.77 6.56
O1G ATP Y . 7.48 52.28 6.23
O2G ATP Y . 5.64 53.87 5.65
O3G ATP Y . 5.13 51.65 6.69
PB ATP Y . 5.13 53.98 9.03
O1B ATP Y . 5.87 54.44 10.22
O2B ATP Y . 4.09 52.93 9.18
O3B ATP Y . 6.23 53.46 7.99
PA ATP Y . 3.86 56.60 8.85
O1A ATP Y . 2.80 56.23 9.81
O2A ATP Y . 3.47 57.55 7.79
O3A ATP Y . 4.52 55.26 8.27
O5' ATP Y . 5.11 57.24 9.61
C5' ATP Y . 6.10 58.09 9.01
C4' ATP Y . 6.12 59.40 9.75
O4' ATP Y . 4.85 60.07 9.55
C3' ATP Y . 6.30 59.30 11.28
O3' ATP Y . 7.19 60.31 11.72
C2' ATP Y . 4.87 59.48 11.80
O2' ATP Y . 4.80 59.99 13.11
C1' ATP Y . 4.35 60.50 10.80
N9 ATP Y . 2.90 60.58 10.72
C8 ATP Y . 1.99 59.56 10.56
N7 ATP Y . 0.75 59.99 10.51
C5 ATP Y . 0.85 61.36 10.64
C6 ATP Y . -0.12 62.39 10.66
N6 ATP Y . -1.42 62.20 10.56
N1 ATP Y . 0.34 63.66 10.79
C2 ATP Y . 1.66 63.86 10.91
N3 ATP Y . 2.65 62.98 10.90
C4 ATP Y . 2.17 61.73 10.76
PG ATP Z . 3.37 48.84 10.53
O1G ATP Z . 3.72 48.86 11.99
O2G ATP Z . 3.41 47.47 9.95
O3G ATP Z . 4.15 49.85 9.73
PB ATP Z . 1.09 50.68 10.72
O1B ATP Z . 0.21 50.44 11.87
O2B ATP Z . 2.06 51.80 10.80
O3B ATP Z . 1.83 49.29 10.42
PA ATP Z . -0.95 50.05 8.64
O1A ATP Z . -0.23 49.26 7.59
O2A ATP Z . -2.02 51.00 8.25
O3A ATP Z . 0.16 50.88 9.44
O5' ATP Z . -1.51 49.05 9.76
C5' ATP Z . -2.15 47.82 9.34
C4' ATP Z . -3.52 47.73 9.97
O4' ATP Z . -3.38 47.70 11.42
C3' ATP Z . -4.46 48.90 9.70
O3' ATP Z . -5.08 48.71 8.44
C2' ATP Z . -5.43 48.80 10.88
O2' ATP Z . -6.46 47.88 10.63
C1' ATP Z . -4.52 48.32 12.00
N9 ATP Z . -4.06 49.42 12.83
C8 ATP Z . -3.01 50.26 12.62
N7 ATP Z . -2.89 51.17 13.57
C5 ATP Z . -3.92 50.90 14.44
C6 ATP Z . -4.33 51.48 15.65
N6 ATP Z . -3.73 52.53 16.22
N1 ATP Z . -5.41 50.95 16.27
C2 ATP Z . -6.01 49.89 15.72
N3 ATP Z . -5.72 49.26 14.58
C4 ATP Z . -4.65 49.81 14.00
P IMP AA . -27.12 23.49 8.26
O1P IMP AA . -27.85 22.29 7.75
O2P IMP AA . -25.81 23.23 8.95
O3P IMP AA . -26.85 24.38 7.09
O5' IMP AA . -28.07 24.27 9.26
C5' IMP AA . -27.76 24.41 10.64
C4' IMP AA . -29.00 24.48 11.50
O4' IMP AA . -29.17 23.21 12.20
C3' IMP AA . -29.01 25.52 12.60
O3' IMP AA . -29.34 26.82 12.16
C2' IMP AA . -30.00 24.94 13.60
O2' IMP AA . -31.35 25.19 13.19
C1' IMP AA . -29.73 23.44 13.48
N9 IMP AA . -28.77 22.98 14.49
C8 IMP AA . -27.74 23.68 14.99
N7 IMP AA . -27.11 22.90 15.87
C5 IMP AA . -27.74 21.74 15.93
C6 IMP AA . -27.50 20.46 16.74
O6 IMP AA . -26.60 20.39 17.51
N1 IMP AA . -28.35 19.34 16.58
C2 IMP AA . -29.44 19.41 15.66
N3 IMP AA . -29.69 20.61 14.88
C4 IMP AA . -28.79 21.78 15.05
PA NAD BA . -33.55 23.93 25.17
O1A NAD BA . -34.88 24.59 25.10
O2A NAD BA . -32.51 24.50 26.05
O5B NAD BA . -33.77 22.38 25.50
C5B NAD BA . -33.17 21.69 26.63
C4B NAD BA . -34.24 21.24 27.60
O4B NAD BA . -34.45 22.28 28.58
C3B NAD BA . -35.62 20.93 27.00
O3B NAD BA . -36.10 19.71 27.52
C2B NAD BA . -36.44 22.15 27.41
O2B NAD BA . -37.84 21.92 27.52
C1B NAD BA . -35.82 22.49 28.76
N9A NAD BA . -36.04 23.86 29.20
C8A NAD BA . -35.78 25.00 28.48
N7A NAD BA . -36.09 26.10 29.11
C5A NAD BA . -36.60 25.66 30.33
C6A NAD BA . -37.10 26.36 31.44
N6A NAD BA . -37.17 27.68 31.50
N1A NAD BA . -37.52 25.62 32.49
C2A NAD BA . -37.44 24.29 32.41
N3A NAD BA . -36.99 23.54 31.42
C4A NAD BA . -36.58 24.28 30.40
O3 NAD BA . -32.94 23.82 23.69
PN NAD BA . -32.12 22.66 22.93
O1N NAD BA . -33.04 21.98 21.98
O2N NAD BA . -31.42 21.81 23.92
O5D NAD BA . -31.05 23.52 22.11
C5D NAD BA . -29.85 22.86 21.66
C4D NAD BA . -29.13 23.71 20.64
O4D NAD BA . -29.03 22.99 19.39
C3D NAD BA . -29.77 25.04 20.24
O3D NAD BA . -28.75 25.89 19.71
C2D NAD BA . -30.79 24.58 19.20
O2D NAD BA . -31.15 25.61 18.29
C1D NAD BA . -29.97 23.52 18.45
N1N NAD BA . -30.79 22.41 17.90
C2N NAD BA . -31.57 22.67 16.80
C3N NAD BA . -32.33 21.65 16.24
C7N NAD BA . -33.19 21.93 15.05
O7N NAD BA . -32.92 21.38 13.97
N7N NAD BA . -34.21 22.77 15.18
C4N NAD BA . -32.31 20.38 16.80
C5N NAD BA . -31.53 20.14 17.91
C6N NAD BA . -30.77 21.15 18.46
PG ATP CA . 6.72 5.79 -52.79
O1G ATP CA . 8.00 5.18 -52.31
O2G ATP CA . 6.06 5.02 -53.89
O3G ATP CA . 5.81 6.11 -51.65
PB ATP CA . 6.28 8.42 -53.96
O1B ATP CA . 7.25 9.43 -54.42
O2B ATP CA . 5.31 8.77 -52.89
O3B ATP CA . 7.14 7.17 -53.47
PA ATP CA . 4.98 8.56 -56.56
O1A ATP CA . 4.16 9.73 -56.17
O2A ATP CA . 4.35 7.62 -57.52
O3A ATP CA . 5.50 7.83 -55.23
O5' ATP CA . 6.37 9.03 -57.19
C5' ATP CA . 7.17 8.24 -58.08
C4' ATP CA . 7.33 8.99 -59.38
O4' ATP CA . 6.03 9.08 -60.03
C3' ATP CA . 7.83 10.43 -59.26
O3' ATP CA . 8.79 10.69 -60.28
C2' ATP CA . 6.56 11.26 -59.42
O2' ATP CA . 6.75 12.56 -59.90
C1' ATP CA . 5.82 10.41 -60.44
N9 ATP CA . 4.37 10.64 -60.50
C8 ATP CA . 3.47 10.67 -59.47
N7 ATP CA . 2.24 10.90 -59.88
C5 ATP CA . 2.34 11.00 -61.25
C6 ATP CA . 1.40 11.24 -62.28
N6 ATP CA . 0.11 11.41 -62.07
N1 ATP CA . 1.86 11.29 -63.55
C2 ATP CA . 3.17 11.12 -63.77
N3 ATP CA . 4.15 10.90 -62.90
C4 ATP CA . 3.66 10.86 -61.64
PG ATP DA . 4.94 10.21 -48.78
O1G ATP DA . 5.61 11.55 -48.80
O2G ATP DA . 4.88 9.61 -47.41
O3G ATP DA . 5.53 9.26 -49.79
PB ATP DA . 2.74 10.90 -50.57
O1B ATP DA . 2.12 12.20 -50.31
O2B ATP DA . 3.70 10.78 -51.70
O3B ATP DA . 3.41 10.42 -49.20
PA ATP DA . 0.31 9.29 -49.94
O1A ATP DA . 0.81 8.11 -49.17
O2A ATP DA . -0.83 9.15 -50.88
O3A ATP DA . 1.56 9.86 -50.78
O5' ATP DA . 0.01 10.48 -48.92
C5' ATP DA . -0.68 10.21 -47.69
C4' ATP DA . -1.88 11.11 -47.58
O4' ATP DA . -1.46 12.49 -47.53
C3' ATP DA . -2.86 11.06 -48.75
O3' ATP DA . -3.72 9.95 -48.60
C2' ATP DA . -3.57 12.41 -48.61
O2' ATP DA . -4.62 12.37 -47.68
C1' ATP DA . -2.44 13.31 -48.13
N9 ATP DA . -1.82 14.04 -49.22
C8 ATP DA . -0.85 13.63 -50.08
N7 ATP DA . -0.53 14.54 -50.97
C5 ATP DA . -1.37 15.61 -50.68
C6 ATP DA . -1.51 16.89 -51.24
N6 ATP DA . -0.81 17.34 -52.28
N1 ATP DA . -2.43 17.70 -50.69
C2 ATP DA . -3.12 17.28 -49.64
N3 ATP DA . -3.08 16.10 -49.01
C4 ATP DA . -2.16 15.31 -49.60
P IMP EA . -25.00 14.18 -22.99
O1P IMP EA . -25.81 13.83 -21.79
O2P IMP EA . -23.57 14.58 -22.78
O3P IMP EA . -25.02 12.99 -23.90
O5' IMP EA . -25.73 15.38 -23.76
C5' IMP EA . -25.13 16.66 -23.89
C4' IMP EA . -26.16 17.76 -23.92
O4' IMP EA . -26.16 18.47 -22.66
C3' IMP EA . -25.94 18.85 -24.96
O3' IMP EA . -26.38 18.51 -26.25
C2' IMP EA . -26.71 20.03 -24.35
O2' IMP EA . -28.10 19.92 -24.58
C1' IMP EA . -26.44 19.84 -22.86
N9 IMP EA . -25.28 20.61 -22.40
C8 IMP EA . -24.17 20.89 -23.12
N7 IMP EA . -23.36 21.61 -22.34
C5 IMP EA . -23.95 21.78 -21.16
C6 IMP EA . -23.52 22.50 -19.88
O6 IMP EA . -22.48 23.06 -19.81
N1 IMP EA . -24.37 22.51 -18.75
C2 IMP EA . -25.65 21.85 -18.81
N3 IMP EA . -26.06 21.16 -20.02
C4 IMP EA . -25.16 21.15 -21.20
PA NAD FA . -27.67 32.08 -23.17
O1A NAD FA . -28.99 32.31 -23.81
O2A NAD FA . -26.47 32.73 -23.75
O5B NAD FA . -27.80 32.43 -21.61
C5B NAD FA . -26.95 33.41 -20.92
C4B NAD FA . -27.79 34.57 -20.45
O4B NAD FA . -27.80 35.59 -21.48
C3B NAD FA . -29.26 34.28 -20.13
O3B NAD FA . -29.60 34.87 -18.89
C2B NAD FA . -30.00 34.86 -21.34
O2B NAD FA . -31.33 35.27 -21.08
C1B NAD FA . -29.10 36.06 -21.67
N9A NAD FA . -29.24 36.55 -23.03
C8A NAD FA . -29.15 35.81 -24.17
N7A NAD FA . -29.33 36.51 -25.26
C5A NAD FA . -29.57 37.79 -24.81
C6A NAD FA . -29.81 39.00 -25.49
N6A NAD FA . -29.89 39.09 -26.80
N1A NAD FA . -30.01 40.11 -24.73
C2A NAD FA . -29.92 39.99 -23.41
N3A NAD FA . -29.68 38.92 -22.67
C4A NAD FA . -29.51 37.84 -23.44
O3 NAD FA . -27.38 30.51 -23.08
PN NAD FA . -26.75 29.57 -21.95
O1N NAD FA . -27.82 28.84 -21.26
O2N NAD FA . -25.83 30.38 -21.10
O5D NAD FA . -25.87 28.56 -22.83
C5D NAD FA . -24.79 27.84 -22.19
C4D NAD FA . -24.31 26.70 -23.06
O4D NAD FA . -24.48 25.46 -22.36
C3D NAD FA . -25.05 26.47 -24.39
O3D NAD FA . -24.17 25.75 -25.25
C2D NAD FA . -26.25 25.66 -23.93
O2D NAD FA . -26.82 24.87 -24.96
C1D NAD FA . -25.60 24.75 -22.88
N1N NAD FA . -26.51 24.37 -21.77
C2N NAD FA . -27.51 23.46 -22.02
C3N NAD FA . -28.37 23.07 -21.01
C7N NAD FA . -29.46 22.09 -21.28
O7N NAD FA . -29.43 20.97 -20.75
N7N NAD FA . -30.44 22.45 -22.10
C4N NAD FA . -28.20 23.60 -19.73
C5N NAD FA . -27.20 24.51 -19.50
C6N NAD FA . -26.35 24.89 -20.52
PG ATP GA . -4.82 -52.92 -6.43
O1G ATP GA . -3.46 -52.75 -5.82
O2G ATP GA . -5.70 -53.86 -5.66
O3G ATP GA . -5.48 -51.60 -6.72
PB ATP GA . -5.53 -53.95 -9.07
O1B ATP GA . -4.70 -54.57 -10.10
O2B ATP GA . -6.26 -52.69 -9.40
O3B ATP GA . -4.58 -53.65 -7.82
PA ATP GA . -7.37 -56.20 -9.21
O1A ATP GA . -8.11 -55.61 -10.35
O2A ATP GA . -8.16 -57.02 -8.27
O3A ATP GA . -6.55 -55.03 -8.47
O5' ATP GA . -6.17 -57.11 -9.73
C5' ATP GA . -5.54 -58.16 -8.95
C4' ATP GA . -5.68 -59.45 -9.72
O4' ATP GA . -7.08 -59.81 -9.79
C3' ATP GA . -5.17 -59.43 -11.16
O3' ATP GA . -4.46 -60.63 -11.44
C2' ATP GA . -6.47 -59.30 -11.97
O2' ATP GA . -6.39 -59.81 -13.28
C1' ATP GA . -7.39 -60.14 -11.11
N9 ATP GA . -8.82 -59.89 -11.32
C8 ATP GA . -9.48 -58.69 -11.33
N7 ATP GA . -10.77 -58.82 -11.53
C5 ATP GA . -10.96 -60.19 -11.67
C6 ATP GA . -12.10 -60.97 -11.90
N6 ATP GA . -13.34 -60.49 -12.06
N1 ATP GA . -11.94 -62.32 -11.97
C2 ATP GA . -10.71 -62.82 -11.83
N3 ATP GA . -9.56 -62.18 -11.60
C4 ATP GA . -9.77 -60.85 -11.54
PG ATP HA . -5.75 -48.57 -10.78
O1G ATP HA . -5.12 -48.70 -12.13
O2G ATP HA . -5.52 -47.22 -10.15
O3G ATP HA . -5.40 -49.71 -9.85
PB ATP HA . -8.31 -49.83 -11.47
O1B ATP HA . -8.87 -49.44 -12.75
O2B ATP HA . -7.61 -51.14 -11.37
O3B ATP HA . -7.34 -48.65 -10.99
PA ATP HA . -10.51 -48.71 -9.81
O1A ATP HA . -9.86 -48.09 -8.62
O2A ATP HA . -11.83 -49.39 -9.66
O3A ATP HA . -9.48 -49.79 -10.39
O5' ATP HA . -10.60 -47.64 -10.99
C5' ATP HA . -11.00 -46.28 -10.68
C4' ATP HA . -12.15 -45.89 -11.58
O4' ATP HA . -11.73 -45.94 -12.96
C3' ATP HA . -13.38 -46.78 -11.52
O3' ATP HA . -14.19 -46.39 -10.41
C2' ATP HA . -14.04 -46.51 -12.87
O2' ATP HA . -14.86 -45.37 -12.85
C1' ATP HA . -12.83 -46.29 -13.78
N9 ATP HA . -12.49 -47.48 -14.53
C8 ATP HA . -11.73 -48.55 -14.12
N7 ATP HA . -11.63 -49.48 -15.05
C5 ATP HA . -12.39 -49.00 -16.10
C6 ATP HA . -12.67 -49.51 -17.38
N6 ATP HA . -12.24 -50.67 -17.84
N1 ATP HA . -13.47 -48.75 -18.18
C2 ATP HA . -13.90 -47.58 -17.74
N3 ATP HA . -13.69 -46.99 -16.56
C4 ATP HA . -12.92 -47.77 -15.79
P IMP IA . -29.52 -16.92 -14.04
O1P IMP IA . -30.06 -15.57 -13.66
O2P IMP IA . -28.09 -17.00 -14.46
O3P IMP IA . -29.72 -17.82 -12.86
O5' IMP IA . -30.41 -17.50 -15.23
C5' IMP IA . -29.87 -17.73 -16.52
C4' IMP IA . -30.90 -17.53 -17.61
O4' IMP IA . -30.64 -16.29 -18.31
C3' IMP IA . -30.92 -18.56 -18.72
O3' IMP IA . -31.61 -19.74 -18.38
C2' IMP IA . -31.54 -17.80 -19.88
O2' IMP IA . -32.96 -17.73 -19.75
C1' IMP IA . -30.96 -16.41 -19.67
N9 IMP IA . -29.75 -16.20 -20.47
C8 IMP IA . -28.82 -17.13 -20.76
N7 IMP IA . -27.87 -16.53 -21.50
C5 IMP IA . -28.19 -15.25 -21.64
C6 IMP IA . -27.50 -14.08 -22.36
O6 IMP IA . -26.48 -14.23 -22.93
N1 IMP IA . -28.10 -12.80 -22.34
C2 IMP IA . -29.34 -12.59 -21.66
N3 IMP IA . -30.00 -13.69 -20.98
C4 IMP IA . -29.37 -15.04 -20.99
PA NAD JA . -32.38 -16.28 -31.90
O1A NAD JA . -33.82 -16.63 -32.11
O2A NAD JA . -31.34 -17.10 -32.57
O5B NAD JA . -32.18 -14.73 -32.23
C5B NAD JA . -31.22 -14.23 -33.22
C4B NAD JA . -31.95 -13.57 -34.36
O4B NAD JA . -32.19 -14.56 -35.39
C3B NAD JA . -33.31 -12.94 -34.04
O3B NAD JA . -33.39 -11.65 -34.62
C2B NAD JA . -34.30 -13.96 -34.63
O2B NAD JA . -35.55 -13.42 -35.01
C1B NAD JA . -33.51 -14.46 -35.84
N9A NAD JA . -33.94 -15.75 -36.35
C8A NAD JA . -34.09 -16.90 -35.61
N7A NAD JA . -34.51 -17.91 -36.32
C5A NAD JA . -34.66 -17.40 -37.60
C6A NAD JA . -35.06 -18.00 -38.81
N6A NAD JA . -35.42 -19.27 -38.92
N1A NAD JA . -35.10 -17.21 -39.91
C2A NAD JA . -34.73 -15.93 -39.78
N3A NAD JA . -34.32 -15.27 -38.71
C4A NAD JA . -34.31 -16.07 -37.64
O3 NAD JA . -32.07 -16.28 -30.33
PN NAD JA . -31.19 -15.33 -29.39
O1N NAD JA . -32.09 -14.43 -28.63
O2N NAD JA . -30.12 -14.67 -30.21
O5D NAD JA . -30.51 -16.38 -28.41
C5D NAD JA . -29.31 -16.00 -27.70
C4D NAD JA . -29.02 -16.96 -26.58
O4D NAD JA . -29.02 -16.27 -25.32
C3D NAD JA . -30.01 -18.11 -26.34
O3D NAD JA . -29.34 -19.14 -25.64
C2D NAD JA . -31.09 -17.41 -25.51
O2D NAD JA . -31.85 -18.31 -24.73
C1D NAD JA . -30.21 -16.54 -24.60
N1N NAD JA . -30.86 -15.27 -24.20
C2N NAD JA . -31.88 -15.31 -23.27
C3N NAD JA . -32.49 -14.14 -22.86
C7N NAD JA . -33.61 -14.19 -21.87
O7N NAD JA . -33.44 -13.70 -20.74
N7N NAD JA . -34.74 -14.77 -22.22
C4N NAD JA . -32.06 -12.92 -23.38
C5N NAD JA . -31.04 -12.89 -24.30
C6N NAD JA . -30.44 -14.06 -24.71
PG ATP KA . -5.43 -5.94 52.92
O1G ATP KA . -3.98 -5.64 52.73
O2G ATP KA . -6.11 -5.01 53.88
O3G ATP KA . -6.16 -6.07 51.61
PB ATP KA . -6.68 -8.38 53.93
O1B ATP KA . -6.08 -9.57 54.54
O2B ATP KA . -7.48 -8.53 52.68
O3B ATP KA . -5.49 -7.36 53.64
PA ATP KA . -8.49 -8.15 56.21
O1A ATP KA . -9.46 -9.11 55.62
O2A ATP KA . -9.05 -7.07 57.04
O3A ATP KA . -7.54 -7.60 55.03
O5' ATP KA . -7.41 -8.92 57.10
C5' ATP KA . -6.62 -8.32 58.14
C4' ATP KA . -6.89 -9.05 59.43
O4' ATP KA . -8.27 -8.82 59.81
C3' ATP KA . -6.71 -10.58 59.38
O3' ATP KA . -6.07 -11.01 60.57
C2' ATP KA . -8.16 -11.08 59.27
O2' ATP KA . -8.36 -12.39 59.76
C1' ATP KA . -8.87 -10.06 60.13
N9 ATP KA . -10.31 -9.95 59.90
C8 ATP KA . -10.97 -9.81 58.71
N7 ATP KA . -12.27 -9.73 58.85
C5 ATP KA . -12.47 -9.84 60.22
C6 ATP KA . -13.63 -9.84 61.02
N6 ATP KA . -14.87 -9.71 60.55
N1 ATP KA . -13.46 -9.96 62.36
C2 ATP KA . -12.22 -10.09 62.84
N3 ATP KA . -11.06 -10.10 62.19
C4 ATP KA . -11.27 -9.98 60.87
PG ATP LA . -7.32 -9.92 48.53
O1G ATP LA . -7.01 -11.39 48.65
O2G ATP LA . -6.97 -9.36 47.19
O3G ATP LA . -6.77 -9.12 49.67
PB ATP LA . -9.95 -10.06 49.82
O1B ATP LA . -10.78 -11.19 49.42
O2B ATP LA . -9.23 -10.13 51.13
O3B ATP LA . -8.92 -9.78 48.63
PA ATP LA . -11.78 -7.97 48.75
O1A ATP LA . -10.91 -6.94 48.12
O2A ATP LA . -13.02 -7.57 49.46
O3A ATP LA . -10.88 -8.76 49.81
O5' ATP LA . -12.12 -9.09 47.67
C5' ATP LA . -12.47 -8.70 46.32
C4' ATP LA . -13.78 -9.32 45.94
O4' ATP LA . -13.67 -10.76 45.98
C3' ATP LA . -14.97 -9.00 46.85
O3' ATP LA . -15.53 -7.75 46.49
C2' ATP LA . -15.90 -10.19 46.58
O2' ATP LA . -16.71 -9.98 45.44
C1' ATP LA . -14.91 -11.32 46.34
N9 ATP LA . -14.73 -12.14 47.52
C8 ATP LA . -13.89 -11.92 48.58
N7 ATP LA . -13.99 -12.85 49.50
C5 ATP LA . -14.95 -13.71 49.02
C6 ATP LA . -15.51 -14.91 49.53
N6 ATP LA . -15.16 -15.46 50.69
N1 ATP LA . -16.45 -15.51 48.78
C2 ATP LA . -16.80 -14.97 47.60
N3 ATP LA . -16.35 -13.86 47.03
C4 ATP LA . -15.42 -13.28 47.80
P IMP MA . -31.64 -7.62 17.20
O1P IMP MA . -32.10 -7.10 15.88
O2P IMP MA . -30.32 -8.33 17.25
O3P IMP MA . -31.55 -6.43 18.12
O5' IMP MA . -32.75 -8.60 17.79
C5' IMP MA . -32.50 -9.98 18.00
C4' IMP MA . -33.74 -10.82 17.81
O4' IMP MA . -33.64 -11.53 16.55
C3' IMP MA . -33.98 -11.91 18.83
O3' IMP MA . -34.58 -11.44 20.02
C2' IMP MA . -34.86 -12.90 18.06
O2' IMP MA . -36.21 -12.47 18.02
C1' IMP MA . -34.26 -12.80 16.66
N9 IMP MA . -33.24 -13.83 16.43
C8 IMP MA . -32.39 -14.33 17.34
N7 IMP MA . -31.62 -15.24 16.72
C5 IMP MA . -31.99 -15.30 15.45
C6 IMP MA . -31.47 -16.13 14.26
O6 IMP MA . -30.61 -16.91 14.39
N1 IMP MA . -32.07 -15.98 12.98
C2 IMP MA . -33.14 -15.04 12.81
N3 IMP MA . -33.63 -14.24 13.92
C4 IMP MA . -33.01 -14.41 15.26
PA NAD NA . -38.27 -24.43 16.44
O1A NAD NA . -39.71 -24.34 16.80
O2A NAD NA . -37.38 -25.33 17.23
O5B NAD NA . -38.16 -24.79 14.88
C5B NAD NA . -37.44 -25.94 14.36
C4B NAD NA . -38.40 -26.90 13.69
O4B NAD NA . -38.85 -27.86 14.67
C3B NAD NA . -39.68 -26.28 13.08
O3B NAD NA . -39.89 -26.82 11.79
C2B NAD NA . -40.76 -26.66 14.12
O2B NAD NA . -42.06 -26.76 13.59
C1B NAD NA . -40.23 -28.02 14.59
N9A NAD NA . -40.75 -28.44 15.88
C8A NAD NA . -40.73 -27.71 17.04
N7A NAD NA . -41.27 -28.32 18.05
C5A NAD NA . -41.69 -29.53 17.53
C6A NAD NA . -42.34 -30.64 18.12
N6A NAD NA . -42.70 -30.68 19.39
N1A NAD NA . -42.62 -31.69 17.32
C2A NAD NA . -42.26 -31.62 16.04
N3A NAD NA . -41.63 -30.66 15.39
C4A NAD NA . -41.38 -29.62 16.20
O3 NAD NA . -37.62 -22.97 16.45
PN NAD NA . -36.57 -22.23 15.49
O1N NAD NA . -37.30 -21.28 14.61
O2N NAD NA . -35.71 -23.24 14.81
O5D NAD NA . -35.69 -21.42 16.54
C5D NAD NA . -34.37 -20.99 16.15
C4D NAD NA . -33.83 -19.97 17.12
O4D NAD NA . -33.57 -18.73 16.43
C3D NAD NA . -34.73 -19.54 18.28
O3D NAD NA . -33.91 -19.01 19.31
C2D NAD NA . -35.61 -18.49 17.61
O2D NAD NA . -36.19 -17.57 18.52
C1D NAD NA . -34.58 -17.77 16.74
N1N NAD NA . -35.14 -17.23 15.48
C2N NAD NA . -35.93 -16.11 15.54
C3N NAD NA . -36.46 -15.56 14.39
C7N NAD NA . -37.34 -14.35 14.46
O7N NAD NA . -36.94 -13.28 13.97
N7N NAD NA . -38.52 -14.46 15.06
C4N NAD NA . -36.17 -16.14 13.15
C5N NAD NA . -35.37 -17.26 13.10
C6N NAD NA . -34.85 -17.80 14.26
#